data_3LO3
#
_entry.id   3LO3
#
_cell.length_a   55.684
_cell.length_b   109.503
_cell.length_c   126.509
_cell.angle_alpha   66.02
_cell.angle_beta   80.80
_cell.angle_gamma   79.42
#
_symmetry.space_group_name_H-M   'P 1'
#
loop_
_entity.id
_entity.type
_entity.pdbx_description
1 polymer 'uncharacterized conserved protein'
2 non-polymer GLYCEROL
3 water water
#
_entity_poly.entity_id   1
_entity_poly.type   'polypeptide(L)'
_entity_poly.pdbx_seq_one_letter_code
;SNATAYIIVGLTPKDAEKLQQYGARVASTLAKYSGEVLVKGSVEQLHGKFEHKAQVILEFPSREDAYNWYHSEEYQALIS
TRDLG(MSE)DSQFQLIG
;
_entity_poly.pdbx_strand_id   A,B,C,D,E,F,G,H,I,J,K,L,M,N,O,P,Q,R,S,T,U,V,W,X,Y,Z,a,b
#
# COMPACT_ATOMS: atom_id res chain seq x y z
N SER A 1 3.78 27.57 33.94
CA SER A 1 4.37 28.76 34.56
C SER A 1 3.41 29.94 34.45
N ASN A 2 3.58 30.95 35.29
CA ASN A 2 2.77 32.17 35.12
C ASN A 2 3.63 33.37 34.79
N ALA A 3 2.97 34.45 34.38
CA ALA A 3 3.66 35.65 33.93
C ALA A 3 3.94 36.59 35.09
N THR A 4 4.88 36.19 35.92
CA THR A 4 5.25 37.02 37.05
C THR A 4 5.66 38.40 36.55
N ALA A 5 5.18 39.46 37.22
CA ALA A 5 5.48 40.82 36.79
C ALA A 5 6.33 41.58 37.81
N TYR A 6 6.93 42.70 37.39
CA TYR A 6 7.93 43.36 38.22
C TYR A 6 7.86 44.87 38.20
N ILE A 7 8.13 45.46 39.36
CA ILE A 7 8.30 46.90 39.41
C ILE A 7 9.74 47.21 39.78
N ILE A 8 10.40 47.98 38.93
CA ILE A 8 11.78 48.35 39.19
C ILE A 8 11.81 49.78 39.63
N VAL A 9 12.25 50.05 40.87
CA VAL A 9 12.48 51.45 41.23
C VAL A 9 13.95 51.83 41.29
N GLY A 10 14.26 53.05 40.86
CA GLY A 10 15.59 53.59 41.01
C GLY A 10 15.43 54.81 41.88
N LEU A 11 16.20 54.89 42.96
CA LEU A 11 15.93 55.94 43.92
C LEU A 11 17.14 56.69 44.43
N THR A 12 16.90 57.92 44.91
CA THR A 12 17.92 58.72 45.57
C THR A 12 17.37 59.37 46.84
N PRO A 13 17.89 58.96 48.00
CA PRO A 13 17.36 59.37 49.30
C PRO A 13 17.43 60.86 49.53
N LYS A 14 16.34 61.40 50.08
CA LYS A 14 16.29 62.80 50.47
C LYS A 14 16.26 62.96 52.00
N ASP A 15 15.09 62.83 52.60
CA ASP A 15 14.91 63.03 54.03
C ASP A 15 14.87 61.67 54.71
N ALA A 16 15.87 61.37 55.51
CA ALA A 16 16.00 60.04 56.09
C ALA A 16 14.81 59.63 56.94
N GLU A 17 14.20 60.60 57.62
CA GLU A 17 13.09 60.29 58.52
C GLU A 17 11.78 60.09 57.77
N LYS A 18 11.53 60.92 56.75
CA LYS A 18 10.39 60.69 55.89
C LYS A 18 10.55 59.33 55.24
N LEU A 19 11.80 59.00 54.90
CA LEU A 19 12.13 57.77 54.20
C LEU A 19 11.84 56.54 55.06
N GLN A 20 12.26 56.63 56.32
CA GLN A 20 12.03 55.59 57.31
C GLN A 20 10.55 55.28 57.38
N GLN A 21 9.76 56.34 57.41
CA GLN A 21 8.32 56.22 57.58
C GLN A 21 7.72 55.47 56.41
N TYR A 22 8.05 55.91 55.21
CA TYR A 22 7.69 55.22 53.99
C TYR A 22 7.99 53.74 54.10
N GLY A 23 9.28 53.44 54.23
CA GLY A 23 9.76 52.08 54.21
C GLY A 23 9.00 51.21 55.18
N ALA A 24 8.60 51.81 56.29
CA ALA A 24 8.01 51.05 57.37
C ALA A 24 6.53 50.74 57.10
N ARG A 25 5.98 51.35 56.08
CA ARG A 25 4.57 51.21 55.81
C ARG A 25 4.27 50.40 54.55
N VAL A 26 5.16 50.49 53.55
CA VAL A 26 4.88 49.89 52.24
C VAL A 26 4.49 48.41 52.32
N ALA A 27 5.26 47.65 53.08
CA ALA A 27 5.10 46.21 53.17
C ALA A 27 3.66 45.75 53.35
N SER A 28 2.99 46.29 54.35
CA SER A 28 1.61 45.91 54.58
C SER A 28 0.78 46.14 53.33
N THR A 29 1.18 47.11 52.52
CA THR A 29 0.45 47.34 51.27
C THR A 29 0.79 46.27 50.24
N LEU A 30 1.97 45.68 50.37
CA LEU A 30 2.38 44.63 49.45
C LEU A 30 1.52 43.39 49.62
N ALA A 31 1.44 42.86 50.83
CA ALA A 31 0.74 41.60 51.07
C ALA A 31 -0.60 41.56 50.36
N LYS A 32 -1.28 42.68 50.36
CA LYS A 32 -2.61 42.73 49.80
C LYS A 32 -2.62 42.21 48.37
N TYR A 33 -1.53 42.43 47.65
CA TYR A 33 -1.46 42.12 46.22
C TYR A 33 -0.43 41.05 45.93
N SER A 34 -0.03 40.33 46.96
CA SER A 34 0.98 39.30 46.83
C SER A 34 2.30 39.89 46.34
N GLY A 35 2.58 41.12 46.77
CA GLY A 35 3.83 41.77 46.43
C GLY A 35 4.98 41.25 47.27
N GLU A 36 6.15 41.19 46.66
CA GLU A 36 7.34 40.78 47.38
C GLU A 36 8.54 41.58 46.89
N VAL A 37 9.46 41.90 47.81
CA VAL A 37 10.70 42.54 47.43
C VAL A 37 11.73 41.53 46.99
N LEU A 38 12.03 41.50 45.69
CA LEU A 38 13.10 40.64 45.20
C LEU A 38 14.45 41.10 45.72
N VAL A 39 14.68 42.40 45.70
CA VAL A 39 16.01 42.89 46.01
C VAL A 39 16.09 44.39 46.23
N LYS A 40 17.00 44.76 47.13
CA LYS A 40 17.26 46.12 47.52
C LYS A 40 18.75 46.29 47.44
N GLY A 41 19.23 47.44 46.98
CA GLY A 41 20.65 47.69 46.99
C GLY A 41 21.21 48.88 46.26
N SER A 42 22.38 49.32 46.71
CA SER A 42 23.15 50.36 46.06
C SER A 42 23.76 49.88 44.75
N VAL A 43 23.98 50.83 43.86
CA VAL A 43 24.35 50.51 42.50
C VAL A 43 25.83 50.72 42.20
N GLU A 44 26.44 49.68 41.65
CA GLU A 44 27.72 49.84 40.98
C GLU A 44 27.40 49.90 39.50
N GLN A 45 27.89 50.92 38.82
CA GLN A 45 27.55 51.10 37.42
C GLN A 45 28.48 50.28 36.54
N LEU A 46 27.89 49.47 35.68
CA LEU A 46 28.67 48.65 34.76
C LEU A 46 28.87 49.35 33.43
N HIS A 47 27.82 50.00 32.95
CA HIS A 47 27.86 50.66 31.65
C HIS A 47 26.87 51.80 31.61
N GLY A 48 27.23 52.85 30.88
CA GLY A 48 26.31 53.94 30.63
C GLY A 48 25.96 54.66 31.90
N LYS A 49 24.86 55.39 31.88
CA LYS A 49 24.57 56.27 32.99
C LYS A 49 23.20 56.03 33.61
N PHE A 50 23.15 56.32 34.91
CA PHE A 50 22.03 56.05 35.79
C PHE A 50 22.06 57.14 36.86
N GLU A 51 20.95 57.85 37.03
CA GLU A 51 20.91 59.04 37.87
C GLU A 51 20.87 58.70 39.37
N HIS A 52 20.39 57.51 39.70
CA HIS A 52 20.10 57.19 41.09
C HIS A 52 21.21 56.47 41.81
N LYS A 53 20.99 56.27 43.10
CA LYS A 53 21.98 55.71 44.01
C LYS A 53 21.73 54.24 44.22
N ALA A 54 20.45 53.85 44.15
CA ALA A 54 20.04 52.52 44.57
C ALA A 54 18.85 52.04 43.76
N GLN A 55 18.62 50.72 43.75
CA GLN A 55 17.49 50.12 43.04
C GLN A 55 16.79 49.15 43.94
N VAL A 56 15.51 48.97 43.70
CA VAL A 56 14.72 47.95 44.37
C VAL A 56 13.85 47.29 43.31
N ILE A 57 13.71 45.97 43.36
CA ILE A 57 12.86 45.27 42.42
C ILE A 57 11.74 44.57 43.18
N LEU A 58 10.52 44.81 42.74
CA LEU A 58 9.35 44.20 43.33
C LEU A 58 8.75 43.14 42.40
N GLU A 59 8.28 42.07 43.01
CA GLU A 59 7.80 40.93 42.26
C GLU A 59 6.36 40.65 42.61
N PHE A 60 5.50 40.61 41.60
CA PHE A 60 4.09 40.30 41.82
C PHE A 60 3.69 39.12 40.95
N PRO A 61 2.61 38.40 41.31
CA PRO A 61 2.10 37.22 40.60
C PRO A 61 1.55 37.54 39.21
N SER A 62 1.32 38.81 38.91
CA SER A 62 0.87 39.21 37.58
C SER A 62 1.05 40.69 37.38
N ARG A 63 0.80 41.18 36.17
CA ARG A 63 0.81 42.62 35.94
C ARG A 63 -0.40 43.32 36.54
N GLU A 64 -1.52 42.61 36.60
CA GLU A 64 -2.72 43.13 37.24
C GLU A 64 -2.41 43.54 38.67
N ASP A 65 -1.78 42.65 39.42
CA ASP A 65 -1.62 42.86 40.84
C ASP A 65 -0.58 43.95 41.06
N ALA A 66 0.43 44.00 40.20
CA ALA A 66 1.47 45.01 40.32
C ALA A 66 0.91 46.40 40.11
N TYR A 67 0.04 46.55 39.11
CA TYR A 67 -0.56 47.84 38.79
C TYR A 67 -1.60 48.21 39.84
N ASN A 68 -2.38 47.23 40.25
CA ASN A 68 -3.35 47.43 41.30
C ASN A 68 -2.69 47.86 42.60
N TRP A 69 -1.55 47.26 42.92
CA TRP A 69 -0.82 47.65 44.11
C TRP A 69 -0.46 49.15 44.06
N TYR A 70 0.23 49.57 43.01
CA TYR A 70 0.72 50.94 42.92
C TYR A 70 -0.44 51.91 42.97
N HIS A 71 -1.57 51.51 42.40
CA HIS A 71 -2.70 52.40 42.34
C HIS A 71 -3.70 52.12 43.46
N SER A 72 -3.36 51.17 44.32
CA SER A 72 -4.17 50.85 45.51
C SER A 72 -4.38 52.05 46.44
N GLU A 73 -5.46 52.04 47.20
CA GLU A 73 -5.74 53.16 48.11
C GLU A 73 -4.65 53.31 49.16
N GLU A 74 -4.20 52.20 49.72
CA GLU A 74 -3.27 52.24 50.84
C GLU A 74 -1.83 52.53 50.46
N TYR A 75 -1.47 52.29 49.20
CA TYR A 75 -0.11 52.62 48.81
C TYR A 75 -0.07 54.09 48.41
N GLN A 76 -1.17 54.55 47.83
CA GLN A 76 -1.25 55.92 47.33
C GLN A 76 -1.09 56.97 48.45
N ALA A 77 -1.52 56.60 49.65
CA ALA A 77 -1.41 57.49 50.81
C ALA A 77 0.04 57.64 51.24
N LEU A 78 0.84 56.64 50.95
CA LEU A 78 2.24 56.63 51.34
C LEU A 78 3.08 57.51 50.42
N ILE A 79 2.49 57.97 49.33
CA ILE A 79 3.24 58.67 48.30
C ILE A 79 3.82 60.02 48.72
N SER A 80 2.95 60.90 49.21
CA SER A 80 3.37 62.19 49.75
C SER A 80 4.62 62.06 50.64
N THR A 81 4.61 61.11 51.56
CA THR A 81 5.76 60.96 52.43
C THR A 81 6.92 60.32 51.67
N ARG A 82 6.59 59.43 50.75
CA ARG A 82 7.61 58.83 49.90
C ARG A 82 8.40 59.87 49.13
N ASP A 83 7.69 60.80 48.49
CA ASP A 83 8.32 61.78 47.62
C ASP A 83 9.20 62.75 48.39
N LEU A 84 8.96 62.88 49.69
CA LEU A 84 9.79 63.70 50.57
C LEU A 84 11.04 62.93 50.98
N GLY A 85 10.89 61.64 51.19
CA GLY A 85 12.02 60.80 51.52
C GLY A 85 12.97 60.49 50.36
N ASP A 87 13.81 60.84 45.77
CA ASP A 87 13.53 61.01 44.36
C ASP A 87 13.67 59.65 43.69
N SER A 88 12.74 59.32 42.83
CA SER A 88 12.70 57.96 42.33
C SER A 88 12.04 57.83 40.96
N GLN A 89 12.20 56.63 40.41
CA GLN A 89 11.59 56.28 39.16
C GLN A 89 11.03 54.88 39.39
N PHE A 90 9.77 54.67 39.00
CA PHE A 90 9.13 53.36 39.09
C PHE A 90 8.77 52.88 37.68
N GLN A 91 9.38 51.78 37.23
CA GLN A 91 9.02 51.19 35.95
C GLN A 91 8.24 49.89 36.12
N LEU A 92 7.24 49.68 35.28
CA LEU A 92 6.41 48.46 35.28
C LEU A 92 6.70 47.56 34.10
N ILE A 93 7.32 46.41 34.37
CA ILE A 93 7.54 45.38 33.38
C ILE A 93 6.61 44.24 33.72
N GLY A 94 5.81 43.79 32.77
CA GLY A 94 4.98 42.64 33.07
C GLY A 94 3.94 42.31 32.02
N SER B 1 18.75 31.60 50.84
CA SER B 1 19.83 31.46 51.82
C SER B 1 21.21 31.91 51.32
N ASN B 2 21.43 31.93 50.00
CA ASN B 2 22.62 32.61 49.48
C ASN B 2 22.34 34.05 49.07
N ALA B 3 23.40 34.82 48.89
CA ALA B 3 23.31 36.21 48.46
C ALA B 3 23.24 36.37 46.93
N THR B 4 22.08 36.02 46.37
CA THR B 4 21.77 36.25 44.96
C THR B 4 22.04 37.69 44.56
N ALA B 5 22.61 37.87 43.36
CA ALA B 5 22.99 39.20 42.87
C ALA B 5 22.31 39.49 41.54
N TYR B 6 22.05 40.77 41.25
CA TYR B 6 21.31 41.09 40.02
C TYR B 6 21.91 42.19 39.17
N ILE B 7 21.82 42.01 37.86
CA ILE B 7 22.17 43.08 36.96
C ILE B 7 20.89 43.61 36.34
N ILE B 8 20.74 44.92 36.36
CA ILE B 8 19.59 45.56 35.79
C ILE B 8 20.01 46.29 34.53
N VAL B 9 19.44 45.94 33.38
CA VAL B 9 19.67 46.78 32.22
C VAL B 9 18.45 47.66 31.86
N GLY B 10 18.73 48.86 31.36
CA GLY B 10 17.72 49.77 30.89
C GLY B 10 18.15 50.08 29.49
N LEU B 11 17.27 49.88 28.52
CA LEU B 11 17.73 49.94 27.14
C LEU B 11 16.76 50.56 26.17
N THR B 12 17.32 50.92 25.03
CA THR B 12 16.64 51.57 23.92
C THR B 12 17.27 51.04 22.63
N PRO B 13 16.48 50.35 21.80
CA PRO B 13 16.97 49.79 20.54
C PRO B 13 17.37 50.89 19.56
N LYS B 14 18.55 50.76 18.97
CA LYS B 14 18.97 51.56 17.83
C LYS B 14 18.88 50.69 16.55
N ASP B 15 20.01 50.08 16.20
CA ASP B 15 20.14 49.24 15.02
C ASP B 15 19.53 47.83 15.22
N ALA B 16 18.40 47.56 14.56
CA ALA B 16 17.69 46.29 14.73
C ALA B 16 18.56 45.08 14.41
N GLU B 17 19.22 45.10 13.25
CA GLU B 17 20.06 43.98 12.86
C GLU B 17 21.14 43.72 13.90
N LYS B 18 21.87 44.76 14.28
CA LYS B 18 22.94 44.62 15.24
C LYS B 18 22.42 44.13 16.58
N LEU B 19 21.20 44.53 16.94
CA LEU B 19 20.62 44.18 18.23
C LEU B 19 20.36 42.69 18.28
N GLN B 20 20.10 42.12 17.11
CA GLN B 20 19.76 40.72 17.02
C GLN B 20 21.03 39.86 16.98
N GLN B 21 22.10 40.40 16.40
CA GLN B 21 23.41 39.77 16.50
C GLN B 21 23.84 39.68 17.96
N TYR B 22 23.64 40.77 18.70
CA TYR B 22 23.99 40.80 20.11
C TYR B 22 23.21 39.80 20.93
N GLY B 23 21.89 39.84 20.78
CA GLY B 23 21.00 38.97 21.51
C GLY B 23 21.23 37.50 21.26
N ALA B 24 21.59 37.16 20.03
CA ALA B 24 21.87 35.78 19.64
C ALA B 24 23.06 35.23 20.42
N ARG B 25 24.12 36.02 20.52
CA ARG B 25 25.40 35.55 21.06
C ARG B 25 25.51 35.53 22.60
N VAL B 26 24.63 36.24 23.30
CA VAL B 26 24.82 36.45 24.74
C VAL B 26 24.49 35.26 25.66
N ALA B 27 23.37 34.57 25.42
CA ALA B 27 22.91 33.53 26.34
C ALA B 27 24.03 32.58 26.74
N SER B 28 24.88 32.27 25.77
CA SER B 28 25.99 31.39 26.02
C SER B 28 26.88 31.99 27.07
N THR B 29 27.22 33.27 26.93
CA THR B 29 28.15 33.89 27.88
C THR B 29 27.68 33.78 29.34
N LEU B 30 26.38 33.60 29.57
CA LEU B 30 25.84 33.57 30.93
C LEU B 30 26.05 32.28 31.70
N ALA B 31 25.97 31.14 31.00
CA ALA B 31 25.90 29.84 31.69
C ALA B 31 27.18 29.46 32.45
N LYS B 32 28.29 30.11 32.15
CA LYS B 32 29.53 29.87 32.87
C LYS B 32 29.49 30.54 34.25
N TYR B 33 28.69 31.58 34.37
CA TYR B 33 28.55 32.27 35.65
C TYR B 33 27.16 31.99 36.23
N SER B 34 26.49 31.00 35.67
CA SER B 34 25.18 30.61 36.16
C SER B 34 24.19 31.77 36.05
N GLY B 35 24.37 32.61 35.03
CA GLY B 35 23.47 33.72 34.78
C GLY B 35 22.12 33.27 34.25
N GLU B 36 21.09 34.06 34.51
CA GLU B 36 19.75 33.74 34.04
C GLU B 36 18.88 35.00 33.88
N VAL B 37 18.07 35.04 32.82
CA VAL B 37 17.22 36.18 32.57
C VAL B 37 15.95 36.01 33.35
N LEU B 38 15.79 36.89 34.34
CA LEU B 38 14.63 36.83 35.21
C LEU B 38 13.43 37.40 34.47
N VAL B 39 13.62 38.56 33.86
CA VAL B 39 12.58 39.10 33.01
C VAL B 39 13.15 40.09 32.01
N LYS B 40 12.45 40.22 30.88
CA LYS B 40 12.70 41.30 29.93
C LYS B 40 11.33 41.78 29.46
N GLY B 41 11.28 42.99 28.94
CA GLY B 41 10.01 43.55 28.56
C GLY B 41 10.02 45.07 28.54
N SER B 42 9.05 45.59 27.80
CA SER B 42 8.81 47.01 27.71
C SER B 42 8.39 47.62 29.04
N VAL B 43 8.66 48.91 29.13
CA VAL B 43 8.42 49.72 30.30
C VAL B 43 7.04 50.36 30.22
N GLU B 44 6.31 50.31 31.32
CA GLU B 44 5.20 51.24 31.52
C GLU B 44 5.56 52.11 32.72
N GLN B 45 5.64 53.43 32.52
CA GLN B 45 6.08 54.34 33.58
C GLN B 45 5.03 54.53 34.65
N LEU B 46 5.39 54.23 35.90
CA LEU B 46 4.48 54.29 37.02
C LEU B 46 4.72 55.54 37.86
N HIS B 47 5.91 56.11 37.70
CA HIS B 47 6.27 57.33 38.42
C HIS B 47 7.63 57.86 37.98
N GLY B 48 7.76 59.18 37.96
CA GLY B 48 9.04 59.79 37.66
C GLY B 48 9.30 59.73 36.18
N LYS B 49 10.58 59.72 35.82
CA LYS B 49 10.98 59.57 34.44
C LYS B 49 12.06 58.49 34.28
N PHE B 50 12.20 58.00 33.06
CA PHE B 50 13.11 56.92 32.74
C PHE B 50 13.37 56.98 31.23
N GLU B 51 14.64 57.13 30.85
CA GLU B 51 14.96 57.47 29.46
C GLU B 51 14.90 56.30 28.51
N HIS B 52 14.52 55.12 29.01
CA HIS B 52 14.66 53.89 28.21
C HIS B 52 13.35 53.17 27.90
N LYS B 53 13.34 52.45 26.78
CA LYS B 53 12.14 51.78 26.29
C LYS B 53 11.87 50.48 27.03
N ALA B 54 12.92 49.72 27.32
CA ALA B 54 12.71 48.39 27.92
C ALA B 54 13.72 48.08 29.01
N GLN B 55 13.44 47.03 29.76
CA GLN B 55 14.33 46.67 30.86
C GLN B 55 14.59 45.18 30.88
N VAL B 56 15.81 44.79 31.22
CA VAL B 56 16.10 43.39 31.44
C VAL B 56 16.78 43.18 32.77
N ILE B 57 16.43 42.09 33.44
CA ILE B 57 17.06 41.80 34.70
C ILE B 57 17.72 40.42 34.72
N LEU B 58 19.03 40.43 34.92
CA LEU B 58 19.82 39.23 35.05
C LEU B 58 20.00 38.84 36.53
N GLU B 59 19.92 37.54 36.80
CA GLU B 59 20.14 36.97 38.13
C GLU B 59 21.34 36.00 38.17
N PHE B 60 22.24 36.22 39.12
CA PHE B 60 23.42 35.36 39.33
C PHE B 60 23.42 34.85 40.75
N PRO B 61 24.21 33.80 41.02
CA PRO B 61 24.22 33.16 42.34
C PRO B 61 25.01 33.96 43.36
N SER B 62 25.81 34.91 42.89
CA SER B 62 26.66 35.74 43.75
C SER B 62 27.08 37.01 43.05
N ARG B 63 27.30 38.07 43.82
CA ARG B 63 27.71 39.32 43.23
C ARG B 63 28.96 39.07 42.39
N GLU B 64 29.93 38.37 42.96
CA GLU B 64 31.20 38.16 42.27
C GLU B 64 31.02 37.50 40.89
N ASP B 65 30.05 36.61 40.79
CA ASP B 65 29.72 35.93 39.55
C ASP B 65 29.07 36.85 38.53
N ALA B 66 28.26 37.80 39.01
CA ALA B 66 27.68 38.81 38.14
C ALA B 66 28.78 39.69 37.56
N TYR B 67 29.65 40.20 38.43
CA TYR B 67 30.75 41.07 37.99
C TYR B 67 31.66 40.37 37.01
N ASN B 68 32.02 39.14 37.33
CA ASN B 68 32.89 38.36 36.47
C ASN B 68 32.27 38.09 35.09
N TRP B 69 30.96 37.94 35.04
CA TRP B 69 30.32 37.69 33.76
C TRP B 69 30.45 38.92 32.88
N TYR B 70 30.11 40.06 33.44
CA TYR B 70 30.19 41.29 32.67
C TYR B 70 31.63 41.49 32.19
N HIS B 71 32.58 41.07 33.03
CA HIS B 71 33.97 41.32 32.69
C HIS B 71 34.69 40.19 31.98
N SER B 72 33.97 39.11 31.67
CA SER B 72 34.56 37.97 30.97
C SER B 72 34.99 38.35 29.55
N GLU B 73 35.97 37.67 29.01
CA GLU B 73 36.38 37.99 27.65
C GLU B 73 35.30 37.63 26.65
N GLU B 74 34.50 36.61 26.98
CA GLU B 74 33.44 36.17 26.07
C GLU B 74 32.29 37.15 26.00
N TYR B 75 31.99 37.80 27.12
CA TYR B 75 30.97 38.85 27.05
C TYR B 75 31.51 40.14 26.44
N GLN B 76 32.74 40.49 26.76
CA GLN B 76 33.29 41.77 26.32
C GLN B 76 33.40 41.87 24.81
N ALA B 77 33.48 40.72 24.15
CA ALA B 77 33.56 40.68 22.70
C ALA B 77 32.23 41.05 22.11
N LEU B 78 31.21 41.03 22.96
CA LEU B 78 29.85 41.26 22.52
C LEU B 78 29.55 42.77 22.52
N ILE B 79 30.44 43.53 23.12
CA ILE B 79 30.10 44.90 23.49
C ILE B 79 30.01 45.93 22.35
N SER B 80 31.03 46.00 21.49
CA SER B 80 30.97 46.96 20.40
C SER B 80 29.69 46.79 19.60
N THR B 81 29.19 45.55 19.51
CA THR B 81 27.98 45.33 18.73
C THR B 81 26.69 45.52 19.52
N ARG B 82 26.75 45.25 20.83
CA ARG B 82 25.66 45.62 21.74
C ARG B 82 25.37 47.11 21.65
N ASP B 83 26.40 47.93 21.74
CA ASP B 83 26.21 49.37 21.69
C ASP B 83 25.70 49.87 20.33
N LEU B 84 26.03 49.18 19.24
CA LEU B 84 25.44 49.54 17.97
C LEU B 84 23.96 49.16 17.94
N GLY B 85 23.63 48.04 18.57
CA GLY B 85 22.25 47.59 18.63
C GLY B 85 21.35 48.35 19.61
N ASP B 87 21.37 51.66 22.94
CA ASP B 87 21.92 52.51 24.00
C ASP B 87 21.38 51.93 25.29
N SER B 88 22.21 51.83 26.32
CA SER B 88 21.73 51.27 27.58
C SER B 88 22.43 51.73 28.85
N GLN B 89 21.85 51.30 29.97
CA GLN B 89 22.48 51.36 31.29
C GLN B 89 22.50 49.98 31.94
N PHE B 90 23.60 49.64 32.58
CA PHE B 90 23.71 48.42 33.39
C PHE B 90 24.04 48.77 34.84
N GLN B 91 23.26 48.23 35.78
CA GLN B 91 23.54 48.43 37.20
C GLN B 91 23.72 47.12 37.95
N LEU B 92 24.81 47.00 38.69
CA LEU B 92 25.05 45.80 39.46
C LEU B 92 24.52 46.02 40.86
N ILE B 93 23.85 45.02 41.40
CA ILE B 93 23.25 45.15 42.72
C ILE B 93 23.42 43.87 43.49
N GLY B 94 23.86 43.97 44.74
CA GLY B 94 24.04 42.80 45.58
C GLY B 94 25.40 42.74 46.26
N SER C 1 22.10 21.36 14.15
CA SER C 1 21.00 22.04 14.84
C SER C 1 20.15 21.04 15.62
N ASN C 2 19.36 21.56 16.54
CA ASN C 2 18.56 20.73 17.45
C ASN C 2 17.08 20.95 17.21
N ALA C 3 16.28 19.91 17.44
CA ALA C 3 14.83 20.06 17.36
C ALA C 3 14.25 20.50 18.69
N THR C 4 14.47 21.76 19.03
CA THR C 4 13.98 22.26 20.31
C THR C 4 12.47 22.24 20.30
N ALA C 5 11.89 21.84 21.42
CA ALA C 5 10.44 21.84 21.60
C ALA C 5 9.97 23.01 22.44
N TYR C 6 8.69 23.33 22.33
CA TYR C 6 8.13 24.44 23.08
C TYR C 6 6.79 24.13 23.72
N ILE C 7 6.63 24.62 24.95
CA ILE C 7 5.32 24.65 25.58
C ILE C 7 4.84 26.10 25.70
N ILE C 8 3.74 26.38 25.02
CA ILE C 8 3.15 27.71 25.01
C ILE C 8 1.99 27.73 25.99
N VAL C 9 2.02 28.64 26.97
CA VAL C 9 0.88 28.79 27.86
C VAL C 9 0.15 30.14 27.74
N GLY C 10 -1.18 30.07 27.77
CA GLY C 10 -2.02 31.25 27.85
C GLY C 10 -2.69 31.27 29.23
N LEU C 11 -2.59 32.38 29.94
CA LEU C 11 -3.04 32.43 31.33
C LEU C 11 -3.81 33.67 31.71
N THR C 12 -4.70 33.50 32.70
CA THR C 12 -5.50 34.59 33.24
C THR C 12 -5.52 34.47 34.76
N PRO C 13 -4.86 35.40 35.45
CA PRO C 13 -4.71 35.33 36.91
C PRO C 13 -6.03 35.14 37.65
N LYS C 14 -6.06 34.20 38.58
CA LYS C 14 -7.20 34.08 39.46
C LYS C 14 -6.84 34.52 40.88
N ASP C 15 -6.51 33.57 41.74
CA ASP C 15 -6.19 33.88 43.12
C ASP C 15 -4.69 34.14 43.29
N ALA C 16 -4.35 35.40 43.62
CA ALA C 16 -2.97 35.88 43.60
C ALA C 16 -2.01 35.14 44.52
N GLU C 17 -2.48 34.72 45.69
CA GLU C 17 -1.59 34.01 46.60
C GLU C 17 -1.20 32.68 45.98
N LYS C 18 -2.22 31.87 45.70
CA LYS C 18 -2.07 30.60 44.99
C LYS C 18 -1.20 30.75 43.73
N LEU C 19 -1.38 31.86 43.04
CA LEU C 19 -0.66 32.08 41.80
C LEU C 19 0.79 32.23 42.13
N GLN C 20 1.06 32.79 43.30
CA GLN C 20 2.41 33.12 43.74
C GLN C 20 3.12 31.89 44.24
N GLN C 21 2.34 30.99 44.82
CA GLN C 21 2.89 29.80 45.40
C GLN C 21 3.23 28.89 44.27
N TYR C 22 2.33 28.79 43.31
CA TYR C 22 2.62 28.01 42.10
C TYR C 22 3.89 28.54 41.43
N GLY C 23 3.89 29.83 41.11
CA GLY C 23 5.01 30.43 40.42
C GLY C 23 6.35 30.27 41.10
N ALA C 24 6.34 30.15 42.42
CA ALA C 24 7.59 30.00 43.14
C ALA C 24 8.17 28.56 43.05
N ARG C 25 7.36 27.62 42.56
CA ARG C 25 7.74 26.21 42.59
C ARG C 25 8.03 25.59 41.23
N VAL C 26 7.71 26.29 40.13
CA VAL C 26 7.90 25.72 38.80
C VAL C 26 9.36 25.57 38.45
N ALA C 27 10.11 26.64 38.64
CA ALA C 27 11.51 26.69 38.25
C ALA C 27 12.22 25.37 38.53
N SER C 28 12.12 24.91 39.76
CA SER C 28 12.84 23.70 40.16
C SER C 28 12.32 22.48 39.40
N THR C 29 11.01 22.43 39.13
CA THR C 29 10.49 21.29 38.36
C THR C 29 11.03 21.29 36.94
N LEU C 30 11.59 22.41 36.49
CA LEU C 30 12.07 22.54 35.11
C LEU C 30 13.49 22.08 34.92
N ALA C 31 14.33 22.38 35.91
CA ALA C 31 15.76 22.19 35.76
C ALA C 31 16.11 20.76 35.32
N LYS C 32 15.35 19.80 35.81
CA LYS C 32 15.62 18.38 35.54
C LYS C 32 15.37 18.01 34.08
N TYR C 33 14.57 18.82 33.41
CA TYR C 33 14.23 18.57 32.01
C TYR C 33 14.85 19.63 31.11
N SER C 34 15.76 20.41 31.68
CA SER C 34 16.40 21.48 30.93
C SER C 34 15.37 22.46 30.37
N GLY C 35 14.23 22.54 31.06
CA GLY C 35 13.26 23.57 30.76
C GLY C 35 13.90 24.93 30.90
N GLU C 36 13.31 25.91 30.25
CA GLU C 36 13.78 27.28 30.33
C GLU C 36 12.71 28.21 29.81
N VAL C 37 12.47 29.30 30.53
CA VAL C 37 11.45 30.27 30.15
C VAL C 37 11.97 31.26 29.14
N LEU C 38 11.41 31.20 27.94
CA LEU C 38 11.86 32.02 26.84
C LEU C 38 11.32 33.44 26.97
N VAL C 39 10.05 33.56 27.37
CA VAL C 39 9.49 34.84 27.73
C VAL C 39 8.22 34.68 28.52
N LYS C 40 7.82 35.78 29.16
CA LYS C 40 6.57 35.87 29.87
C LYS C 40 6.15 37.33 29.91
N GLY C 41 4.86 37.57 29.72
CA GLY C 41 4.37 38.92 29.57
C GLY C 41 2.90 38.95 29.25
N SER C 42 2.34 40.14 29.38
CA SER C 42 0.94 40.35 29.11
C SER C 42 0.79 40.65 27.64
N VAL C 43 -0.41 40.42 27.15
CA VAL C 43 -0.71 40.40 25.73
C VAL C 43 -1.20 41.74 25.19
N GLU C 44 -0.66 42.18 24.06
CA GLU C 44 -1.31 43.19 23.23
C GLU C 44 -1.86 42.50 21.97
N GLN C 45 -3.17 42.53 21.78
CA GLN C 45 -3.77 41.81 20.67
C GLN C 45 -3.47 42.53 19.34
N LEU C 46 -2.90 41.80 18.39
CA LEU C 46 -2.62 42.36 17.07
C LEU C 46 -3.65 41.97 16.04
N HIS C 47 -4.41 40.91 16.33
CA HIS C 47 -5.45 40.47 15.41
C HIS C 47 -6.32 39.41 16.06
N GLY C 48 -7.60 39.38 15.71
CA GLY C 48 -8.51 38.38 16.26
C GLY C 48 -8.74 38.52 17.76
N LYS C 49 -9.26 37.48 18.40
CA LYS C 49 -9.49 37.56 19.83
C LYS C 49 -8.75 36.47 20.57
N PHE C 50 -8.48 36.74 21.84
CA PHE C 50 -7.73 35.84 22.69
C PHE C 50 -8.35 35.88 24.08
N GLU C 51 -8.54 34.72 24.70
CA GLU C 51 -9.24 34.65 25.98
C GLU C 51 -8.41 35.16 27.17
N HIS C 52 -7.09 35.05 27.06
CA HIS C 52 -6.20 35.23 28.20
C HIS C 52 -5.40 36.54 28.19
N LYS C 53 -4.84 36.85 29.35
CA LYS C 53 -4.20 38.14 29.54
C LYS C 53 -2.69 38.08 29.34
N ALA C 54 -2.12 36.90 29.55
CA ALA C 54 -0.67 36.73 29.48
C ALA C 54 -0.30 35.40 28.83
N GLN C 55 0.94 35.30 28.36
CA GLN C 55 1.46 34.08 27.76
C GLN C 55 2.85 33.85 28.29
N VAL C 56 3.23 32.60 28.38
CA VAL C 56 4.59 32.24 28.72
C VAL C 56 5.03 31.23 27.68
N ILE C 57 6.32 31.27 27.30
CA ILE C 57 6.87 30.31 26.35
C ILE C 57 7.97 29.50 27.00
N LEU C 58 7.76 28.18 27.08
CA LEU C 58 8.77 27.28 27.64
C LEU C 58 9.52 26.59 26.52
N GLU C 59 10.82 26.47 26.70
CA GLU C 59 11.71 25.86 25.71
C GLU C 59 12.45 24.68 26.33
N PHE C 60 12.52 23.57 25.59
CA PHE C 60 13.27 22.40 26.04
C PHE C 60 14.05 21.88 24.84
N PRO C 61 15.03 20.99 25.10
CA PRO C 61 15.89 20.53 24.01
C PRO C 61 15.23 19.43 23.18
N SER C 62 14.09 18.91 23.61
CA SER C 62 13.39 17.90 22.84
C SER C 62 11.93 17.82 23.21
N ARG C 63 11.10 17.38 22.27
CA ARG C 63 9.66 17.26 22.57
C ARG C 63 9.42 16.30 23.72
N GLU C 64 10.27 15.29 23.85
CA GLU C 64 10.12 14.33 24.94
C GLU C 64 10.37 15.02 26.27
N ASP C 65 11.45 15.79 26.34
CA ASP C 65 11.79 16.50 27.54
C ASP C 65 10.60 17.36 28.02
N ALA C 66 10.02 18.14 27.11
CA ALA C 66 8.87 18.98 27.48
C ALA C 66 7.68 18.16 27.94
N TYR C 67 7.36 17.10 27.21
CA TYR C 67 6.23 16.25 27.53
C TYR C 67 6.41 15.61 28.91
N ASN C 68 7.60 15.11 29.19
CA ASN C 68 7.86 14.45 30.46
C ASN C 68 7.94 15.44 31.59
N TRP C 69 8.35 16.66 31.28
CA TRP C 69 8.31 17.71 32.27
C TRP C 69 6.86 17.89 32.73
N TYR C 70 5.95 18.08 31.79
CA TYR C 70 4.56 18.29 32.14
C TYR C 70 3.96 17.15 32.96
N HIS C 71 4.52 15.95 32.80
CA HIS C 71 3.96 14.79 33.53
C HIS C 71 4.84 14.28 34.66
N SER C 72 5.97 14.93 34.88
CA SER C 72 6.85 14.63 36.00
C SER C 72 6.11 14.71 37.34
N GLU C 73 6.45 13.82 38.27
CA GLU C 73 5.85 13.84 39.60
C GLU C 73 5.88 15.24 40.20
N GLU C 74 7.02 15.91 40.04
CA GLU C 74 7.25 17.20 40.66
C GLU C 74 6.20 18.20 40.20
N TYR C 75 6.15 18.41 38.90
CA TYR C 75 5.22 19.39 38.38
C TYR C 75 3.76 18.99 38.63
N GLN C 76 3.41 17.74 38.42
CA GLN C 76 2.01 17.35 38.59
C GLN C 76 1.53 17.75 40.00
N ALA C 77 2.44 17.70 40.97
CA ALA C 77 2.15 18.14 42.35
C ALA C 77 1.68 19.60 42.44
N LEU C 78 2.09 20.43 41.47
CA LEU C 78 1.78 21.86 41.51
C LEU C 78 0.42 22.20 40.92
N ILE C 79 -0.27 21.22 40.37
CA ILE C 79 -1.46 21.52 39.58
C ILE C 79 -2.71 21.95 40.37
N SER C 80 -3.01 21.31 41.48
CA SER C 80 -4.12 21.78 42.30
C SER C 80 -3.86 23.21 42.75
N THR C 81 -2.61 23.55 43.03
CA THR C 81 -2.25 24.94 43.33
C THR C 81 -2.36 25.84 42.10
N ARG C 82 -1.78 25.39 41.00
CA ARG C 82 -1.82 26.16 39.75
C ARG C 82 -3.23 26.53 39.36
N ASP C 83 -4.13 25.57 39.48
CA ASP C 83 -5.48 25.72 38.93
C ASP C 83 -6.39 26.61 39.77
N LEU C 84 -6.05 26.79 41.04
CA LEU C 84 -6.64 27.84 41.86
C LEU C 84 -6.03 29.16 41.42
N GLY C 85 -4.70 29.22 41.42
CA GLY C 85 -3.96 30.41 41.03
C GLY C 85 -4.33 31.07 39.71
N ASP C 87 -6.35 30.46 35.39
CA ASP C 87 -7.01 29.71 34.32
C ASP C 87 -6.04 29.66 33.16
N SER C 88 -5.88 28.50 32.51
CA SER C 88 -4.88 28.42 31.45
C SER C 88 -5.11 27.44 30.28
N GLN C 89 -4.20 27.50 29.30
CA GLN C 89 -4.12 26.54 28.21
C GLN C 89 -2.63 26.23 28.00
N PHE C 90 -2.27 24.94 27.94
CA PHE C 90 -0.90 24.55 27.60
C PHE C 90 -0.82 23.82 26.24
N GLN C 91 -0.04 24.36 25.31
CA GLN C 91 0.16 23.76 24.01
C GLN C 91 1.57 23.25 23.85
N LEU C 92 1.70 21.99 23.48
CA LEU C 92 3.01 21.47 23.20
C LEU C 92 3.15 21.58 21.68
N ILE C 93 4.21 22.22 21.21
CA ILE C 93 4.57 22.10 19.80
C ILE C 93 6.05 21.88 19.66
N GLY C 94 6.43 21.18 18.59
CA GLY C 94 7.84 20.95 18.29
C GLY C 94 8.27 19.51 18.05
N SER D 1 22.04 42.02 27.82
CA SER D 1 20.83 41.47 27.22
C SER D 1 19.88 42.53 26.71
N ASN D 2 19.27 42.25 25.56
CA ASN D 2 18.22 43.13 25.03
C ASN D 2 16.87 42.49 25.33
N ALA D 3 15.80 43.22 25.09
CA ALA D 3 14.46 42.73 25.40
C ALA D 3 13.80 42.21 24.13
N THR D 4 14.11 40.96 23.79
CA THR D 4 13.49 40.28 22.66
C THR D 4 11.97 40.35 22.80
N ALA D 5 11.27 40.52 21.69
CA ALA D 5 9.83 40.49 21.69
C ALA D 5 9.30 39.32 20.85
N TYR D 6 8.05 38.94 21.05
CA TYR D 6 7.55 37.76 20.39
C TYR D 6 6.15 37.97 19.91
N ILE D 7 5.83 37.39 18.76
CA ILE D 7 4.46 37.36 18.29
C ILE D 7 4.06 35.90 18.29
N ILE D 8 2.90 35.61 18.83
CA ILE D 8 2.41 34.25 18.93
C ILE D 8 1.17 34.11 18.08
N VAL D 9 1.18 33.15 17.18
CA VAL D 9 0.03 32.95 16.34
C VAL D 9 -0.58 31.60 16.74
N GLY D 10 -1.90 31.58 16.88
CA GLY D 10 -2.70 30.38 16.89
C GLY D 10 -3.42 30.48 15.57
N LEU D 11 -3.49 29.39 14.81
CA LEU D 11 -4.19 29.46 13.54
C LEU D 11 -4.92 28.20 13.14
N THR D 12 -5.99 28.38 12.38
CA THR D 12 -6.69 27.27 11.78
C THR D 12 -6.77 27.43 10.25
N PRO D 13 -6.16 26.51 9.52
CA PRO D 13 -6.14 26.55 8.05
C PRO D 13 -7.53 26.56 7.43
N LYS D 14 -7.75 27.47 6.48
CA LYS D 14 -8.99 27.50 5.73
C LYS D 14 -8.74 27.10 4.27
N ASP D 15 -8.37 28.07 3.44
CA ASP D 15 -8.16 27.82 2.02
C ASP D 15 -6.69 27.56 1.71
N ALA D 16 -6.39 26.29 1.49
CA ALA D 16 -5.01 25.87 1.29
C ALA D 16 -4.27 26.69 0.23
N GLU D 17 -4.92 27.11 -0.85
CA GLU D 17 -4.14 27.83 -1.84
C GLU D 17 -3.91 29.27 -1.42
N LYS D 18 -4.93 29.92 -0.85
CA LYS D 18 -4.71 31.22 -0.19
C LYS D 18 -3.55 31.15 0.81
N LEU D 19 -3.62 30.16 1.70
CA LEU D 19 -2.63 30.00 2.76
C LEU D 19 -1.24 29.85 2.17
N GLN D 20 -1.17 29.18 1.02
CA GLN D 20 0.07 28.99 0.30
C GLN D 20 0.60 30.32 -0.20
N GLN D 21 -0.26 31.10 -0.84
CA GLN D 21 0.17 32.39 -1.34
C GLN D 21 0.66 33.24 -0.18
N TYR D 22 -0.13 33.31 0.87
CA TYR D 22 0.28 34.06 2.05
C TYR D 22 1.61 33.54 2.57
N GLY D 23 1.68 32.25 2.83
CA GLY D 23 2.90 31.67 3.38
C GLY D 23 4.07 32.07 2.50
N ALA D 24 3.81 32.19 1.21
CA ALA D 24 4.87 32.36 0.21
C ALA D 24 5.57 33.70 0.28
N ARG D 25 4.86 34.72 0.75
CA ARG D 25 5.42 36.07 0.69
C ARG D 25 5.79 36.66 2.05
N VAL D 26 5.43 35.98 3.14
CA VAL D 26 5.63 36.56 4.46
C VAL D 26 7.08 36.75 4.83
N ALA D 27 7.88 35.69 4.64
CA ALA D 27 9.28 35.70 5.01
C ALA D 27 9.94 37.02 4.66
N SER D 28 9.95 37.34 3.38
CA SER D 28 10.58 38.57 2.92
C SER D 28 10.23 39.77 3.82
N THR D 29 8.98 39.86 4.26
CA THR D 29 8.55 41.04 5.01
C THR D 29 9.11 41.08 6.41
N LEU D 30 9.88 40.05 6.76
CA LEU D 30 10.39 39.89 8.12
C LEU D 30 11.79 40.48 8.25
N ALA D 31 12.52 40.48 7.14
CA ALA D 31 13.96 40.79 7.14
C ALA D 31 14.31 42.23 7.54
N LYS D 32 13.50 43.18 7.09
CA LYS D 32 13.72 44.58 7.40
C LYS D 32 13.73 44.77 8.90
N TYR D 33 12.83 44.04 9.56
CA TYR D 33 12.59 44.16 11.00
C TYR D 33 13.39 43.15 11.82
N SER D 34 14.26 42.38 11.18
CA SER D 34 15.06 41.35 11.86
C SER D 34 14.23 40.30 12.63
N GLY D 35 13.01 40.07 12.17
CA GLY D 35 12.19 39.02 12.74
C GLY D 35 12.69 37.63 12.36
N GLU D 36 12.09 36.61 12.95
CA GLU D 36 12.49 35.24 12.70
C GLU D 36 11.41 34.28 13.15
N VAL D 37 11.25 33.17 12.44
CA VAL D 37 10.37 32.12 12.92
C VAL D 37 11.19 31.15 13.72
N LEU D 38 11.08 31.15 15.04
CA LEU D 38 11.84 30.19 15.83
C LEU D 38 11.15 28.83 15.94
N VAL D 39 9.85 28.78 15.68
CA VAL D 39 9.16 27.50 15.61
C VAL D 39 7.78 27.61 15.05
N LYS D 40 7.35 26.53 14.40
CA LYS D 40 5.99 26.38 13.91
C LYS D 40 5.61 24.91 14.07
N GLY D 41 4.32 24.60 14.12
CA GLY D 41 3.93 23.22 14.31
C GLY D 41 2.48 23.04 14.75
N SER D 42 2.00 21.81 14.61
CA SER D 42 0.70 21.37 15.12
C SER D 42 0.72 21.22 16.61
N VAL D 43 -0.46 21.32 17.21
CA VAL D 43 -0.56 21.39 18.65
C VAL D 43 -0.98 20.07 19.29
N GLU D 44 -0.20 19.66 20.29
CA GLU D 44 -0.68 18.69 21.24
C GLU D 44 -1.14 19.45 22.49
N GLN D 45 -2.40 19.30 22.84
CA GLN D 45 -2.98 20.06 23.94
C GLN D 45 -2.67 19.37 25.24
N LEU D 46 -1.91 20.03 26.10
CA LEU D 46 -1.52 19.48 27.40
C LEU D 46 -2.49 19.88 28.50
N HIS D 47 -3.11 21.05 28.34
CA HIS D 47 -4.11 21.50 29.31
C HIS D 47 -4.97 22.62 28.78
N GLY D 48 -6.23 22.61 29.19
CA GLY D 48 -7.14 23.67 28.82
C GLY D 48 -7.73 23.56 27.43
N LYS D 49 -8.27 24.68 26.96
CA LYS D 49 -8.95 24.77 25.68
C LYS D 49 -8.14 25.61 24.72
N PHE D 50 -8.10 25.18 23.46
CA PHE D 50 -7.39 25.89 22.42
C PHE D 50 -8.12 25.66 21.10
N GLU D 51 -8.60 26.75 20.52
CA GLU D 51 -9.57 26.71 19.42
C GLU D 51 -8.90 26.37 18.09
N HIS D 52 -7.58 26.47 18.07
CA HIS D 52 -6.85 26.45 16.82
C HIS D 52 -6.02 25.19 16.68
N LYS D 53 -5.45 24.98 15.51
CA LYS D 53 -4.83 23.71 15.16
C LYS D 53 -3.32 23.75 15.35
N ALA D 54 -2.73 24.93 15.16
CA ALA D 54 -1.26 25.05 15.19
C ALA D 54 -0.75 26.38 15.76
N GLN D 55 0.52 26.39 16.12
CA GLN D 55 1.13 27.60 16.62
C GLN D 55 2.36 28.00 15.80
N VAL D 56 2.50 29.31 15.58
CA VAL D 56 3.78 29.88 15.18
C VAL D 56 4.26 30.90 16.21
N ILE D 57 5.56 30.89 16.48
CA ILE D 57 6.20 31.88 17.31
C ILE D 57 7.21 32.70 16.51
N LEU D 58 6.99 34.00 16.46
CA LEU D 58 7.91 34.93 15.82
C LEU D 58 8.72 35.70 16.86
N GLU D 59 10.02 35.80 16.61
CA GLU D 59 10.91 36.50 17.50
C GLU D 59 11.45 37.77 16.84
N PHE D 60 11.44 38.89 17.58
CA PHE D 60 12.09 40.12 17.13
C PHE D 60 13.01 40.70 18.20
N PRO D 61 13.96 41.53 17.79
CA PRO D 61 14.94 42.12 18.71
C PRO D 61 14.34 43.03 19.77
N SER D 62 13.11 43.51 19.58
CA SER D 62 12.51 44.50 20.47
C SER D 62 11.02 44.62 20.18
N ARG D 63 10.24 45.09 21.15
CA ARG D 63 8.79 45.23 20.94
CA ARG D 63 8.79 45.24 20.94
C ARG D 63 8.49 46.08 19.70
N GLU D 64 9.28 47.14 19.50
CA GLU D 64 9.05 48.09 18.40
C GLU D 64 9.15 47.43 17.00
N ASP D 65 10.26 46.76 16.76
CA ASP D 65 10.47 46.07 15.51
C ASP D 65 9.34 45.10 15.17
N ALA D 66 8.77 44.48 16.21
CA ALA D 66 7.69 43.53 15.99
C ALA D 66 6.39 44.26 15.66
N TYR D 67 6.10 45.29 16.46
CA TYR D 67 4.87 46.06 16.28
C TYR D 67 4.85 46.78 14.94
N ASN D 68 6.03 47.16 14.48
CA ASN D 68 6.19 47.88 13.24
C ASN D 68 6.13 46.95 12.04
N TRP D 69 6.68 45.75 12.23
CA TRP D 69 6.55 44.70 11.25
C TRP D 69 5.05 44.49 10.98
N TYR D 70 4.28 44.22 12.04
CA TYR D 70 2.86 43.96 11.86
C TYR D 70 2.14 45.05 11.09
N HIS D 71 2.48 46.31 11.38
CA HIS D 71 1.77 47.42 10.75
C HIS D 71 2.44 47.96 9.50
N SER D 72 3.57 47.37 9.12
CA SER D 72 4.26 47.79 7.91
C SER D 72 3.37 47.62 6.67
N GLU D 73 3.70 48.39 5.64
CA GLU D 73 2.99 48.43 4.37
C GLU D 73 3.02 47.06 3.72
N GLU D 74 4.22 46.50 3.70
CA GLU D 74 4.43 45.23 3.10
C GLU D 74 3.51 44.21 3.77
N TYR D 75 3.57 44.11 5.10
CA TYR D 75 2.83 43.05 5.78
C TYR D 75 1.34 43.26 5.70
N GLN D 76 0.90 44.48 5.90
CA GLN D 76 -0.52 44.73 5.84
C GLN D 76 -1.06 44.24 4.49
N ALA D 77 -0.25 44.36 3.44
CA ALA D 77 -0.73 43.97 2.11
C ALA D 77 -1.00 42.47 1.98
N LEU D 78 -0.58 41.70 2.97
CA LEU D 78 -0.76 40.25 2.94
C LEU D 78 -2.06 39.83 3.58
N ILE D 79 -2.70 40.76 4.28
CA ILE D 79 -3.73 40.38 5.23
C ILE D 79 -5.02 39.92 4.58
N SER D 80 -5.38 40.55 3.48
CA SER D 80 -6.56 40.13 2.74
C SER D 80 -6.45 38.63 2.44
N THR D 81 -5.32 38.23 1.86
CA THR D 81 -5.17 36.84 1.49
C THR D 81 -4.96 35.95 2.72
N ARG D 82 -4.21 36.44 3.71
CA ARG D 82 -4.04 35.71 4.97
C ARG D 82 -5.36 35.24 5.59
N ASP D 83 -6.33 36.15 5.69
CA ASP D 83 -7.58 35.81 6.34
C ASP D 83 -8.42 34.82 5.54
N LEU D 84 -8.37 34.94 4.20
CA LEU D 84 -8.98 33.92 3.37
C LEU D 84 -8.35 32.55 3.62
N GLY D 85 -7.04 32.53 3.86
CA GLY D 85 -6.37 31.26 4.15
C GLY D 85 -6.44 30.70 5.57
N ASP D 87 -8.17 31.39 9.89
CA ASP D 87 -8.62 32.11 11.08
C ASP D 87 -7.46 32.05 12.07
N SER D 88 -6.97 33.21 12.46
CA SER D 88 -5.80 33.25 13.33
C SER D 88 -6.01 34.23 14.45
N GLN D 89 -5.06 34.24 15.38
CA GLN D 89 -4.98 35.26 16.40
C GLN D 89 -3.50 35.59 16.60
N PHE D 90 -3.16 36.87 16.57
CA PHE D 90 -1.79 37.28 16.89
C PHE D 90 -1.72 38.01 18.26
N GLN D 91 -0.76 37.60 19.08
CA GLN D 91 -0.55 38.26 20.35
C GLN D 91 0.88 38.81 20.40
N LEU D 92 1.02 40.01 20.97
CA LEU D 92 2.33 40.63 21.09
C LEU D 92 2.77 40.62 22.54
N ILE D 93 4.00 40.17 22.74
CA ILE D 93 4.51 40.01 24.10
C ILE D 93 5.94 40.49 24.18
N GLY D 94 6.15 41.60 24.86
CA GLY D 94 7.47 42.18 24.98
C GLY D 94 7.41 43.61 25.53
N SER E 1 16.53 32.59 -10.72
CA SER E 1 16.32 31.87 -9.48
C SER E 1 17.67 31.53 -8.89
N ASN E 2 17.69 31.24 -7.61
CA ASN E 2 18.89 30.85 -6.94
C ASN E 2 18.94 29.34 -6.72
N ALA E 3 20.16 28.80 -6.64
CA ALA E 3 20.39 27.39 -6.39
C ALA E 3 20.64 27.07 -4.92
N THR E 4 19.72 27.53 -4.07
CA THR E 4 19.81 27.25 -2.64
C THR E 4 20.24 25.81 -2.36
N ALA E 5 20.91 25.62 -1.25
CA ALA E 5 21.35 24.29 -0.83
C ALA E 5 20.82 24.03 0.57
N TYR E 6 20.85 22.78 1.01
CA TYR E 6 20.16 22.35 2.23
C TYR E 6 20.94 21.30 2.98
N ILE E 7 20.89 21.35 4.31
CA ILE E 7 21.49 20.29 5.12
C ILE E 7 20.36 19.66 5.90
N ILE E 8 20.22 18.35 5.76
CA ILE E 8 19.13 17.66 6.42
C ILE E 8 19.64 16.93 7.66
N VAL E 9 19.02 17.20 8.80
CA VAL E 9 19.38 16.47 10.02
C VAL E 9 18.28 15.51 10.45
N GLY E 10 18.69 14.31 10.85
CA GLY E 10 17.84 13.40 11.59
C GLY E 10 18.52 13.15 12.91
N LEU E 11 17.86 13.44 14.04
CA LEU E 11 18.51 13.27 15.33
C LEU E 11 17.73 12.51 16.42
N THR E 12 18.45 12.15 17.47
CA THR E 12 17.86 11.43 18.60
C THR E 12 18.57 11.82 19.89
N PRO E 13 17.85 12.51 20.79
CA PRO E 13 18.46 13.02 22.02
C PRO E 13 19.03 11.92 22.89
N LYS E 14 20.06 12.26 23.65
CA LYS E 14 20.58 11.38 24.67
C LYS E 14 20.65 12.14 26.00
N ASP E 15 21.39 13.24 25.98
CA ASP E 15 21.70 14.01 27.18
C ASP E 15 21.14 15.43 27.08
N ALA E 16 20.09 15.72 27.84
CA ALA E 16 19.38 16.99 27.73
C ALA E 16 20.28 18.20 27.99
N GLU E 17 21.17 18.09 28.98
CA GLU E 17 22.08 19.16 29.29
C GLU E 17 22.94 19.55 28.09
N LYS E 18 23.64 18.59 27.52
CA LYS E 18 24.52 18.89 26.39
C LYS E 18 23.73 19.37 25.16
N LEU E 19 22.59 18.73 24.89
CA LEU E 19 21.78 19.07 23.73
C LEU E 19 21.41 20.53 23.83
N GLN E 20 21.00 20.92 25.04
CA GLN E 20 20.62 22.29 25.36
C GLN E 20 21.77 23.27 25.09
N GLN E 21 22.96 22.93 25.56
CA GLN E 21 24.12 23.78 25.36
C GLN E 21 24.44 23.91 23.87
N TYR E 22 24.25 22.83 23.12
CA TYR E 22 24.51 22.88 21.69
C TYR E 22 23.47 23.79 20.99
N GLY E 23 22.18 23.55 21.25
CA GLY E 23 21.14 24.38 20.70
C GLY E 23 21.35 25.87 20.93
N ALA E 24 22.05 26.21 22.01
CA ALA E 24 22.26 27.60 22.37
C ALA E 24 23.33 28.25 21.50
N ARG E 25 24.43 27.56 21.29
CA ARG E 25 25.53 28.14 20.53
C ARG E 25 25.41 28.05 19.00
N VAL E 26 24.40 27.35 18.48
CA VAL E 26 24.35 27.04 17.04
C VAL E 26 24.01 28.21 16.12
N ALA E 27 22.98 28.99 16.48
CA ALA E 27 22.51 30.09 15.65
C ALA E 27 23.63 31.09 15.30
N SER E 28 24.40 31.51 16.29
CA SER E 28 25.48 32.45 16.03
C SER E 28 26.34 32.01 14.84
N THR E 29 26.41 30.71 14.60
CA THR E 29 27.23 30.18 13.52
C THR E 29 26.57 30.28 12.14
N LEU E 30 25.25 30.19 12.11
CA LEU E 30 24.52 30.21 10.85
C LEU E 30 24.74 31.51 10.10
N ALA E 31 24.79 32.60 10.87
CA ALA E 31 24.89 33.95 10.35
C ALA E 31 25.93 34.14 9.25
N LYS E 32 27.17 33.81 9.57
CA LYS E 32 28.28 34.09 8.68
C LYS E 32 28.01 33.52 7.30
N TYR E 33 27.28 32.41 7.28
CA TYR E 33 27.12 31.67 6.04
C TYR E 33 25.70 31.83 5.53
N SER E 34 24.91 32.59 6.26
CA SER E 34 23.58 32.90 5.78
C SER E 34 22.70 31.65 5.80
N GLY E 35 22.89 30.80 6.79
CA GLY E 35 22.04 29.64 6.96
C GLY E 35 20.83 30.01 7.79
N GLU E 36 19.74 29.26 7.61
CA GLU E 36 18.51 29.40 8.38
C GLU E 36 17.89 28.05 8.67
N VAL E 37 17.16 27.97 9.77
CA VAL E 37 16.35 26.82 10.08
C VAL E 37 15.06 26.98 9.33
N LEU E 38 14.80 26.08 8.40
CA LEU E 38 13.60 26.20 7.60
C LEU E 38 12.50 25.29 8.14
N VAL E 39 12.87 24.41 9.06
CA VAL E 39 11.88 23.64 9.80
C VAL E 39 12.51 22.73 10.83
N LYS E 40 11.76 22.52 11.91
CA LYS E 40 12.25 21.85 13.08
C LYS E 40 11.03 21.13 13.67
N GLY E 41 11.20 19.93 14.20
CA GLY E 41 10.05 19.15 14.62
C GLY E 41 10.24 17.65 14.70
N SER E 42 9.31 16.99 15.39
CA SER E 42 9.39 15.56 15.53
C SER E 42 8.66 14.88 14.38
N VAL E 43 8.95 13.61 14.20
CA VAL E 43 8.54 12.90 13.01
C VAL E 43 7.24 12.11 13.19
N GLU E 44 6.32 12.21 12.24
CA GLU E 44 5.30 11.19 12.07
C GLU E 44 5.71 10.32 10.88
N GLN E 45 5.91 9.03 11.12
CA GLN E 45 6.30 8.09 10.07
C GLN E 45 5.17 7.78 9.09
N LEU E 46 5.35 8.14 7.82
CA LEU E 46 4.33 7.90 6.80
C LEU E 46 4.63 6.63 5.99
N HIS E 47 5.91 6.39 5.69
CA HIS E 47 6.30 5.17 5.01
C HIS E 47 7.69 4.74 5.40
N GLY E 48 7.84 3.44 5.65
CA GLY E 48 9.16 2.88 5.88
C GLY E 48 9.67 3.04 7.29
N LYS E 49 10.97 3.21 7.39
CA LYS E 49 11.64 3.26 8.68
C LYS E 49 12.65 4.38 8.68
N PHE E 50 12.72 5.05 9.83
CA PHE E 50 13.62 6.15 10.06
C PHE E 50 14.04 5.94 11.50
N GLU E 51 15.33 5.92 11.76
CA GLU E 51 15.81 5.57 13.09
C GLU E 51 16.12 6.79 13.92
N HIS E 52 15.21 7.74 13.93
CA HIS E 52 15.44 8.97 14.66
C HIS E 52 14.13 9.63 15.05
N LYS E 53 14.21 10.47 16.08
CA LYS E 53 13.04 11.02 16.72
C LYS E 53 12.59 12.30 16.05
N ALA E 54 13.54 13.12 15.61
CA ALA E 54 13.20 14.41 15.00
C ALA E 54 13.96 14.67 13.71
N GLN E 55 13.53 15.67 12.97
CA GLN E 55 14.30 16.15 11.82
C GLN E 55 14.46 17.66 11.87
N VAL E 56 15.63 18.14 11.46
CA VAL E 56 15.82 19.56 11.16
C VAL E 56 16.29 19.75 9.70
N ILE E 57 15.86 20.85 9.06
CA ILE E 57 16.35 21.22 7.74
C ILE E 57 16.97 22.61 7.77
N LEU E 58 18.27 22.70 7.45
CA LEU E 58 18.95 23.97 7.34
C LEU E 58 19.03 24.43 5.88
N GLU E 59 18.68 25.69 5.66
CA GLU E 59 18.71 26.33 4.35
C GLU E 59 19.91 27.29 4.13
N PHE E 60 20.62 27.09 3.02
CA PHE E 60 21.73 27.98 2.67
C PHE E 60 21.58 28.49 1.24
N PRO E 61 22.25 29.62 0.92
CA PRO E 61 22.21 30.31 -0.37
C PRO E 61 23.01 29.57 -1.45
N SER E 62 23.73 28.53 -1.05
CA SER E 62 24.54 27.79 -1.99
C SER E 62 25.18 26.60 -1.29
N ARG E 63 25.49 25.58 -2.06
CA ARG E 63 26.13 24.42 -1.51
C ARG E 63 27.38 24.87 -0.80
N GLU E 64 28.07 25.85 -1.36
CA GLU E 64 29.35 26.30 -0.81
C GLU E 64 29.21 26.91 0.59
N ASP E 65 28.23 27.79 0.80
CA ASP E 65 28.03 28.37 2.12
C ASP E 65 27.59 27.28 3.10
N ALA E 66 26.66 26.44 2.66
CA ALA E 66 26.22 25.29 3.43
C ALA E 66 27.39 24.42 3.85
N TYR E 67 28.33 24.21 2.94
CA TYR E 67 29.45 23.34 3.26
C TYR E 67 30.46 24.02 4.19
N ASN E 68 30.71 25.30 3.95
CA ASN E 68 31.68 26.06 4.75
C ASN E 68 31.18 26.36 6.15
N TRP E 69 29.86 26.34 6.32
CA TRP E 69 29.29 26.47 7.64
C TRP E 69 29.65 25.26 8.48
N TYR E 70 29.39 24.08 7.95
CA TYR E 70 29.65 22.86 8.72
C TYR E 70 31.12 22.72 9.11
N HIS E 71 32.02 23.25 8.29
CA HIS E 71 33.45 23.11 8.58
C HIS E 71 34.04 24.40 9.12
N SER E 72 33.17 25.39 9.33
CA SER E 72 33.60 26.68 9.89
C SER E 72 34.28 26.47 11.22
N GLU E 73 35.14 27.40 11.59
CA GLU E 73 35.87 27.28 12.85
C GLU E 73 34.85 27.22 13.97
N GLU E 74 34.02 28.26 14.01
CA GLU E 74 33.04 28.43 15.06
C GLU E 74 32.14 27.20 15.20
N TYR E 75 31.93 26.45 14.13
CA TYR E 75 30.98 25.33 14.22
C TYR E 75 31.59 24.02 14.64
N GLN E 76 32.79 23.73 14.15
CA GLN E 76 33.46 22.49 14.48
C GLN E 76 33.61 22.41 15.99
N ALA E 77 33.70 23.58 16.61
CA ALA E 77 33.91 23.70 18.04
C ALA E 77 32.70 23.24 18.88
N LEU E 78 31.56 22.98 18.23
CA LEU E 78 30.36 22.56 18.93
C LEU E 78 30.18 21.04 18.88
N ILE E 79 30.84 20.44 17.91
CA ILE E 79 30.55 19.06 17.56
C ILE E 79 30.70 18.17 18.77
N SER E 80 31.85 18.25 19.43
CA SER E 80 32.15 17.32 20.52
C SER E 80 30.97 17.22 21.48
N THR E 81 30.41 18.36 21.85
CA THR E 81 29.29 18.35 22.78
C THR E 81 27.95 18.05 22.09
N ARG E 82 27.82 18.43 20.81
CA ARG E 82 26.64 18.05 20.02
C ARG E 82 26.42 16.55 20.07
N ASP E 83 27.47 15.80 19.78
CA ASP E 83 27.38 14.35 19.74
C ASP E 83 27.13 13.77 21.13
N LEU E 84 27.57 14.48 22.17
CA LEU E 84 27.27 14.06 23.53
C LEU E 84 25.77 14.11 23.76
N GLY E 85 25.14 15.17 23.30
CA GLY E 85 23.74 15.41 23.59
C GLY E 85 22.77 14.83 22.58
N ASP E 87 22.52 11.83 19.06
CA ASP E 87 22.98 11.01 17.94
C ASP E 87 22.28 11.46 16.65
N SER E 88 23.04 11.74 15.60
CA SER E 88 22.43 12.32 14.41
C SER E 88 22.98 11.81 13.09
N GLN E 89 22.28 12.16 12.02
CA GLN E 89 22.79 12.11 10.66
C GLN E 89 22.71 13.51 10.06
N PHE E 90 23.76 13.95 9.39
CA PHE E 90 23.71 15.19 8.60
C PHE E 90 23.95 14.84 7.13
N GLN E 91 23.01 15.20 6.26
CA GLN E 91 23.28 15.05 4.84
C GLN E 91 23.18 16.40 4.11
N LEU E 92 23.89 16.52 2.98
CA LEU E 92 23.94 17.74 2.20
C LEU E 92 23.37 17.55 0.80
N ILE E 93 22.67 18.59 0.32
CA ILE E 93 21.93 18.54 -0.93
C ILE E 93 21.92 19.92 -1.60
N GLY E 94 22.14 19.98 -2.91
CA GLY E 94 22.02 21.24 -3.63
C GLY E 94 23.27 21.72 -4.34
N SER F 1 2.59 34.81 9.65
CA SER F 1 3.24 33.56 9.29
C SER F 1 2.35 32.36 9.58
N ASN F 2 2.55 31.31 8.80
CA ASN F 2 1.68 30.14 8.79
C ASN F 2 2.45 28.88 9.20
N ALA F 3 1.73 27.81 9.59
CA ALA F 3 2.40 26.58 10.05
C ALA F 3 2.69 25.54 8.93
N THR F 4 3.61 25.89 8.04
CA THR F 4 4.04 25.05 6.94
C THR F 4 4.41 23.64 7.40
N ALA F 5 3.94 22.62 6.69
CA ALA F 5 4.33 21.23 6.98
C ALA F 5 5.30 20.66 5.93
N TYR F 6 6.04 19.61 6.28
CA TYR F 6 7.05 19.10 5.40
C TYR F 6 7.09 17.60 5.40
N ILE F 7 7.26 17.03 4.21
CA ILE F 7 7.47 15.60 4.11
C ILE F 7 8.89 15.39 3.61
N ILE F 8 9.67 14.66 4.39
CA ILE F 8 11.06 14.37 4.04
C ILE F 8 11.18 12.94 3.45
N VAL F 9 11.63 12.83 2.20
CA VAL F 9 11.90 11.52 1.58
C VAL F 9 13.39 11.17 1.59
N GLY F 10 13.71 10.01 2.12
CA GLY F 10 15.03 9.41 1.98
C GLY F 10 14.84 8.15 1.15
N LEU F 11 15.47 8.11 -0.02
CA LEU F 11 15.15 7.04 -0.96
C LEU F 11 16.37 6.37 -1.58
N THR F 12 16.13 5.21 -2.17
CA THR F 12 17.16 4.49 -2.87
C THR F 12 16.54 3.84 -4.09
N PRO F 13 17.10 4.13 -5.26
CA PRO F 13 16.47 3.63 -6.49
C PRO F 13 16.68 2.11 -6.62
N LYS F 14 15.66 1.43 -7.13
CA LYS F 14 15.80 0.01 -7.46
C LYS F 14 15.62 -0.15 -8.97
N ASP F 15 14.37 -0.28 -9.39
CA ASP F 15 14.05 -0.42 -10.80
C ASP F 15 13.89 0.94 -11.47
N ALA F 16 14.87 1.31 -12.28
CA ALA F 16 14.83 2.60 -12.96
C ALA F 16 13.55 2.73 -13.77
N GLU F 17 13.04 1.60 -14.24
CA GLU F 17 11.90 1.60 -15.14
C GLU F 17 10.66 2.03 -14.36
N LYS F 18 10.56 1.56 -13.13
CA LYS F 18 9.42 1.89 -12.29
C LYS F 18 9.52 3.29 -11.69
N LEU F 19 10.69 3.61 -11.13
CA LEU F 19 10.97 4.96 -10.65
C LEU F 19 10.52 6.02 -11.62
N GLN F 20 10.63 5.70 -12.90
CA GLN F 20 10.28 6.61 -13.97
C GLN F 20 8.77 6.84 -14.04
N GLN F 21 8.00 5.75 -13.98
CA GLN F 21 6.53 5.80 -14.07
C GLN F 21 5.90 6.51 -12.86
N TYR F 22 6.48 6.29 -11.69
CA TYR F 22 6.09 7.03 -10.50
C TYR F 22 6.44 8.51 -10.72
N GLY F 23 7.65 8.76 -11.18
CA GLY F 23 8.14 10.11 -11.43
C GLY F 23 7.20 10.99 -12.24
N ALA F 24 6.50 10.41 -13.20
CA ALA F 24 5.63 11.18 -14.08
C ALA F 24 4.26 11.45 -13.46
N ARG F 25 3.82 10.57 -12.56
CA ARG F 25 2.46 10.64 -12.01
C ARG F 25 2.30 11.50 -10.74
N VAL F 26 3.38 11.71 -10.01
CA VAL F 26 3.32 12.41 -8.72
C VAL F 26 2.94 13.90 -8.80
N ALA F 27 3.71 14.72 -9.50
CA ALA F 27 3.34 16.12 -9.67
C ALA F 27 1.82 16.31 -9.58
N SER F 28 1.09 15.73 -10.54
CA SER F 28 -0.37 15.84 -10.61
C SER F 28 -1.04 15.73 -9.24
N THR F 29 -0.50 14.89 -8.37
CA THR F 29 -1.17 14.62 -7.10
C THR F 29 -0.98 15.72 -6.05
N LEU F 30 0.03 16.54 -6.24
CA LEU F 30 0.34 17.62 -5.30
C LEU F 30 -0.65 18.79 -5.35
N ALA F 31 -0.93 19.28 -6.56
CA ALA F 31 -1.64 20.54 -6.73
C ALA F 31 -2.89 20.69 -5.87
N LYS F 32 -3.58 19.60 -5.62
CA LYS F 32 -4.88 19.66 -4.99
C LYS F 32 -4.68 20.05 -3.53
N TYR F 33 -3.56 19.61 -2.97
CA TYR F 33 -3.25 19.89 -1.58
C TYR F 33 -2.11 20.89 -1.54
N SER F 34 -2.02 21.68 -2.60
CA SER F 34 -1.02 22.74 -2.69
C SER F 34 0.35 22.24 -2.22
N GLY F 35 0.72 21.05 -2.66
CA GLY F 35 2.03 20.50 -2.36
C GLY F 35 3.00 21.10 -3.34
N GLU F 36 4.26 21.19 -2.92
CA GLU F 36 5.33 21.68 -3.79
C GLU F 36 6.64 21.05 -3.39
N VAL F 37 7.41 20.63 -4.39
CA VAL F 37 8.74 20.11 -4.17
C VAL F 37 9.69 21.25 -3.87
N LEU F 38 10.07 21.35 -2.60
CA LEU F 38 11.00 22.37 -2.17
C LEU F 38 12.38 22.14 -2.77
N VAL F 39 12.85 20.90 -2.70
CA VAL F 39 14.17 20.55 -3.26
C VAL F 39 14.39 19.04 -3.40
N LYS F 40 15.33 18.65 -4.26
CA LYS F 40 15.66 17.24 -4.49
C LYS F 40 17.10 17.01 -4.95
N GLY F 41 17.66 15.85 -4.63
CA GLY F 41 18.99 15.53 -5.13
C GLY F 41 19.84 14.52 -4.39
N SER F 42 21.02 14.28 -4.96
CA SER F 42 22.01 13.39 -4.37
C SER F 42 22.49 13.87 -3.00
N VAL F 43 22.79 12.91 -2.14
CA VAL F 43 23.15 13.21 -0.76
C VAL F 43 24.66 13.15 -0.54
N GLU F 44 25.24 14.20 0.02
CA GLU F 44 26.61 14.06 0.54
C GLU F 44 26.58 13.94 2.06
N GLN F 45 27.15 12.87 2.61
CA GLN F 45 27.22 12.71 4.05
C GLN F 45 28.09 13.77 4.71
N LEU F 46 27.50 14.53 5.62
CA LEU F 46 28.24 15.52 6.36
C LEU F 46 28.67 14.93 7.68
N HIS F 47 27.81 14.09 8.24
CA HIS F 47 28.12 13.38 9.48
C HIS F 47 27.21 12.19 9.66
N GLY F 48 27.69 11.20 10.42
CA GLY F 48 26.88 10.03 10.74
C GLY F 48 26.55 9.12 9.57
N LYS F 49 25.47 8.36 9.72
CA LYS F 49 25.09 7.33 8.78
C LYS F 49 23.75 7.63 8.15
N PHE F 50 23.59 7.23 6.89
CA PHE F 50 22.35 7.43 6.17
C PHE F 50 22.19 6.42 5.03
N GLU F 51 21.31 5.45 5.22
CA GLU F 51 21.24 4.30 4.32
C GLU F 51 20.69 4.54 2.90
N HIS F 52 20.21 5.74 2.63
CA HIS F 52 19.68 6.01 1.31
C HIS F 52 20.64 6.81 0.44
N LYS F 53 20.19 7.19 -0.76
CA LYS F 53 21.08 7.83 -1.72
C LYS F 53 20.69 9.27 -2.07
N ALA F 54 19.40 9.58 -1.99
CA ALA F 54 18.95 10.95 -2.27
C ALA F 54 17.87 11.36 -1.27
N GLN F 55 17.55 12.64 -1.24
CA GLN F 55 16.41 13.06 -0.44
C GLN F 55 15.56 14.01 -1.24
N VAL F 56 14.26 13.97 -0.96
CA VAL F 56 13.37 15.03 -1.43
C VAL F 56 12.72 15.73 -0.22
N ILE F 57 12.43 17.02 -0.37
CA ILE F 57 11.66 17.75 0.61
C ILE F 57 10.41 18.33 -0.03
N LEU F 58 9.24 17.84 0.39
CA LEU F 58 7.95 18.36 -0.04
C LEU F 58 7.35 19.31 1.02
N GLU F 59 6.76 20.43 0.59
CA GLU F 59 6.12 21.33 1.55
C GLU F 59 4.67 21.63 1.22
N PHE F 60 3.92 21.88 2.29
CA PHE F 60 2.50 22.11 2.23
C PHE F 60 2.13 23.18 3.23
N PRO F 61 1.00 23.88 2.98
CA PRO F 61 0.49 24.99 3.77
C PRO F 61 0.05 24.56 5.17
N SER F 62 -0.03 23.26 5.43
CA SER F 62 -0.43 22.76 6.75
C SER F 62 -0.18 21.28 6.88
N ARG F 63 -0.10 20.81 8.12
CA ARG F 63 0.13 19.40 8.36
C ARG F 63 -0.95 18.57 7.70
N GLU F 64 -2.20 19.00 7.81
CA GLU F 64 -3.30 18.19 7.34
C GLU F 64 -3.38 18.12 5.81
N ASP F 65 -2.76 19.07 5.12
CA ASP F 65 -2.76 19.03 3.68
C ASP F 65 -1.71 17.99 3.26
N ALA F 66 -0.57 18.00 3.95
CA ALA F 66 0.47 17.01 3.73
C ALA F 66 -0.06 15.61 3.99
N TYR F 67 -0.79 15.46 5.09
CA TYR F 67 -1.30 14.17 5.51
C TYR F 67 -2.35 13.70 4.53
N ASN F 68 -3.22 14.62 4.13
CA ASN F 68 -4.30 14.28 3.23
C ASN F 68 -3.76 13.88 1.84
N TRP F 69 -2.72 14.59 1.39
CA TRP F 69 -2.12 14.27 0.12
C TRP F 69 -1.61 12.83 0.09
N TYR F 70 -0.74 12.47 1.02
CA TYR F 70 -0.16 11.13 1.06
C TYR F 70 -1.27 10.07 1.14
N HIS F 71 -2.42 10.45 1.65
CA HIS F 71 -3.51 9.48 1.80
C HIS F 71 -4.58 9.66 0.75
N SER F 72 -4.36 10.62 -0.16
CA SER F 72 -5.29 10.83 -1.26
C SER F 72 -5.40 9.57 -2.12
N GLU F 73 -6.58 9.33 -2.68
CA GLU F 73 -6.75 8.16 -3.50
C GLU F 73 -5.78 8.23 -4.66
N GLU F 74 -5.71 9.40 -5.29
CA GLU F 74 -4.83 9.55 -6.44
C GLU F 74 -3.38 9.24 -6.09
N TYR F 75 -2.93 9.59 -4.89
CA TYR F 75 -1.55 9.29 -4.56
C TYR F 75 -1.31 7.86 -4.10
N GLN F 76 -2.28 7.29 -3.41
CA GLN F 76 -2.13 5.95 -2.88
C GLN F 76 -2.05 4.99 -4.06
N ALA F 77 -2.79 5.33 -5.12
CA ALA F 77 -2.76 4.58 -6.37
C ALA F 77 -1.37 4.49 -7.02
N LEU F 78 -0.40 5.25 -6.50
CA LEU F 78 0.96 5.21 -7.04
C LEU F 78 1.92 4.37 -6.21
N ILE F 79 1.55 4.04 -4.98
CA ILE F 79 2.50 3.41 -4.09
C ILE F 79 3.01 2.08 -4.66
N SER F 80 2.09 1.28 -5.19
CA SER F 80 2.45 0.01 -5.81
C SER F 80 3.76 0.14 -6.57
N THR F 81 3.76 1.04 -7.54
CA THR F 81 4.90 1.16 -8.43
C THR F 81 6.05 1.99 -7.84
N ARG F 82 5.72 2.87 -6.91
CA ARG F 82 6.74 3.61 -6.18
C ARG F 82 7.68 2.63 -5.48
N ASP F 83 7.09 1.66 -4.80
CA ASP F 83 7.90 0.68 -4.07
C ASP F 83 8.67 -0.29 -4.98
N LEU F 84 8.16 -0.54 -6.17
CA LEU F 84 8.94 -1.28 -7.13
C LEU F 84 10.07 -0.39 -7.61
N GLY F 85 9.82 0.92 -7.58
CA GLY F 85 10.81 1.89 -8.01
C GLY F 85 11.91 2.10 -6.99
N ASP F 87 13.26 2.02 -2.57
CA ASP F 87 13.19 1.88 -1.14
C ASP F 87 13.13 3.30 -0.57
N SER F 88 12.11 3.59 0.23
CA SER F 88 11.92 4.94 0.72
C SER F 88 11.59 4.97 2.20
N GLN F 89 11.92 6.11 2.82
CA GLN F 89 11.40 6.50 4.11
C GLN F 89 10.69 7.86 3.88
N PHE F 90 9.51 8.04 4.47
CA PHE F 90 8.77 9.29 4.39
C PHE F 90 8.45 9.82 5.80
N GLN F 91 9.13 10.87 6.24
CA GLN F 91 8.86 11.45 7.55
C GLN F 91 8.05 12.73 7.39
N LEU F 92 6.92 12.82 8.09
CA LEU F 92 6.10 14.01 8.04
C LEU F 92 6.36 14.85 9.29
N ILE F 93 6.82 16.07 9.09
CA ILE F 93 7.09 16.92 10.24
C ILE F 93 6.24 18.17 10.13
N GLY F 94 5.52 18.48 11.21
CA GLY F 94 4.64 19.63 11.18
C GLY F 94 3.71 19.63 12.37
N SER G 1 -0.89 17.63 -26.21
CA SER G 1 0.34 18.08 -25.59
C SER G 1 0.58 19.59 -25.77
N ASN G 2 1.20 20.20 -24.77
CA ASN G 2 1.51 21.61 -24.87
C ASN G 2 2.99 21.79 -25.06
N ALA G 3 3.37 22.96 -25.56
CA ALA G 3 4.76 23.33 -25.72
C ALA G 3 5.29 24.08 -24.48
N THR G 4 5.50 23.36 -23.39
CA THR G 4 6.12 23.96 -22.22
C THR G 4 7.46 24.64 -22.57
N ALA G 5 7.82 25.67 -21.82
CA ALA G 5 9.09 26.34 -22.06
C ALA G 5 9.98 26.36 -20.82
N TYR G 6 11.24 26.69 -21.05
CA TYR G 6 12.24 26.58 -20.00
C TYR G 6 13.19 27.74 -20.05
N ILE G 7 13.53 28.26 -18.88
CA ILE G 7 14.62 29.19 -18.73
C ILE G 7 15.68 28.45 -17.95
N ILE G 8 16.91 28.54 -18.42
CA ILE G 8 18.02 27.88 -17.77
C ILE G 8 18.98 28.91 -17.24
N VAL G 9 19.32 28.80 -15.97
CA VAL G 9 20.22 29.75 -15.36
C VAL G 9 21.49 29.06 -14.88
N GLY G 10 22.61 29.71 -15.19
CA GLY G 10 23.92 29.26 -14.77
C GLY G 10 24.42 30.33 -13.83
N LEU G 11 24.82 29.93 -12.63
CA LEU G 11 25.10 30.93 -11.63
C LEU G 11 26.36 30.66 -10.82
N THR G 12 26.96 31.73 -10.34
CA THR G 12 28.08 31.67 -9.42
C THR G 12 27.80 32.60 -8.23
N PRO G 13 27.67 32.03 -7.02
CA PRO G 13 27.47 32.86 -5.82
C PRO G 13 28.55 33.95 -5.65
N LYS G 14 28.11 35.17 -5.39
CA LYS G 14 29.00 36.27 -5.05
C LYS G 14 28.74 36.74 -3.61
N ASP G 15 27.70 37.54 -3.42
CA ASP G 15 27.37 38.06 -2.09
C ASP G 15 26.26 37.25 -1.40
N ALA G 16 26.67 36.31 -0.56
CA ALA G 16 25.75 35.43 0.19
C ALA G 16 24.48 36.10 0.70
N GLU G 17 24.62 37.26 1.34
CA GLU G 17 23.44 37.91 1.91
C GLU G 17 22.51 38.42 0.80
N LYS G 18 23.04 39.24 -0.09
CA LYS G 18 22.23 39.72 -1.21
C LYS G 18 21.52 38.58 -1.93
N LEU G 19 22.22 37.45 -2.10
CA LEU G 19 21.72 36.29 -2.83
C LEU G 19 20.51 35.68 -2.12
N GLN G 20 20.69 35.45 -0.83
CA GLN G 20 19.62 35.02 0.05
C GLN G 20 18.36 35.87 -0.09
N GLN G 21 18.50 37.19 -0.02
CA GLN G 21 17.36 38.09 -0.10
C GLN G 21 16.73 37.96 -1.48
N TYR G 22 17.55 37.64 -2.47
CA TYR G 22 17.05 37.34 -3.81
C TYR G 22 16.19 36.08 -3.81
N GLY G 23 16.70 34.98 -3.29
CA GLY G 23 15.95 33.72 -3.27
C GLY G 23 14.58 33.95 -2.65
N ALA G 24 14.59 34.33 -1.39
CA ALA G 24 13.35 34.54 -0.63
C ALA G 24 12.28 35.40 -1.32
N ARG G 25 12.59 36.01 -2.46
CA ARG G 25 11.58 36.86 -3.08
C ARG G 25 11.15 36.41 -4.48
N VAL G 26 11.94 35.57 -5.12
CA VAL G 26 11.66 35.19 -6.50
C VAL G 26 10.51 34.16 -6.70
N ALA G 27 10.40 33.17 -5.82
CA ALA G 27 9.32 32.19 -5.88
C ALA G 27 7.96 32.85 -6.04
N SER G 28 7.77 33.90 -5.27
CA SER G 28 6.60 34.76 -5.33
C SER G 28 6.29 35.21 -6.76
N THR G 29 7.33 35.49 -7.54
CA THR G 29 7.16 35.99 -8.91
C THR G 29 6.69 34.93 -9.89
N LEU G 30 7.25 33.72 -9.79
CA LEU G 30 6.87 32.61 -10.67
C LEU G 30 5.37 32.36 -10.70
N ALA G 31 4.79 32.17 -9.53
CA ALA G 31 3.40 31.72 -9.45
C ALA G 31 2.45 32.39 -10.44
N LYS G 32 2.58 33.69 -10.62
CA LYS G 32 1.64 34.39 -11.49
C LYS G 32 1.66 33.80 -12.90
N TYR G 33 2.85 33.76 -13.48
CA TYR G 33 3.04 33.32 -14.87
C TYR G 33 3.13 31.80 -14.94
N SER G 34 2.65 31.14 -13.88
CA SER G 34 2.66 29.69 -13.74
C SER G 34 4.04 29.07 -13.93
N GLY G 35 5.04 29.64 -13.23
CA GLY G 35 6.41 29.16 -13.24
C GLY G 35 6.71 28.15 -12.15
N GLU G 36 7.60 27.20 -12.43
CA GLU G 36 8.10 26.30 -11.40
C GLU G 36 9.60 26.06 -11.54
N VAL G 37 10.27 25.77 -10.42
CA VAL G 37 11.67 25.35 -10.47
C VAL G 37 11.72 23.83 -10.72
N LEU G 38 12.14 23.45 -11.92
CA LEU G 38 12.35 22.05 -12.23
C LEU G 38 13.51 21.47 -11.40
N VAL G 39 14.67 22.14 -11.42
CA VAL G 39 15.81 21.66 -10.65
C VAL G 39 16.66 22.79 -10.13
N LYS G 40 17.32 22.51 -9.01
CA LYS G 40 18.43 23.29 -8.55
C LYS G 40 19.49 22.24 -8.27
N GLY G 41 20.75 22.59 -8.49
CA GLY G 41 21.84 21.68 -8.15
C GLY G 41 23.19 22.28 -8.44
N SER G 42 24.19 21.84 -7.68
CA SER G 42 25.57 22.18 -7.97
C SER G 42 25.96 21.35 -9.18
N VAL G 43 27.04 21.73 -9.84
CA VAL G 43 27.38 21.15 -11.13
C VAL G 43 28.48 20.11 -11.07
N GLU G 44 28.26 18.96 -11.72
CA GLU G 44 29.38 18.10 -12.06
C GLU G 44 29.62 18.17 -13.56
N GLN G 45 30.87 18.38 -13.95
CA GLN G 45 31.23 18.55 -15.36
C GLN G 45 31.51 17.21 -16.04
N LEU G 46 30.64 16.81 -16.97
CA LEU G 46 30.84 15.57 -17.72
C LEU G 46 31.70 15.76 -18.97
N HIS G 47 31.68 16.97 -19.52
CA HIS G 47 32.46 17.28 -20.71
C HIS G 47 32.51 18.77 -21.01
N GLY G 48 33.70 19.28 -21.28
CA GLY G 48 33.87 20.64 -21.74
C GLY G 48 34.09 21.66 -20.64
N LYS G 49 33.83 22.91 -20.96
CA LYS G 49 33.96 23.99 -20.00
C LYS G 49 32.66 24.76 -19.81
N PHE G 50 32.34 24.98 -18.55
CA PHE G 50 31.15 25.71 -18.18
C PHE G 50 31.52 26.51 -16.94
N GLU G 51 31.35 27.83 -17.03
CA GLU G 51 32.00 28.79 -16.13
C GLU G 51 31.41 28.89 -14.73
N HIS G 52 30.18 28.46 -14.56
CA HIS G 52 29.48 28.70 -13.31
C HIS G 52 29.53 27.52 -12.34
N LYS G 53 29.06 27.76 -11.12
CA LYS G 53 29.10 26.78 -10.07
C LYS G 53 27.90 25.86 -10.08
N ALA G 54 26.74 26.45 -10.37
CA ALA G 54 25.47 25.71 -10.29
C ALA G 54 24.41 26.09 -11.34
N GLN G 55 23.45 25.21 -11.53
CA GLN G 55 22.42 25.44 -12.52
C GLN G 55 21.04 25.42 -11.91
N VAL G 56 20.12 26.22 -12.45
CA VAL G 56 18.72 26.02 -12.16
C VAL G 56 17.93 25.96 -13.45
N ILE G 57 16.89 25.13 -13.45
CA ILE G 57 15.95 25.04 -14.56
C ILE G 57 14.56 25.47 -14.16
N LEU G 58 14.08 26.54 -14.77
CA LEU G 58 12.72 27.03 -14.58
C LEU G 58 11.81 26.52 -15.72
N GLU G 59 10.66 25.95 -15.36
CA GLU G 59 9.68 25.45 -16.31
C GLU G 59 8.38 26.23 -16.30
N PHE G 60 7.89 26.56 -17.50
CA PHE G 60 6.64 27.29 -17.69
C PHE G 60 5.73 26.55 -18.68
N PRO G 61 4.44 26.91 -18.74
CA PRO G 61 3.48 26.29 -19.66
C PRO G 61 3.54 26.83 -21.09
N SER G 62 4.16 27.98 -21.29
CA SER G 62 4.38 28.50 -22.64
C SER G 62 5.67 29.32 -22.70
N ARG G 63 6.13 29.62 -23.90
CA ARG G 63 7.31 30.47 -24.05
C ARG G 63 6.96 31.91 -23.71
N GLU G 64 5.73 32.29 -24.01
CA GLU G 64 5.26 33.65 -23.73
C GLU G 64 5.15 33.93 -22.22
N ASP G 65 4.81 32.89 -21.46
CA ASP G 65 4.78 33.01 -20.01
C ASP G 65 6.19 33.16 -19.47
N ALA G 66 7.07 32.27 -19.89
CA ALA G 66 8.47 32.35 -19.53
C ALA G 66 9.04 33.74 -19.84
N TYR G 67 8.89 34.20 -21.07
CA TYR G 67 9.38 35.52 -21.44
C TYR G 67 8.73 36.62 -20.60
N ASN G 68 7.45 36.47 -20.29
CA ASN G 68 6.73 37.49 -19.56
C ASN G 68 7.07 37.50 -18.08
N TRP G 69 7.28 36.31 -17.53
CA TRP G 69 7.75 36.21 -16.17
C TRP G 69 9.03 37.02 -15.99
N TYR G 70 9.87 37.05 -17.01
CA TYR G 70 11.18 37.63 -16.83
C TYR G 70 11.11 39.14 -16.91
N HIS G 71 10.38 39.68 -17.87
CA HIS G 71 10.27 41.13 -17.95
C HIS G 71 9.22 41.63 -16.99
N SER G 72 8.51 40.70 -16.39
CA SER G 72 7.60 41.00 -15.31
C SER G 72 8.17 42.11 -14.44
N GLU G 73 7.32 43.09 -14.13
CA GLU G 73 7.68 44.20 -13.26
C GLU G 73 8.25 43.73 -11.92
N GLU G 74 7.63 42.73 -11.32
CA GLU G 74 8.03 42.26 -10.00
C GLU G 74 9.28 41.37 -10.02
N TYR G 75 9.63 40.78 -11.15
CA TYR G 75 10.92 40.10 -11.19
C TYR G 75 12.00 41.09 -11.59
N GLN G 76 11.67 42.01 -12.49
CA GLN G 76 12.60 43.06 -12.88
C GLN G 76 13.06 43.87 -11.65
N ALA G 77 12.19 43.98 -10.66
CA ALA G 77 12.52 44.67 -9.39
C ALA G 77 13.59 43.96 -8.55
N LEU G 78 13.78 42.67 -8.80
CA LEU G 78 14.70 41.86 -8.00
C LEU G 78 16.11 41.93 -8.54
N ILE G 79 16.24 42.39 -9.78
CA ILE G 79 17.45 42.19 -10.56
C ILE G 79 18.71 42.89 -10.01
N SER G 80 18.63 44.19 -9.77
CA SER G 80 19.75 44.89 -9.15
C SER G 80 20.31 44.07 -7.98
N THR G 81 19.42 43.51 -7.17
CA THR G 81 19.90 42.83 -5.98
C THR G 81 20.40 41.42 -6.32
N ARG G 82 19.89 40.87 -7.42
CA ARG G 82 20.29 39.56 -7.91
C ARG G 82 21.71 39.58 -8.47
N ASP G 83 22.01 40.61 -9.24
CA ASP G 83 23.31 40.75 -9.87
C ASP G 83 24.39 41.02 -8.83
N LEU G 84 23.98 41.48 -7.64
CA LEU G 84 24.89 41.64 -6.50
C LEU G 84 25.18 40.30 -5.85
N GLY G 85 24.15 39.46 -5.73
CA GLY G 85 24.30 38.13 -5.16
C GLY G 85 24.90 37.06 -6.07
N ASP G 87 26.74 36.50 -10.35
CA ASP G 87 26.86 36.57 -11.79
C ASP G 87 26.06 35.39 -12.31
N SER G 88 25.19 35.63 -13.29
CA SER G 88 24.40 34.56 -13.88
C SER G 88 24.35 34.65 -15.42
N GLN G 89 23.70 33.65 -16.00
CA GLN G 89 23.33 33.63 -17.40
C GLN G 89 21.93 33.03 -17.52
N PHE G 90 20.98 33.79 -18.04
CA PHE G 90 19.64 33.25 -18.21
C PHE G 90 19.34 32.99 -19.69
N GLN G 91 18.89 31.77 -20.00
CA GLN G 91 18.61 31.33 -21.38
C GLN G 91 17.18 30.85 -21.60
N LEU G 92 16.47 31.52 -22.50
CA LEU G 92 15.10 31.15 -22.83
C LEU G 92 15.03 30.14 -23.97
N ILE G 93 14.21 29.10 -23.80
CA ILE G 93 14.05 28.04 -24.79
C ILE G 93 12.61 27.59 -24.93
N GLY G 94 12.16 27.42 -26.17
CA GLY G 94 10.84 26.84 -26.40
C GLY G 94 9.94 27.61 -27.34
N SER H 1 8.09 11.20 -3.93
CA SER H 1 8.84 11.72 -5.07
C SER H 1 10.24 11.12 -5.11
N ASN H 2 10.81 11.04 -6.31
CA ASN H 2 12.22 10.69 -6.44
C ASN H 2 13.09 11.90 -6.83
N ALA H 3 14.40 11.78 -6.61
CA ALA H 3 15.32 12.85 -6.94
C ALA H 3 15.83 12.70 -8.37
N THR H 4 14.93 12.95 -9.31
CA THR H 4 15.26 12.82 -10.71
C THR H 4 16.48 13.68 -11.04
N ALA H 5 17.29 13.22 -11.98
CA ALA H 5 18.56 13.87 -12.29
C ALA H 5 18.57 14.41 -13.71
N TYR H 6 19.32 15.51 -13.91
CA TYR H 6 19.36 16.15 -15.21
C TYR H 6 20.76 16.36 -15.76
N ILE H 7 20.84 16.38 -17.09
CA ILE H 7 22.05 16.71 -17.79
C ILE H 7 21.67 17.81 -18.73
N ILE H 8 22.44 18.89 -18.71
CA ILE H 8 22.17 20.07 -19.50
C ILE H 8 23.33 20.23 -20.46
N VAL H 9 23.01 20.33 -21.75
CA VAL H 9 24.07 20.46 -22.71
C VAL H 9 23.93 21.75 -23.51
N GLY H 10 25.01 22.52 -23.55
CA GLY H 10 25.08 23.68 -24.42
C GLY H 10 25.90 23.27 -25.62
N LEU H 11 25.48 23.66 -26.82
CA LEU H 11 26.25 23.27 -27.99
C LEU H 11 26.20 24.25 -29.14
N THR H 12 27.06 24.00 -30.12
CA THR H 12 27.24 24.88 -31.24
C THR H 12 27.61 24.02 -32.42
N PRO H 13 26.66 23.84 -33.35
CA PRO H 13 26.89 22.97 -34.51
C PRO H 13 28.20 23.29 -35.25
N LYS H 14 28.91 22.24 -35.64
CA LYS H 14 30.02 22.38 -36.57
C LYS H 14 29.65 21.63 -37.85
N ASP H 15 30.30 20.49 -38.06
CA ASP H 15 30.06 19.61 -39.19
C ASP H 15 28.67 19.00 -39.07
N ALA H 16 27.79 19.30 -40.04
CA ALA H 16 26.38 18.89 -39.92
C ALA H 16 26.15 17.39 -40.19
N GLU H 17 26.75 16.87 -41.26
CA GLU H 17 26.70 15.45 -41.50
C GLU H 17 27.13 14.74 -40.24
N LYS H 18 28.32 15.11 -39.77
CA LYS H 18 28.89 14.53 -38.58
C LYS H 18 27.93 14.66 -37.40
N LEU H 19 27.27 15.80 -37.32
CA LEU H 19 26.39 16.08 -36.20
C LEU H 19 25.10 15.27 -36.34
N GLN H 20 24.78 14.91 -37.57
CA GLN H 20 23.61 14.09 -37.87
C GLN H 20 23.81 12.64 -37.50
N GLN H 21 24.96 12.10 -37.90
CA GLN H 21 25.32 10.73 -37.60
C GLN H 21 25.10 10.50 -36.10
N TYR H 22 25.54 11.47 -35.31
CA TYR H 22 25.52 11.38 -33.87
C TYR H 22 24.10 11.42 -33.33
N GLY H 23 23.38 12.48 -33.68
CA GLY H 23 22.00 12.64 -33.27
C GLY H 23 21.16 11.39 -33.38
N ALA H 24 21.20 10.74 -34.54
CA ALA H 24 20.29 9.65 -34.86
C ALA H 24 20.58 8.38 -34.06
N ARG H 25 21.80 8.24 -33.59
CA ARG H 25 22.14 7.04 -32.83
C ARG H 25 22.22 7.30 -31.32
N VAL H 26 21.66 8.41 -30.87
CA VAL H 26 21.71 8.75 -29.45
C VAL H 26 20.52 8.21 -28.67
N ALA H 27 19.32 8.25 -29.25
CA ALA H 27 18.16 7.66 -28.61
C ALA H 27 18.49 6.27 -28.10
N SER H 28 18.93 5.40 -29.00
CA SER H 28 19.30 4.03 -28.64
C SER H 28 19.89 3.96 -27.24
N THR H 29 20.79 4.89 -26.93
CA THR H 29 21.53 4.87 -25.67
C THR H 29 20.71 5.14 -24.40
N LEU H 30 19.51 5.71 -24.55
CA LEU H 30 18.74 6.10 -23.39
C LEU H 30 17.77 5.01 -22.91
N ALA H 31 17.84 3.83 -23.50
CA ALA H 31 16.98 2.75 -23.08
C ALA H 31 17.40 2.21 -21.71
N LYS H 32 18.67 1.81 -21.62
CA LYS H 32 19.20 1.13 -20.45
C LYS H 32 19.32 2.05 -19.25
N TYR H 33 18.94 3.31 -19.41
CA TYR H 33 19.03 4.30 -18.34
C TYR H 33 17.74 5.10 -18.19
N SER H 34 16.71 4.66 -18.91
CA SER H 34 15.37 5.25 -18.83
C SER H 34 15.34 6.78 -18.92
N GLY H 35 16.31 7.37 -19.63
CA GLY H 35 16.38 8.81 -19.81
C GLY H 35 15.58 9.30 -21.00
N GLU H 36 15.21 10.57 -20.97
CA GLU H 36 14.40 11.17 -22.03
C GLU H 36 14.75 12.63 -22.17
N VAL H 37 14.62 13.17 -23.38
CA VAL H 37 14.91 14.56 -23.60
C VAL H 37 13.69 15.41 -23.28
N LEU H 38 13.89 16.33 -22.35
CA LEU H 38 12.84 17.20 -21.88
C LEU H 38 12.61 18.29 -22.91
N VAL H 39 13.71 18.86 -23.40
CA VAL H 39 13.56 19.89 -24.40
C VAL H 39 14.79 20.11 -25.23
N LYS H 40 14.56 20.64 -26.42
CA LYS H 40 15.63 21.07 -27.30
C LYS H 40 15.17 22.39 -27.87
N GLY H 41 16.10 23.28 -28.17
CA GLY H 41 15.75 24.53 -28.82
C GLY H 41 16.89 25.51 -28.96
N SER H 42 16.60 26.57 -29.71
CA SER H 42 17.53 27.68 -29.87
C SER H 42 17.48 28.56 -28.62
N VAL H 43 18.53 29.34 -28.44
CA VAL H 43 18.66 30.12 -27.24
C VAL H 43 18.32 31.57 -27.51
N GLU H 44 17.25 32.06 -26.90
CA GLU H 44 17.13 33.51 -26.76
C GLU H 44 17.77 33.86 -25.44
N GLN H 45 18.77 34.72 -25.49
CA GLN H 45 19.49 35.12 -24.30
C GLN H 45 18.74 36.17 -23.51
N LEU H 46 18.35 35.83 -22.28
CA LEU H 46 17.68 36.78 -21.40
C LEU H 46 18.68 37.61 -20.62
N HIS H 47 19.76 36.98 -20.17
CA HIS H 47 20.73 37.68 -19.35
C HIS H 47 22.12 37.08 -19.43
N GLY H 48 23.14 37.91 -19.27
CA GLY H 48 24.53 37.45 -19.25
C GLY H 48 25.02 36.99 -20.61
N LYS H 49 26.11 36.22 -20.60
CA LYS H 49 26.71 35.71 -21.83
C LYS H 49 26.77 34.19 -21.84
N PHE H 50 26.55 33.60 -23.02
CA PHE H 50 26.47 32.17 -23.18
C PHE H 50 27.13 31.77 -24.51
N GLU H 51 28.13 30.90 -24.42
CA GLU H 51 29.03 30.62 -25.53
C GLU H 51 28.37 29.84 -26.68
N HIS H 52 27.28 29.14 -26.41
CA HIS H 52 26.68 28.24 -27.41
C HIS H 52 25.35 28.77 -27.95
N LYS H 53 24.79 28.04 -28.91
CA LYS H 53 23.58 28.46 -29.63
C LYS H 53 22.31 27.72 -29.25
N ALA H 54 22.44 26.49 -28.77
CA ALA H 54 21.26 25.70 -28.42
C ALA H 54 21.48 24.99 -27.10
N GLN H 55 20.42 24.41 -26.54
CA GLN H 55 20.54 23.66 -25.31
C GLN H 55 19.64 22.45 -25.38
N VAL H 56 20.00 21.41 -24.64
CA VAL H 56 19.15 20.24 -24.44
C VAL H 56 19.16 19.79 -22.97
N ILE H 57 17.99 19.55 -22.40
CA ILE H 57 17.94 18.97 -21.07
C ILE H 57 17.55 17.50 -21.20
N LEU H 58 18.30 16.62 -20.52
CA LEU H 58 18.01 15.18 -20.47
C LEU H 58 17.68 14.77 -19.04
N GLU H 59 16.66 13.94 -18.90
CA GLU H 59 16.07 13.67 -17.59
C GLU H 59 16.04 12.19 -17.24
N PHE H 60 16.67 11.86 -16.11
CA PHE H 60 16.76 10.48 -15.64
C PHE H 60 16.11 10.34 -14.27
N PRO H 61 15.65 9.13 -13.94
CA PRO H 61 14.92 8.86 -12.70
C PRO H 61 15.83 8.84 -11.45
N SER H 62 17.13 8.88 -11.66
CA SER H 62 18.11 8.91 -10.57
C SER H 62 19.35 9.53 -11.14
N ARG H 63 20.30 9.91 -10.28
CA ARG H 63 21.49 10.56 -10.80
C ARG H 63 22.51 9.53 -11.26
N GLU H 64 22.35 8.31 -10.77
CA GLU H 64 23.19 7.22 -11.20
C GLU H 64 22.89 6.96 -12.67
N ASP H 65 21.61 6.86 -12.99
CA ASP H 65 21.18 6.60 -14.36
C ASP H 65 21.70 7.64 -15.34
N ALA H 66 21.97 8.83 -14.83
CA ALA H 66 22.52 9.88 -15.67
C ALA H 66 24.04 9.76 -15.81
N TYR H 67 24.75 9.52 -14.71
CA TYR H 67 26.20 9.34 -14.81
C TYR H 67 26.51 8.06 -15.60
N ASN H 68 25.78 6.99 -15.29
CA ASN H 68 26.03 5.68 -15.90
C ASN H 68 25.79 5.70 -17.39
N TRP H 69 24.76 6.42 -17.80
CA TRP H 69 24.48 6.56 -19.21
C TRP H 69 25.63 7.28 -19.90
N TYR H 70 25.93 8.51 -19.49
CA TYR H 70 27.01 9.25 -20.15
C TYR H 70 28.30 8.44 -20.27
N HIS H 71 28.53 7.53 -19.32
CA HIS H 71 29.76 6.75 -19.30
C HIS H 71 29.60 5.31 -19.83
N SER H 72 28.43 5.02 -20.41
CA SER H 72 28.18 3.71 -20.98
C SER H 72 28.97 3.50 -22.27
N GLU H 73 28.94 2.28 -22.78
CA GLU H 73 29.69 1.96 -24.00
C GLU H 73 28.94 2.45 -25.23
N GLU H 74 27.63 2.28 -25.24
CA GLU H 74 26.83 2.69 -26.39
C GLU H 74 27.10 4.17 -26.63
N TYR H 75 26.94 4.96 -25.60
CA TYR H 75 27.15 6.39 -25.75
C TYR H 75 28.61 6.73 -25.96
N GLN H 76 29.50 6.11 -25.19
CA GLN H 76 30.91 6.42 -25.30
C GLN H 76 31.43 6.10 -26.69
N ALA H 77 30.63 5.35 -27.44
CA ALA H 77 30.94 5.02 -28.83
C ALA H 77 30.52 6.17 -29.75
N LEU H 78 29.72 7.10 -29.24
CA LEU H 78 29.25 8.20 -30.07
C LEU H 78 30.10 9.44 -29.92
N ILE H 79 31.06 9.39 -28.99
CA ILE H 79 31.76 10.61 -28.61
C ILE H 79 32.70 11.09 -29.73
N SER H 80 33.35 10.14 -30.39
CA SER H 80 34.24 10.44 -31.52
C SER H 80 33.61 11.45 -32.47
N THR H 81 32.40 11.12 -32.91
CA THR H 81 31.72 11.84 -33.98
C THR H 81 30.92 13.05 -33.50
N ARG H 82 30.49 13.03 -32.25
CA ARG H 82 29.80 14.16 -31.67
C ARG H 82 30.70 15.38 -31.66
N ASP H 83 31.89 15.22 -31.08
CA ASP H 83 32.84 16.32 -30.96
C ASP H 83 33.21 16.93 -32.32
N LEU H 84 33.20 16.09 -33.35
CA LEU H 84 33.34 16.60 -34.72
C LEU H 84 32.10 17.39 -35.10
N GLY H 85 30.96 16.83 -34.73
CA GLY H 85 29.66 17.40 -35.08
C GLY H 85 29.30 18.69 -34.39
N ASP H 87 30.66 21.65 -30.95
CA ASP H 87 31.29 22.06 -29.71
C ASP H 87 30.23 22.18 -28.62
N SER H 88 30.50 21.61 -27.45
CA SER H 88 29.49 21.55 -26.41
C SER H 88 30.04 21.52 -24.97
N GLN H 89 29.13 21.67 -24.02
CA GLN H 89 29.41 21.49 -22.60
C GLN H 89 28.31 20.59 -22.04
N PHE H 90 28.67 19.68 -21.12
CA PHE H 90 27.69 18.82 -20.43
C PHE H 90 27.75 18.94 -18.90
N GLN H 91 26.67 19.43 -18.28
CA GLN H 91 26.61 19.50 -16.83
C GLN H 91 25.65 18.49 -16.21
N LEU H 92 26.13 17.77 -15.20
CA LEU H 92 25.28 16.84 -14.44
C LEU H 92 24.73 17.51 -13.17
N ILE H 93 23.43 17.34 -12.92
CA ILE H 93 22.80 17.83 -11.70
C ILE H 93 21.88 16.78 -11.10
N GLY H 94 21.85 16.68 -9.78
CA GLY H 94 20.93 15.74 -9.15
C GLY H 94 21.59 14.87 -8.11
N SER I 1 10.72 -2.78 -40.98
CA SER I 1 10.30 -1.45 -40.57
C SER I 1 8.84 -1.41 -40.18
N ASN I 2 8.51 -0.59 -39.18
CA ASN I 2 7.12 -0.38 -38.81
C ASN I 2 6.66 0.92 -39.42
N ALA I 3 5.36 1.19 -39.36
CA ALA I 3 4.79 2.36 -39.99
C ALA I 3 4.49 3.44 -38.95
N THR I 4 5.56 4.10 -38.52
CA THR I 4 5.50 5.13 -37.52
C THR I 4 4.35 6.10 -37.79
N ALA I 5 3.65 6.47 -36.73
CA ALA I 5 2.52 7.38 -36.85
C ALA I 5 2.81 8.66 -36.07
N TYR I 6 2.12 9.73 -36.44
CA TYR I 6 2.48 11.03 -35.91
C TYR I 6 1.27 11.90 -35.69
N ILE I 7 1.12 12.38 -34.46
CA ILE I 7 0.15 13.44 -34.19
C ILE I 7 0.87 14.79 -34.16
N ILE I 8 0.39 15.70 -34.99
CA ILE I 8 0.89 17.05 -35.05
C ILE I 8 -0.15 17.91 -34.39
N VAL I 9 0.27 18.75 -33.45
CA VAL I 9 -0.66 19.67 -32.81
C VAL I 9 -0.16 21.09 -32.96
N GLY I 10 -1.08 22.00 -33.20
CA GLY I 10 -0.76 23.41 -33.34
C GLY I 10 -1.52 24.18 -32.28
N LEU I 11 -0.80 24.82 -31.37
CA LEU I 11 -1.49 25.45 -30.27
C LEU I 11 -1.19 26.93 -30.03
N THR I 12 -2.10 27.54 -29.28
CA THR I 12 -2.04 28.95 -28.91
C THR I 12 -2.54 29.05 -27.50
N PRO I 13 -1.65 29.33 -26.56
CA PRO I 13 -2.00 29.38 -25.14
C PRO I 13 -3.16 30.32 -24.86
N LYS I 14 -3.99 29.93 -23.89
CA LYS I 14 -5.00 30.83 -23.36
C LYS I 14 -4.73 31.04 -21.88
N ASP I 15 -5.35 30.19 -21.07
CA ASP I 15 -5.21 30.22 -19.63
C ASP I 15 -3.96 29.42 -19.21
N ALA I 16 -2.95 30.14 -18.73
CA ALA I 16 -1.68 29.52 -18.36
C ALA I 16 -1.83 28.54 -17.20
N GLU I 17 -2.77 28.80 -16.30
CA GLU I 17 -2.94 27.90 -15.16
C GLU I 17 -3.48 26.55 -15.65
N LYS I 18 -4.58 26.58 -16.37
CA LYS I 18 -5.12 25.37 -16.97
C LYS I 18 -4.09 24.65 -17.85
N LEU I 19 -3.37 25.43 -18.66
CA LEU I 19 -2.36 24.90 -19.56
C LEU I 19 -1.32 24.09 -18.79
N GLN I 20 -1.03 24.55 -17.58
CA GLN I 20 -0.08 23.87 -16.70
C GLN I 20 -0.66 22.56 -16.23
N GLN I 21 -1.91 22.58 -15.77
CA GLN I 21 -2.56 21.36 -15.29
C GLN I 21 -2.54 20.28 -16.35
N TYR I 22 -2.99 20.64 -17.55
CA TYR I 22 -3.01 19.72 -18.69
C TYR I 22 -1.64 19.12 -18.97
N GLY I 23 -0.67 19.98 -19.25
CA GLY I 23 0.68 19.54 -19.56
C GLY I 23 1.20 18.55 -18.54
N ALA I 24 0.85 18.80 -17.29
CA ALA I 24 1.36 18.02 -16.18
C ALA I 24 0.82 16.60 -16.16
N ARG I 25 -0.28 16.35 -16.87
CA ARG I 25 -0.90 15.02 -16.85
C ARG I 25 -0.72 14.23 -18.16
N VAL I 26 -0.45 14.89 -19.27
CA VAL I 26 -0.45 14.22 -20.58
C VAL I 26 0.57 13.08 -20.68
N ALA I 27 1.81 13.34 -20.30
CA ALA I 27 2.88 12.34 -20.43
C ALA I 27 2.40 10.96 -19.99
N SER I 28 1.68 10.92 -18.88
CA SER I 28 1.27 9.66 -18.29
C SER I 28 0.34 8.86 -19.20
N THR I 29 -0.54 9.56 -19.89
CA THR I 29 -1.55 8.93 -20.72
C THR I 29 -0.94 8.40 -22.01
N LEU I 30 0.29 8.83 -22.28
CA LEU I 30 1.03 8.46 -23.47
C LEU I 30 1.66 7.07 -23.33
N ALA I 31 1.91 6.67 -22.09
CA ALA I 31 2.64 5.46 -21.81
C ALA I 31 2.10 4.20 -22.49
N LYS I 32 0.85 3.85 -22.24
CA LYS I 32 0.41 2.52 -22.61
C LYS I 32 0.30 2.39 -24.11
N TYR I 33 0.46 3.51 -24.80
CA TYR I 33 0.34 3.57 -26.24
C TYR I 33 1.72 3.71 -26.89
N SER I 34 2.75 3.69 -26.06
CA SER I 34 4.13 3.81 -26.51
C SER I 34 4.28 5.01 -27.40
N GLY I 35 3.74 6.13 -26.95
CA GLY I 35 3.86 7.38 -27.67
C GLY I 35 4.80 8.32 -26.96
N GLU I 36 5.52 9.15 -27.71
CA GLU I 36 6.45 10.08 -27.12
C GLU I 36 6.43 11.41 -27.84
N VAL I 37 6.89 12.45 -27.15
CA VAL I 37 6.98 13.79 -27.70
C VAL I 37 8.29 13.90 -28.42
N LEU I 38 8.25 13.98 -29.75
CA LEU I 38 9.45 14.06 -30.54
C LEU I 38 10.03 15.47 -30.52
N VAL I 39 9.19 16.47 -30.78
CA VAL I 39 9.63 17.86 -30.81
C VAL I 39 8.54 18.78 -30.29
N LYS I 40 8.93 19.94 -29.79
CA LYS I 40 7.97 20.95 -29.37
C LYS I 40 8.63 22.31 -29.33
N GLY I 41 7.96 23.33 -29.84
CA GLY I 41 8.55 24.64 -29.86
C GLY I 41 7.70 25.76 -30.40
N SER I 42 8.14 26.98 -30.10
CA SER I 42 7.61 28.21 -30.68
C SER I 42 7.81 28.15 -32.17
N VAL I 43 7.03 28.91 -32.91
CA VAL I 43 7.02 28.81 -34.35
C VAL I 43 7.60 30.03 -35.04
N GLU I 44 8.47 29.80 -36.03
CA GLU I 44 8.88 30.88 -36.94
C GLU I 44 8.47 30.64 -38.38
N GLN I 45 7.60 31.51 -38.90
CA GLN I 45 7.12 31.33 -40.27
C GLN I 45 8.24 31.38 -41.31
N LEU I 46 8.12 30.55 -42.34
CA LEU I 46 9.03 30.52 -43.47
C LEU I 46 8.24 30.81 -44.73
N HIS I 47 7.02 30.27 -44.78
CA HIS I 47 6.13 30.52 -45.89
C HIS I 47 4.67 30.40 -45.46
N GLY I 48 3.81 31.19 -46.08
CA GLY I 48 2.40 31.12 -45.80
C GLY I 48 2.11 31.58 -44.38
N LYS I 49 0.84 31.58 -44.00
CA LYS I 49 0.45 32.01 -42.66
C LYS I 49 -0.01 30.84 -41.80
N PHE I 50 0.40 30.88 -40.53
CA PHE I 50 0.00 29.87 -39.58
C PHE I 50 -0.77 30.46 -38.42
N GLU I 51 -1.88 29.81 -38.10
CA GLU I 51 -2.86 30.35 -37.18
C GLU I 51 -2.43 30.26 -35.71
N HIS I 52 -1.33 29.55 -35.43
CA HIS I 52 -0.94 29.22 -34.05
C HIS I 52 0.45 29.69 -33.61
N LYS I 53 0.70 29.64 -32.31
CA LYS I 53 1.97 30.14 -31.75
C LYS I 53 3.03 29.06 -31.67
N ALA I 54 2.61 27.81 -31.55
CA ALA I 54 3.58 26.74 -31.34
C ALA I 54 3.08 25.39 -31.80
N GLN I 55 4.01 24.44 -31.89
CA GLN I 55 3.68 23.10 -32.35
C GLN I 55 4.41 22.01 -31.58
N VAL I 56 3.72 20.90 -31.41
CA VAL I 56 4.28 19.72 -30.78
C VAL I 56 4.06 18.54 -31.71
N ILE I 57 5.00 17.61 -31.72
CA ILE I 57 4.91 16.45 -32.60
C ILE I 57 5.02 15.17 -31.78
N LEU I 58 3.97 14.35 -31.84
CA LEU I 58 3.95 13.13 -31.06
C LEU I 58 4.20 11.96 -31.98
N GLU I 59 5.05 11.03 -31.55
CA GLU I 59 5.32 9.85 -32.35
C GLU I 59 4.84 8.57 -31.67
N PHE I 60 4.19 7.72 -32.46
CA PHE I 60 3.70 6.41 -32.00
C PHE I 60 4.17 5.35 -32.98
N PRO I 61 4.20 4.09 -32.54
CA PRO I 61 4.68 3.04 -33.44
C PRO I 61 3.67 2.63 -34.52
N SER I 62 2.41 3.08 -34.42
CA SER I 62 1.40 2.73 -35.42
C SER I 62 0.27 3.74 -35.47
N ARG I 63 -0.44 3.80 -36.58
CA ARG I 63 -1.58 4.71 -36.64
C ARG I 63 -2.57 4.38 -35.53
N GLU I 64 -2.83 3.10 -35.31
CA GLU I 64 -3.84 2.73 -34.34
C GLU I 64 -3.44 3.09 -32.92
N ASP I 65 -2.15 3.03 -32.60
CA ASP I 65 -1.70 3.43 -31.26
C ASP I 65 -1.89 4.92 -31.03
N ALA I 66 -1.63 5.73 -32.04
CA ALA I 66 -1.87 7.17 -31.93
C ALA I 66 -3.34 7.39 -31.65
N TYR I 67 -4.16 6.78 -32.48
CA TYR I 67 -5.58 7.04 -32.53
C TYR I 67 -6.26 6.56 -31.25
N ASN I 68 -5.80 5.43 -30.76
CA ASN I 68 -6.35 4.84 -29.56
C ASN I 68 -5.93 5.64 -28.33
N TRP I 69 -4.79 6.30 -28.44
CA TRP I 69 -4.33 7.20 -27.39
C TRP I 69 -5.31 8.34 -27.24
N TYR I 70 -5.57 9.05 -28.34
CA TYR I 70 -6.47 10.20 -28.32
C TYR I 70 -7.88 9.85 -27.85
N HIS I 71 -8.30 8.61 -28.09
CA HIS I 71 -9.65 8.19 -27.76
C HIS I 71 -9.68 7.47 -26.42
N SER I 72 -8.52 7.34 -25.79
CA SER I 72 -8.43 6.63 -24.53
C SER I 72 -9.15 7.46 -23.45
N GLU I 73 -9.54 6.82 -22.36
CA GLU I 73 -10.22 7.56 -21.28
C GLU I 73 -9.19 8.43 -20.60
N GLU I 74 -8.07 7.83 -20.27
CA GLU I 74 -7.00 8.56 -19.61
C GLU I 74 -6.86 9.94 -20.23
N TYR I 75 -6.76 10.00 -21.55
CA TYR I 75 -6.53 11.27 -22.24
C TYR I 75 -7.76 12.17 -22.37
N GLN I 76 -8.91 11.56 -22.52
CA GLN I 76 -10.13 12.32 -22.70
C GLN I 76 -10.53 13.02 -21.40
N ALA I 77 -10.02 12.54 -20.28
CA ALA I 77 -10.35 13.17 -19.00
C ALA I 77 -9.63 14.50 -18.90
N LEU I 78 -8.64 14.70 -19.77
CA LEU I 78 -7.84 15.92 -19.76
C LEU I 78 -8.37 16.98 -20.71
N ILE I 79 -9.29 16.59 -21.59
CA ILE I 79 -9.68 17.43 -22.71
C ILE I 79 -10.44 18.71 -22.31
N SER I 80 -11.28 18.64 -21.29
CA SER I 80 -11.99 19.84 -20.85
C SER I 80 -11.00 20.92 -20.44
N THR I 81 -9.95 20.53 -19.72
CA THR I 81 -9.02 21.51 -19.21
C THR I 81 -7.88 21.81 -20.19
N ARG I 82 -7.87 21.13 -21.33
CA ARG I 82 -6.89 21.43 -22.35
C ARG I 82 -7.41 22.58 -23.15
N ASP I 83 -8.71 22.53 -23.40
CA ASP I 83 -9.32 23.54 -24.24
C ASP I 83 -9.32 24.90 -23.53
N LEU I 84 -9.59 24.90 -22.22
CA LEU I 84 -9.45 26.12 -21.44
C LEU I 84 -8.02 26.60 -21.54
N GLY I 85 -7.08 25.68 -21.38
CA GLY I 85 -5.68 26.03 -21.39
C GLY I 85 -5.17 26.52 -22.73
N ASP I 87 -5.98 26.91 -27.37
CA ASP I 87 -6.62 26.64 -28.62
C ASP I 87 -5.59 25.90 -29.45
N SER I 88 -6.02 24.84 -30.12
CA SER I 88 -5.09 23.96 -30.78
C SER I 88 -5.73 23.21 -31.94
N GLN I 89 -4.89 22.63 -32.78
CA GLN I 89 -5.33 21.76 -33.85
C GLN I 89 -4.54 20.44 -33.74
N PHE I 90 -5.25 19.32 -33.76
CA PHE I 90 -4.62 18.00 -33.74
C PHE I 90 -4.82 17.30 -35.07
N GLN I 91 -3.73 17.00 -35.77
CA GLN I 91 -3.82 16.24 -37.01
C GLN I 91 -3.08 14.90 -36.92
N LEU I 92 -3.61 13.89 -37.58
CA LEU I 92 -3.04 12.54 -37.54
C LEU I 92 -2.64 12.03 -38.93
N ILE I 93 -1.37 11.69 -39.09
CA ILE I 93 -0.91 11.03 -40.30
C ILE I 93 -0.23 9.74 -39.92
N GLY I 94 -0.59 8.64 -40.58
CA GLY I 94 -0.14 7.34 -40.14
C GLY I 94 0.12 6.36 -41.27
N SER J 1 23.63 15.65 -26.33
CA SER J 1 22.66 15.36 -27.37
C SER J 1 22.48 16.56 -28.28
N ASN J 2 21.73 16.34 -29.36
CA ASN J 2 21.62 17.30 -30.44
C ASN J 2 20.30 18.05 -30.39
N ALA J 3 20.37 19.35 -30.65
CA ALA J 3 19.19 20.21 -30.62
C ALA J 3 18.46 20.18 -31.96
N THR J 4 17.95 18.99 -32.29
CA THR J 4 17.33 18.72 -33.58
C THR J 4 16.26 19.74 -33.93
N ALA J 5 16.21 20.16 -35.19
CA ALA J 5 15.20 21.14 -35.61
C ALA J 5 14.33 20.63 -36.74
N TYR J 6 13.16 21.23 -36.89
CA TYR J 6 12.11 20.69 -37.72
C TYR J 6 11.43 21.77 -38.54
N ILE J 7 11.02 21.42 -39.76
CA ILE J 7 10.12 22.28 -40.52
C ILE J 7 8.86 21.46 -40.75
N ILE J 8 7.71 21.99 -40.38
CA ILE J 8 6.49 21.24 -40.62
C ILE J 8 5.76 21.90 -41.75
N VAL J 9 5.08 21.08 -42.55
CA VAL J 9 4.39 21.60 -43.72
C VAL J 9 2.91 21.25 -43.78
N GLY J 10 2.11 22.26 -44.07
CA GLY J 10 0.71 22.07 -44.40
C GLY J 10 0.62 22.35 -45.88
N LEU J 11 -0.16 21.55 -46.60
CA LEU J 11 -0.27 21.76 -48.04
C LEU J 11 -1.58 21.30 -48.66
N THR J 12 -1.98 22.00 -49.70
CA THR J 12 -3.15 21.63 -50.46
C THR J 12 -2.76 21.53 -51.90
N PRO J 13 -2.80 20.31 -52.44
CA PRO J 13 -2.48 20.07 -53.84
C PRO J 13 -3.33 20.96 -54.74
N LYS J 14 -2.66 21.69 -55.63
CA LYS J 14 -3.34 22.52 -56.60
C LYS J 14 -3.17 21.98 -58.01
N ASP J 15 -1.92 21.70 -58.39
CA ASP J 15 -1.57 21.36 -59.76
C ASP J 15 -0.60 20.18 -59.82
N ALA J 16 -1.12 19.01 -60.19
CA ALA J 16 -0.35 17.76 -60.15
C ALA J 16 0.96 17.86 -60.91
N GLU J 17 0.91 18.50 -62.08
CA GLU J 17 2.05 18.59 -62.99
C GLU J 17 3.22 19.37 -62.38
N LYS J 18 2.94 20.54 -61.84
CA LYS J 18 3.95 21.35 -61.18
C LYS J 18 4.26 20.83 -59.78
N LEU J 19 3.27 20.22 -59.14
CA LEU J 19 3.52 19.57 -57.88
C LEU J 19 4.62 18.53 -58.04
N GLN J 20 4.46 17.64 -59.01
CA GLN J 20 5.41 16.55 -59.17
C GLN J 20 6.78 17.11 -59.60
N GLN J 21 6.76 18.12 -60.46
CA GLN J 21 8.01 18.77 -60.85
C GLN J 21 8.73 19.16 -59.57
N TYR J 22 8.03 19.89 -58.73
CA TYR J 22 8.57 20.31 -57.43
C TYR J 22 9.12 19.14 -56.60
N GLY J 23 8.29 18.13 -56.37
CA GLY J 23 8.68 16.99 -55.53
C GLY J 23 9.88 16.23 -56.06
N ALA J 24 10.05 16.19 -57.38
CA ALA J 24 11.08 15.40 -58.02
C ALA J 24 12.49 15.99 -57.96
N ARG J 25 12.66 17.15 -57.32
CA ARG J 25 13.99 17.72 -57.20
C ARG J 25 14.27 18.36 -55.84
N VAL J 26 13.30 18.30 -54.93
CA VAL J 26 13.49 18.84 -53.58
C VAL J 26 14.62 18.12 -52.84
N ALA J 27 14.68 16.81 -53.01
CA ALA J 27 15.62 15.95 -52.28
C ALA J 27 17.09 16.36 -52.41
N SER J 28 17.53 16.70 -53.61
CA SER J 28 18.93 17.08 -53.80
C SER J 28 19.23 18.34 -52.98
N THR J 29 18.22 19.18 -52.81
CA THR J 29 18.42 20.45 -52.13
C THR J 29 18.61 20.21 -50.64
N LEU J 30 18.11 19.06 -50.17
CA LEU J 30 18.19 18.72 -48.76
C LEU J 30 19.56 18.17 -48.41
N ALA J 31 20.19 17.52 -49.39
CA ALA J 31 21.50 16.93 -49.18
C ALA J 31 22.45 17.91 -48.50
N LYS J 32 22.59 19.08 -49.12
CA LYS J 32 23.56 20.09 -48.71
C LYS J 32 23.51 20.38 -47.22
N TYR J 33 22.31 20.36 -46.65
CA TYR J 33 22.08 20.78 -45.27
C TYR J 33 21.62 19.61 -44.39
N SER J 34 21.88 18.39 -44.85
CA SER J 34 21.60 17.18 -44.09
C SER J 34 20.14 17.06 -43.69
N GLY J 35 19.24 17.65 -44.49
CA GLY J 35 17.82 17.53 -44.20
C GLY J 35 17.33 16.10 -44.43
N GLU J 36 16.13 15.81 -43.94
CA GLU J 36 15.52 14.50 -44.16
C GLU J 36 14.05 14.54 -43.84
N VAL J 37 13.26 13.89 -44.68
CA VAL J 37 11.82 13.80 -44.46
C VAL J 37 11.54 12.65 -43.53
N LEU J 38 10.85 12.90 -42.43
CA LEU J 38 10.54 11.78 -41.55
C LEU J 38 9.08 11.36 -41.64
N VAL J 39 8.22 12.25 -42.08
CA VAL J 39 6.84 11.88 -42.36
C VAL J 39 6.20 12.76 -43.40
N LYS J 40 5.40 12.12 -44.26
CA LYS J 40 4.41 12.82 -45.06
C LYS J 40 3.12 12.03 -45.02
N GLY J 41 2.01 12.71 -45.29
CA GLY J 41 0.76 11.98 -45.39
C GLY J 41 -0.49 12.81 -45.31
N SER J 42 -1.60 12.20 -45.68
CA SER J 42 -2.90 12.82 -45.56
C SER J 42 -3.23 13.01 -44.09
N VAL J 43 -3.94 14.09 -43.81
CA VAL J 43 -4.34 14.41 -42.45
C VAL J 43 -5.69 13.77 -42.13
N GLU J 44 -5.82 13.24 -40.91
CA GLU J 44 -7.14 12.99 -40.33
C GLU J 44 -7.32 13.89 -39.11
N GLN J 45 -8.34 14.72 -39.16
CA GLN J 45 -8.54 15.71 -38.12
C GLN J 45 -9.00 15.04 -36.82
N LEU J 46 -8.18 15.15 -35.77
CA LEU J 46 -8.53 14.64 -34.45
C LEU J 46 -9.21 15.71 -33.61
N HIS J 47 -8.74 16.94 -33.73
CA HIS J 47 -9.33 18.08 -33.03
C HIS J 47 -9.16 19.43 -33.75
N GLY J 48 -10.21 20.23 -33.73
CA GLY J 48 -10.15 21.60 -34.23
C GLY J 48 -10.10 21.71 -35.74
N LYS J 49 -9.66 22.85 -36.23
CA LYS J 49 -9.60 23.10 -37.65
C LYS J 49 -8.17 23.18 -38.18
N PHE J 50 -8.06 22.85 -39.47
CA PHE J 50 -6.81 22.76 -40.19
C PHE J 50 -7.31 22.57 -41.60
N GLU J 51 -6.95 23.48 -42.49
CA GLU J 51 -7.59 23.51 -43.79
C GLU J 51 -6.66 23.18 -44.94
N HIS J 52 -5.59 22.45 -44.66
CA HIS J 52 -4.81 21.82 -45.73
C HIS J 52 -5.11 20.33 -45.76
N LYS J 53 -4.80 19.68 -46.87
CA LYS J 53 -5.17 18.28 -47.05
C LYS J 53 -4.13 17.32 -46.50
N ALA J 54 -2.88 17.79 -46.36
CA ALA J 54 -1.79 16.91 -45.94
C ALA J 54 -0.64 17.64 -45.25
N GLN J 55 0.28 16.87 -44.68
CA GLN J 55 1.37 17.42 -43.91
C GLN J 55 2.68 16.72 -44.24
N VAL J 56 3.79 17.40 -43.95
CA VAL J 56 5.11 16.85 -44.14
C VAL J 56 5.96 17.37 -43.03
N ILE J 57 6.95 16.58 -42.59
CA ILE J 57 7.86 17.03 -41.56
C ILE J 57 9.32 16.80 -41.92
N LEU J 58 10.08 17.89 -41.99
CA LEU J 58 11.51 17.85 -42.33
C LEU J 58 12.36 17.93 -41.08
N GLU J 59 13.53 17.30 -41.13
CA GLU J 59 14.38 17.20 -39.96
C GLU J 59 15.80 17.58 -40.26
N PHE J 60 16.32 18.54 -39.52
CA PHE J 60 17.70 18.98 -39.71
C PHE J 60 18.53 18.81 -38.44
N PRO J 61 19.85 18.81 -38.59
CA PRO J 61 20.77 18.69 -37.46
C PRO J 61 20.61 19.85 -36.48
N SER J 62 20.11 20.99 -36.96
CA SER J 62 20.10 22.21 -36.17
C SER J 62 19.21 23.27 -36.81
N ARG J 63 18.65 24.15 -36.00
CA ARG J 63 17.82 25.23 -36.52
C ARG J 63 18.53 25.95 -37.66
N GLU J 64 19.85 26.07 -37.53
CA GLU J 64 20.71 26.67 -38.54
C GLU J 64 20.58 26.02 -39.90
N ASP J 65 20.68 24.70 -39.93
CA ASP J 65 20.65 24.01 -41.21
C ASP J 65 19.27 24.09 -41.86
N ALA J 66 18.24 24.01 -41.04
CA ALA J 66 16.87 24.14 -41.53
C ALA J 66 16.66 25.48 -42.19
N TYR J 67 17.05 26.55 -41.49
CA TYR J 67 16.85 27.90 -41.98
C TYR J 67 17.70 28.16 -43.21
N ASN J 68 18.95 27.73 -43.15
CA ASN J 68 19.84 27.95 -44.26
C ASN J 68 19.41 27.11 -45.46
N TRP J 69 18.82 25.96 -45.18
CA TRP J 69 18.26 25.14 -46.24
C TRP J 69 17.12 25.88 -46.95
N TYR J 70 16.15 26.37 -46.18
CA TYR J 70 15.03 27.07 -46.78
C TYR J 70 15.50 28.22 -47.66
N HIS J 71 16.52 28.94 -47.20
CA HIS J 71 16.98 30.13 -47.91
C HIS J 71 18.07 29.87 -48.92
N SER J 72 18.34 28.59 -49.18
CA SER J 72 19.37 28.23 -50.14
C SER J 72 18.97 28.76 -51.51
N GLU J 73 19.94 28.83 -52.42
CA GLU J 73 19.64 29.19 -53.80
C GLU J 73 18.92 28.04 -54.46
N GLU J 74 19.42 26.82 -54.19
CA GLU J 74 18.86 25.61 -54.78
C GLU J 74 17.37 25.42 -54.46
N TYR J 75 16.98 25.58 -53.21
CA TYR J 75 15.58 25.42 -52.87
C TYR J 75 14.74 26.61 -53.34
N GLN J 76 15.34 27.80 -53.36
CA GLN J 76 14.61 29.02 -53.71
C GLN J 76 14.13 29.03 -55.16
N ALA J 77 14.90 28.42 -56.04
CA ALA J 77 14.49 28.30 -57.43
C ALA J 77 13.32 27.32 -57.56
N LEU J 78 12.86 26.76 -56.44
CA LEU J 78 11.78 25.79 -56.52
C LEU J 78 10.45 26.41 -56.10
N ILE J 79 10.51 27.48 -55.33
CA ILE J 79 9.32 28.09 -54.76
C ILE J 79 8.31 28.42 -55.84
N SER J 80 8.79 28.94 -56.95
CA SER J 80 7.92 29.32 -58.07
C SER J 80 6.96 28.19 -58.46
N THR J 81 7.53 27.06 -58.86
CA THR J 81 6.70 25.96 -59.30
C THR J 81 5.96 25.41 -58.07
N ARG J 82 6.68 25.33 -56.95
CA ARG J 82 6.10 24.80 -55.71
C ARG J 82 4.76 25.41 -55.41
N ASP J 83 4.68 26.74 -55.50
CA ASP J 83 3.44 27.42 -55.17
C ASP J 83 2.37 27.30 -56.27
N LEU J 84 2.76 27.11 -57.52
CA LEU J 84 1.77 26.73 -58.53
C LEU J 84 1.16 25.39 -58.16
N GLY J 85 2.00 24.45 -57.76
CA GLY J 85 1.57 23.11 -57.41
C GLY J 85 0.79 22.95 -56.11
N ASP J 87 -0.69 25.32 -52.32
CA ASP J 87 -0.76 26.36 -51.30
C ASP J 87 -0.34 25.72 -49.98
N SER J 88 0.67 26.31 -49.32
CA SER J 88 1.24 25.64 -48.15
C SER J 88 1.63 26.59 -47.03
N GLN J 89 1.93 26.00 -45.88
CA GLN J 89 2.45 26.73 -44.74
C GLN J 89 3.71 26.06 -44.23
N PHE J 90 4.80 26.80 -44.09
CA PHE J 90 6.01 26.27 -43.46
C PHE J 90 6.27 26.93 -42.08
N GLN J 91 6.24 26.14 -41.02
CA GLN J 91 6.65 26.61 -39.69
C GLN J 91 7.99 26.02 -39.27
N LEU J 92 8.92 26.88 -38.86
CA LEU J 92 10.24 26.44 -38.41
C LEU J 92 10.23 26.29 -36.89
N ILE J 93 10.41 25.07 -36.43
CA ILE J 93 10.42 24.80 -35.01
C ILE J 93 11.82 24.41 -34.58
N GLY J 94 12.26 24.93 -33.44
CA GLY J 94 13.61 24.70 -33.00
C GLY J 94 14.17 25.95 -32.39
N SER K 1 22.09 5.07 -65.01
CA SER K 1 21.09 4.70 -64.03
C SER K 1 21.43 3.33 -63.49
N ASN K 2 21.19 3.15 -62.19
CA ASN K 2 21.42 1.88 -61.56
C ASN K 2 20.11 1.17 -61.35
N ALA K 3 20.21 -0.09 -60.96
CA ALA K 3 19.04 -0.91 -60.79
C ALA K 3 18.62 -0.86 -59.35
N THR K 4 17.99 0.24 -58.97
CA THR K 4 17.41 0.38 -57.64
C THR K 4 16.61 -0.87 -57.29
N ALA K 5 16.74 -1.34 -56.05
CA ALA K 5 15.95 -2.46 -55.59
C ALA K 5 15.12 -2.04 -54.39
N TYR K 6 14.09 -2.82 -54.09
CA TYR K 6 13.12 -2.43 -53.10
C TYR K 6 12.73 -3.61 -52.22
N ILE K 7 12.58 -3.34 -50.92
CA ILE K 7 11.92 -4.28 -50.02
C ILE K 7 10.57 -3.73 -49.57
N ILE K 8 9.52 -4.52 -49.77
CA ILE K 8 8.16 -4.10 -49.50
C ILE K 8 7.65 -4.77 -48.23
N VAL K 9 7.29 -3.98 -47.23
CA VAL K 9 6.78 -4.54 -45.98
C VAL K 9 5.26 -4.45 -45.94
N GLY K 10 4.61 -5.51 -45.50
CA GLY K 10 3.18 -5.52 -45.24
C GLY K 10 3.00 -5.90 -43.77
N LEU K 11 2.52 -4.96 -42.94
CA LEU K 11 2.49 -5.22 -41.49
C LEU K 11 1.19 -4.93 -40.74
N THR K 12 1.11 -5.54 -39.57
CA THR K 12 -0.06 -5.51 -38.71
C THR K 12 0.49 -5.51 -37.30
N PRO K 13 0.29 -4.40 -36.55
CA PRO K 13 0.74 -4.25 -35.16
C PRO K 13 0.20 -5.30 -34.22
N LYS K 14 1.04 -5.71 -33.30
CA LYS K 14 0.62 -6.55 -32.20
C LYS K 14 0.96 -5.80 -30.91
N ASP K 15 2.13 -6.04 -30.35
CA ASP K 15 2.53 -5.38 -29.10
C ASP K 15 3.29 -4.07 -29.33
N ALA K 16 2.69 -2.96 -28.95
CA ALA K 16 3.21 -1.64 -29.28
C ALA K 16 4.63 -1.36 -28.78
N GLU K 17 4.98 -1.80 -27.58
CA GLU K 17 6.31 -1.48 -27.06
C GLU K 17 7.40 -2.23 -27.83
N LYS K 18 7.16 -3.50 -28.06
CA LYS K 18 8.07 -4.27 -28.90
C LYS K 18 8.15 -3.66 -30.29
N LEU K 19 7.04 -3.14 -30.80
CA LEU K 19 7.06 -2.62 -32.16
C LEU K 19 7.87 -1.35 -32.15
N GLN K 20 7.75 -0.64 -31.02
CA GLN K 20 8.45 0.64 -30.83
C GLN K 20 9.93 0.43 -30.59
N GLN K 21 10.25 -0.57 -29.77
CA GLN K 21 11.64 -0.94 -29.58
C GLN K 21 12.24 -1.36 -30.91
N TYR K 22 11.51 -2.21 -31.64
CA TYR K 22 11.95 -2.67 -32.95
C TYR K 22 12.15 -1.53 -33.92
N GLY K 23 11.17 -0.63 -33.96
CA GLY K 23 11.28 0.53 -34.82
C GLY K 23 12.42 1.44 -34.43
N ALA K 24 12.71 1.52 -33.14
CA ALA K 24 13.71 2.47 -32.67
C ALA K 24 15.07 2.08 -33.19
N ARG K 25 15.23 0.83 -33.56
CA ARG K 25 16.55 0.30 -33.87
C ARG K 25 16.83 0.13 -35.35
N VAL K 26 15.79 0.13 -36.16
CA VAL K 26 15.92 -0.19 -37.57
C VAL K 26 16.82 0.72 -38.41
N ALA K 27 16.65 2.03 -38.31
CA ALA K 27 17.43 2.97 -39.11
C ALA K 27 18.90 2.60 -39.17
N SER K 28 19.50 2.35 -38.02
CA SER K 28 20.92 2.05 -37.95
C SER K 28 21.34 0.85 -38.81
N THR K 29 20.51 -0.19 -38.88
CA THR K 29 20.89 -1.36 -39.65
C THR K 29 20.87 -1.07 -41.15
N LEU K 30 20.13 -0.04 -41.56
CA LEU K 30 20.06 0.32 -42.98
C LEU K 30 21.21 1.19 -43.45
N ALA K 31 21.87 1.86 -42.52
CA ALA K 31 22.90 2.83 -42.89
C ALA K 31 24.04 2.26 -43.73
N LYS K 32 24.54 1.08 -43.39
CA LYS K 32 25.69 0.54 -44.14
C LYS K 32 25.27 0.04 -45.50
N TYR K 33 24.10 -0.60 -45.54
CA TYR K 33 23.59 -1.12 -46.80
C TYR K 33 22.89 -0.01 -47.61
N SER K 34 23.17 1.23 -47.23
CA SER K 34 22.59 2.37 -47.92
C SER K 34 21.10 2.23 -48.14
N GLY K 35 20.41 1.62 -47.19
CA GLY K 35 18.97 1.44 -47.24
C GLY K 35 18.24 2.73 -46.91
N GLU K 36 16.95 2.79 -47.24
CA GLU K 36 16.18 4.01 -47.03
C GLU K 36 14.67 3.82 -47.16
N VAL K 37 13.92 4.47 -46.28
CA VAL K 37 12.47 4.43 -46.35
C VAL K 37 11.92 5.47 -47.33
N LEU K 38 11.08 5.03 -48.26
CA LEU K 38 10.40 5.93 -49.20
C LEU K 38 9.06 6.35 -48.64
N VAL K 39 8.33 5.38 -48.14
CA VAL K 39 6.97 5.62 -47.70
C VAL K 39 6.65 4.69 -46.55
N LYS K 40 5.94 5.22 -45.57
CA LYS K 40 5.33 4.45 -44.50
C LYS K 40 3.89 4.84 -44.61
N GLY K 41 2.96 3.97 -44.21
CA GLY K 41 1.57 4.42 -44.19
C GLY K 41 0.51 3.37 -44.05
N SER K 42 -0.61 3.78 -43.46
CA SER K 42 -1.74 2.90 -43.37
C SER K 42 -2.26 2.62 -44.78
N VAL K 43 -3.18 1.68 -44.88
CA VAL K 43 -3.64 1.21 -46.18
C VAL K 43 -5.11 1.53 -46.38
N GLU K 44 -5.44 2.10 -47.54
CA GLU K 44 -6.83 2.11 -48.02
C GLU K 44 -6.90 1.17 -49.22
N GLN K 45 -7.81 0.21 -49.16
CA GLN K 45 -7.90 -0.84 -50.18
C GLN K 45 -8.65 -0.39 -51.43
N LEU K 46 -7.95 -0.32 -52.57
CA LEU K 46 -8.58 0.07 -53.82
C LEU K 46 -9.20 -1.12 -54.54
N HIS K 47 -8.48 -2.23 -54.56
CA HIS K 47 -9.00 -3.44 -55.16
C HIS K 47 -8.65 -4.67 -54.35
N GLY K 48 -9.51 -5.70 -54.41
CA GLY K 48 -9.22 -6.99 -53.80
C GLY K 48 -8.94 -6.95 -52.31
N LYS K 49 -8.27 -7.98 -51.80
CA LYS K 49 -7.95 -8.04 -50.37
C LYS K 49 -6.45 -8.12 -50.10
N PHE K 50 -6.10 -7.64 -48.91
CA PHE K 50 -4.75 -7.55 -48.42
C PHE K 50 -4.91 -7.74 -46.92
N GLU K 51 -4.15 -8.66 -46.34
CA GLU K 51 -4.42 -9.11 -44.98
C GLU K 51 -3.91 -8.15 -43.90
N HIS K 52 -2.95 -7.30 -44.25
CA HIS K 52 -2.33 -6.38 -43.30
C HIS K 52 -3.00 -5.02 -43.34
N LYS K 53 -2.57 -4.12 -42.45
CA LYS K 53 -3.20 -2.81 -42.40
C LYS K 53 -2.27 -1.63 -42.73
N ALA K 54 -0.98 -1.90 -42.83
CA ALA K 54 -0.04 -0.86 -43.25
C ALA K 54 1.08 -1.37 -44.17
N GLN K 55 1.81 -0.43 -44.78
CA GLN K 55 2.91 -0.80 -45.65
C GLN K 55 4.11 0.10 -45.43
N VAL K 56 5.29 -0.48 -45.62
CA VAL K 56 6.51 0.29 -45.64
C VAL K 56 7.29 -0.09 -46.91
N ILE K 57 7.98 0.88 -47.51
CA ILE K 57 8.79 0.59 -48.68
C ILE K 57 10.23 1.00 -48.44
N LEU K 58 11.13 0.02 -48.44
CA LEU K 58 12.54 0.29 -48.36
C LEU K 58 13.16 0.31 -49.75
N GLU K 59 14.11 1.21 -49.93
CA GLU K 59 14.82 1.37 -51.18
C GLU K 59 16.29 1.19 -50.89
N PHE K 60 16.96 0.50 -51.81
CA PHE K 60 18.39 0.24 -51.76
C PHE K 60 18.97 0.47 -53.17
N PRO K 61 20.27 0.82 -53.23
CA PRO K 61 20.91 1.10 -54.51
C PRO K 61 21.10 -0.14 -55.40
N SER K 62 20.98 -1.35 -54.85
CA SER K 62 21.18 -2.58 -55.61
C SER K 62 20.53 -3.78 -54.92
N ARG K 63 20.10 -4.77 -55.69
CA ARG K 63 19.41 -5.90 -55.09
C ARG K 63 20.29 -6.64 -54.07
N GLU K 64 21.59 -6.61 -54.27
CA GLU K 64 22.50 -7.26 -53.33
C GLU K 64 22.48 -6.56 -51.97
N ASP K 65 22.50 -5.22 -51.98
CA ASP K 65 22.50 -4.46 -50.74
C ASP K 65 21.24 -4.69 -49.92
N ALA K 66 20.11 -4.68 -50.60
CA ALA K 66 18.83 -5.01 -50.00
C ALA K 66 18.87 -6.40 -49.36
N TYR K 67 19.24 -7.41 -50.14
CA TYR K 67 19.23 -8.78 -49.65
C TYR K 67 20.15 -8.92 -48.43
N ASN K 68 21.34 -8.35 -48.56
CA ASN K 68 22.35 -8.43 -47.52
C ASN K 68 21.91 -7.78 -46.22
N TRP K 69 21.39 -6.57 -46.34
CA TRP K 69 20.84 -5.90 -45.18
C TRP K 69 19.94 -6.85 -44.40
N TYR K 70 18.93 -7.40 -45.08
CA TYR K 70 17.94 -8.20 -44.38
C TYR K 70 18.54 -9.44 -43.73
N HIS K 71 19.63 -9.95 -44.30
CA HIS K 71 20.31 -11.09 -43.71
C HIS K 71 21.50 -10.66 -42.88
N SER K 72 21.71 -9.35 -42.77
CA SER K 72 22.83 -8.82 -41.99
C SER K 72 22.70 -9.15 -40.52
N GLU K 73 23.83 -9.26 -39.84
CA GLU K 73 23.87 -9.64 -38.44
C GLU K 73 23.02 -8.72 -37.57
N GLU K 74 23.21 -7.42 -37.77
CA GLU K 74 22.57 -6.42 -36.91
C GLU K 74 21.05 -6.45 -37.06
N TYR K 75 20.58 -6.69 -38.28
CA TYR K 75 19.13 -6.74 -38.52
C TYR K 75 18.52 -8.07 -38.09
N GLN K 76 19.26 -9.16 -38.29
CA GLN K 76 18.75 -10.45 -37.90
C GLN K 76 18.37 -10.38 -36.41
N ALA K 77 19.12 -9.58 -35.67
CA ALA K 77 19.00 -9.55 -34.22
C ALA K 77 17.86 -8.64 -33.75
N LEU K 78 17.02 -8.23 -34.69
CA LEU K 78 15.84 -7.45 -34.36
C LEU K 78 14.57 -8.22 -34.63
N ILE K 79 14.72 -9.32 -35.33
CA ILE K 79 13.57 -10.07 -35.80
C ILE K 79 12.78 -10.60 -34.62
N SER K 80 13.50 -11.14 -33.65
CA SER K 80 12.90 -11.63 -32.41
C SER K 80 11.83 -10.67 -31.93
N THR K 81 12.19 -9.41 -31.80
CA THR K 81 11.28 -8.41 -31.29
C THR K 81 10.29 -7.84 -32.34
N ARG K 82 10.71 -7.66 -33.59
CA ARG K 82 9.73 -7.20 -34.58
C ARG K 82 8.60 -8.20 -34.72
N ASP K 83 8.90 -9.48 -34.50
CA ASP K 83 7.87 -10.51 -34.62
C ASP K 83 6.87 -10.42 -33.47
N LEU K 84 7.36 -10.11 -32.28
CA LEU K 84 6.47 -9.80 -31.17
C LEU K 84 5.68 -8.53 -31.46
N GLY K 85 6.31 -7.57 -32.13
CA GLY K 85 5.71 -6.27 -32.39
C GLY K 85 4.73 -6.19 -33.57
N ASP K 87 2.83 -8.78 -37.04
CA ASP K 87 2.78 -9.82 -38.06
C ASP K 87 3.16 -9.10 -39.32
N SER K 88 4.11 -9.64 -40.09
CA SER K 88 4.54 -8.94 -41.30
C SER K 88 4.84 -9.85 -42.47
N GLN K 89 5.10 -9.21 -43.61
CA GLN K 89 5.52 -9.89 -44.83
C GLN K 89 6.51 -8.99 -45.52
N PHE K 90 7.70 -9.52 -45.80
CA PHE K 90 8.73 -8.81 -46.56
C PHE K 90 8.93 -9.42 -47.95
N GLN K 91 8.89 -8.59 -48.97
CA GLN K 91 9.03 -9.04 -50.35
C GLN K 91 10.20 -8.35 -51.01
N LEU K 92 11.13 -9.11 -51.57
CA LEU K 92 12.25 -8.49 -52.29
C LEU K 92 11.97 -8.39 -53.80
N ILE K 93 12.09 -7.17 -54.30
CA ILE K 93 11.89 -6.86 -55.69
C ILE K 93 13.02 -6.00 -56.20
N GLY K 94 13.57 -6.40 -57.34
CA GLY K 94 14.67 -5.67 -57.95
C GLY K 94 15.35 -6.57 -58.95
N SER L 1 8.35 20.54 -49.31
CA SER L 1 8.29 19.17 -49.81
C SER L 1 6.82 18.74 -49.88
N ASN L 2 6.48 17.93 -50.86
CA ASN L 2 5.08 17.51 -51.05
C ASN L 2 4.82 16.09 -50.57
N ALA L 3 3.57 15.76 -50.32
CA ALA L 3 3.24 14.47 -49.71
C ALA L 3 2.95 13.40 -50.74
N THR L 4 4.02 12.81 -51.26
CA THR L 4 3.91 11.78 -52.29
C THR L 4 3.06 10.63 -51.76
N ALA L 5 2.04 10.25 -52.54
CA ALA L 5 1.23 9.07 -52.25
C ALA L 5 1.53 7.96 -53.26
N TYR L 6 1.29 6.72 -52.85
CA TYR L 6 1.70 5.55 -53.61
C TYR L 6 0.59 4.50 -53.64
N ILE L 7 0.42 3.82 -54.77
CA ILE L 7 -0.49 2.68 -54.85
C ILE L 7 0.31 1.40 -55.04
N ILE L 8 0.24 0.48 -54.08
CA ILE L 8 0.99 -0.76 -54.20
C ILE L 8 0.13 -1.90 -54.83
N VAL L 9 0.64 -2.52 -55.90
CA VAL L 9 -0.07 -3.62 -56.56
C VAL L 9 0.54 -4.99 -56.21
N GLY L 10 -0.32 -5.94 -55.86
CA GLY L 10 0.04 -7.34 -55.81
C GLY L 10 -0.69 -8.05 -56.94
N LEU L 11 0.05 -8.81 -57.75
CA LEU L 11 -0.56 -9.42 -58.93
C LEU L 11 -0.12 -10.85 -59.19
N THR L 12 -1.02 -11.61 -59.80
CA THR L 12 -0.69 -12.94 -60.28
C THR L 12 -1.23 -13.09 -61.71
N PRO L 13 -0.33 -13.22 -62.69
CA PRO L 13 -0.72 -13.32 -64.11
C PRO L 13 -1.71 -14.46 -64.37
N LYS L 14 -2.71 -14.22 -65.22
CA LYS L 14 -3.65 -15.26 -65.63
C LYS L 14 -3.62 -15.45 -67.15
N ASP L 15 -4.46 -14.67 -67.85
CA ASP L 15 -4.53 -14.71 -69.30
C ASP L 15 -3.56 -13.68 -69.86
N ALA L 16 -2.41 -14.16 -70.34
CA ALA L 16 -1.35 -13.32 -70.86
C ALA L 16 -1.80 -12.38 -71.98
N GLU L 17 -2.82 -12.77 -72.74
CA GLU L 17 -3.33 -11.90 -73.79
C GLU L 17 -4.02 -10.72 -73.15
N LYS L 18 -4.99 -11.02 -72.30
CA LYS L 18 -5.72 -10.00 -71.58
C LYS L 18 -4.79 -9.14 -70.73
N LEU L 19 -3.73 -9.73 -70.20
CA LEU L 19 -2.82 -8.97 -69.35
C LEU L 19 -2.06 -7.97 -70.20
N GLN L 20 -1.74 -8.39 -71.42
CA GLN L 20 -0.91 -7.61 -72.32
C GLN L 20 -1.70 -6.45 -72.89
N GLN L 21 -3.00 -6.66 -73.04
CA GLN L 21 -3.90 -5.63 -73.53
C GLN L 21 -4.12 -4.61 -72.42
N TYR L 22 -4.20 -5.07 -71.19
CA TYR L 22 -4.31 -4.17 -70.07
C TYR L 22 -3.05 -3.34 -69.98
N GLY L 23 -1.91 -3.99 -70.17
CA GLY L 23 -0.63 -3.33 -70.04
C GLY L 23 -0.56 -2.09 -70.92
N ALA L 24 -0.59 -2.32 -72.23
CA ALA L 24 -0.37 -1.27 -73.22
C ALA L 24 -1.25 -0.07 -73.01
N ARG L 25 -2.40 -0.26 -72.35
CA ARG L 25 -3.39 0.79 -72.23
C ARG L 25 -3.18 1.63 -70.99
N VAL L 26 -2.49 1.05 -70.02
CA VAL L 26 -2.36 1.70 -68.72
C VAL L 26 -1.63 3.04 -68.73
N ALA L 27 -0.42 3.09 -69.31
CA ALA L 27 0.44 4.25 -69.10
C ALA L 27 -0.27 5.55 -69.41
N SER L 28 -1.11 5.52 -70.43
CA SER L 28 -1.87 6.70 -70.84
C SER L 28 -2.71 7.29 -69.70
N THR L 29 -3.46 6.44 -69.00
CA THR L 29 -4.37 6.89 -67.95
C THR L 29 -3.66 7.54 -66.75
N LEU L 30 -2.35 7.30 -66.64
CA LEU L 30 -1.53 7.83 -65.54
C LEU L 30 -1.11 9.28 -65.77
N ALA L 31 -1.04 9.66 -67.03
CA ALA L 31 -0.52 10.97 -67.46
C ALA L 31 -1.18 12.19 -66.80
N LYS L 32 -2.51 12.19 -66.78
CA LYS L 32 -3.27 13.35 -66.31
C LYS L 32 -3.32 13.43 -64.79
N TYR L 33 -2.84 12.37 -64.14
CA TYR L 33 -2.76 12.35 -62.68
C TYR L 33 -1.31 12.34 -62.23
N SER L 34 -0.42 12.50 -63.21
CA SER L 34 1.01 12.62 -62.96
C SER L 34 1.61 11.45 -62.19
N GLY L 35 0.95 10.30 -62.29
CA GLY L 35 1.43 9.11 -61.64
C GLY L 35 2.52 8.45 -62.44
N GLU L 36 3.12 7.39 -61.90
CA GLU L 36 4.27 6.79 -62.55
C GLU L 36 4.76 5.49 -61.86
N VAL L 37 5.31 4.59 -62.64
CA VAL L 37 5.81 3.33 -62.12
C VAL L 37 7.25 3.50 -61.70
N LEU L 38 7.56 3.47 -60.41
CA LEU L 38 8.97 3.44 -60.03
C LEU L 38 9.57 2.03 -59.92
N VAL L 39 8.73 1.00 -59.94
CA VAL L 39 9.23 -0.38 -59.86
C VAL L 39 8.22 -1.44 -60.24
N LYS L 40 8.55 -2.23 -61.27
CA LYS L 40 7.86 -3.48 -61.61
C LYS L 40 8.84 -4.56 -61.21
N GLY L 41 8.36 -5.75 -60.89
CA GLY L 41 9.28 -6.79 -60.55
C GLY L 41 8.63 -7.94 -59.85
N SER L 42 9.12 -9.14 -60.15
CA SER L 42 8.69 -10.34 -59.47
C SER L 42 9.32 -10.37 -58.09
N VAL L 43 8.78 -11.24 -57.24
CA VAL L 43 9.09 -11.19 -55.81
C VAL L 43 9.82 -12.41 -55.25
N GLU L 44 10.91 -12.16 -54.51
CA GLU L 44 11.52 -13.18 -53.65
C GLU L 44 11.07 -12.98 -52.18
N GLN L 45 10.54 -14.02 -51.55
CA GLN L 45 10.06 -13.86 -50.17
C GLN L 45 11.21 -13.74 -49.20
N LEU L 46 11.15 -12.73 -48.33
CA LEU L 46 12.12 -12.62 -47.25
C LEU L 46 11.51 -13.05 -45.91
N HIS L 47 10.22 -12.80 -45.74
CA HIS L 47 9.55 -13.16 -44.50
C HIS L 47 8.03 -13.35 -44.65
N GLY L 48 7.49 -14.30 -43.92
CA GLY L 48 6.06 -14.54 -43.99
C GLY L 48 5.57 -14.97 -45.35
N LYS L 49 4.27 -14.83 -45.55
CA LYS L 49 3.66 -15.33 -46.75
C LYS L 49 3.15 -14.20 -47.62
N PHE L 50 3.22 -14.40 -48.92
CA PHE L 50 2.69 -13.44 -49.85
C PHE L 50 2.01 -14.18 -50.97
N GLU L 51 0.75 -13.86 -51.20
CA GLU L 51 -0.11 -14.64 -52.09
C GLU L 51 0.12 -14.37 -53.57
N HIS L 52 0.91 -13.36 -53.91
CA HIS L 52 1.08 -13.01 -55.32
C HIS L 52 2.47 -13.30 -55.85
N LYS L 53 2.67 -13.10 -57.16
CA LYS L 53 3.96 -13.34 -57.78
C LYS L 53 4.82 -12.10 -58.08
N ALA L 54 4.19 -10.93 -58.14
CA ALA L 54 4.93 -9.70 -58.41
C ALA L 54 4.27 -8.46 -57.79
N GLN L 55 5.05 -7.40 -57.59
CA GLN L 55 4.49 -6.14 -57.12
C GLN L 55 4.82 -5.04 -58.10
N VAL L 56 3.92 -4.07 -58.22
CA VAL L 56 4.22 -2.84 -58.92
C VAL L 56 3.96 -1.69 -57.95
N ILE L 57 4.83 -0.69 -57.95
CA ILE L 57 4.64 0.48 -57.11
C ILE L 57 4.39 1.71 -57.98
N LEU L 58 3.25 2.38 -57.77
CA LEU L 58 2.97 3.64 -58.46
C LEU L 58 3.18 4.84 -57.53
N GLU L 59 3.79 5.90 -58.08
CA GLU L 59 3.98 7.16 -57.38
C GLU L 59 3.14 8.24 -58.02
N PHE L 60 2.40 8.96 -57.20
CA PHE L 60 1.64 10.12 -57.60
C PHE L 60 2.03 11.29 -56.68
N PRO L 61 1.75 12.52 -57.10
CA PRO L 61 2.11 13.73 -56.35
C PRO L 61 1.26 13.95 -55.10
N SER L 62 0.14 13.23 -54.98
CA SER L 62 -0.74 13.37 -53.83
C SER L 62 -1.80 12.25 -53.77
N ARG L 63 -2.27 11.94 -52.58
CA ARG L 63 -3.30 10.92 -52.42
C ARG L 63 -4.49 11.18 -53.33
N GLU L 64 -4.80 12.45 -53.55
CA GLU L 64 -5.94 12.79 -54.36
C GLU L 64 -5.74 12.34 -55.80
N ASP L 65 -4.59 12.69 -56.38
CA ASP L 65 -4.32 12.32 -57.75
C ASP L 65 -4.36 10.82 -57.84
N ALA L 66 -3.67 10.16 -56.90
CA ALA L 66 -3.69 8.71 -56.83
C ALA L 66 -5.11 8.19 -56.83
N TYR L 67 -5.85 8.53 -55.78
CA TYR L 67 -7.21 8.04 -55.59
C TYR L 67 -8.12 8.33 -56.78
N ASN L 68 -8.12 9.58 -57.23
CA ASN L 68 -8.89 10.01 -58.40
C ASN L 68 -8.52 9.23 -59.67
N TRP L 69 -7.24 8.97 -59.86
CA TRP L 69 -6.79 8.21 -61.01
C TRP L 69 -7.55 6.89 -61.05
N TYR L 70 -7.38 6.08 -60.01
CA TYR L 70 -8.03 4.79 -59.93
C TYR L 70 -9.53 4.85 -60.25
N HIS L 71 -10.17 5.96 -59.89
CA HIS L 71 -11.60 6.11 -60.12
C HIS L 71 -11.91 6.97 -61.33
N SER L 72 -10.90 7.23 -62.14
CA SER L 72 -11.11 7.97 -63.37
C SER L 72 -11.77 7.02 -64.37
N GLU L 73 -12.68 7.54 -65.17
CA GLU L 73 -13.40 6.70 -66.13
C GLU L 73 -12.41 6.01 -67.06
N GLU L 74 -11.38 6.76 -67.47
CA GLU L 74 -10.31 6.20 -68.28
C GLU L 74 -9.84 4.84 -67.74
N TYR L 75 -9.25 4.85 -66.54
CA TYR L 75 -8.74 3.60 -65.97
C TYR L 75 -9.86 2.60 -65.70
N GLN L 76 -11.03 3.09 -65.29
CA GLN L 76 -12.12 2.22 -64.89
C GLN L 76 -12.57 1.25 -65.98
N ALA L 77 -12.62 1.73 -67.22
CA ALA L 77 -13.02 0.87 -68.33
C ALA L 77 -11.94 -0.15 -68.69
N LEU L 78 -10.71 0.08 -68.21
CA LEU L 78 -9.64 -0.91 -68.35
C LEU L 78 -9.76 -2.06 -67.34
N ILE L 79 -10.66 -1.93 -66.38
CA ILE L 79 -10.69 -2.91 -65.31
C ILE L 79 -11.28 -4.21 -65.77
N SER L 80 -12.43 -4.12 -66.45
CA SER L 80 -13.07 -5.28 -67.06
C SER L 80 -12.00 -6.29 -67.47
N THR L 81 -11.15 -5.87 -68.40
CA THR L 81 -10.14 -6.76 -68.94
C THR L 81 -8.99 -7.06 -67.97
N ARG L 82 -8.59 -6.08 -67.17
CA ARG L 82 -7.51 -6.30 -66.21
C ARG L 82 -7.76 -7.49 -65.28
N ASP L 83 -9.00 -7.68 -64.85
CA ASP L 83 -9.28 -8.80 -63.96
C ASP L 83 -9.19 -10.13 -64.71
N LEU L 84 -9.32 -10.09 -66.03
CA LEU L 84 -9.10 -11.28 -66.83
C LEU L 84 -7.60 -11.55 -66.97
N GLY L 85 -6.84 -10.49 -67.23
CA GLY L 85 -5.40 -10.63 -67.32
C GLY L 85 -4.72 -11.07 -66.03
N ASP L 87 -5.07 -11.69 -61.36
CA ASP L 87 -5.61 -11.53 -60.01
C ASP L 87 -4.69 -10.60 -59.28
N SER L 88 -5.27 -9.58 -58.66
CA SER L 88 -4.48 -8.53 -58.05
C SER L 88 -5.02 -8.04 -56.72
N GLN L 89 -4.24 -7.17 -56.09
CA GLN L 89 -4.66 -6.46 -54.88
C GLN L 89 -4.06 -5.06 -54.97
N PHE L 90 -4.89 -4.02 -54.90
CA PHE L 90 -4.40 -2.63 -54.91
C PHE L 90 -4.55 -1.92 -53.55
N GLN L 91 -3.43 -1.50 -52.97
CA GLN L 91 -3.38 -0.72 -51.71
C GLN L 91 -2.98 0.75 -51.93
N LEU L 92 -3.82 1.66 -51.44
CA LEU L 92 -3.52 3.08 -51.52
C LEU L 92 -2.92 3.63 -50.22
N ILE L 93 -1.74 4.24 -50.35
CA ILE L 93 -0.96 4.71 -49.20
C ILE L 93 -0.41 6.13 -49.38
N GLY L 94 -0.56 6.98 -48.37
CA GLY L 94 0.14 8.24 -48.36
C GLY L 94 -0.72 9.46 -48.08
N SER M 1 4.37 7.50 -86.00
CA SER M 1 5.43 6.95 -85.16
C SER M 1 6.75 7.74 -85.27
N ASN M 2 7.47 7.81 -84.15
CA ASN M 2 8.82 8.35 -84.12
C ASN M 2 9.85 7.26 -83.96
N ALA M 3 11.12 7.63 -84.05
CA ALA M 3 12.22 6.69 -83.99
C ALA M 3 12.79 6.59 -82.59
N THR M 4 11.94 6.21 -81.65
CA THR M 4 12.31 6.02 -80.25
C THR M 4 13.66 5.32 -80.15
N ALA M 5 14.54 5.81 -79.28
CA ALA M 5 15.86 5.22 -79.12
C ALA M 5 16.10 4.65 -77.70
N TYR M 6 17.20 3.96 -77.51
CA TYR M 6 17.41 3.24 -76.27
C TYR M 6 18.86 3.30 -75.88
N ILE M 7 19.08 3.43 -74.56
CA ILE M 7 20.40 3.22 -73.99
C ILE M 7 20.25 2.01 -73.09
N ILE M 8 21.13 1.04 -73.28
CA ILE M 8 21.06 -0.19 -72.51
C ILE M 8 22.26 -0.20 -71.61
N VAL M 9 22.05 -0.50 -70.34
CA VAL M 9 23.19 -0.55 -69.45
C VAL M 9 23.26 -1.89 -68.74
N GLY M 10 24.49 -2.37 -68.60
CA GLY M 10 24.78 -3.57 -67.87
C GLY M 10 25.64 -3.08 -66.74
N LEU M 11 25.39 -3.58 -65.54
CA LEU M 11 26.12 -3.05 -64.41
C LEU M 11 26.34 -4.01 -63.27
N THR M 12 27.39 -3.74 -62.52
CA THR M 12 27.73 -4.51 -61.35
C THR M 12 27.98 -3.51 -60.21
N PRO M 13 27.19 -3.59 -59.13
CA PRO M 13 27.37 -2.65 -58.02
C PRO M 13 28.74 -2.79 -57.38
N LYS M 14 29.30 -1.68 -56.95
CA LYS M 14 30.55 -1.68 -56.22
C LYS M 14 30.34 -1.02 -54.86
N ASP M 15 30.69 0.26 -54.76
CA ASP M 15 30.49 1.03 -53.53
C ASP M 15 29.01 1.41 -53.34
N ALA M 16 28.39 0.88 -52.28
CA ALA M 16 26.95 1.07 -52.12
C ALA M 16 26.54 2.52 -51.90
N GLU M 17 27.44 3.31 -51.33
CA GLU M 17 27.15 4.72 -51.05
C GLU M 17 27.26 5.61 -52.29
N LYS M 18 28.34 5.45 -53.05
CA LYS M 18 28.46 6.16 -54.32
C LYS M 18 27.28 5.82 -55.22
N LEU M 19 26.92 4.55 -55.25
CA LEU M 19 25.83 4.06 -56.10
C LEU M 19 24.52 4.78 -55.84
N GLN M 20 24.13 4.84 -54.57
CA GLN M 20 22.98 5.63 -54.12
C GLN M 20 23.07 7.10 -54.54
N GLN M 21 24.22 7.71 -54.24
CA GLN M 21 24.49 9.09 -54.65
C GLN M 21 24.18 9.28 -56.11
N TYR M 22 24.82 8.48 -56.96
CA TYR M 22 24.50 8.47 -58.39
C TYR M 22 23.00 8.28 -58.62
N GLY M 23 22.44 7.24 -58.03
CA GLY M 23 21.05 6.90 -58.27
C GLY M 23 20.11 8.04 -57.94
N ALA M 24 20.50 8.87 -56.98
CA ALA M 24 19.65 9.97 -56.55
C ALA M 24 19.67 11.16 -57.53
N ARG M 25 20.74 11.29 -58.30
CA ARG M 25 20.90 12.43 -59.18
C ARG M 25 20.35 12.25 -60.60
N VAL M 26 20.23 11.00 -61.07
CA VAL M 26 19.92 10.72 -62.48
C VAL M 26 18.60 11.26 -63.03
N ALA M 27 17.50 11.07 -62.31
CA ALA M 27 16.18 11.42 -62.82
C ALA M 27 16.08 12.85 -63.36
N SER M 28 16.57 13.82 -62.60
CA SER M 28 16.50 15.22 -63.05
C SER M 28 17.23 15.44 -64.39
N THR M 29 18.30 14.67 -64.62
CA THR M 29 19.07 14.83 -65.86
C THR M 29 18.31 14.30 -67.06
N LEU M 30 17.41 13.35 -66.84
CA LEU M 30 16.69 12.72 -67.94
C LEU M 30 15.59 13.64 -68.40
N ALA M 31 14.86 14.17 -67.42
CA ALA M 31 13.76 15.08 -67.69
C ALA M 31 14.09 16.05 -68.81
N LYS M 32 15.21 16.74 -68.67
CA LYS M 32 15.66 17.75 -69.63
C LYS M 32 15.70 17.23 -71.07
N TYR M 33 15.75 15.90 -71.23
CA TYR M 33 15.88 15.25 -72.52
C TYR M 33 14.75 14.25 -72.77
N SER M 34 13.75 14.27 -71.90
CA SER M 34 12.55 13.44 -72.07
C SER M 34 12.90 11.98 -71.95
N GLY M 35 13.93 11.70 -71.16
CA GLY M 35 14.35 10.33 -70.92
C GLY M 35 13.36 9.64 -70.00
N GLU M 36 13.45 8.32 -69.90
CA GLU M 36 12.59 7.58 -68.99
C GLU M 36 13.20 6.21 -68.74
N VAL M 37 13.11 5.74 -67.49
CA VAL M 37 13.59 4.41 -67.15
C VAL M 37 12.49 3.42 -67.46
N LEU M 38 12.67 2.66 -68.54
CA LEU M 38 11.68 1.69 -68.96
C LEU M 38 11.74 0.45 -68.08
N VAL M 39 12.94 0.06 -67.69
CA VAL M 39 13.14 -1.22 -67.02
C VAL M 39 14.37 -1.20 -66.16
N LYS M 40 14.24 -1.73 -64.96
CA LYS M 40 15.38 -1.94 -64.07
C LYS M 40 15.31 -3.36 -63.56
N GLY M 41 16.45 -4.02 -63.41
CA GLY M 41 16.40 -5.34 -62.81
C GLY M 41 17.60 -6.26 -62.86
N SER M 42 17.65 -7.18 -61.90
CA SER M 42 18.67 -8.21 -61.80
C SER M 42 18.49 -9.21 -62.91
N VAL M 43 19.62 -9.76 -63.35
CA VAL M 43 19.69 -10.66 -64.49
C VAL M 43 19.62 -12.13 -64.11
N GLU M 44 18.75 -12.88 -64.79
CA GLU M 44 18.76 -14.34 -64.78
C GLU M 44 19.18 -14.76 -66.18
N GLN M 45 20.27 -15.50 -66.30
CA GLN M 45 20.79 -15.83 -67.63
C GLN M 45 20.04 -16.97 -68.31
N LEU M 46 19.53 -16.70 -69.52
CA LEU M 46 18.93 -17.71 -70.39
C LEU M 46 19.98 -18.39 -71.26
N HIS M 47 20.91 -17.60 -71.78
CA HIS M 47 21.89 -18.13 -72.72
C HIS M 47 23.21 -17.36 -72.70
N GLY M 48 24.31 -18.08 -72.90
CA GLY M 48 25.65 -17.50 -72.96
C GLY M 48 26.16 -16.88 -71.68
N LYS M 49 27.38 -16.35 -71.72
CA LYS M 49 27.92 -15.68 -70.55
C LYS M 49 27.63 -14.18 -70.65
N PHE M 50 27.17 -13.59 -69.55
CA PHE M 50 26.94 -12.15 -69.42
C PHE M 50 27.58 -11.64 -68.13
N GLU M 51 28.30 -10.54 -68.27
CA GLU M 51 29.27 -10.11 -67.28
C GLU M 51 28.69 -9.49 -65.97
N HIS M 52 27.44 -9.04 -66.01
CA HIS M 52 26.92 -8.18 -64.93
C HIS M 52 25.74 -8.79 -64.19
N LYS M 53 25.42 -8.22 -63.02
CA LYS M 53 24.32 -8.70 -62.19
C LYS M 53 22.98 -8.09 -62.62
N ALA M 54 23.02 -6.94 -63.28
CA ALA M 54 21.77 -6.23 -63.50
C ALA M 54 21.73 -5.44 -64.80
N GLN M 55 20.53 -4.93 -65.12
CA GLN M 55 20.34 -4.18 -66.34
C GLN M 55 19.34 -3.04 -66.17
N VAL M 56 19.56 -1.95 -66.89
CA VAL M 56 18.58 -0.87 -66.98
C VAL M 56 18.39 -0.49 -68.45
N ILE M 57 17.15 -0.24 -68.85
CA ILE M 57 16.91 0.29 -70.19
C ILE M 57 16.28 1.66 -70.08
N LEU M 58 16.86 2.62 -70.80
CA LEU M 58 16.42 4.00 -70.84
C LEU M 58 15.79 4.30 -72.20
N GLU M 59 14.68 5.04 -72.19
CA GLU M 59 13.96 5.33 -73.42
C GLU M 59 13.97 6.82 -73.72
N PHE M 60 14.31 7.14 -74.96
CA PHE M 60 14.27 8.51 -75.42
C PHE M 60 13.49 8.56 -76.72
N PRO M 61 12.90 9.73 -77.02
CA PRO M 61 12.07 10.06 -78.19
C PRO M 61 12.83 10.15 -79.51
N SER M 62 14.15 10.26 -79.43
CA SER M 62 14.98 10.25 -80.63
C SER M 62 16.36 9.78 -80.21
N ARG M 63 17.18 9.43 -81.19
CA ARG M 63 18.57 9.09 -80.93
C ARG M 63 19.34 10.32 -80.47
N GLU M 64 19.05 11.46 -81.10
CA GLU M 64 19.72 12.70 -80.75
C GLU M 64 19.62 12.95 -79.25
N ASP M 65 18.40 12.90 -78.73
CA ASP M 65 18.13 13.15 -77.31
C ASP M 65 18.91 12.21 -76.39
N ALA M 66 18.84 10.91 -76.68
CA ALA M 66 19.58 9.91 -75.92
C ALA M 66 21.05 10.25 -75.87
N TYR M 67 21.62 10.48 -77.05
CA TYR M 67 23.03 10.81 -77.15
C TYR M 67 23.32 12.11 -76.39
N ASN M 68 22.63 13.18 -76.75
CA ASN M 68 22.79 14.45 -76.08
C ASN M 68 22.69 14.28 -74.56
N TRP M 69 21.71 13.49 -74.12
CA TRP M 69 21.52 13.25 -72.71
C TRP M 69 22.80 12.80 -72.04
N TYR M 70 23.46 11.83 -72.65
CA TYR M 70 24.59 11.18 -72.03
C TYR M 70 25.70 12.20 -71.94
N HIS M 71 25.82 13.01 -72.98
CA HIS M 71 26.86 14.03 -73.01
C HIS M 71 26.46 15.39 -72.40
N SER M 72 25.27 15.49 -71.81
CA SER M 72 24.92 16.73 -71.09
C SER M 72 25.89 16.96 -69.94
N GLU M 73 26.26 18.20 -69.66
CA GLU M 73 27.17 18.44 -68.54
C GLU M 73 26.51 18.00 -67.23
N GLU M 74 25.19 18.06 -67.21
CA GLU M 74 24.41 17.65 -66.07
C GLU M 74 24.51 16.13 -65.83
N TYR M 75 24.40 15.32 -66.88
CA TYR M 75 24.65 13.89 -66.68
C TYR M 75 26.13 13.63 -66.39
N GLN M 76 27.00 14.08 -67.28
CA GLN M 76 28.44 13.91 -67.12
C GLN M 76 28.99 14.24 -65.72
N ALA M 77 28.39 15.22 -65.04
CA ALA M 77 28.86 15.59 -63.71
C ALA M 77 28.67 14.45 -62.73
N LEU M 78 27.86 13.47 -63.13
CA LEU M 78 27.58 12.31 -62.30
C LEU M 78 28.53 11.14 -62.54
N ILE M 79 29.17 11.11 -63.71
CA ILE M 79 29.95 9.93 -64.08
C ILE M 79 30.99 9.59 -63.03
N SER M 80 31.66 10.62 -62.52
CA SER M 80 32.69 10.43 -61.51
C SER M 80 32.22 9.47 -60.42
N THR M 81 31.11 9.79 -59.78
CA THR M 81 30.60 8.94 -58.73
C THR M 81 29.93 7.68 -59.28
N ARG M 82 29.32 7.79 -60.44
CA ARG M 82 28.73 6.62 -61.11
C ARG M 82 29.75 5.48 -61.19
N ASP M 83 30.99 5.84 -61.55
CA ASP M 83 32.04 4.86 -61.79
C ASP M 83 32.64 4.26 -60.52
N LEU M 84 32.61 5.00 -59.41
CA LEU M 84 32.98 4.45 -58.13
C LEU M 84 31.92 3.43 -57.67
N GLY M 85 30.66 3.69 -58.01
CA GLY M 85 29.56 2.89 -57.52
C GLY M 85 29.27 1.61 -58.28
N ASP M 87 30.50 -0.88 -62.04
CA ASP M 87 31.19 -1.13 -63.31
C ASP M 87 30.10 -1.32 -64.34
N SER M 88 30.21 -0.65 -65.48
CA SER M 88 29.08 -0.65 -66.37
C SER M 88 29.41 -0.65 -67.85
N GLN M 89 28.38 -0.92 -68.65
CA GLN M 89 28.43 -0.76 -70.10
C GLN M 89 27.17 0.01 -70.49
N PHE M 90 27.30 0.85 -71.51
CA PHE M 90 26.19 1.65 -71.99
C PHE M 90 26.11 1.56 -73.51
N GLN M 91 25.12 0.85 -74.01
CA GLN M 91 24.94 0.77 -75.45
C GLN M 91 23.87 1.72 -75.92
N LEU M 92 24.18 2.49 -76.98
CA LEU M 92 23.18 3.33 -77.63
C LEU M 92 22.58 2.60 -78.84
N ILE M 93 21.26 2.46 -78.83
CA ILE M 93 20.53 1.80 -79.90
C ILE M 93 19.50 2.74 -80.48
N GLY M 94 19.58 3.00 -81.78
CA GLY M 94 18.58 3.83 -82.43
C GLY M 94 19.13 4.59 -83.63
N SER N 1 -1.77 -2.05 -63.26
CA SER N 1 -0.41 -2.18 -63.74
C SER N 1 0.09 -3.62 -63.63
N ASN N 2 0.67 -4.13 -64.71
CA ASN N 2 1.28 -5.45 -64.69
C ASN N 2 2.78 -5.29 -64.56
N ALA N 3 3.47 -6.40 -64.32
CA ALA N 3 4.91 -6.35 -64.15
C ALA N 3 5.58 -6.88 -65.39
N THR N 4 5.45 -6.12 -66.46
CA THR N 4 6.12 -6.40 -67.69
C THR N 4 7.51 -6.92 -67.35
N ALA N 5 7.91 -8.00 -68.00
CA ALA N 5 9.26 -8.54 -67.88
C ALA N 5 9.94 -8.41 -69.24
N TYR N 6 11.24 -8.66 -69.30
CA TYR N 6 12.03 -8.42 -70.51
C TYR N 6 13.14 -9.43 -70.71
N ILE N 7 13.46 -9.73 -71.98
CA ILE N 7 14.67 -10.47 -72.30
C ILE N 7 15.51 -9.64 -73.25
N ILE N 8 16.73 -9.30 -72.86
CA ILE N 8 17.58 -8.50 -73.74
C ILE N 8 18.61 -9.42 -74.40
N VAL N 9 18.75 -9.36 -75.72
CA VAL N 9 19.78 -10.16 -76.38
C VAL N 9 20.95 -9.30 -76.84
N GLY N 10 22.16 -9.77 -76.60
CA GLY N 10 23.34 -9.19 -77.27
C GLY N 10 23.86 -10.17 -78.32
N LEU N 11 23.94 -9.75 -79.58
CA LEU N 11 24.28 -10.69 -80.65
C LEU N 11 25.30 -10.23 -81.70
N THR N 12 26.08 -11.20 -82.17
CA THR N 12 27.03 -10.95 -83.24
C THR N 12 26.75 -11.90 -84.41
N PRO N 13 26.49 -11.33 -85.59
CA PRO N 13 26.20 -12.11 -86.80
C PRO N 13 27.36 -13.03 -87.19
N LYS N 14 27.08 -14.32 -87.40
CA LYS N 14 28.08 -15.24 -87.94
C LYS N 14 27.70 -15.74 -89.34
N ASP N 15 26.75 -16.67 -89.40
CA ASP N 15 26.28 -17.19 -90.68
C ASP N 15 25.02 -16.48 -91.12
N ALA N 16 25.15 -15.67 -92.16
CA ALA N 16 24.03 -14.86 -92.61
C ALA N 16 22.83 -15.72 -92.96
N GLU N 17 23.05 -16.76 -93.76
CA GLU N 17 21.96 -17.56 -94.27
C GLU N 17 21.14 -18.13 -93.13
N LYS N 18 21.81 -18.71 -92.15
CA LYS N 18 21.10 -19.35 -91.06
C LYS N 18 20.52 -18.36 -90.09
N LEU N 19 21.14 -17.19 -89.98
CA LEU N 19 20.62 -16.10 -89.14
C LEU N 19 19.26 -15.73 -89.67
N GLN N 20 19.15 -15.63 -90.99
CA GLN N 20 17.88 -15.36 -91.66
C GLN N 20 16.91 -16.50 -91.44
N GLN N 21 17.41 -17.73 -91.56
CA GLN N 21 16.59 -18.89 -91.30
C GLN N 21 15.97 -18.76 -89.89
N TYR N 22 16.81 -18.37 -88.93
CA TYR N 22 16.39 -18.20 -87.54
C TYR N 22 15.37 -17.08 -87.34
N GLY N 23 15.72 -15.88 -87.78
CA GLY N 23 14.88 -14.70 -87.59
C GLY N 23 13.47 -14.89 -88.10
N ALA N 24 13.35 -15.42 -89.31
CA ALA N 24 12.05 -15.64 -89.94
C ALA N 24 11.24 -16.74 -89.25
N ARG N 25 11.65 -17.12 -88.05
CA ARG N 25 11.01 -18.23 -87.34
C ARG N 25 10.59 -17.84 -85.92
N VAL N 26 11.29 -16.88 -85.31
CA VAL N 26 11.05 -16.49 -83.91
C VAL N 26 9.66 -15.94 -83.71
N ALA N 27 9.26 -15.02 -84.58
CA ALA N 27 7.99 -14.34 -84.46
C ALA N 27 6.83 -15.22 -84.00
N SER N 28 6.75 -16.44 -84.53
CA SER N 28 5.56 -17.26 -84.31
C SER N 28 5.57 -18.01 -82.97
N THR N 29 6.72 -18.02 -82.30
CA THR N 29 6.82 -18.59 -80.95
C THR N 29 6.54 -17.53 -79.87
N LEU N 30 6.21 -16.32 -80.29
CA LEU N 30 5.93 -15.23 -79.35
C LEU N 30 4.45 -15.17 -79.00
N ALA N 31 3.62 -15.22 -80.04
CA ALA N 31 2.19 -14.96 -79.90
C ALA N 31 1.52 -15.69 -78.73
N LYS N 32 1.76 -17.00 -78.65
CA LYS N 32 1.21 -17.82 -77.57
C LYS N 32 1.57 -17.25 -76.20
N TYR N 33 2.77 -16.67 -76.12
CA TYR N 33 3.30 -16.14 -74.88
C TYR N 33 3.21 -14.64 -74.88
N SER N 34 2.47 -14.13 -75.87
CA SER N 34 2.25 -12.69 -76.00
C SER N 34 3.56 -11.91 -75.94
N GLY N 35 4.60 -12.47 -76.57
CA GLY N 35 5.89 -11.83 -76.63
C GLY N 35 5.84 -10.70 -77.64
N GLU N 36 6.88 -9.88 -77.65
CA GLU N 36 6.96 -8.80 -78.60
C GLU N 36 8.34 -8.16 -78.63
N VAL N 37 8.79 -7.81 -79.83
CA VAL N 37 10.04 -7.09 -79.98
C VAL N 37 9.83 -5.62 -79.66
N LEU N 38 10.47 -5.18 -78.58
CA LEU N 38 10.44 -3.79 -78.16
C LEU N 38 11.34 -3.02 -79.10
N VAL N 39 12.59 -3.46 -79.21
CA VAL N 39 13.54 -2.81 -80.11
C VAL N 39 14.65 -3.73 -80.58
N LYS N 40 15.09 -3.54 -81.82
CA LYS N 40 16.32 -4.14 -82.32
C LYS N 40 17.15 -3.03 -82.95
N GLY N 41 18.45 -3.22 -82.96
CA GLY N 41 19.36 -2.20 -83.46
C GLY N 41 20.81 -2.54 -83.22
N SER N 42 21.64 -2.23 -84.21
CA SER N 42 23.08 -2.20 -84.05
C SER N 42 23.47 -1.20 -82.96
N VAL N 43 24.59 -1.45 -82.30
CA VAL N 43 24.99 -0.75 -81.10
C VAL N 43 26.05 0.31 -81.35
N GLU N 44 25.91 1.47 -80.74
CA GLU N 44 27.07 2.36 -80.57
C GLU N 44 27.41 2.43 -79.09
N GLN N 45 28.70 2.48 -78.80
CA GLN N 45 29.15 2.35 -77.42
C GLN N 45 29.32 3.72 -76.77
N LEU N 46 28.60 3.93 -75.67
CA LEU N 46 28.69 5.18 -74.90
C LEU N 46 29.68 5.07 -73.74
N HIS N 47 29.83 3.86 -73.22
CA HIS N 47 30.74 3.65 -72.13
C HIS N 47 31.02 2.18 -71.91
N GLY N 48 32.24 1.86 -71.51
CA GLY N 48 32.59 0.48 -71.21
C GLY N 48 32.86 -0.36 -72.44
N LYS N 49 32.87 -1.68 -72.24
CA LYS N 49 33.15 -2.64 -73.30
C LYS N 49 32.00 -3.62 -73.50
N PHE N 50 31.57 -3.76 -74.76
CA PHE N 50 30.47 -4.65 -75.11
C PHE N 50 30.88 -5.58 -76.26
N GLU N 51 30.79 -6.89 -76.00
CA GLU N 51 31.32 -7.93 -76.88
C GLU N 51 30.59 -8.09 -78.22
N HIS N 52 29.29 -7.84 -78.23
CA HIS N 52 28.51 -8.08 -79.43
C HIS N 52 28.23 -6.82 -80.23
N LYS N 53 27.63 -6.96 -81.41
CA LYS N 53 27.45 -5.84 -82.31
C LYS N 53 26.03 -5.30 -82.30
N ALA N 54 25.06 -6.11 -81.92
CA ALA N 54 23.68 -5.63 -81.85
C ALA N 54 22.94 -6.02 -80.56
N GLN N 55 21.78 -5.41 -80.33
CA GLN N 55 20.97 -5.76 -79.19
C GLN N 55 19.54 -5.90 -79.61
N VAL N 56 18.79 -6.77 -78.95
CA VAL N 56 17.36 -6.81 -79.16
C VAL N 56 16.69 -6.84 -77.79
N ILE N 57 15.50 -6.26 -77.70
CA ILE N 57 14.76 -6.32 -76.46
C ILE N 57 13.41 -6.97 -76.71
N LEU N 58 13.14 -8.04 -75.98
CA LEU N 58 11.82 -8.65 -76.00
C LEU N 58 11.02 -8.30 -74.73
N GLU N 59 9.75 -8.01 -74.97
CA GLU N 59 8.82 -7.61 -73.95
C GLU N 59 7.71 -8.66 -73.78
N PHE N 60 7.34 -8.95 -72.52
CA PHE N 60 6.24 -9.86 -72.20
C PHE N 60 5.39 -9.35 -71.04
N PRO N 61 4.11 -9.77 -70.99
CA PRO N 61 3.16 -9.43 -69.95
C PRO N 61 3.68 -9.74 -68.55
N SER N 62 4.40 -10.84 -68.41
CA SER N 62 4.88 -11.28 -67.10
C SER N 62 6.19 -12.04 -67.20
N ARG N 63 6.87 -12.22 -66.07
CA ARG N 63 8.15 -12.90 -66.07
C ARG N 63 8.02 -14.36 -66.49
N GLU N 64 6.93 -14.97 -66.05
CA GLU N 64 6.64 -16.35 -66.38
C GLU N 64 6.60 -16.54 -67.88
N ASP N 65 5.72 -15.79 -68.53
CA ASP N 65 5.54 -15.93 -69.95
C ASP N 65 6.88 -15.80 -70.68
N ALA N 66 7.61 -14.74 -70.41
CA ALA N 66 8.93 -14.58 -70.97
C ALA N 66 9.74 -15.87 -70.78
N TYR N 67 9.79 -16.36 -69.56
CA TYR N 67 10.61 -17.53 -69.25
C TYR N 67 10.07 -18.82 -69.87
N ASN N 68 8.75 -18.92 -70.05
CA ASN N 68 8.17 -20.13 -70.66
C ASN N 68 8.38 -20.07 -72.16
N TRP N 69 8.53 -18.85 -72.66
CA TRP N 69 8.77 -18.68 -74.07
C TRP N 69 10.11 -19.31 -74.41
N TYR N 70 11.12 -19.03 -73.59
CA TYR N 70 12.46 -19.50 -73.92
C TYR N 70 12.51 -21.02 -73.96
N HIS N 71 11.86 -21.63 -72.98
CA HIS N 71 11.95 -23.07 -72.76
C HIS N 71 10.78 -23.78 -73.36
N SER N 72 10.11 -23.13 -74.31
CA SER N 72 9.06 -23.81 -75.03
C SER N 72 9.68 -24.76 -76.04
N GLU N 73 8.95 -25.79 -76.40
CA GLU N 73 9.39 -26.73 -77.42
C GLU N 73 9.57 -26.00 -78.74
N GLU N 74 8.57 -25.21 -79.13
CA GLU N 74 8.62 -24.49 -80.39
C GLU N 74 9.81 -23.52 -80.52
N TYR N 75 10.16 -22.78 -79.48
CA TYR N 75 11.34 -21.93 -79.59
C TYR N 75 12.64 -22.72 -79.49
N GLN N 76 12.66 -23.72 -78.64
CA GLN N 76 13.87 -24.51 -78.47
C GLN N 76 14.27 -25.17 -79.79
N ALA N 77 13.29 -25.44 -80.65
CA ALA N 77 13.57 -26.12 -81.90
C ALA N 77 14.35 -25.21 -82.85
N LEU N 78 14.50 -23.95 -82.47
CA LEU N 78 15.17 -22.98 -83.30
C LEU N 78 16.60 -22.71 -82.82
N ILE N 79 16.96 -23.25 -81.65
CA ILE N 79 18.25 -22.92 -81.05
C ILE N 79 19.37 -23.52 -81.88
N SER N 80 19.11 -24.72 -82.41
CA SER N 80 19.98 -25.36 -83.41
C SER N 80 20.54 -24.34 -84.37
N THR N 81 19.64 -23.70 -85.09
CA THR N 81 20.05 -22.87 -86.20
C THR N 81 20.37 -21.44 -85.75
N ARG N 82 19.91 -21.09 -84.57
CA ARG N 82 20.17 -19.76 -84.03
C ARG N 82 21.65 -19.60 -83.70
N ASP N 83 22.22 -20.59 -83.04
CA ASP N 83 23.61 -20.48 -82.62
C ASP N 83 24.58 -20.56 -83.79
N LEU N 84 24.12 -21.09 -84.93
CA LEU N 84 24.88 -21.05 -86.17
C LEU N 84 24.81 -19.64 -86.76
N GLY N 85 23.62 -19.04 -86.68
CA GLY N 85 23.42 -17.67 -87.12
C GLY N 85 24.23 -16.64 -86.35
N ASP N 87 26.46 -15.54 -82.51
CA ASP N 87 26.87 -15.65 -81.13
C ASP N 87 26.01 -14.67 -80.34
N SER N 88 25.62 -15.05 -79.13
CA SER N 88 24.65 -14.23 -78.39
C SER N 88 24.70 -14.42 -76.88
N GLN N 89 23.93 -13.56 -76.20
CA GLN N 89 23.64 -13.68 -74.76
C GLN N 89 22.21 -13.25 -74.51
N PHE N 90 21.55 -13.91 -73.58
CA PHE N 90 20.15 -13.61 -73.29
C PHE N 90 20.03 -13.40 -71.79
N GLN N 91 19.28 -12.39 -71.40
CA GLN N 91 19.12 -12.06 -69.99
C GLN N 91 17.65 -11.82 -69.66
N LEU N 92 17.16 -12.51 -68.63
CA LEU N 92 15.78 -12.34 -68.16
C LEU N 92 15.68 -11.34 -67.02
N ILE N 93 14.73 -10.42 -67.18
CA ILE N 93 14.57 -9.28 -66.28
C ILE N 93 13.09 -8.99 -66.09
N GLY N 94 12.62 -9.12 -64.85
CA GLY N 94 11.24 -8.81 -64.56
C GLY N 94 10.64 -9.53 -63.36
N SER O 1 -22.59 22.07 46.89
CA SER O 1 -23.97 22.29 47.24
C SER O 1 -24.37 21.51 48.51
N ASN O 2 -25.45 21.93 49.16
CA ASN O 2 -25.94 21.17 50.29
C ASN O 2 -27.35 20.69 50.01
N ALA O 3 -27.86 19.89 50.92
CA ALA O 3 -29.16 19.26 50.75
C ALA O 3 -30.26 20.01 51.47
N THR O 4 -30.91 20.90 50.74
CA THR O 4 -32.03 21.65 51.26
C THR O 4 -33.22 20.75 51.62
N ALA O 5 -33.92 21.07 52.70
CA ALA O 5 -35.14 20.35 53.01
C ALA O 5 -36.35 21.25 52.91
N TYR O 6 -37.52 20.65 52.75
CA TYR O 6 -38.72 21.39 52.44
C TYR O 6 -39.91 20.84 53.20
N ILE O 7 -40.69 21.74 53.77
CA ILE O 7 -41.98 21.35 54.30
C ILE O 7 -43.04 22.00 53.42
N ILE O 8 -43.89 21.16 52.82
CA ILE O 8 -45.00 21.66 52.05
C ILE O 8 -46.26 21.59 52.90
N VAL O 9 -47.04 22.67 52.88
CA VAL O 9 -48.33 22.64 53.56
C VAL O 9 -49.46 22.94 52.59
N GLY O 10 -50.50 22.11 52.65
CA GLY O 10 -51.74 22.35 51.95
C GLY O 10 -52.76 22.73 53.01
N LEU O 11 -53.39 23.87 52.86
CA LEU O 11 -54.25 24.35 53.94
C LEU O 11 -55.60 24.92 53.51
N THR O 12 -56.44 25.14 54.52
CA THR O 12 -57.81 25.58 54.33
C THR O 12 -58.26 26.36 55.56
N PRO O 13 -58.50 27.66 55.40
CA PRO O 13 -58.89 28.55 56.49
C PRO O 13 -60.20 28.13 57.15
N LYS O 14 -60.16 27.92 58.46
CA LYS O 14 -61.36 27.68 59.27
C LYS O 14 -61.74 28.95 60.02
N ASP O 15 -61.08 29.18 61.14
CA ASP O 15 -61.39 30.32 61.98
C ASP O 15 -60.44 31.48 61.70
N ALA O 16 -60.93 32.48 60.99
CA ALA O 16 -60.11 33.63 60.60
C ALA O 16 -59.26 34.18 61.74
N GLU O 17 -59.85 34.37 62.92
CA GLU O 17 -59.16 34.98 64.04
C GLU O 17 -58.08 34.09 64.60
N LYS O 18 -58.42 32.84 64.88
CA LYS O 18 -57.45 31.88 65.32
C LYS O 18 -56.33 31.76 64.26
N LEU O 19 -56.71 31.79 62.99
CA LEU O 19 -55.72 31.70 61.91
C LEU O 19 -54.76 32.88 61.89
N GLN O 20 -55.29 34.08 62.09
CA GLN O 20 -54.47 35.29 62.14
C GLN O 20 -53.49 35.25 63.30
N GLN O 21 -53.91 34.61 64.37
CA GLN O 21 -53.18 34.57 65.63
C GLN O 21 -51.97 33.65 65.49
N TYR O 22 -52.19 32.56 64.77
CA TYR O 22 -51.14 31.58 64.45
C TYR O 22 -50.07 32.19 63.58
N GLY O 23 -50.46 32.85 62.50
CA GLY O 23 -49.53 33.51 61.62
C GLY O 23 -48.61 34.49 62.33
N ALA O 24 -49.13 35.19 63.33
CA ALA O 24 -48.35 36.20 64.08
C ALA O 24 -47.23 35.58 64.92
N ARG O 25 -47.46 34.39 65.47
CA ARG O 25 -46.44 33.73 66.27
C ARG O 25 -45.42 32.95 65.42
N VAL O 26 -45.82 32.60 64.19
CA VAL O 26 -45.13 31.61 63.37
C VAL O 26 -43.71 31.96 62.91
N ALA O 27 -43.57 33.07 62.18
CA ALA O 27 -42.29 33.53 61.69
C ALA O 27 -41.17 33.42 62.74
N SER O 28 -41.49 33.78 63.98
CA SER O 28 -40.54 33.80 65.08
C SER O 28 -39.88 32.46 65.32
N THR O 29 -40.68 31.40 65.25
CA THR O 29 -40.21 30.03 65.43
C THR O 29 -39.34 29.56 64.27
N LEU O 30 -39.54 30.13 63.08
CA LEU O 30 -38.74 29.76 61.90
C LEU O 30 -37.28 30.12 62.10
N ALA O 31 -37.04 31.32 62.62
CA ALA O 31 -35.69 31.86 62.67
C ALA O 31 -34.62 30.94 63.29
N LYS O 32 -34.94 30.29 64.39
CA LYS O 32 -33.94 29.49 65.10
C LYS O 32 -33.38 28.35 64.24
N TYR O 33 -34.24 27.77 63.41
CA TYR O 33 -33.88 26.61 62.61
C TYR O 33 -33.60 26.98 61.14
N SER O 34 -33.34 28.26 60.93
CA SER O 34 -33.04 28.81 59.60
C SER O 34 -34.10 28.44 58.57
N GLY O 35 -35.36 28.45 59.01
CA GLY O 35 -36.49 28.22 58.14
C GLY O 35 -36.84 29.49 57.39
N GLU O 36 -37.37 29.35 56.19
CA GLU O 36 -37.82 30.50 55.42
C GLU O 36 -39.01 30.15 54.58
N VAL O 37 -39.96 31.07 54.53
CA VAL O 37 -41.14 30.91 53.71
C VAL O 37 -40.69 31.19 52.29
N LEU O 38 -40.72 30.16 51.47
CA LEU O 38 -40.24 30.26 50.11
C LEU O 38 -41.29 30.92 49.25
N VAL O 39 -42.53 30.58 49.51
CA VAL O 39 -43.64 31.16 48.77
C VAL O 39 -44.92 30.73 49.45
N LYS O 40 -45.99 31.47 49.17
CA LYS O 40 -47.30 31.12 49.70
C LYS O 40 -48.34 31.76 48.80
N GLY O 41 -49.48 31.10 48.66
CA GLY O 41 -50.47 31.57 47.73
C GLY O 41 -51.63 30.61 47.56
N SER O 42 -52.74 31.16 47.07
CA SER O 42 -53.90 30.38 46.77
C SER O 42 -53.52 29.54 45.58
N VAL O 43 -54.25 28.46 45.40
CA VAL O 43 -53.85 27.44 44.45
C VAL O 43 -54.70 27.47 43.18
N GLU O 44 -54.06 27.47 42.02
CA GLU O 44 -54.78 27.21 40.78
C GLU O 44 -54.52 25.76 40.39
N GLN O 45 -55.55 24.93 40.49
CA GLN O 45 -55.42 23.52 40.14
C GLN O 45 -55.36 23.37 38.62
N LEU O 46 -54.29 22.75 38.13
CA LEU O 46 -54.22 22.51 36.68
C LEU O 46 -54.08 21.02 36.33
N HIS O 47 -54.12 20.16 37.34
CA HIS O 47 -54.35 18.74 37.12
C HIS O 47 -54.71 17.93 38.38
N GLY O 48 -55.76 17.13 38.27
CA GLY O 48 -56.14 16.21 39.33
C GLY O 48 -57.00 16.91 40.37
N LYS O 49 -56.90 16.43 41.60
CA LYS O 49 -57.66 17.03 42.68
C LYS O 49 -56.76 17.27 43.87
N PHE O 50 -57.15 18.27 44.67
CA PHE O 50 -56.39 18.70 45.81
C PHE O 50 -57.43 19.41 46.67
N GLU O 51 -57.69 18.86 47.86
CA GLU O 51 -58.80 19.32 48.68
C GLU O 51 -58.47 20.51 49.57
N HIS O 52 -57.65 21.43 49.07
CA HIS O 52 -57.28 22.62 49.82
C HIS O 52 -57.30 23.91 49.00
N LYS O 53 -57.22 25.04 49.68
CA LYS O 53 -57.40 26.34 49.07
C LYS O 53 -56.07 26.97 48.73
N ALA O 54 -55.05 26.68 49.54
CA ALA O 54 -53.75 27.31 49.36
C ALA O 54 -52.58 26.43 49.83
N GLN O 55 -51.36 26.89 49.56
CA GLN O 55 -50.15 26.13 49.87
C GLN O 55 -49.03 27.02 50.36
N VAL O 56 -48.17 26.47 51.20
CA VAL O 56 -46.97 27.19 51.62
C VAL O 56 -45.78 26.28 51.53
N ILE O 57 -44.65 26.87 51.17
CA ILE O 57 -43.42 26.14 51.01
C ILE O 57 -42.35 26.75 51.91
N LEU O 58 -41.99 26.00 52.95
CA LEU O 58 -40.94 26.44 53.84
C LEU O 58 -39.65 25.72 53.51
N GLU O 59 -38.55 26.45 53.53
CA GLU O 59 -37.24 25.92 53.18
C GLU O 59 -36.26 26.00 54.33
N PHE O 60 -35.48 24.95 54.51
CA PHE O 60 -34.52 24.83 55.60
C PHE O 60 -33.18 24.33 55.06
N PRO O 61 -32.09 24.66 55.77
CA PRO O 61 -30.77 24.26 55.29
C PRO O 61 -30.52 22.77 55.39
N SER O 62 -31.46 22.02 55.95
CA SER O 62 -31.39 20.56 55.94
C SER O 62 -32.66 19.94 56.47
N ARG O 63 -32.74 18.61 56.38
CA ARG O 63 -33.89 17.88 56.85
C ARG O 63 -33.98 17.95 58.37
N GLU O 64 -32.83 17.85 59.03
CA GLU O 64 -32.80 17.87 60.48
C GLU O 64 -33.41 19.16 61.03
N ASP O 65 -32.97 20.30 60.54
CA ASP O 65 -33.54 21.56 60.97
C ASP O 65 -35.05 21.57 60.71
N ALA O 66 -35.45 21.23 59.49
CA ALA O 66 -36.87 21.21 59.13
C ALA O 66 -37.67 20.34 60.10
N TYR O 67 -37.11 19.18 60.45
CA TYR O 67 -37.80 18.26 61.33
C TYR O 67 -37.74 18.78 62.78
N ASN O 68 -36.61 19.36 63.16
CA ASN O 68 -36.47 19.93 64.49
C ASN O 68 -37.31 21.19 64.67
N TRP O 69 -37.57 21.90 63.57
CA TRP O 69 -38.50 23.01 63.65
C TRP O 69 -39.88 22.49 64.04
N TYR O 70 -40.47 21.67 63.19
CA TYR O 70 -41.83 21.19 63.45
C TYR O 70 -41.98 20.63 64.86
N HIS O 71 -40.92 20.06 65.39
CA HIS O 71 -41.01 19.44 66.70
C HIS O 71 -40.49 20.32 67.83
N SER O 72 -39.93 21.48 67.50
CA SER O 72 -39.40 22.39 68.52
C SER O 72 -40.42 22.79 69.57
N GLU O 73 -39.93 23.05 70.78
CA GLU O 73 -40.79 23.47 71.88
C GLU O 73 -41.72 24.61 71.47
N GLU O 74 -41.16 25.62 70.79
CA GLU O 74 -41.92 26.83 70.45
C GLU O 74 -43.00 26.64 69.39
N TYR O 75 -42.72 25.90 68.31
CA TYR O 75 -43.74 25.73 67.28
C TYR O 75 -44.80 24.68 67.64
N GLN O 76 -44.43 23.71 68.46
CA GLN O 76 -45.38 22.72 68.93
C GLN O 76 -46.51 23.41 69.71
N ALA O 77 -46.28 24.65 70.12
CA ALA O 77 -47.24 25.39 70.94
C ALA O 77 -48.34 26.15 70.16
N LEU O 78 -48.21 26.24 68.84
CA LEU O 78 -49.16 26.99 68.05
C LEU O 78 -50.19 26.04 67.49
N ILE O 79 -49.93 24.75 67.67
CA ILE O 79 -50.69 23.71 67.03
C ILE O 79 -52.15 23.71 67.46
N SER O 80 -52.39 23.84 68.77
CA SER O 80 -53.75 24.01 69.28
C SER O 80 -54.49 24.96 68.38
N THR O 81 -53.90 26.14 68.24
CA THR O 81 -54.60 27.26 67.64
C THR O 81 -54.53 27.21 66.11
N ARG O 82 -53.52 26.55 65.57
CA ARG O 82 -53.46 26.39 64.11
C ARG O 82 -54.54 25.46 63.57
N ASP O 83 -54.80 24.37 64.30
CA ASP O 83 -55.85 23.42 63.91
C ASP O 83 -57.22 24.05 64.03
N LEU O 84 -57.30 25.09 64.85
CA LEU O 84 -58.56 25.80 65.01
C LEU O 84 -58.74 26.73 63.84
N GLY O 85 -57.63 27.34 63.42
CA GLY O 85 -57.64 28.31 62.35
C GLY O 85 -57.72 27.75 60.95
N ASP O 87 -57.60 23.77 58.50
CA ASP O 87 -57.33 22.35 58.29
C ASP O 87 -56.13 22.25 57.37
N SER O 88 -55.23 21.30 57.64
CA SER O 88 -54.03 21.21 56.81
C SER O 88 -53.39 19.84 56.84
N GLN O 89 -52.42 19.69 55.93
CA GLN O 89 -51.49 18.57 55.85
C GLN O 89 -50.08 19.13 55.69
N PHE O 90 -49.13 18.63 56.46
CA PHE O 90 -47.73 19.01 56.30
C PHE O 90 -46.88 17.86 55.79
N GLN O 91 -46.28 18.02 54.61
CA GLN O 91 -45.36 17.02 54.07
C GLN O 91 -43.92 17.50 54.17
N LEU O 92 -43.04 16.62 54.66
CA LEU O 92 -41.61 16.90 54.76
C LEU O 92 -40.87 16.14 53.66
N ILE O 93 -39.92 16.80 53.00
CA ILE O 93 -39.07 16.12 52.02
C ILE O 93 -37.62 16.59 52.16
N GLY O 94 -36.69 15.66 52.08
CA GLY O 94 -35.30 16.02 52.27
C GLY O 94 -34.44 14.79 52.43
N SER P 1 -36.47 41.93 43.51
CA SER P 1 -36.86 40.53 43.42
C SER P 1 -38.08 40.34 42.52
N ASN P 2 -38.09 39.27 41.74
CA ASN P 2 -39.23 38.96 40.88
C ASN P 2 -40.21 38.09 41.63
N ALA P 3 -41.32 37.79 40.99
CA ALA P 3 -42.37 37.01 41.61
C ALA P 3 -42.30 35.58 41.13
N THR P 4 -41.35 34.84 41.67
CA THR P 4 -41.12 33.47 41.25
C THR P 4 -42.38 32.65 41.41
N ALA P 5 -42.68 31.84 40.43
CA ALA P 5 -43.87 31.02 40.46
C ALA P 5 -43.48 29.55 40.51
N TYR P 6 -44.34 28.75 41.13
CA TYR P 6 -44.02 27.38 41.44
C TYR P 6 -45.18 26.49 41.05
N ILE P 7 -44.88 25.25 40.71
CA ILE P 7 -45.92 24.27 40.48
C ILE P 7 -45.62 23.13 41.42
N ILE P 8 -46.64 22.62 42.09
CA ILE P 8 -46.42 21.58 43.07
C ILE P 8 -47.10 20.31 42.60
N VAL P 9 -46.35 19.22 42.55
CA VAL P 9 -46.95 17.95 42.17
C VAL P 9 -46.87 16.96 43.31
N GLY P 10 -47.97 16.27 43.55
CA GLY P 10 -48.02 15.17 44.50
C GLY P 10 -48.32 13.90 43.72
N LEU P 11 -47.37 12.97 43.70
CA LEU P 11 -47.48 11.83 42.79
C LEU P 11 -47.50 10.45 43.46
N THR P 12 -48.05 9.50 42.74
CA THR P 12 -48.16 8.12 43.20
C THR P 12 -47.89 7.20 42.02
N PRO P 13 -46.71 6.56 42.01
CA PRO P 13 -46.30 5.72 40.87
C PRO P 13 -47.31 4.61 40.55
N LYS P 14 -47.63 4.46 39.26
CA LYS P 14 -48.31 3.27 38.77
C LYS P 14 -47.34 2.37 37.99
N ASP P 15 -47.15 2.63 36.70
CA ASP P 15 -46.29 1.79 35.85
C ASP P 15 -44.86 2.32 35.73
N ALA P 16 -43.91 1.56 36.28
CA ALA P 16 -42.51 1.99 36.33
C ALA P 16 -41.95 2.35 34.96
N GLU P 17 -42.14 1.46 33.98
CA GLU P 17 -41.57 1.72 32.67
C GLU P 17 -42.21 2.97 32.11
N LYS P 18 -43.53 3.05 32.18
CA LYS P 18 -44.23 4.24 31.73
C LYS P 18 -43.70 5.46 32.47
N LEU P 19 -43.64 5.36 33.80
CA LEU P 19 -43.22 6.47 34.65
C LEU P 19 -41.83 6.97 34.30
N GLN P 20 -40.94 6.04 33.92
CA GLN P 20 -39.58 6.40 33.53
C GLN P 20 -39.55 7.05 32.15
N GLN P 21 -40.46 6.64 31.28
CA GLN P 21 -40.53 7.26 29.96
C GLN P 21 -40.84 8.74 30.12
N TYR P 22 -41.86 9.05 30.92
CA TYR P 22 -42.21 10.44 31.22
C TYR P 22 -40.99 11.13 31.81
N GLY P 23 -40.48 10.59 32.91
CA GLY P 23 -39.31 11.14 33.57
C GLY P 23 -38.37 11.83 32.61
N ALA P 24 -37.94 11.09 31.60
CA ALA P 24 -36.83 11.50 30.74
C ALA P 24 -37.16 12.67 29.81
N ARG P 25 -38.35 12.66 29.21
CA ARG P 25 -38.68 13.69 28.25
C ARG P 25 -39.10 15.02 28.90
N VAL P 26 -39.26 15.03 30.23
CA VAL P 26 -39.78 16.22 30.93
C VAL P 26 -38.82 17.42 30.86
N ALA P 27 -37.59 17.23 31.36
CA ALA P 27 -36.57 18.27 31.32
C ALA P 27 -36.53 19.12 30.05
N SER P 28 -36.64 18.48 28.89
CA SER P 28 -36.59 19.22 27.63
C SER P 28 -37.65 20.30 27.59
N THR P 29 -38.84 19.99 28.08
CA THR P 29 -39.94 20.94 28.04
C THR P 29 -39.75 22.14 28.99
N LEU P 30 -38.81 22.03 29.92
CA LEU P 30 -38.62 23.06 30.94
C LEU P 30 -37.76 24.22 30.48
N ALA P 31 -36.66 23.91 29.78
CA ALA P 31 -35.69 24.95 29.41
C ALA P 31 -36.32 26.12 28.66
N LYS P 32 -37.23 25.81 27.74
CA LYS P 32 -37.89 26.83 26.91
C LYS P 32 -38.71 27.80 27.77
N TYR P 33 -39.03 27.39 28.99
CA TYR P 33 -39.83 28.21 29.88
C TYR P 33 -39.00 28.61 31.09
N SER P 34 -37.70 28.31 31.03
CA SER P 34 -36.80 28.54 32.15
C SER P 34 -37.45 27.94 33.40
N GLY P 35 -37.73 26.64 33.32
CA GLY P 35 -38.26 25.88 34.44
C GLY P 35 -37.12 25.14 35.11
N GLU P 36 -37.21 24.93 36.40
CA GLU P 36 -36.22 24.16 37.12
C GLU P 36 -36.83 23.36 38.25
N VAL P 37 -36.27 22.18 38.48
CA VAL P 37 -36.74 21.28 39.52
C VAL P 37 -36.13 21.63 40.89
N LEU P 38 -36.94 22.25 41.74
CA LEU P 38 -36.49 22.71 43.05
C LEU P 38 -36.18 21.54 43.98
N VAL P 39 -37.07 20.56 44.03
CA VAL P 39 -36.81 19.37 44.84
C VAL P 39 -37.73 18.20 44.47
N LYS P 40 -37.19 17.00 44.63
CA LYS P 40 -37.86 15.72 44.38
C LYS P 40 -37.79 15.00 45.71
N GLY P 41 -38.82 14.21 46.02
CA GLY P 41 -38.67 13.32 47.15
C GLY P 41 -39.93 12.71 47.68
N SER P 42 -39.77 11.53 48.26
CA SER P 42 -40.81 10.91 49.05
C SER P 42 -41.09 11.75 50.29
N VAL P 43 -42.33 11.69 50.75
CA VAL P 43 -42.75 12.52 51.87
C VAL P 43 -42.78 11.72 53.15
N GLU P 44 -42.53 12.42 54.25
CA GLU P 44 -42.83 11.94 55.58
C GLU P 44 -43.88 12.89 56.14
N GLN P 45 -45.01 12.35 56.59
CA GLN P 45 -46.11 13.17 57.09
C GLN P 45 -45.84 13.74 58.49
N LEU P 46 -45.94 15.07 58.61
CA LEU P 46 -45.81 15.74 59.90
C LEU P 46 -47.17 16.06 60.50
N HIS P 47 -48.13 16.33 59.63
CA HIS P 47 -49.49 16.57 60.08
C HIS P 47 -50.51 16.18 59.01
N GLY P 48 -51.65 15.66 59.46
CA GLY P 48 -52.74 15.34 58.56
C GLY P 48 -52.53 14.07 57.79
N LYS P 49 -53.24 13.95 56.68
CA LYS P 49 -52.98 12.86 55.76
C LYS P 49 -52.82 13.40 54.35
N PHE P 50 -51.85 12.86 53.65
CA PHE P 50 -51.57 13.24 52.29
C PHE P 50 -51.76 11.98 51.50
N GLU P 51 -52.60 12.05 50.48
CA GLU P 51 -52.97 10.86 49.71
C GLU P 51 -51.85 10.29 48.83
N HIS P 52 -50.80 11.07 48.62
CA HIS P 52 -49.74 10.68 47.72
C HIS P 52 -48.46 10.26 48.43
N LYS P 53 -47.46 9.85 47.64
CA LYS P 53 -46.24 9.27 48.16
C LYS P 53 -45.05 10.23 48.12
N ALA P 54 -45.05 11.12 47.15
CA ALA P 54 -43.91 12.00 46.96
C ALA P 54 -44.33 13.28 46.29
N GLN P 55 -43.40 14.22 46.21
CA GLN P 55 -43.69 15.57 45.80
C GLN P 55 -42.54 16.05 44.96
N VAL P 56 -42.85 16.91 44.00
CA VAL P 56 -41.86 17.60 43.22
C VAL P 56 -42.25 19.06 43.19
N ILE P 57 -41.28 19.96 43.25
CA ILE P 57 -41.60 21.37 43.12
C ILE P 57 -40.86 21.97 41.95
N LEU P 58 -41.61 22.47 40.98
CA LEU P 58 -41.02 23.20 39.86
C LEU P 58 -40.97 24.71 40.14
N GLU P 59 -40.04 25.41 39.50
CA GLU P 59 -39.83 26.83 39.74
C GLU P 59 -39.65 27.62 38.43
N PHE P 60 -40.55 28.54 38.16
CA PHE P 60 -40.45 29.40 36.99
C PHE P 60 -40.26 30.86 37.38
N PRO P 61 -39.59 31.63 36.53
CA PRO P 61 -39.34 33.06 36.80
C PRO P 61 -40.63 33.88 36.91
N SER P 62 -41.72 33.39 36.33
CA SER P 62 -42.99 34.10 36.33
C SER P 62 -44.13 33.10 36.38
N ARG P 63 -45.31 33.53 36.80
CA ARG P 63 -46.46 32.64 36.82
C ARG P 63 -46.88 32.31 35.40
N GLU P 64 -46.57 33.20 34.47
CA GLU P 64 -46.92 32.97 33.07
C GLU P 64 -46.06 31.83 32.51
N ASP P 65 -44.77 31.92 32.75
CA ASP P 65 -43.84 30.90 32.30
C ASP P 65 -44.28 29.54 32.87
N ALA P 66 -44.64 29.53 34.14
CA ALA P 66 -45.11 28.29 34.76
C ALA P 66 -46.39 27.79 34.09
N TYR P 67 -47.32 28.69 33.76
CA TYR P 67 -48.57 28.24 33.15
C TYR P 67 -48.38 27.88 31.69
N ASN P 68 -47.55 28.65 31.00
CA ASN P 68 -47.30 28.44 29.59
C ASN P 68 -46.65 27.09 29.38
N TRP P 69 -45.72 26.77 30.28
CA TRP P 69 -45.06 25.48 30.26
C TRP P 69 -46.08 24.34 30.28
N TYR P 70 -46.83 24.22 31.37
CA TYR P 70 -47.76 23.09 31.51
C TYR P 70 -48.64 22.92 30.27
N HIS P 71 -48.99 24.03 29.65
CA HIS P 71 -49.88 23.99 28.51
C HIS P 71 -49.12 24.10 27.21
N SER P 72 -47.80 23.90 27.27
CA SER P 72 -46.97 23.89 26.07
C SER P 72 -47.17 22.56 25.34
N GLU P 73 -46.73 22.47 24.08
CA GLU P 73 -47.04 21.31 23.26
C GLU P 73 -46.10 20.14 23.51
N GLU P 74 -44.82 20.46 23.63
CA GLU P 74 -43.83 19.48 24.03
C GLU P 74 -44.19 18.86 25.39
N TYR P 75 -44.87 19.60 26.25
CA TYR P 75 -45.28 19.02 27.52
C TYR P 75 -46.59 18.25 27.40
N GLN P 76 -47.63 18.89 26.88
CA GLN P 76 -48.93 18.26 26.75
C GLN P 76 -48.80 16.91 26.06
N ALA P 77 -47.76 16.76 25.24
CA ALA P 77 -47.54 15.52 24.52
C ALA P 77 -47.27 14.36 25.49
N LEU P 78 -46.68 14.68 26.64
CA LEU P 78 -46.23 13.65 27.57
C LEU P 78 -47.35 13.20 28.50
N ILE P 79 -48.38 14.02 28.61
CA ILE P 79 -49.40 13.78 29.61
C ILE P 79 -50.04 12.36 29.55
N SER P 80 -50.45 11.91 28.38
CA SER P 80 -51.14 10.61 28.31
C SER P 80 -50.33 9.46 28.94
N THR P 81 -49.01 9.47 28.71
CA THR P 81 -48.12 8.46 29.25
C THR P 81 -47.79 8.69 30.74
N ARG P 82 -47.77 9.94 31.15
CA ARG P 82 -47.61 10.29 32.55
C ARG P 82 -48.78 9.78 33.37
N ASP P 83 -49.99 10.05 32.88
CA ASP P 83 -51.21 9.61 33.54
C ASP P 83 -51.18 8.11 33.71
N LEU P 84 -50.43 7.45 32.85
CA LEU P 84 -50.23 6.02 32.93
C LEU P 84 -49.16 5.71 33.95
N GLY P 85 -48.08 6.49 33.92
CA GLY P 85 -46.98 6.31 34.84
C GLY P 85 -47.35 6.60 36.29
N ASP P 87 -50.32 8.71 39.17
CA ASP P 87 -51.49 9.48 39.49
C ASP P 87 -50.97 10.63 40.30
N SER P 88 -51.46 11.83 40.00
CA SER P 88 -50.88 13.03 40.58
C SER P 88 -51.86 14.18 40.60
N GLN P 89 -51.34 15.31 41.08
CA GLN P 89 -52.12 16.52 41.20
C GLN P 89 -51.12 17.62 40.95
N PHE P 90 -51.54 18.65 40.23
CA PHE P 90 -50.67 19.78 39.91
C PHE P 90 -51.28 21.09 40.40
N GLN P 91 -50.71 21.64 41.46
CA GLN P 91 -51.14 22.92 41.97
C GLN P 91 -50.24 24.02 41.46
N LEU P 92 -50.85 25.03 40.83
CA LEU P 92 -50.11 26.22 40.41
C LEU P 92 -50.29 27.35 41.41
N ILE P 93 -49.20 27.72 42.08
CA ILE P 93 -49.23 28.90 42.94
C ILE P 93 -48.32 29.97 42.35
N GLY P 94 -48.84 31.19 42.22
CA GLY P 94 -47.98 32.25 41.72
C GLY P 94 -48.61 33.63 41.83
N SER Q 1 -23.35 11.60 21.65
CA SER Q 1 -23.53 12.06 23.01
C SER Q 1 -22.31 12.81 23.53
N ASN Q 2 -22.47 13.42 24.70
CA ASN Q 2 -21.35 14.09 25.35
C ASN Q 2 -20.92 13.25 26.52
N ALA Q 3 -19.72 13.50 27.02
CA ALA Q 3 -19.23 12.81 28.20
C ALA Q 3 -19.64 13.61 29.43
N THR Q 4 -20.92 13.49 29.78
CA THR Q 4 -21.46 14.17 30.94
C THR Q 4 -20.60 13.80 32.11
N ALA Q 5 -20.31 14.76 32.99
CA ALA Q 5 -19.50 14.51 34.17
C ALA Q 5 -20.33 14.78 35.40
N TYR Q 6 -19.88 14.35 36.58
CA TYR Q 6 -20.70 14.47 37.79
C TYR Q 6 -19.83 14.70 39.00
N ILE Q 7 -20.32 15.52 39.91
CA ILE Q 7 -19.71 15.61 41.24
C ILE Q 7 -20.73 15.11 42.23
N ILE Q 8 -20.30 14.21 43.11
CA ILE Q 8 -21.17 13.75 44.16
C ILE Q 8 -20.61 14.28 45.48
N VAL Q 9 -21.47 14.92 46.26
CA VAL Q 9 -21.06 15.38 47.58
C VAL Q 9 -21.76 14.54 48.65
N GLY Q 10 -20.99 14.13 49.65
CA GLY Q 10 -21.56 13.56 50.86
C GLY Q 10 -21.47 14.62 51.94
N LEU Q 11 -22.53 14.81 52.70
CA LEU Q 11 -22.46 15.84 53.72
C LEU Q 11 -23.18 15.59 55.02
N THR Q 12 -22.67 16.25 56.05
CA THR Q 12 -23.20 16.22 57.41
C THR Q 12 -23.31 17.66 57.91
N PRO Q 13 -24.53 18.15 58.12
CA PRO Q 13 -24.74 19.52 58.60
C PRO Q 13 -23.95 19.85 59.86
N LYS Q 14 -23.45 21.09 59.93
CA LYS Q 14 -22.79 21.60 61.13
C LYS Q 14 -23.54 22.78 61.69
N ASP Q 15 -23.51 23.88 60.95
CA ASP Q 15 -24.02 25.16 61.40
C ASP Q 15 -25.10 25.66 60.46
N ALA Q 16 -26.33 25.69 60.96
CA ALA Q 16 -27.48 25.99 60.13
C ALA Q 16 -27.39 27.36 59.46
N GLU Q 17 -26.78 28.32 60.13
CA GLU Q 17 -26.68 29.67 59.60
C GLU Q 17 -25.73 29.75 58.42
N LYS Q 18 -24.53 29.20 58.60
CA LYS Q 18 -23.55 29.20 57.54
C LYS Q 18 -24.04 28.34 56.38
N LEU Q 19 -24.81 27.30 56.72
CA LEU Q 19 -25.35 26.36 55.75
C LEU Q 19 -26.27 27.04 54.76
N GLN Q 20 -27.22 27.82 55.30
CA GLN Q 20 -28.16 28.55 54.46
C GLN Q 20 -27.39 29.63 53.71
N GLN Q 21 -26.30 30.09 54.33
CA GLN Q 21 -25.50 31.13 53.74
C GLN Q 21 -24.88 30.59 52.45
N TYR Q 22 -24.16 29.50 52.58
CA TYR Q 22 -23.57 28.80 51.45
C TYR Q 22 -24.63 28.50 50.41
N GLY Q 23 -25.68 27.80 50.83
CA GLY Q 23 -26.70 27.31 49.91
C GLY Q 23 -27.34 28.38 49.07
N ALA Q 24 -27.62 29.51 49.70
CA ALA Q 24 -28.28 30.63 49.02
C ALA Q 24 -27.41 31.22 47.91
N ARG Q 25 -26.11 30.98 47.97
CA ARG Q 25 -25.16 31.54 46.99
C ARG Q 25 -24.65 30.55 45.91
N VAL Q 26 -24.73 29.26 46.20
CA VAL Q 26 -24.11 28.26 45.33
C VAL Q 26 -24.63 28.26 43.89
N ALA Q 27 -25.95 28.36 43.75
CA ALA Q 27 -26.62 28.14 42.47
C ALA Q 27 -26.07 28.99 41.34
N SER Q 28 -25.81 30.26 41.61
CA SER Q 28 -25.41 31.19 40.57
C SER Q 28 -23.97 30.94 40.13
N THR Q 29 -23.20 30.24 40.96
CA THR Q 29 -21.83 29.94 40.58
C THR Q 29 -21.82 28.77 39.61
N LEU Q 30 -22.96 28.11 39.44
CA LEU Q 30 -23.09 27.02 38.47
C LEU Q 30 -23.24 27.50 37.03
N ALA Q 31 -24.17 28.43 36.81
CA ALA Q 31 -24.48 28.91 35.47
C ALA Q 31 -23.33 28.89 34.47
N LYS Q 32 -22.25 29.59 34.79
CA LYS Q 32 -21.19 29.80 33.82
C LYS Q 32 -20.64 28.45 33.35
N TYR Q 33 -20.82 27.43 34.19
CA TYR Q 33 -20.29 26.11 33.91
C TYR Q 33 -21.38 25.12 33.45
N SER Q 34 -22.57 25.65 33.20
CA SER Q 34 -23.72 24.86 32.83
C SER Q 34 -23.87 23.72 33.82
N GLY Q 35 -23.58 24.01 35.08
CA GLY Q 35 -23.76 23.06 36.14
C GLY Q 35 -25.23 23.01 36.53
N GLU Q 36 -25.64 21.87 37.08
CA GLU Q 36 -27.03 21.64 37.42
C GLU Q 36 -27.12 20.58 38.52
N VAL Q 37 -27.96 20.83 39.52
CA VAL Q 37 -28.12 19.91 40.64
C VAL Q 37 -29.11 18.83 40.22
N LEU Q 38 -28.66 17.59 40.15
CA LEU Q 38 -29.54 16.53 39.67
C LEU Q 38 -30.33 15.98 40.83
N VAL Q 39 -29.70 15.89 41.99
CA VAL Q 39 -30.34 15.24 43.12
C VAL Q 39 -29.84 15.79 44.44
N LYS Q 40 -30.75 15.84 45.41
CA LYS Q 40 -30.42 16.23 46.77
C LYS Q 40 -31.32 15.46 47.71
N GLY Q 41 -30.73 14.85 48.73
CA GLY Q 41 -31.54 14.06 49.65
C GLY Q 41 -30.79 13.45 50.82
N SER Q 42 -31.53 13.20 51.89
CA SER Q 42 -31.04 12.44 53.03
C SER Q 42 -30.87 10.97 52.66
N VAL Q 43 -29.95 10.34 53.37
CA VAL Q 43 -29.48 9.00 53.08
C VAL Q 43 -30.18 7.92 53.87
N GLU Q 44 -30.72 6.92 53.19
CA GLU Q 44 -31.00 5.64 53.86
C GLU Q 44 -29.96 4.64 53.38
N GLN Q 45 -29.24 4.00 54.32
CA GLN Q 45 -28.21 3.02 53.96
C GLN Q 45 -28.79 1.65 53.53
N LEU Q 46 -28.32 1.12 52.40
CA LEU Q 46 -28.73 -0.19 51.88
C LEU Q 46 -27.69 -1.29 52.17
N HIS Q 47 -26.43 -0.86 52.23
CA HIS Q 47 -25.34 -1.73 52.59
C HIS Q 47 -24.13 -0.92 53.00
N GLY Q 48 -23.37 -1.42 53.96
CA GLY Q 48 -22.12 -0.79 54.31
C GLY Q 48 -22.35 0.48 55.12
N LYS Q 49 -21.28 1.15 55.48
CA LYS Q 49 -21.39 2.34 56.30
C LYS Q 49 -21.00 3.57 55.49
N PHE Q 50 -21.79 4.63 55.65
CA PHE Q 50 -21.54 5.93 55.05
C PHE Q 50 -21.48 6.95 56.17
N GLU Q 51 -20.36 7.63 56.28
CA GLU Q 51 -20.12 8.55 57.39
C GLU Q 51 -21.09 9.74 57.43
N HIS Q 52 -21.61 10.14 56.27
CA HIS Q 52 -22.40 11.36 56.16
C HIS Q 52 -23.91 11.15 56.23
N LYS Q 53 -24.66 12.25 56.17
CA LYS Q 53 -26.10 12.21 56.38
C LYS Q 53 -26.86 12.43 55.09
N ALA Q 54 -26.20 13.02 54.10
CA ALA Q 54 -26.89 13.39 52.87
C ALA Q 54 -25.96 13.45 51.66
N GLN Q 55 -26.56 13.43 50.46
CA GLN Q 55 -25.80 13.59 49.23
C GLN Q 55 -26.50 14.53 48.22
N VAL Q 56 -25.72 15.26 47.45
CA VAL Q 56 -26.28 15.89 46.26
C VAL Q 56 -25.44 15.51 45.04
N ILE Q 57 -26.09 15.49 43.89
CA ILE Q 57 -25.40 15.14 42.65
C ILE Q 57 -25.44 16.30 41.67
N LEU Q 58 -24.27 16.82 41.32
CA LEU Q 58 -24.18 17.89 40.34
C LEU Q 58 -23.79 17.28 38.99
N GLU Q 59 -24.36 17.81 37.91
CA GLU Q 59 -24.13 17.29 36.57
C GLU Q 59 -23.69 18.38 35.59
N PHE Q 60 -22.53 18.19 34.95
CA PHE Q 60 -21.99 19.15 33.99
C PHE Q 60 -21.81 18.50 32.63
N PRO Q 61 -21.67 19.30 31.56
CA PRO Q 61 -21.56 18.70 30.22
C PRO Q 61 -20.20 18.04 29.96
N SER Q 62 -19.18 18.41 30.71
CA SER Q 62 -17.87 17.80 30.54
C SER Q 62 -17.18 17.72 31.89
N ARG Q 63 -16.18 16.87 31.99
CA ARG Q 63 -15.39 16.84 33.20
C ARG Q 63 -14.79 18.21 33.46
N GLU Q 64 -14.38 18.91 32.40
CA GLU Q 64 -13.59 20.12 32.59
C GLU Q 64 -14.46 21.25 33.11
N ASP Q 65 -15.70 21.30 32.67
CA ASP Q 65 -16.64 22.25 33.19
C ASP Q 65 -16.87 22.02 34.69
N ALA Q 66 -16.84 20.77 35.12
CA ALA Q 66 -17.09 20.46 36.52
C ALA Q 66 -15.91 20.91 37.34
N TYR Q 67 -14.72 20.52 36.87
CA TYR Q 67 -13.48 20.79 37.57
C TYR Q 67 -13.20 22.29 37.62
N ASN Q 68 -13.63 22.99 36.59
CA ASN Q 68 -13.43 24.42 36.55
C ASN Q 68 -14.40 25.18 37.45
N TRP Q 69 -15.64 24.69 37.53
CA TRP Q 69 -16.59 25.16 38.53
C TRP Q 69 -15.91 25.17 39.92
N TYR Q 70 -15.51 23.99 40.39
CA TYR Q 70 -14.93 23.86 41.72
C TYR Q 70 -13.71 24.74 41.94
N HIS Q 71 -13.01 25.09 40.86
CA HIS Q 71 -11.76 25.85 40.98
C HIS Q 71 -11.94 27.32 40.61
N SER Q 72 -13.17 27.71 40.29
CA SER Q 72 -13.47 29.09 39.97
C SER Q 72 -13.47 29.99 41.20
N GLU Q 73 -13.33 31.28 40.97
CA GLU Q 73 -13.22 32.26 42.05
C GLU Q 73 -14.56 32.41 42.74
N GLU Q 74 -15.63 32.40 41.95
CA GLU Q 74 -16.97 32.56 42.50
C GLU Q 74 -17.36 31.42 43.43
N TYR Q 75 -16.85 30.21 43.17
CA TYR Q 75 -17.11 29.10 44.09
C TYR Q 75 -16.09 29.03 45.22
N GLN Q 76 -14.83 29.26 44.91
CA GLN Q 76 -13.85 29.22 45.97
C GLN Q 76 -14.19 30.21 47.09
N ALA Q 77 -14.90 31.29 46.76
CA ALA Q 77 -15.30 32.28 47.76
C ALA Q 77 -16.34 31.75 48.76
N LEU Q 78 -17.06 30.68 48.39
CA LEU Q 78 -18.11 30.15 49.28
C LEU Q 78 -17.56 29.11 50.26
N ILE Q 79 -16.32 28.73 50.08
CA ILE Q 79 -15.75 27.61 50.81
C ILE Q 79 -15.53 27.84 52.32
N SER Q 80 -14.99 28.98 52.72
CA SER Q 80 -14.88 29.28 54.16
C SER Q 80 -16.22 29.06 54.86
N THR Q 81 -17.28 29.61 54.29
CA THR Q 81 -18.60 29.45 54.85
C THR Q 81 -19.03 28.01 54.79
N ARG Q 82 -18.87 27.40 53.61
CA ARG Q 82 -19.32 26.03 53.37
C ARG Q 82 -18.81 25.08 54.45
N ASP Q 83 -17.57 25.28 54.84
CA ASP Q 83 -16.87 24.36 55.74
C ASP Q 83 -17.34 24.52 57.17
N LEU Q 84 -17.73 25.73 57.53
CA LEU Q 84 -18.28 25.98 58.85
C LEU Q 84 -19.68 25.38 58.86
N GLY Q 85 -20.35 25.49 57.73
CA GLY Q 85 -21.74 25.08 57.64
C GLY Q 85 -21.90 23.59 57.61
N ASP Q 87 -19.73 19.53 57.11
CA ASP Q 87 -18.66 18.63 56.76
C ASP Q 87 -19.11 17.89 55.51
N SER Q 88 -18.16 17.57 54.65
CA SER Q 88 -18.54 17.03 53.36
C SER Q 88 -17.37 16.41 52.63
N GLN Q 89 -17.72 15.58 51.65
CA GLN Q 89 -16.78 14.96 50.73
C GLN Q 89 -17.25 15.31 49.32
N PHE Q 90 -16.34 15.81 48.49
CA PHE Q 90 -16.66 16.06 47.08
C PHE Q 90 -15.87 15.09 46.18
N GLN Q 91 -16.58 14.32 45.36
CA GLN Q 91 -15.91 13.44 44.41
C GLN Q 91 -16.24 13.77 42.94
N LEU Q 92 -15.24 13.66 42.07
CA LEU Q 92 -15.41 13.96 40.66
C LEU Q 92 -15.32 12.70 39.81
N ILE Q 93 -16.32 12.48 38.96
CA ILE Q 93 -16.33 11.32 38.07
C ILE Q 93 -16.61 11.77 36.66
N GLY Q 94 -15.89 11.23 35.68
CA GLY Q 94 -16.22 11.53 34.32
C GLY Q 94 -15.00 11.69 33.43
N SER R 1 -43.34 16.31 36.35
CA SER R 1 -42.15 15.65 36.84
C SER R 1 -42.47 14.43 37.69
N ASN R 2 -41.47 13.60 37.91
CA ASN R 2 -41.60 12.48 38.84
C ASN R 2 -40.44 12.45 39.83
N ALA R 3 -40.62 11.73 40.92
CA ALA R 3 -39.65 11.66 42.00
C ALA R 3 -38.61 10.58 41.73
N THR R 4 -37.75 10.85 40.76
CA THR R 4 -36.61 10.01 40.45
C THR R 4 -35.79 9.66 41.67
N ALA R 5 -35.62 8.38 41.94
CA ALA R 5 -34.77 7.93 43.04
C ALA R 5 -33.38 7.64 42.52
N TYR R 6 -32.41 7.54 43.43
CA TYR R 6 -31.03 7.33 43.08
C TYR R 6 -30.37 6.41 44.10
N ILE R 7 -29.53 5.50 43.62
CA ILE R 7 -28.70 4.72 44.52
C ILE R 7 -27.25 5.02 44.20
N ILE R 8 -26.50 5.38 45.23
CA ILE R 8 -25.14 5.81 45.07
C ILE R 8 -24.21 4.80 45.70
N VAL R 9 -23.30 4.24 44.91
CA VAL R 9 -22.35 3.29 45.48
C VAL R 9 -20.87 3.74 45.44
N GLY R 10 -20.17 3.52 46.55
CA GLY R 10 -18.73 3.74 46.65
C GLY R 10 -18.02 2.38 46.69
N LEU R 11 -17.03 2.17 45.83
CA LEU R 11 -16.44 0.83 45.74
C LEU R 11 -14.92 0.74 45.66
N THR R 12 -14.42 -0.43 46.04
CA THR R 12 -12.99 -0.71 46.05
C THR R 12 -12.81 -2.15 45.62
N PRO R 13 -12.50 -2.35 44.34
CA PRO R 13 -12.33 -3.69 43.78
C PRO R 13 -11.45 -4.56 44.65
N LYS R 14 -11.96 -5.71 45.05
CA LYS R 14 -11.17 -6.68 45.79
C LYS R 14 -10.61 -7.74 44.82
N ASP R 15 -11.53 -8.44 44.16
CA ASP R 15 -11.19 -9.62 43.35
C ASP R 15 -11.71 -9.49 41.92
N ALA R 16 -10.80 -9.37 40.96
CA ALA R 16 -11.18 -9.11 39.57
C ALA R 16 -12.22 -10.07 39.02
N GLU R 17 -12.08 -11.35 39.31
CA GLU R 17 -12.91 -12.37 38.67
C GLU R 17 -14.27 -12.48 39.33
N LYS R 18 -14.34 -12.17 40.61
CA LYS R 18 -15.62 -12.00 41.28
C LYS R 18 -16.32 -10.75 40.75
N LEU R 19 -15.64 -9.61 40.87
CA LEU R 19 -16.17 -8.35 40.36
C LEU R 19 -16.79 -8.55 38.98
N GLN R 20 -16.01 -9.09 38.05
CA GLN R 20 -16.48 -9.41 36.70
C GLN R 20 -17.80 -10.19 36.75
N GLN R 21 -17.80 -11.28 37.52
CA GLN R 21 -18.95 -12.18 37.58
C GLN R 21 -20.17 -11.41 38.00
N TYR R 22 -20.04 -10.76 39.15
CA TYR R 22 -21.10 -9.90 39.67
C TYR R 22 -21.50 -8.86 38.61
N GLY R 23 -20.52 -8.25 37.97
CA GLY R 23 -20.77 -7.23 36.97
C GLY R 23 -21.70 -7.64 35.85
N ALA R 24 -21.43 -8.80 35.25
CA ALA R 24 -22.22 -9.25 34.10
C ALA R 24 -23.65 -9.61 34.48
N ARG R 25 -23.89 -9.82 35.76
CA ARG R 25 -25.20 -10.24 36.23
C ARG R 25 -26.14 -9.08 36.62
N VAL R 26 -25.60 -7.91 36.98
CA VAL R 26 -26.46 -6.87 37.59
C VAL R 26 -27.54 -6.32 36.67
N ALA R 27 -27.19 -6.06 35.41
CA ALA R 27 -28.08 -5.44 34.43
C ALA R 27 -29.49 -6.03 34.32
N SER R 28 -29.61 -7.36 34.31
CA SER R 28 -30.90 -8.00 34.11
C SER R 28 -31.81 -7.79 35.31
N THR R 29 -31.20 -7.68 36.48
CA THR R 29 -31.95 -7.48 37.70
C THR R 29 -32.60 -6.10 37.72
N LEU R 30 -31.99 -5.15 37.02
CA LEU R 30 -32.48 -3.76 36.95
C LEU R 30 -33.76 -3.58 36.11
N ALA R 31 -33.79 -4.17 34.92
CA ALA R 31 -34.85 -3.92 33.95
C ALA R 31 -36.28 -4.05 34.50
N LYS R 32 -36.49 -5.01 35.39
CA LYS R 32 -37.81 -5.20 35.98
C LYS R 32 -38.15 -4.01 36.88
N TYR R 33 -37.12 -3.46 37.51
CA TYR R 33 -37.29 -2.31 38.40
C TYR R 33 -37.00 -1.01 37.71
N SER R 34 -36.72 -1.10 36.41
CA SER R 34 -36.58 0.07 35.58
C SER R 34 -35.42 0.96 35.99
N GLY R 35 -34.55 0.43 36.85
CA GLY R 35 -33.36 1.14 37.27
C GLY R 35 -32.45 1.34 36.08
N GLU R 36 -31.31 1.99 36.28
CA GLU R 36 -30.41 2.27 35.17
C GLU R 36 -29.18 3.02 35.61
N VAL R 37 -28.03 2.57 35.13
CA VAL R 37 -26.76 3.13 35.52
C VAL R 37 -26.62 4.48 34.85
N LEU R 38 -26.56 5.53 35.65
CA LEU R 38 -26.44 6.87 35.10
C LEU R 38 -24.97 7.20 34.97
N VAL R 39 -24.18 6.73 35.94
CA VAL R 39 -22.77 7.09 35.95
C VAL R 39 -21.95 5.99 36.57
N LYS R 40 -20.69 5.96 36.15
CA LYS R 40 -19.78 4.90 36.41
C LYS R 40 -18.40 5.49 36.12
N GLY R 41 -17.57 5.56 37.14
CA GLY R 41 -16.21 6.00 36.90
C GLY R 41 -15.36 6.10 38.14
N SER R 42 -14.07 6.31 37.89
CA SER R 42 -13.08 6.47 38.94
C SER R 42 -13.20 7.85 39.57
N VAL R 43 -12.88 7.95 40.85
CA VAL R 43 -13.03 9.20 41.56
C VAL R 43 -11.75 10.04 41.59
N GLU R 44 -11.89 11.34 41.31
CA GLU R 44 -10.90 12.33 41.74
C GLU R 44 -11.46 13.14 42.90
N GLN R 45 -10.73 13.13 44.02
CA GLN R 45 -11.15 13.82 45.24
C GLN R 45 -10.95 15.32 45.12
N LEU R 46 -12.04 16.09 45.08
CA LEU R 46 -11.93 17.54 45.11
C LEU R 46 -11.90 18.10 46.55
N HIS R 47 -12.55 17.43 47.48
CA HIS R 47 -12.52 17.86 48.87
C HIS R 47 -12.81 16.76 49.86
N GLY R 48 -12.09 16.78 50.96
CA GLY R 48 -12.37 15.87 52.06
C GLY R 48 -11.76 14.50 51.85
N LYS R 49 -12.42 13.49 52.40
CA LYS R 49 -11.91 12.14 52.34
C LYS R 49 -13.01 11.19 51.92
N PHE R 50 -12.62 10.24 51.08
CA PHE R 50 -13.50 9.21 50.57
C PHE R 50 -12.60 7.98 50.41
N GLU R 51 -12.99 6.86 51.00
CA GLU R 51 -12.08 5.75 51.17
C GLU R 51 -12.25 4.69 50.09
N HIS R 52 -12.99 5.02 49.04
CA HIS R 52 -13.14 4.09 47.93
C HIS R 52 -12.51 4.69 46.69
N LYS R 53 -12.44 3.89 45.63
CA LYS R 53 -11.68 4.27 44.43
C LYS R 53 -12.59 4.70 43.31
N ALA R 54 -13.87 4.32 43.39
CA ALA R 54 -14.78 4.57 42.28
C ALA R 54 -16.21 4.70 42.76
N GLN R 55 -17.04 5.28 41.89
CA GLN R 55 -18.45 5.55 42.18
C GLN R 55 -19.33 5.07 41.03
N VAL R 56 -20.57 4.71 41.39
CA VAL R 56 -21.60 4.44 40.40
C VAL R 56 -22.86 5.10 40.86
N ILE R 57 -23.71 5.50 39.92
CA ILE R 57 -25.01 6.02 40.27
C ILE R 57 -26.11 5.33 39.49
N LEU R 58 -26.95 4.60 40.21
CA LEU R 58 -28.12 3.96 39.62
C LEU R 58 -29.34 4.86 39.76
N GLU R 59 -30.20 4.85 38.76
CA GLU R 59 -31.34 5.77 38.71
C GLU R 59 -32.64 5.03 38.54
N PHE R 60 -33.61 5.31 39.40
CA PHE R 60 -34.90 4.65 39.30
C PHE R 60 -36.03 5.65 39.21
N PRO R 61 -37.21 5.18 38.81
CA PRO R 61 -38.34 6.08 38.66
C PRO R 61 -38.93 6.41 40.01
N SER R 62 -38.53 5.71 41.06
CA SER R 62 -39.19 5.88 42.36
C SER R 62 -38.39 5.29 43.51
N ARG R 63 -38.43 5.96 44.66
CA ARG R 63 -37.79 5.42 45.84
C ARG R 63 -38.15 3.95 45.97
N GLU R 64 -39.41 3.63 45.70
CA GLU R 64 -39.91 2.27 45.84
C GLU R 64 -39.21 1.27 44.90
N ASP R 65 -39.24 1.53 43.60
CA ASP R 65 -38.55 0.63 42.66
C ASP R 65 -37.06 0.46 42.99
N ALA R 66 -36.38 1.53 43.41
CA ALA R 66 -34.97 1.40 43.74
C ALA R 66 -34.81 0.53 44.98
N TYR R 67 -35.68 0.75 45.97
CA TYR R 67 -35.61 -0.03 47.19
C TYR R 67 -35.96 -1.48 46.92
N ASN R 68 -37.11 -1.72 46.30
CA ASN R 68 -37.53 -3.08 45.97
C ASN R 68 -36.43 -3.81 45.21
N TRP R 69 -35.82 -3.10 44.26
CA TRP R 69 -34.74 -3.69 43.46
C TRP R 69 -33.61 -4.20 44.33
N TYR R 70 -33.22 -3.44 45.35
CA TYR R 70 -32.11 -3.87 46.18
C TYR R 70 -32.50 -5.04 47.08
N HIS R 71 -33.78 -5.17 47.38
CA HIS R 71 -34.25 -6.25 48.23
C HIS R 71 -34.89 -7.38 47.43
N SER R 72 -34.64 -7.37 46.13
CA SER R 72 -35.08 -8.44 45.26
C SER R 72 -34.20 -9.66 45.48
N GLU R 73 -34.81 -10.84 45.47
CA GLU R 73 -34.03 -12.07 45.58
C GLU R 73 -33.08 -12.22 44.40
N GLU R 74 -33.42 -11.61 43.27
CA GLU R 74 -32.56 -11.68 42.09
C GLU R 74 -31.23 -10.94 42.26
N TYR R 75 -31.29 -9.74 42.81
CA TYR R 75 -30.07 -9.01 43.12
C TYR R 75 -29.45 -9.47 44.45
N GLN R 76 -30.29 -9.87 45.40
CA GLN R 76 -29.81 -10.39 46.67
C GLN R 76 -28.88 -11.58 46.45
N ALA R 77 -29.13 -12.32 45.38
CA ALA R 77 -28.36 -13.52 45.05
C ALA R 77 -27.01 -13.20 44.39
N LEU R 78 -26.71 -11.92 44.21
CA LEU R 78 -25.43 -11.55 43.61
C LEU R 78 -24.49 -11.08 44.69
N ILE R 79 -25.02 -11.00 45.91
CA ILE R 79 -24.36 -10.24 46.97
C ILE R 79 -23.07 -10.87 47.47
N SER R 80 -23.16 -12.13 47.86
CA SER R 80 -21.99 -12.83 48.38
C SER R 80 -20.81 -12.68 47.45
N THR R 81 -21.03 -12.93 46.16
CA THR R 81 -19.96 -12.75 45.19
C THR R 81 -19.57 -11.27 45.10
N ARG R 82 -20.58 -10.40 45.06
CA ARG R 82 -20.38 -8.96 45.06
C ARG R 82 -19.33 -8.60 46.10
N ASP R 83 -19.56 -9.05 47.33
CA ASP R 83 -18.70 -8.75 48.47
C ASP R 83 -17.29 -9.27 48.29
N LEU R 84 -17.17 -10.47 47.73
CA LEU R 84 -15.87 -11.04 47.46
C LEU R 84 -15.19 -10.23 46.37
N GLY R 85 -16.00 -9.55 45.56
CA GLY R 85 -15.48 -8.76 44.46
C GLY R 85 -15.12 -7.31 44.82
N ASP R 87 -15.41 -4.19 48.24
CA ASP R 87 -15.91 -3.54 49.47
C ASP R 87 -16.71 -2.34 49.01
N SER R 88 -17.90 -2.12 49.56
CA SER R 88 -18.72 -1.02 49.08
C SER R 88 -19.66 -0.44 50.10
N GLN R 89 -20.13 0.77 49.82
CA GLN R 89 -21.25 1.37 50.53
C GLN R 89 -22.36 1.58 49.51
N PHE R 90 -23.61 1.42 49.96
CA PHE R 90 -24.78 1.72 49.13
C PHE R 90 -25.67 2.78 49.83
N GLN R 91 -25.90 3.90 49.16
CA GLN R 91 -26.80 4.94 49.68
C GLN R 91 -28.05 5.12 48.84
N LEU R 92 -29.21 5.10 49.48
CA LEU R 92 -30.47 5.33 48.81
C LEU R 92 -30.99 6.77 49.01
N ILE R 93 -31.24 7.47 47.92
CA ILE R 93 -31.57 8.88 47.95
C ILE R 93 -32.99 9.25 47.51
N GLY R 94 -33.63 8.39 46.72
CA GLY R 94 -35.05 8.55 46.46
C GLY R 94 -35.87 9.06 47.66
N SER S 1 -27.29 -15.35 19.41
CA SER S 1 -26.76 -14.00 19.51
C SER S 1 -27.07 -13.16 18.29
N ASN S 2 -27.36 -11.89 18.51
CA ASN S 2 -27.46 -10.92 17.42
C ASN S 2 -26.10 -10.30 17.21
N ALA S 3 -25.99 -9.48 16.18
CA ALA S 3 -24.74 -8.83 15.84
C ALA S 3 -24.74 -7.42 16.38
N THR S 4 -24.47 -7.28 17.67
CA THR S 4 -24.40 -5.99 18.31
C THR S 4 -23.48 -5.04 17.56
N ALA S 5 -23.91 -3.79 17.39
CA ALA S 5 -23.10 -2.78 16.74
C ALA S 5 -22.80 -1.60 17.68
N TYR S 6 -21.75 -0.85 17.39
CA TYR S 6 -21.31 0.21 18.27
C TYR S 6 -20.91 1.45 17.51
N ILE S 7 -21.29 2.60 18.05
CA ILE S 7 -20.76 3.88 17.61
C ILE S 7 -19.86 4.42 18.72
N ILE S 8 -18.65 4.77 18.35
CA ILE S 8 -17.64 5.26 19.28
C ILE S 8 -17.46 6.73 18.99
N VAL S 9 -17.50 7.56 20.03
CA VAL S 9 -17.17 8.96 19.81
C VAL S 9 -15.99 9.40 20.64
N GLY S 10 -15.11 10.14 20.00
CA GLY S 10 -14.02 10.84 20.64
C GLY S 10 -14.36 12.31 20.49
N LEU S 11 -14.41 13.01 21.61
CA LEU S 11 -14.95 14.37 21.62
C LEU S 11 -14.08 15.32 22.43
N THR S 12 -14.16 16.61 22.07
CA THR S 12 -13.42 17.68 22.73
C THR S 12 -14.36 18.84 22.90
N PRO S 13 -14.73 19.13 24.16
CA PRO S 13 -15.70 20.16 24.54
C PRO S 13 -15.28 21.57 24.12
N LYS S 14 -16.24 22.31 23.58
CA LYS S 14 -16.05 23.72 23.28
C LYS S 14 -17.02 24.54 24.14
N ASP S 15 -18.10 25.05 23.53
CA ASP S 15 -19.09 25.86 24.22
C ASP S 15 -19.96 25.05 25.21
N ALA S 16 -19.82 25.37 26.50
CA ALA S 16 -20.46 24.58 27.56
C ALA S 16 -21.96 24.42 27.42
N GLU S 17 -22.67 25.51 27.19
CA GLU S 17 -24.12 25.42 27.18
C GLU S 17 -24.66 24.74 25.94
N LYS S 18 -23.97 24.94 24.82
CA LYS S 18 -24.38 24.31 23.59
C LYS S 18 -24.16 22.83 23.72
N LEU S 19 -23.15 22.46 24.51
CA LEU S 19 -22.77 21.07 24.70
C LEU S 19 -23.85 20.44 25.52
N GLN S 20 -24.38 21.23 26.45
CA GLN S 20 -25.41 20.80 27.35
C GLN S 20 -26.76 20.63 26.66
N GLN S 21 -27.10 21.57 25.78
CA GLN S 21 -28.35 21.48 25.04
C GLN S 21 -28.40 20.18 24.25
N TYR S 22 -27.34 19.96 23.48
CA TYR S 22 -27.18 18.73 22.73
C TYR S 22 -27.31 17.54 23.65
N GLY S 23 -26.54 17.57 24.74
CA GLY S 23 -26.56 16.49 25.70
C GLY S 23 -27.96 16.07 26.10
N ALA S 24 -28.80 17.05 26.39
CA ALA S 24 -30.12 16.76 26.97
C ALA S 24 -31.01 16.05 25.96
N ARG S 25 -30.82 16.37 24.68
CA ARG S 25 -31.71 15.89 23.63
C ARG S 25 -31.37 14.49 23.05
N VAL S 26 -30.15 14.02 23.23
CA VAL S 26 -29.76 12.77 22.58
C VAL S 26 -30.48 11.55 23.11
N ALA S 27 -30.46 11.39 24.43
CA ALA S 27 -31.12 10.27 25.08
C ALA S 27 -32.34 9.76 24.34
N SER S 28 -33.33 10.62 24.17
CA SER S 28 -34.59 10.19 23.58
C SER S 28 -34.51 9.92 22.07
N THR S 29 -33.47 10.43 21.40
CA THR S 29 -33.31 10.09 20.01
C THR S 29 -32.84 8.63 19.89
N LEU S 30 -32.22 8.11 20.94
CA LEU S 30 -31.74 6.73 20.95
C LEU S 30 -32.85 5.71 21.14
N ALA S 31 -33.85 6.08 21.93
CA ALA S 31 -34.96 5.20 22.26
C ALA S 31 -35.47 4.38 21.07
N LYS S 32 -36.01 5.07 20.08
CA LYS S 32 -36.58 4.40 18.91
C LYS S 32 -35.66 3.30 18.40
N TYR S 33 -34.36 3.61 18.38
CA TYR S 33 -33.40 2.71 17.77
C TYR S 33 -32.74 1.73 18.77
N SER S 34 -33.35 1.60 19.94
CA SER S 34 -32.82 0.70 20.96
C SER S 34 -31.33 0.90 21.23
N GLY S 35 -30.86 2.15 21.13
CA GLY S 35 -29.48 2.48 21.51
C GLY S 35 -29.31 2.75 22.99
N GLU S 36 -28.14 2.47 23.54
CA GLU S 36 -27.87 2.70 24.96
C GLU S 36 -26.47 3.26 25.09
N VAL S 37 -26.23 4.05 26.15
CA VAL S 37 -24.87 4.45 26.45
C VAL S 37 -24.16 3.40 27.28
N LEU S 38 -23.20 2.75 26.65
CA LEU S 38 -22.36 1.80 27.36
C LEU S 38 -21.41 2.53 28.31
N VAL S 39 -20.64 3.48 27.77
CA VAL S 39 -19.72 4.27 28.61
C VAL S 39 -19.59 5.71 28.23
N LYS S 40 -19.08 6.46 29.22
CA LYS S 40 -18.81 7.88 29.14
C LYS S 40 -17.59 8.10 30.00
N GLY S 41 -16.61 8.82 29.50
CA GLY S 41 -15.47 9.09 30.34
C GLY S 41 -14.39 9.90 29.70
N SER S 42 -13.52 10.41 30.56
CA SER S 42 -12.38 11.18 30.15
C SER S 42 -11.23 10.24 29.86
N VAL S 43 -10.35 10.66 28.97
CA VAL S 43 -9.32 9.78 28.49
C VAL S 43 -8.02 9.97 29.22
N GLU S 44 -7.45 8.83 29.64
CA GLU S 44 -6.02 8.69 29.93
C GLU S 44 -5.35 7.86 28.84
N GLN S 45 -4.30 8.41 28.24
CA GLN S 45 -3.69 7.84 27.04
C GLN S 45 -2.66 6.80 27.41
N LEU S 46 -2.89 5.57 26.95
CA LEU S 46 -1.96 4.47 27.22
C LEU S 46 -0.86 4.35 26.18
N HIS S 47 -1.17 4.69 24.93
CA HIS S 47 -0.21 4.54 23.83
C HIS S 47 -0.55 5.41 22.63
N GLY S 48 0.49 5.96 22.01
CA GLY S 48 0.29 6.76 20.81
C GLY S 48 -0.38 8.07 21.14
N LYS S 49 -1.20 8.54 20.20
CA LYS S 49 -1.79 9.85 20.31
C LYS S 49 -3.26 9.82 19.93
N PHE S 50 -3.99 10.78 20.47
CA PHE S 50 -5.42 10.83 20.31
C PHE S 50 -5.80 12.29 20.51
N GLU S 51 -6.50 12.87 19.55
CA GLU S 51 -6.67 14.32 19.53
C GLU S 51 -7.75 14.83 20.49
N HIS S 52 -8.46 13.90 21.13
CA HIS S 52 -9.62 14.27 21.95
C HIS S 52 -9.38 14.07 23.42
N LYS S 53 -10.27 14.56 24.27
CA LYS S 53 -10.08 14.36 25.71
C LYS S 53 -11.08 13.40 26.34
N ALA S 54 -12.13 13.05 25.62
CA ALA S 54 -13.04 12.03 26.15
C ALA S 54 -13.67 11.14 25.08
N GLN S 55 -14.44 10.15 25.53
CA GLN S 55 -15.00 9.14 24.66
C GLN S 55 -16.37 8.68 25.16
N VAL S 56 -17.25 8.37 24.22
CA VAL S 56 -18.51 7.72 24.52
C VAL S 56 -18.68 6.48 23.63
N ILE S 57 -19.28 5.44 24.18
CA ILE S 57 -19.53 4.24 23.39
C ILE S 57 -21.03 3.91 23.35
N LEU S 58 -21.65 4.10 22.20
CA LEU S 58 -23.05 3.71 22.01
C LEU S 58 -23.17 2.26 21.52
N GLU S 59 -24.23 1.59 21.96
CA GLU S 59 -24.44 0.17 21.71
C GLU S 59 -25.82 -0.01 21.08
N PHE S 60 -25.90 -0.78 20.00
CA PHE S 60 -27.15 -1.07 19.31
C PHE S 60 -27.27 -2.56 18.99
N PRO S 61 -28.51 -3.03 18.79
CA PRO S 61 -28.84 -4.42 18.49
C PRO S 61 -28.47 -4.81 17.06
N SER S 62 -28.28 -3.84 16.17
CA SER S 62 -27.87 -4.13 14.78
C SER S 62 -27.21 -2.94 14.13
N ARG S 63 -26.37 -3.20 13.14
CA ARG S 63 -25.71 -2.13 12.40
C ARG S 63 -26.71 -1.21 11.74
N GLU S 64 -27.83 -1.73 11.29
CA GLU S 64 -28.81 -0.87 10.63
C GLU S 64 -29.37 0.18 11.61
N ASP S 65 -29.63 -0.25 12.84
CA ASP S 65 -30.19 0.65 13.83
C ASP S 65 -29.18 1.71 14.20
N ALA S 66 -27.95 1.29 14.45
CA ALA S 66 -26.86 2.19 14.75
C ALA S 66 -26.70 3.27 13.69
N TYR S 67 -26.98 2.89 12.44
CA TYR S 67 -26.79 3.76 11.29
C TYR S 67 -28.01 4.65 11.05
N ASN S 68 -29.19 4.05 11.15
CA ASN S 68 -30.45 4.79 11.05
C ASN S 68 -30.50 5.89 12.12
N TRP S 69 -30.22 5.51 13.37
CA TRP S 69 -30.28 6.47 14.44
C TRP S 69 -29.48 7.69 14.04
N TYR S 70 -28.26 7.46 13.55
CA TYR S 70 -27.42 8.59 13.14
C TYR S 70 -28.04 9.43 12.03
N HIS S 71 -28.73 8.77 11.09
CA HIS S 71 -29.29 9.46 9.95
C HIS S 71 -30.77 9.80 10.07
N SER S 72 -31.30 9.79 11.30
CA SER S 72 -32.70 10.16 11.53
C SER S 72 -32.87 11.66 11.73
N GLU S 73 -34.02 12.19 11.37
CA GLU S 73 -34.23 13.63 11.46
C GLU S 73 -34.16 14.18 12.88
N GLU S 74 -34.44 13.35 13.89
CA GLU S 74 -34.32 13.81 15.26
C GLU S 74 -32.86 14.03 15.62
N TYR S 75 -32.03 13.01 15.45
CA TYR S 75 -30.61 13.19 15.75
C TYR S 75 -29.98 14.23 14.82
N GLN S 76 -30.43 14.26 13.58
CA GLN S 76 -29.86 15.18 12.61
C GLN S 76 -30.11 16.58 13.13
N ALA S 77 -31.30 16.77 13.68
CA ALA S 77 -31.71 18.07 14.15
C ALA S 77 -30.78 18.61 15.22
N LEU S 78 -29.91 17.75 15.77
CA LEU S 78 -29.02 18.16 16.85
C LEU S 78 -27.58 18.44 16.41
N ILE S 79 -27.25 18.07 15.18
CA ILE S 79 -25.88 18.17 14.73
C ILE S 79 -25.34 19.57 14.96
N SER S 80 -26.10 20.56 14.50
CA SER S 80 -25.72 21.98 14.62
C SER S 80 -25.38 22.40 16.04
N THR S 81 -26.24 22.06 16.98
CA THR S 81 -25.97 22.38 18.37
C THR S 81 -24.74 21.60 18.79
N ARG S 82 -24.67 20.34 18.40
CA ARG S 82 -23.60 19.48 18.85
C ARG S 82 -22.23 19.94 18.36
N ASP S 83 -22.19 20.49 17.15
CA ASP S 83 -20.92 20.92 16.57
C ASP S 83 -20.45 22.23 17.21
N LEU S 84 -21.39 23.05 17.64
CA LEU S 84 -21.02 24.24 18.37
C LEU S 84 -20.48 23.81 19.73
N GLY S 85 -21.05 22.74 20.28
CA GLY S 85 -20.71 22.27 21.61
C GLY S 85 -19.42 21.46 21.72
N ASP S 87 -15.96 19.48 19.22
CA ASP S 87 -15.28 18.84 18.11
C ASP S 87 -15.30 17.33 18.36
N SER S 88 -15.71 16.55 17.36
CA SER S 88 -15.87 15.10 17.58
C SER S 88 -15.57 14.21 16.39
N GLN S 89 -15.57 12.91 16.68
CA GLN S 89 -15.40 11.84 15.73
C GLN S 89 -16.34 10.69 16.08
N PHE S 90 -17.18 10.31 15.13
CA PHE S 90 -18.11 9.19 15.30
C PHE S 90 -17.74 8.03 14.33
N GLN S 91 -17.28 6.91 14.87
CA GLN S 91 -17.00 5.72 14.06
C GLN S 91 -18.07 4.67 14.28
N LEU S 92 -18.58 4.11 13.18
CA LEU S 92 -19.56 3.02 13.24
C LEU S 92 -18.87 1.67 13.06
N ILE S 93 -19.18 0.75 13.97
CA ILE S 93 -18.60 -0.58 13.96
C ILE S 93 -19.70 -1.57 14.23
N GLY S 94 -19.99 -2.40 13.24
CA GLY S 94 -21.04 -3.39 13.38
C GLY S 94 -20.68 -4.61 12.57
N SER T 1 -23.19 -1.96 38.64
CA SER T 1 -22.94 -1.63 40.04
C SER T 1 -21.50 -1.83 40.44
N ASN T 2 -20.68 -2.31 39.52
CA ASN T 2 -19.23 -2.15 39.62
C ASN T 2 -18.83 -1.08 38.61
N ALA T 3 -17.64 -0.52 38.74
CA ALA T 3 -17.23 0.55 37.82
C ALA T 3 -16.43 0.04 36.61
N THR T 4 -17.15 -0.49 35.62
CA THR T 4 -16.53 -1.11 34.47
C THR T 4 -15.64 -0.14 33.69
N ALA T 5 -14.37 -0.53 33.54
CA ALA T 5 -13.37 0.27 32.82
C ALA T 5 -13.12 -0.28 31.41
N TYR T 6 -12.64 0.59 30.53
CA TYR T 6 -12.59 0.30 29.11
C TYR T 6 -11.33 0.83 28.46
N ILE T 7 -10.73 0.02 27.60
CA ILE T 7 -9.59 0.49 26.83
C ILE T 7 -9.98 0.54 25.38
N ILE T 8 -10.03 1.73 24.80
CA ILE T 8 -10.42 1.84 23.41
C ILE T 8 -9.18 1.89 22.49
N VAL T 9 -9.15 1.00 21.50
CA VAL T 9 -7.99 0.96 20.59
C VAL T 9 -8.32 1.38 19.17
N GLY T 10 -7.52 2.29 18.64
CA GLY T 10 -7.58 2.60 17.22
C GLY T 10 -6.38 2.01 16.51
N LEU T 11 -6.60 1.28 15.43
CA LEU T 11 -5.46 0.66 14.74
C LEU T 11 -5.51 0.69 13.21
N THR T 12 -4.32 0.65 12.63
CA THR T 12 -4.15 0.41 11.20
C THR T 12 -3.12 -0.71 10.96
N PRO T 13 -3.55 -1.79 10.30
CA PRO T 13 -2.65 -2.92 10.08
C PRO T 13 -1.39 -2.50 9.33
N LYS T 14 -0.30 -3.19 9.60
CA LYS T 14 0.97 -2.93 8.92
C LYS T 14 1.54 -4.26 8.39
N ASP T 15 2.29 -4.93 9.25
CA ASP T 15 2.91 -6.21 8.89
C ASP T 15 1.98 -7.36 9.20
N ALA T 16 1.29 -7.86 8.18
CA ALA T 16 0.29 -8.92 8.36
C ALA T 16 0.75 -10.06 9.26
N GLU T 17 2.05 -10.37 9.26
CA GLU T 17 2.55 -11.49 10.05
C GLU T 17 2.81 -11.14 11.52
N LYS T 18 3.44 -10.01 11.77
CA LYS T 18 3.64 -9.54 13.15
C LYS T 18 2.29 -9.33 13.84
N LEU T 19 1.34 -8.79 13.10
CA LEU T 19 0.00 -8.55 13.62
C LEU T 19 -0.62 -9.87 14.06
N GLN T 20 -0.50 -10.89 13.22
CA GLN T 20 -1.06 -12.18 13.54
C GLN T 20 -0.39 -12.75 14.78
N GLN T 21 0.90 -12.50 14.91
CA GLN T 21 1.65 -13.04 16.05
C GLN T 21 1.21 -12.40 17.36
N TYR T 22 1.13 -11.07 17.39
CA TYR T 22 0.66 -10.37 18.57
C TYR T 22 -0.78 -10.77 18.87
N GLY T 23 -1.60 -10.84 17.83
CA GLY T 23 -2.99 -11.18 17.99
C GLY T 23 -3.21 -12.52 18.68
N ALA T 24 -2.20 -13.38 18.63
CA ALA T 24 -2.36 -14.73 19.14
C ALA T 24 -1.96 -14.83 20.60
N ARG T 25 -1.04 -13.97 21.02
CA ARG T 25 -0.56 -13.94 22.39
C ARG T 25 -1.37 -13.02 23.33
N VAL T 26 -2.29 -12.24 22.77
CA VAL T 26 -3.00 -11.27 23.59
C VAL T 26 -4.00 -11.91 24.57
N ALA T 27 -4.84 -12.79 24.06
CA ALA T 27 -5.93 -13.36 24.86
C ALA T 27 -5.42 -13.80 26.22
N SER T 28 -4.39 -14.62 26.22
CA SER T 28 -3.89 -15.11 27.49
C SER T 28 -3.53 -13.98 28.48
N THR T 29 -2.98 -12.85 28.00
CA THR T 29 -2.60 -11.76 28.91
C THR T 29 -3.81 -11.08 29.58
N LEU T 30 -4.98 -11.19 28.95
CA LEU T 30 -6.17 -10.56 29.50
C LEU T 30 -6.79 -11.36 30.63
N ALA T 31 -6.34 -12.59 30.80
CA ALA T 31 -6.97 -13.49 31.77
C ALA T 31 -6.61 -13.16 33.21
N LYS T 32 -5.38 -12.71 33.45
CA LYS T 32 -4.97 -12.43 34.83
C LYS T 32 -5.68 -11.20 35.35
N TYR T 33 -6.28 -10.45 34.44
CA TYR T 33 -6.89 -9.16 34.75
C TYR T 33 -8.36 -9.12 34.38
N SER T 34 -8.98 -10.29 34.36
CA SER T 34 -10.38 -10.45 33.91
C SER T 34 -10.77 -9.51 32.77
N GLY T 35 -9.85 -9.33 31.83
CA GLY T 35 -10.13 -8.55 30.63
C GLY T 35 -10.87 -9.36 29.59
N GLU T 36 -11.66 -8.68 28.77
CA GLU T 36 -12.41 -9.35 27.73
C GLU T 36 -12.53 -8.44 26.50
N VAL T 37 -12.78 -9.00 25.33
CA VAL T 37 -13.02 -8.20 24.13
C VAL T 37 -14.50 -7.98 23.93
N LEU T 38 -14.87 -6.71 23.81
CA LEU T 38 -16.27 -6.35 23.61
C LEU T 38 -16.58 -6.26 22.13
N VAL T 39 -15.63 -5.70 21.35
CA VAL T 39 -15.80 -5.61 19.92
C VAL T 39 -14.50 -5.33 19.22
N LYS T 40 -14.45 -5.81 17.99
CA LYS T 40 -13.38 -5.52 17.07
C LYS T 40 -14.08 -5.31 15.73
N GLY T 41 -13.64 -4.31 14.98
CA GLY T 41 -14.33 -4.03 13.75
C GLY T 41 -13.64 -2.99 12.92
N SER T 42 -13.76 -3.15 11.61
CA SER T 42 -13.37 -2.15 10.66
C SER T 42 -14.27 -0.96 10.83
N VAL T 43 -13.70 0.22 10.62
CA VAL T 43 -14.45 1.45 10.85
C VAL T 43 -15.12 1.96 9.58
N GLU T 44 -16.41 2.28 9.67
CA GLU T 44 -16.99 3.26 8.77
C GLU T 44 -17.03 4.65 9.46
N GLN T 45 -16.80 5.72 8.72
CA GLN T 45 -16.71 7.02 9.38
C GLN T 45 -18.01 7.80 9.27
N LEU T 46 -18.72 7.97 10.40
CA LEU T 46 -19.99 8.71 10.47
C LEU T 46 -19.86 10.24 10.61
N HIS T 47 -18.78 10.70 11.22
CA HIS T 47 -18.49 12.12 11.27
C HIS T 47 -17.10 12.37 11.78
N GLY T 48 -16.50 13.48 11.37
CA GLY T 48 -15.19 13.84 11.86
C GLY T 48 -14.08 13.10 11.16
N LYS T 49 -12.88 13.26 11.68
CA LYS T 49 -11.69 12.62 11.13
C LYS T 49 -11.21 11.54 12.08
N PHE T 50 -10.78 10.41 11.53
CA PHE T 50 -10.26 9.33 12.34
C PHE T 50 -9.19 8.59 11.54
N GLU T 51 -7.95 8.64 12.02
CA GLU T 51 -6.78 8.24 11.23
C GLU T 51 -6.52 6.73 11.15
N HIS T 52 -7.40 5.91 11.71
CA HIS T 52 -7.16 4.48 11.69
C HIS T 52 -8.27 3.76 10.95
N LYS T 53 -8.11 2.44 10.81
CA LYS T 53 -9.02 1.66 10.00
C LYS T 53 -9.95 0.78 10.83
N ALA T 54 -9.56 0.52 12.06
CA ALA T 54 -10.34 -0.38 12.90
C ALA T 54 -10.29 0.03 14.36
N GLN T 55 -11.24 -0.48 15.13
CA GLN T 55 -11.31 -0.18 16.55
C GLN T 55 -11.50 -1.48 17.29
N VAL T 56 -10.95 -1.56 18.49
CA VAL T 56 -11.22 -2.68 19.36
C VAL T 56 -11.55 -2.06 20.69
N ILE T 57 -12.53 -2.64 21.37
CA ILE T 57 -12.86 -2.18 22.70
C ILE T 57 -12.63 -3.29 23.70
N LEU T 58 -11.78 -3.02 24.66
CA LEU T 58 -11.61 -3.95 25.78
C LEU T 58 -12.38 -3.51 27.03
N GLU T 59 -12.99 -4.48 27.69
CA GLU T 59 -13.73 -4.25 28.94
C GLU T 59 -13.12 -4.96 30.15
N PHE T 60 -12.95 -4.22 31.24
CA PHE T 60 -12.34 -4.74 32.46
C PHE T 60 -13.27 -4.52 33.66
N PRO T 61 -13.09 -5.29 34.74
CA PRO T 61 -13.99 -5.08 35.87
C PRO T 61 -13.68 -3.78 36.63
N SER T 62 -12.50 -3.19 36.41
CA SER T 62 -12.13 -1.96 37.11
C SER T 62 -11.00 -1.24 36.40
N ARG T 63 -10.87 0.07 36.63
CA ARG T 63 -9.77 0.84 36.04
C ARG T 63 -8.40 0.24 36.37
N GLU T 64 -8.21 -0.18 37.62
CA GLU T 64 -6.94 -0.76 38.03
C GLU T 64 -6.57 -2.01 37.21
N ASP T 65 -7.52 -2.94 37.06
CA ASP T 65 -7.25 -4.12 36.26
C ASP T 65 -6.86 -3.72 34.83
N ALA T 66 -7.64 -2.84 34.22
CA ALA T 66 -7.31 -2.35 32.89
C ALA T 66 -5.89 -1.75 32.83
N TYR T 67 -5.64 -0.74 33.65
CA TYR T 67 -4.34 -0.08 33.70
C TYR T 67 -3.22 -1.06 33.98
N ASN T 68 -3.49 -2.01 34.86
CA ASN T 68 -2.49 -2.96 35.30
C ASN T 68 -2.19 -4.00 34.24
N TRP T 69 -3.23 -4.48 33.58
CA TRP T 69 -3.05 -5.37 32.45
C TRP T 69 -2.06 -4.75 31.47
N TYR T 70 -2.34 -3.54 31.03
CA TYR T 70 -1.46 -2.86 30.07
C TYR T 70 -0.02 -2.77 30.55
N HIS T 71 0.20 -2.72 31.86
CA HIS T 71 1.56 -2.60 32.39
C HIS T 71 2.04 -3.89 33.03
N SER T 72 1.33 -4.99 32.77
CA SER T 72 1.79 -6.28 33.24
C SER T 72 3.04 -6.66 32.46
N GLU T 73 3.93 -7.39 33.12
CA GLU T 73 5.08 -7.99 32.47
C GLU T 73 4.62 -8.70 31.20
N GLU T 74 3.62 -9.56 31.37
CA GLU T 74 3.10 -10.35 30.25
C GLU T 74 2.78 -9.51 29.00
N TYR T 75 1.84 -8.58 29.12
CA TYR T 75 1.47 -7.79 27.96
C TYR T 75 2.65 -6.99 27.38
N GLN T 76 3.47 -6.41 28.23
CA GLN T 76 4.55 -5.54 27.75
C GLN T 76 5.54 -6.23 26.78
N ALA T 77 5.67 -7.54 26.89
CA ALA T 77 6.56 -8.28 26.00
C ALA T 77 5.98 -8.39 24.59
N LEU T 78 4.66 -8.36 24.50
CA LEU T 78 3.98 -8.40 23.20
C LEU T 78 4.10 -7.06 22.49
N ILE T 79 4.60 -6.04 23.16
CA ILE T 79 4.53 -4.70 22.61
C ILE T 79 5.51 -4.50 21.47
N SER T 80 6.77 -4.88 21.70
CA SER T 80 7.77 -4.91 20.65
C SER T 80 7.18 -5.41 19.33
N THR T 81 6.54 -6.58 19.35
CA THR T 81 5.97 -7.15 18.13
C THR T 81 4.66 -6.47 17.73
N ARG T 82 3.94 -5.96 18.71
CA ARG T 82 2.71 -5.25 18.40
C ARG T 82 2.98 -4.06 17.51
N ASP T 83 3.96 -3.25 17.88
CA ASP T 83 4.28 -2.01 17.16
C ASP T 83 4.64 -2.24 15.69
N LEU T 84 5.33 -3.33 15.41
CA LEU T 84 5.60 -3.71 14.03
C LEU T 84 4.30 -4.12 13.39
N GLY T 85 3.47 -4.83 14.16
CA GLY T 85 2.23 -5.35 13.65
C GLY T 85 1.27 -4.28 13.19
N ASP T 87 0.24 0.33 13.53
CA ASP T 87 0.16 1.66 14.13
C ASP T 87 -1.15 1.74 14.92
N SER T 88 -1.06 2.16 16.18
CA SER T 88 -2.25 2.21 17.02
C SER T 88 -2.33 3.39 17.98
N GLN T 89 -3.49 3.53 18.63
CA GLN T 89 -3.69 4.43 19.73
C GLN T 89 -4.57 3.71 20.78
N PHE T 90 -4.12 3.76 22.03
CA PHE T 90 -4.86 3.14 23.14
C PHE T 90 -5.40 4.18 24.17
N GLN T 91 -6.70 4.13 24.45
CA GLN T 91 -7.30 5.06 25.44
C GLN T 91 -7.92 4.34 26.62
N LEU T 92 -7.50 4.71 27.82
CA LEU T 92 -8.10 4.19 29.05
C LEU T 92 -9.25 5.08 29.46
N ILE T 93 -10.34 4.45 29.85
CA ILE T 93 -11.57 5.16 30.19
C ILE T 93 -12.25 4.61 31.46
N GLY T 94 -13.02 5.45 32.15
CA GLY T 94 -13.67 5.02 33.36
C GLY T 94 -12.79 5.30 34.57
N SER U 1 -4.57 -30.96 22.53
CA SER U 1 -5.65 -30.21 21.88
C SER U 1 -7.03 -30.81 22.16
N ASN U 2 -8.03 -29.94 22.26
CA ASN U 2 -9.41 -30.37 22.46
C ASN U 2 -10.21 -30.11 21.20
N ALA U 3 -11.42 -30.67 21.12
CA ALA U 3 -12.22 -30.62 19.89
C ALA U 3 -13.21 -29.47 19.87
N THR U 4 -12.66 -28.27 19.93
CA THR U 4 -13.44 -27.04 19.84
C THR U 4 -14.58 -27.22 18.86
N ALA U 5 -15.79 -26.91 19.30
CA ALA U 5 -16.96 -26.96 18.44
C ALA U 5 -17.51 -25.54 18.22
N TYR U 6 -18.31 -25.36 17.18
CA TYR U 6 -18.76 -24.02 16.85
C TYR U 6 -20.25 -24.00 16.52
N ILE U 7 -20.91 -22.90 16.90
CA ILE U 7 -22.22 -22.59 16.35
C ILE U 7 -22.16 -21.31 15.54
N ILE U 8 -22.62 -21.42 14.31
CA ILE U 8 -22.55 -20.34 13.36
C ILE U 8 -23.96 -19.85 13.11
N VAL U 9 -24.19 -18.57 13.38
CA VAL U 9 -25.50 -18.00 13.14
C VAL U 9 -25.47 -17.01 12.00
N GLY U 10 -26.45 -17.10 11.12
CA GLY U 10 -26.72 -16.06 10.15
C GLY U 10 -28.00 -15.38 10.59
N LEU U 11 -28.05 -14.06 10.57
CA LEU U 11 -29.29 -13.39 10.97
C LEU U 11 -29.66 -12.13 10.21
N THR U 12 -30.94 -11.81 10.30
CA THR U 12 -31.52 -10.61 9.73
C THR U 12 -32.38 -9.89 10.79
N PRO U 13 -31.95 -8.69 11.23
CA PRO U 13 -32.66 -7.98 12.30
C PRO U 13 -34.11 -7.67 11.91
N LYS U 14 -35.05 -8.04 12.77
CA LYS U 14 -36.45 -7.68 12.62
C LYS U 14 -36.82 -6.51 13.56
N ASP U 15 -37.51 -6.81 14.67
CA ASP U 15 -37.80 -5.81 15.71
C ASP U 15 -36.56 -5.42 16.52
N ALA U 16 -36.23 -4.14 16.57
CA ALA U 16 -35.01 -3.70 17.27
C ALA U 16 -35.11 -3.70 18.81
N GLU U 17 -36.32 -3.54 19.34
CA GLU U 17 -36.53 -3.64 20.79
C GLU U 17 -36.44 -5.09 21.30
N LYS U 18 -37.09 -6.02 20.59
CA LYS U 18 -37.01 -7.42 20.96
C LYS U 18 -35.62 -7.95 20.72
N LEU U 19 -35.01 -7.49 19.64
CA LEU U 19 -33.66 -7.91 19.32
C LEU U 19 -32.69 -7.54 20.44
N GLN U 20 -32.85 -6.37 21.04
CA GLN U 20 -31.97 -5.91 22.13
C GLN U 20 -32.26 -6.67 23.42
N GLN U 21 -33.53 -6.99 23.60
CA GLN U 21 -33.96 -7.76 24.75
C GLN U 21 -33.26 -9.10 24.74
N TYR U 22 -33.37 -9.80 23.62
CA TYR U 22 -32.69 -11.09 23.41
C TYR U 22 -31.18 -10.98 23.52
N GLY U 23 -30.60 -9.96 22.89
CA GLY U 23 -29.17 -9.78 22.89
C GLY U 23 -28.69 -9.66 24.31
N ALA U 24 -29.52 -9.07 25.15
CA ALA U 24 -29.14 -8.78 26.53
C ALA U 24 -29.10 -10.02 27.41
N ARG U 25 -29.81 -11.08 27.02
CA ARG U 25 -29.95 -12.23 27.90
C ARG U 25 -28.98 -13.40 27.59
N VAL U 26 -28.42 -13.42 26.39
CA VAL U 26 -27.68 -14.60 25.89
C VAL U 26 -26.39 -14.94 26.64
N ALA U 27 -25.60 -13.93 26.98
CA ALA U 27 -24.32 -14.11 27.67
C ALA U 27 -24.39 -15.00 28.90
N SER U 28 -25.34 -14.72 29.79
CA SER U 28 -25.46 -15.49 31.01
C SER U 28 -25.84 -16.93 30.66
N THR U 29 -26.40 -17.09 29.47
CA THR U 29 -26.80 -18.39 28.98
C THR U 29 -25.61 -19.11 28.35
N LEU U 30 -24.50 -18.40 28.14
CA LEU U 30 -23.32 -19.01 27.52
C LEU U 30 -22.28 -19.53 28.52
N ALA U 31 -21.75 -18.64 29.35
CA ALA U 31 -20.70 -19.03 30.30
C ALA U 31 -21.04 -20.31 31.12
N LYS U 32 -22.32 -20.63 31.23
CA LYS U 32 -22.77 -21.84 31.92
C LYS U 32 -22.27 -23.09 31.19
N TYR U 33 -22.28 -23.03 29.86
CA TYR U 33 -21.79 -24.11 29.01
C TYR U 33 -20.43 -23.74 28.39
N SER U 34 -19.74 -22.83 29.06
CA SER U 34 -18.43 -22.34 28.61
C SER U 34 -18.45 -21.81 27.18
N GLY U 35 -19.58 -21.27 26.76
CA GLY U 35 -19.69 -20.64 25.46
C GLY U 35 -18.93 -19.33 25.39
N GLU U 36 -18.97 -18.69 24.23
CA GLU U 36 -18.20 -17.48 24.03
C GLU U 36 -18.41 -16.98 22.61
N VAL U 37 -18.56 -15.67 22.45
CA VAL U 37 -18.71 -15.08 21.13
C VAL U 37 -17.34 -14.75 20.62
N LEU U 38 -16.99 -15.24 19.43
CA LEU U 38 -15.69 -14.88 18.88
C LEU U 38 -15.76 -13.99 17.65
N VAL U 39 -16.97 -13.83 17.12
CA VAL U 39 -17.17 -12.85 16.05
C VAL U 39 -18.58 -12.38 16.05
N LYS U 40 -18.74 -11.10 15.72
CA LYS U 40 -20.04 -10.52 15.41
C LYS U 40 -19.73 -9.58 14.27
N GLY U 41 -20.60 -9.53 13.26
CA GLY U 41 -20.33 -8.67 12.14
C GLY U 41 -21.34 -8.71 11.02
N SER U 42 -21.56 -7.54 10.44
CA SER U 42 -22.34 -7.42 9.23
C SER U 42 -21.55 -8.05 8.12
N VAL U 43 -22.25 -8.43 7.05
CA VAL U 43 -21.64 -9.21 5.99
C VAL U 43 -21.40 -8.39 4.74
N GLU U 44 -20.20 -8.50 4.16
CA GLU U 44 -19.98 -8.07 2.77
C GLU U 44 -19.75 -9.33 1.95
N GLN U 45 -20.61 -9.58 0.98
CA GLN U 45 -20.54 -10.82 0.22
C GLN U 45 -19.32 -10.87 -0.67
N LEU U 46 -18.54 -11.94 -0.55
CA LEU U 46 -17.38 -12.20 -1.41
C LEU U 46 -17.69 -13.19 -2.54
N HIS U 47 -18.81 -13.91 -2.42
CA HIS U 47 -19.22 -14.84 -3.46
C HIS U 47 -20.52 -15.55 -3.08
N GLY U 48 -21.34 -15.86 -4.08
CA GLY U 48 -22.58 -16.59 -3.85
C GLY U 48 -23.69 -15.72 -3.34
N LYS U 49 -24.90 -16.27 -3.26
CA LYS U 49 -25.98 -15.54 -2.62
C LYS U 49 -26.03 -15.91 -1.13
N PHE U 50 -26.39 -14.93 -0.29
CA PHE U 50 -26.46 -15.13 1.15
C PHE U 50 -27.65 -14.35 1.71
N GLU U 51 -28.64 -15.10 2.18
CA GLU U 51 -29.90 -14.57 2.67
C GLU U 51 -29.76 -13.41 3.68
N HIS U 52 -28.76 -13.46 4.55
CA HIS U 52 -28.73 -12.58 5.74
C HIS U 52 -27.83 -11.36 5.71
N LYS U 53 -27.97 -10.52 6.72
CA LYS U 53 -27.20 -9.29 6.82
C LYS U 53 -25.93 -9.49 7.64
N ALA U 54 -26.01 -10.33 8.66
CA ALA U 54 -24.93 -10.45 9.63
C ALA U 54 -24.64 -11.89 10.04
N GLN U 55 -23.50 -12.12 10.68
CA GLN U 55 -23.14 -13.46 11.14
C GLN U 55 -22.56 -13.44 12.56
N VAL U 56 -22.94 -14.40 13.40
CA VAL U 56 -22.24 -14.56 14.65
C VAL U 56 -21.61 -15.93 14.77
N ILE U 57 -20.42 -15.97 15.37
CA ILE U 57 -19.70 -17.21 15.60
C ILE U 57 -19.49 -17.48 17.09
N LEU U 58 -20.03 -18.61 17.56
CA LEU U 58 -19.90 -19.02 18.96
C LEU U 58 -18.95 -20.21 19.15
N GLU U 59 -18.07 -20.13 20.14
CA GLU U 59 -17.07 -21.17 20.41
C GLU U 59 -17.43 -21.97 21.66
N PHE U 60 -17.27 -23.29 21.59
CA PHE U 60 -17.46 -24.15 22.77
C PHE U 60 -16.34 -25.17 22.84
N PRO U 61 -15.98 -25.56 24.07
CA PRO U 61 -14.91 -26.51 24.36
C PRO U 61 -15.17 -27.92 23.83
N SER U 62 -16.38 -28.20 23.31
CA SER U 62 -16.75 -29.53 22.83
C SER U 62 -18.09 -29.48 22.13
N ARG U 63 -18.32 -30.37 21.16
CA ARG U 63 -19.63 -30.44 20.51
C ARG U 63 -20.72 -30.71 21.55
N GLU U 64 -20.36 -31.39 22.63
CA GLU U 64 -21.31 -31.68 23.71
C GLU U 64 -21.80 -30.39 24.34
N ASP U 65 -20.87 -29.54 24.73
CA ASP U 65 -21.24 -28.31 25.41
C ASP U 65 -22.09 -27.42 24.52
N ALA U 66 -21.71 -27.28 23.25
CA ALA U 66 -22.49 -26.46 22.35
C ALA U 66 -23.91 -26.99 22.28
N TYR U 67 -24.07 -28.21 21.79
CA TYR U 67 -25.39 -28.78 21.59
C TYR U 67 -26.29 -28.62 22.81
N ASN U 68 -25.79 -28.98 23.99
CA ASN U 68 -26.57 -28.82 25.20
C ASN U 68 -26.96 -27.36 25.40
N TRP U 69 -26.02 -26.45 25.18
CA TRP U 69 -26.30 -25.02 25.31
C TRP U 69 -27.51 -24.59 24.50
N TYR U 70 -27.56 -24.97 23.22
CA TYR U 70 -28.68 -24.57 22.39
C TYR U 70 -29.98 -25.18 22.90
N HIS U 71 -29.91 -26.39 23.44
CA HIS U 71 -31.12 -27.07 23.93
C HIS U 71 -31.44 -26.92 25.43
N SER U 72 -30.69 -26.07 26.13
CA SER U 72 -30.86 -25.91 27.58
C SER U 72 -31.99 -24.94 27.98
N GLU U 73 -32.78 -25.33 28.97
CA GLU U 73 -33.94 -24.56 29.40
C GLU U 73 -33.71 -23.03 29.41
N GLU U 74 -32.63 -22.59 30.06
CA GLU U 74 -32.34 -21.15 30.15
C GLU U 74 -32.27 -20.48 28.77
N TYR U 75 -31.53 -21.06 27.83
CA TYR U 75 -31.45 -20.46 26.52
C TYR U 75 -32.73 -20.65 25.73
N GLN U 76 -33.32 -21.83 25.86
CA GLN U 76 -34.53 -22.17 25.11
C GLN U 76 -35.69 -21.18 25.33
N ALA U 77 -35.75 -20.59 26.52
CA ALA U 77 -36.82 -19.65 26.84
C ALA U 77 -36.59 -18.30 26.16
N LEU U 78 -35.39 -18.06 25.64
CA LEU U 78 -35.13 -16.80 24.92
C LEU U 78 -35.64 -16.85 23.48
N ILE U 79 -35.95 -18.06 23.01
CA ILE U 79 -36.24 -18.28 21.58
C ILE U 79 -37.43 -17.50 21.01
N SER U 80 -38.58 -17.59 21.67
CA SER U 80 -39.72 -16.83 21.20
C SER U 80 -39.35 -15.36 21.01
N THR U 81 -38.69 -14.74 22.00
CA THR U 81 -38.31 -13.34 21.85
C THR U 81 -37.24 -13.15 20.78
N ARG U 82 -36.39 -14.15 20.60
CA ARG U 82 -35.38 -14.15 19.54
C ARG U 82 -36.02 -14.07 18.15
N ASP U 83 -37.03 -14.90 17.93
CA ASP U 83 -37.65 -15.04 16.61
C ASP U 83 -38.44 -13.81 16.17
N LEU U 84 -38.82 -12.98 17.13
CA LEU U 84 -39.42 -11.70 16.80
C LEU U 84 -38.32 -10.68 16.47
N GLY U 85 -37.23 -10.76 17.22
CA GLY U 85 -36.12 -9.83 17.04
C GLY U 85 -35.34 -10.05 15.75
N ASP U 87 -34.88 -13.02 12.10
CA ASP U 87 -34.92 -14.28 11.36
C ASP U 87 -33.50 -14.79 11.26
N SER U 88 -33.31 -16.08 11.49
CA SER U 88 -31.95 -16.60 11.64
C SER U 88 -31.78 -18.06 11.21
N GLN U 89 -30.52 -18.45 11.06
CA GLN U 89 -30.12 -19.83 10.85
C GLN U 89 -29.00 -20.17 11.81
N PHE U 90 -29.10 -21.33 12.45
CA PHE U 90 -28.06 -21.81 13.37
C PHE U 90 -27.45 -23.11 12.86
N GLN U 91 -26.15 -23.12 12.63
CA GLN U 91 -25.47 -24.35 12.24
C GLN U 91 -24.48 -24.76 13.28
N LEU U 92 -24.54 -26.02 13.70
CA LEU U 92 -23.56 -26.61 14.61
C LEU U 92 -22.53 -27.42 13.82
N ILE U 93 -21.25 -27.18 14.08
CA ILE U 93 -20.16 -28.01 13.53
C ILE U 93 -19.09 -28.32 14.54
N GLY U 94 -18.37 -29.42 14.33
CA GLY U 94 -17.32 -29.83 15.24
C GLY U 94 -17.69 -31.06 16.06
N SER V 1 -4.99 -5.27 21.27
CA SER V 1 -5.47 -6.34 20.41
C SER V 1 -5.60 -5.84 18.98
N ASN V 2 -5.80 -6.78 18.04
CA ASN V 2 -6.02 -6.39 16.66
C ASN V 2 -7.42 -6.76 16.28
N ALA V 3 -7.90 -6.20 15.18
CA ALA V 3 -9.28 -6.46 14.75
C ALA V 3 -9.32 -7.62 13.76
N THR V 4 -9.28 -8.83 14.29
CA THR V 4 -9.34 -10.04 13.50
C THR V 4 -10.55 -10.07 12.59
N ALA V 5 -10.34 -10.39 11.32
CA ALA V 5 -11.43 -10.52 10.37
C ALA V 5 -11.61 -12.00 10.00
N TYR V 6 -12.75 -12.35 9.43
CA TYR V 6 -13.08 -13.74 9.15
C TYR V 6 -13.79 -13.92 7.82
N ILE V 7 -13.59 -15.07 7.19
CA ILE V 7 -14.40 -15.46 6.06
C ILE V 7 -15.13 -16.77 6.39
N ILE V 8 -16.44 -16.69 6.38
CA ILE V 8 -17.28 -17.87 6.55
C ILE V 8 -17.57 -18.47 5.17
N VAL V 9 -17.51 -19.80 5.07
CA VAL V 9 -17.87 -20.45 3.82
C VAL V 9 -18.96 -21.49 4.05
N GLY V 10 -19.99 -21.45 3.23
CA GLY V 10 -21.00 -22.51 3.22
C GLY V 10 -20.91 -23.24 1.90
N LEU V 11 -20.73 -24.56 1.94
CA LEU V 11 -20.46 -25.33 0.72
C LEU V 11 -21.18 -26.69 0.58
N THR V 12 -21.51 -27.01 -0.65
CA THR V 12 -22.05 -28.30 -0.99
C THR V 12 -21.13 -28.86 -2.06
N PRO V 13 -20.57 -30.07 -1.82
CA PRO V 13 -19.66 -30.75 -2.75
C PRO V 13 -20.37 -31.22 -4.01
N LYS V 14 -19.80 -30.94 -5.17
CA LYS V 14 -20.31 -31.45 -6.46
C LYS V 14 -19.42 -32.59 -7.01
N ASP V 15 -18.31 -32.20 -7.64
CA ASP V 15 -17.38 -33.15 -8.20
C ASP V 15 -16.23 -33.33 -7.24
N ALA V 16 -16.02 -34.57 -6.80
CA ALA V 16 -15.01 -34.85 -5.79
C ALA V 16 -13.57 -34.66 -6.29
N GLU V 17 -13.34 -34.93 -7.57
CA GLU V 17 -11.99 -34.73 -8.08
C GLU V 17 -11.62 -33.26 -8.10
N LYS V 18 -12.49 -32.44 -8.67
CA LYS V 18 -12.22 -31.04 -8.72
C LYS V 18 -12.08 -30.52 -7.30
N LEU V 19 -13.02 -30.89 -6.44
CA LEU V 19 -13.03 -30.42 -5.05
C LEU V 19 -11.70 -30.70 -4.39
N GLN V 20 -11.19 -31.90 -4.63
CA GLN V 20 -9.90 -32.31 -4.12
C GLN V 20 -8.84 -31.42 -4.74
N GLN V 21 -8.97 -31.17 -6.04
CA GLN V 21 -8.00 -30.32 -6.71
C GLN V 21 -7.94 -28.96 -5.98
N TYR V 22 -9.09 -28.31 -5.85
CA TYR V 22 -9.21 -27.07 -5.08
C TYR V 22 -8.62 -27.17 -3.68
N GLY V 23 -9.07 -28.18 -2.94
CA GLY V 23 -8.63 -28.34 -1.57
C GLY V 23 -7.13 -28.20 -1.39
N ALA V 24 -6.37 -28.88 -2.24
CA ALA V 24 -4.92 -28.97 -2.10
C ALA V 24 -4.14 -27.71 -2.46
N ARG V 25 -4.78 -26.74 -3.10
CA ARG V 25 -4.01 -25.60 -3.57
C ARG V 25 -4.25 -24.35 -2.73
N VAL V 26 -5.40 -24.31 -2.07
CA VAL V 26 -5.88 -23.13 -1.36
C VAL V 26 -4.91 -22.72 -0.26
N ALA V 27 -4.43 -23.70 0.50
CA ALA V 27 -3.62 -23.43 1.68
C ALA V 27 -2.41 -22.55 1.41
N SER V 28 -1.88 -22.60 0.19
CA SER V 28 -0.64 -21.92 -0.12
C SER V 28 -0.90 -20.44 -0.40
N THR V 29 -2.13 -20.15 -0.83
CA THR V 29 -2.54 -18.78 -1.15
C THR V 29 -2.83 -17.98 0.11
N LEU V 30 -3.05 -18.67 1.22
CA LEU V 30 -3.38 -18.03 2.47
C LEU V 30 -2.12 -17.41 3.05
N ALA V 31 -1.02 -18.09 2.85
CA ALA V 31 0.24 -17.74 3.49
C ALA V 31 0.58 -16.24 3.45
N LYS V 32 0.65 -15.65 2.25
CA LYS V 32 1.11 -14.27 2.13
C LYS V 32 0.05 -13.27 2.59
N TYR V 33 -1.07 -13.78 3.10
CA TYR V 33 -2.08 -12.93 3.70
C TYR V 33 -2.31 -13.37 5.14
N SER V 34 -1.30 -14.07 5.66
CA SER V 34 -1.31 -14.59 7.02
C SER V 34 -2.67 -15.16 7.42
N GLY V 35 -3.36 -15.78 6.47
CA GLY V 35 -4.62 -16.47 6.71
C GLY V 35 -4.47 -17.75 7.52
N GLU V 36 -5.59 -18.44 7.74
CA GLU V 36 -5.59 -19.59 8.63
C GLU V 36 -6.99 -20.19 8.76
N VAL V 37 -7.10 -21.51 8.57
CA VAL V 37 -8.39 -22.19 8.72
C VAL V 37 -8.64 -22.45 10.20
N LEU V 38 -9.68 -21.82 10.72
CA LEU V 38 -10.06 -21.93 12.13
C LEU V 38 -10.88 -23.19 12.31
N VAL V 39 -11.89 -23.37 11.47
CA VAL V 39 -12.66 -24.59 11.60
C VAL V 39 -13.30 -25.04 10.30
N LYS V 40 -13.61 -26.33 10.29
CA LYS V 40 -14.00 -27.05 9.11
C LYS V 40 -14.98 -28.06 9.65
N GLY V 41 -16.09 -28.26 8.97
CA GLY V 41 -16.93 -29.35 9.39
C GLY V 41 -18.25 -29.47 8.68
N SER V 42 -18.77 -30.70 8.70
CA SER V 42 -20.14 -30.93 8.26
C SER V 42 -21.10 -30.25 9.23
N VAL V 43 -22.29 -29.96 8.74
CA VAL V 43 -23.24 -29.16 9.49
C VAL V 43 -24.40 -29.96 10.07
N GLU V 44 -24.76 -29.67 11.32
CA GLU V 44 -26.06 -30.09 11.87
C GLU V 44 -26.96 -28.87 12.12
N GLN V 45 -28.13 -28.85 11.48
CA GLN V 45 -29.02 -27.72 11.63
C GLN V 45 -29.65 -27.63 13.02
N LEU V 46 -29.34 -26.56 13.75
CA LEU V 46 -29.97 -26.33 15.05
C LEU V 46 -31.26 -25.49 14.91
N HIS V 47 -31.26 -24.56 13.98
CA HIS V 47 -32.42 -23.71 13.78
C HIS V 47 -32.47 -23.13 12.39
N GLY V 48 -33.68 -22.89 11.90
CA GLY V 48 -33.87 -22.30 10.59
C GLY V 48 -33.43 -23.21 9.46
N LYS V 49 -33.17 -22.60 8.32
CA LYS V 49 -32.87 -23.35 7.11
C LYS V 49 -31.50 -22.92 6.58
N PHE V 50 -30.69 -23.90 6.19
CA PHE V 50 -29.37 -23.65 5.65
C PHE V 50 -29.16 -24.58 4.47
N GLU V 51 -28.91 -23.99 3.31
CA GLU V 51 -28.95 -24.71 2.04
C GLU V 51 -27.69 -25.51 1.73
N HIS V 52 -26.65 -25.35 2.53
CA HIS V 52 -25.39 -26.04 2.24
C HIS V 52 -25.10 -27.22 3.16
N LYS V 53 -24.04 -27.94 2.85
CA LYS V 53 -23.72 -29.18 3.54
C LYS V 53 -22.74 -28.91 4.68
N ALA V 54 -21.76 -28.05 4.42
CA ALA V 54 -20.66 -27.87 5.35
C ALA V 54 -20.30 -26.40 5.55
N GLN V 55 -19.34 -26.16 6.42
CA GLN V 55 -18.86 -24.81 6.68
C GLN V 55 -17.38 -24.77 6.95
N VAL V 56 -16.73 -23.73 6.46
CA VAL V 56 -15.35 -23.47 6.80
C VAL V 56 -15.28 -22.04 7.34
N ILE V 57 -14.34 -21.80 8.23
CA ILE V 57 -14.14 -20.47 8.76
C ILE V 57 -12.66 -20.10 8.63
N LEU V 58 -12.37 -19.01 7.93
CA LEU V 58 -10.98 -18.59 7.82
C LEU V 58 -10.78 -17.40 8.72
N GLU V 59 -9.56 -17.21 9.19
CA GLU V 59 -9.31 -16.08 10.04
C GLU V 59 -8.05 -15.37 9.61
N PHE V 60 -8.12 -14.05 9.51
CA PHE V 60 -6.95 -13.24 9.15
C PHE V 60 -6.72 -12.17 10.23
N PRO V 61 -5.50 -11.63 10.29
CA PRO V 61 -5.15 -10.52 11.20
C PRO V 61 -5.86 -9.18 10.90
N SER V 62 -6.60 -9.08 9.80
CA SER V 62 -7.39 -7.87 9.53
C SER V 62 -8.32 -8.04 8.34
N ARG V 63 -9.34 -7.19 8.27
CA ARG V 63 -10.26 -7.21 7.13
C ARG V 63 -9.55 -7.08 5.78
N GLU V 64 -8.51 -6.25 5.72
CA GLU V 64 -7.86 -5.99 4.44
C GLU V 64 -7.10 -7.23 3.93
N ASP V 65 -6.33 -7.87 4.79
CA ASP V 65 -5.66 -9.07 4.38
C ASP V 65 -6.71 -10.08 3.91
N ALA V 66 -7.73 -10.30 4.73
CA ALA V 66 -8.82 -11.19 4.36
C ALA V 66 -9.31 -10.91 2.94
N TYR V 67 -9.54 -9.65 2.62
CA TYR V 67 -10.11 -9.26 1.34
C TYR V 67 -9.07 -9.20 0.20
N ASN V 68 -7.83 -8.87 0.53
CA ASN V 68 -6.75 -8.91 -0.45
C ASN V 68 -6.47 -10.34 -0.86
N TRP V 69 -6.61 -11.24 0.11
CA TRP V 69 -6.48 -12.64 -0.16
C TRP V 69 -7.51 -13.05 -1.21
N TYR V 70 -8.79 -12.77 -0.93
CA TYR V 70 -9.81 -13.28 -1.84
C TYR V 70 -9.57 -12.85 -3.27
N HIS V 71 -8.99 -11.68 -3.45
CA HIS V 71 -8.88 -11.08 -4.76
C HIS V 71 -7.49 -11.21 -5.34
N SER V 72 -6.63 -11.90 -4.60
CA SER V 72 -5.26 -12.11 -5.06
C SER V 72 -5.19 -12.83 -6.39
N GLU V 73 -4.12 -12.57 -7.12
CA GLU V 73 -3.79 -13.36 -8.29
C GLU V 73 -4.02 -14.82 -7.96
N GLU V 74 -3.20 -15.34 -7.05
CA GLU V 74 -3.11 -16.77 -6.86
C GLU V 74 -4.41 -17.46 -6.40
N TYR V 75 -5.20 -16.79 -5.59
CA TYR V 75 -6.43 -17.46 -5.14
C TYR V 75 -7.48 -17.50 -6.24
N GLN V 76 -7.60 -16.44 -7.03
CA GLN V 76 -8.61 -16.41 -8.09
C GLN V 76 -8.31 -17.53 -9.08
N ALA V 77 -7.03 -17.80 -9.30
CA ALA V 77 -6.62 -18.87 -10.21
C ALA V 77 -7.21 -20.24 -9.81
N LEU V 78 -7.69 -20.32 -8.57
CA LEU V 78 -8.30 -21.54 -8.08
C LEU V 78 -9.81 -21.51 -8.21
N ILE V 79 -10.34 -20.41 -8.71
CA ILE V 79 -11.79 -20.25 -8.66
C ILE V 79 -12.47 -21.10 -9.68
N SER V 80 -11.93 -21.06 -10.89
CA SER V 80 -12.39 -21.89 -12.00
C SER V 80 -12.63 -23.34 -11.57
N THR V 81 -11.66 -23.95 -10.91
CA THR V 81 -11.87 -25.35 -10.51
C THR V 81 -12.72 -25.42 -9.25
N ARG V 82 -12.51 -24.49 -8.33
CA ARG V 82 -13.24 -24.48 -7.07
C ARG V 82 -14.74 -24.66 -7.29
N ASP V 83 -15.26 -23.91 -8.26
CA ASP V 83 -16.69 -23.87 -8.49
C ASP V 83 -17.21 -25.10 -9.20
N LEU V 84 -16.31 -25.85 -9.81
CA LEU V 84 -16.69 -27.15 -10.35
C LEU V 84 -16.86 -28.11 -9.17
N GLY V 85 -16.01 -27.93 -8.17
CA GLY V 85 -16.04 -28.81 -7.02
C GLY V 85 -17.19 -28.60 -6.06
N ASP V 87 -20.79 -25.85 -4.95
CA ASP V 87 -21.57 -24.63 -4.87
C ASP V 87 -21.18 -24.02 -3.54
N SER V 88 -20.98 -22.72 -3.47
CA SER V 88 -20.53 -22.14 -2.22
C SER V 88 -21.03 -20.72 -1.91
N GLN V 89 -20.92 -20.36 -0.64
CA GLN V 89 -21.15 -19.02 -0.13
C GLN V 89 -19.85 -18.52 0.47
N PHE V 90 -19.44 -17.31 0.12
CA PHE V 90 -18.40 -16.65 0.90
C PHE V 90 -18.95 -15.34 1.51
N GLN V 91 -18.78 -15.19 2.82
CA GLN V 91 -19.11 -13.95 3.50
C GLN V 91 -17.90 -13.38 4.22
N LEU V 92 -17.65 -12.09 4.05
CA LEU V 92 -16.58 -11.41 4.79
C LEU V 92 -17.16 -10.64 5.97
N ILE V 93 -16.62 -10.92 7.15
CA ILE V 93 -17.07 -10.35 8.42
C ILE V 93 -15.96 -9.60 9.12
N GLY V 94 -16.26 -8.39 9.61
CA GLY V 94 -15.34 -7.73 10.50
C GLY V 94 -14.85 -6.39 10.01
N SER W 1 10.40 -34.52 -0.70
CA SER W 1 9.43 -34.52 0.39
C SER W 1 10.13 -34.52 1.73
N ASN W 2 9.41 -34.12 2.77
CA ASN W 2 9.92 -34.24 4.11
C ASN W 2 9.06 -35.20 4.92
N ALA W 3 9.62 -35.79 5.96
CA ALA W 3 8.88 -36.84 6.66
C ALA W 3 7.96 -36.28 7.73
N THR W 4 6.80 -35.78 7.33
CA THR W 4 5.93 -35.11 8.28
C THR W 4 5.32 -36.06 9.31
N ALA W 5 5.37 -35.65 10.58
CA ALA W 5 4.93 -36.49 11.68
C ALA W 5 3.60 -36.01 12.23
N TYR W 6 2.94 -36.87 12.98
CA TYR W 6 1.57 -36.64 13.41
C TYR W 6 1.37 -37.13 14.84
N ILE W 7 0.53 -36.40 15.57
CA ILE W 7 0.11 -36.83 16.89
C ILE W 7 -1.41 -36.90 16.90
N ILE W 8 -1.92 -38.11 17.13
CA ILE W 8 -3.35 -38.36 17.16
C ILE W 8 -3.87 -38.35 18.60
N VAL W 9 -4.94 -37.61 18.87
CA VAL W 9 -5.56 -37.70 20.19
C VAL W 9 -7.05 -38.06 20.13
N GLY W 10 -7.46 -38.95 21.03
CA GLY W 10 -8.87 -39.27 21.23
C GLY W 10 -9.29 -38.76 22.60
N LEU W 11 -10.39 -38.01 22.66
CA LEU W 11 -10.70 -37.33 23.91
C LEU W 11 -12.16 -37.38 24.32
N THR W 12 -12.38 -37.14 25.60
CA THR W 12 -13.73 -37.15 26.16
C THR W 12 -13.92 -36.04 27.21
N PRO W 13 -14.68 -35.00 26.86
CA PRO W 13 -14.84 -33.85 27.75
C PRO W 13 -15.25 -34.25 29.14
N LYS W 14 -14.50 -33.76 30.13
CA LYS W 14 -14.88 -33.90 31.52
C LYS W 14 -15.47 -32.60 31.99
N ASP W 15 -14.58 -31.69 32.39
CA ASP W 15 -14.92 -30.39 32.96
C ASP W 15 -14.84 -29.27 31.93
N ALA W 16 -15.97 -28.69 31.57
CA ALA W 16 -15.96 -27.72 30.49
C ALA W 16 -15.05 -26.50 30.75
N GLU W 17 -15.01 -26.03 32.01
CA GLU W 17 -14.21 -24.87 32.37
C GLU W 17 -12.71 -25.12 32.14
N LYS W 18 -12.20 -26.19 32.74
CA LYS W 18 -10.84 -26.64 32.52
C LYS W 18 -10.54 -26.84 31.04
N LEU W 19 -11.47 -27.44 30.33
CA LEU W 19 -11.30 -27.70 28.90
C LEU W 19 -11.01 -26.42 28.12
N GLN W 20 -11.78 -25.38 28.45
CA GLN W 20 -11.67 -24.09 27.79
C GLN W 20 -10.28 -23.51 28.03
N GLN W 21 -9.81 -23.61 29.28
CA GLN W 21 -8.53 -23.03 29.69
C GLN W 21 -7.39 -23.66 28.92
N TYR W 22 -7.36 -24.99 28.97
CA TYR W 22 -6.42 -25.77 28.17
C TYR W 22 -6.44 -25.34 26.71
N GLY W 23 -7.59 -25.51 26.06
CA GLY W 23 -7.70 -25.24 24.65
C GLY W 23 -7.11 -23.88 24.28
N ALA W 24 -7.29 -22.91 25.16
CA ALA W 24 -6.94 -21.54 24.83
C ALA W 24 -5.44 -21.26 24.97
N ARG W 25 -4.72 -22.15 25.65
CA ARG W 25 -3.29 -21.95 25.84
C ARG W 25 -2.44 -22.80 24.90
N VAL W 26 -3.06 -23.84 24.33
CA VAL W 26 -2.31 -24.86 23.59
C VAL W 26 -1.67 -24.28 22.33
N ALA W 27 -2.40 -23.41 21.65
CA ALA W 27 -1.96 -22.89 20.37
C ALA W 27 -0.57 -22.24 20.43
N SER W 28 -0.34 -21.42 21.46
CA SER W 28 0.93 -20.72 21.65
C SER W 28 2.09 -21.71 21.82
N THR W 29 1.77 -22.91 22.27
CA THR W 29 2.82 -23.89 22.50
C THR W 29 3.27 -24.59 21.21
N LEU W 30 2.37 -24.69 20.22
CA LEU W 30 2.76 -25.23 18.92
C LEU W 30 3.78 -24.35 18.18
N ALA W 31 3.76 -23.05 18.43
CA ALA W 31 4.63 -22.10 17.73
C ALA W 31 6.04 -22.59 17.50
N LYS W 32 6.73 -22.89 18.60
CA LYS W 32 8.17 -23.09 18.55
C LYS W 32 8.54 -24.33 17.75
N TYR W 33 7.56 -25.22 17.59
CA TYR W 33 7.80 -26.52 16.97
C TYR W 33 7.06 -26.64 15.66
N SER W 34 6.55 -25.51 15.20
CA SER W 34 5.85 -25.43 13.93
C SER W 34 4.72 -26.43 13.90
N GLY W 35 4.07 -26.61 15.04
CA GLY W 35 2.92 -27.49 15.16
C GLY W 35 1.67 -26.88 14.60
N GLU W 36 0.76 -27.70 14.12
CA GLU W 36 -0.45 -27.19 13.49
C GLU W 36 -1.59 -28.19 13.67
N VAL W 37 -2.84 -27.71 13.69
CA VAL W 37 -3.98 -28.63 13.77
C VAL W 37 -4.55 -29.00 12.41
N LEU W 38 -4.62 -30.29 12.11
CA LEU W 38 -5.19 -30.71 10.84
C LEU W 38 -6.71 -30.82 10.94
N VAL W 39 -7.20 -31.46 11.98
CA VAL W 39 -8.63 -31.49 12.24
C VAL W 39 -8.97 -31.73 13.69
N LYS W 40 -10.19 -31.33 14.03
CA LYS W 40 -10.77 -31.65 15.30
C LYS W 40 -12.14 -32.14 14.89
N GLY W 41 -12.77 -32.97 15.70
CA GLY W 41 -14.13 -33.33 15.39
C GLY W 41 -14.69 -34.49 16.16
N SER W 42 -16.00 -34.55 16.19
CA SER W 42 -16.70 -35.61 16.87
C SER W 42 -16.63 -36.81 15.98
N VAL W 43 -16.83 -37.97 16.57
CA VAL W 43 -16.61 -39.20 15.87
C VAL W 43 -17.89 -39.98 15.60
N GLU W 44 -18.14 -40.28 14.33
CA GLU W 44 -19.11 -41.33 14.01
C GLU W 44 -18.34 -42.65 13.84
N GLN W 45 -18.74 -43.68 14.56
CA GLN W 45 -18.03 -44.96 14.52
C GLN W 45 -18.33 -45.80 13.28
N LEU W 46 -17.33 -46.05 12.44
CA LEU W 46 -17.55 -46.89 11.26
C LEU W 46 -17.37 -48.38 11.55
N HIS W 47 -16.40 -48.70 12.40
CA HIS W 47 -16.12 -50.08 12.73
C HIS W 47 -15.39 -50.21 14.06
N GLY W 48 -15.74 -51.22 14.85
CA GLY W 48 -14.96 -51.58 16.02
C GLY W 48 -15.10 -50.69 17.25
N LYS W 49 -14.14 -50.79 18.15
CA LYS W 49 -14.22 -50.10 19.44
C LYS W 49 -13.45 -48.78 19.45
N PHE W 50 -14.16 -47.69 19.75
CA PHE W 50 -13.54 -46.41 20.06
C PHE W 50 -14.26 -45.79 21.23
N GLU W 51 -13.55 -45.72 22.34
CA GLU W 51 -14.13 -45.42 23.63
C GLU W 51 -14.22 -43.91 23.91
N HIS W 52 -13.66 -43.09 23.02
CA HIS W 52 -13.74 -41.64 23.17
C HIS W 52 -14.79 -41.01 22.29
N LYS W 53 -14.87 -39.70 22.38
CA LYS W 53 -15.96 -38.95 21.78
C LYS W 53 -15.47 -38.16 20.58
N ALA W 54 -14.18 -37.87 20.55
CA ALA W 54 -13.67 -36.98 19.50
C ALA W 54 -12.23 -37.26 19.16
N GLN W 55 -11.80 -36.76 18.01
CA GLN W 55 -10.40 -36.81 17.64
C GLN W 55 -9.84 -35.44 17.25
N VAL W 56 -8.56 -35.24 17.53
CA VAL W 56 -7.82 -34.12 16.98
C VAL W 56 -6.56 -34.70 16.37
N ILE W 57 -6.16 -34.22 15.20
CA ILE W 57 -4.88 -34.59 14.62
C ILE W 57 -3.90 -33.38 14.57
N LEU W 58 -2.72 -33.54 15.16
CA LEU W 58 -1.69 -32.51 15.06
C LEU W 58 -0.65 -32.87 14.01
N GLU W 59 -0.15 -31.86 13.31
CA GLU W 59 0.82 -32.07 12.26
C GLU W 59 2.10 -31.29 12.59
N PHE W 60 3.23 -31.98 12.57
CA PHE W 60 4.51 -31.33 12.75
C PHE W 60 5.42 -31.64 11.55
N PRO W 61 6.47 -30.82 11.35
CA PRO W 61 7.36 -30.99 10.19
C PRO W 61 8.32 -32.17 10.37
N SER W 62 8.46 -32.66 11.59
CA SER W 62 9.32 -33.80 11.83
C SER W 62 8.86 -34.47 13.10
N ARG W 63 9.21 -35.74 13.27
CA ARG W 63 8.83 -36.45 14.46
C ARG W 63 9.48 -35.83 15.68
N GLU W 64 10.69 -35.31 15.52
CA GLU W 64 11.41 -34.81 16.67
C GLU W 64 10.72 -33.58 17.25
N ASP W 65 10.23 -32.71 16.37
CA ASP W 65 9.47 -31.53 16.80
C ASP W 65 8.19 -31.98 17.47
N ALA W 66 7.42 -32.85 16.81
CA ALA W 66 6.20 -33.39 17.40
C ALA W 66 6.45 -33.91 18.81
N TYR W 67 7.59 -34.55 19.00
CA TYR W 67 7.96 -35.14 20.27
C TYR W 67 8.53 -34.10 21.25
N ASN W 68 9.41 -33.24 20.77
CA ASN W 68 9.91 -32.17 21.62
C ASN W 68 8.76 -31.33 22.15
N TRP W 69 7.74 -31.13 21.32
CA TRP W 69 6.57 -30.34 21.70
C TRP W 69 5.86 -30.95 22.90
N TYR W 70 5.61 -32.25 22.84
CA TYR W 70 4.91 -32.92 23.92
C TYR W 70 5.71 -32.87 25.22
N HIS W 71 7.02 -32.68 25.12
CA HIS W 71 7.88 -32.77 26.29
C HIS W 71 8.55 -31.44 26.56
N SER W 72 7.99 -30.38 26.00
CA SER W 72 8.52 -29.03 26.19
C SER W 72 7.87 -28.33 27.37
N GLU W 73 8.66 -27.55 28.09
CA GLU W 73 8.20 -26.83 29.28
C GLU W 73 6.79 -26.25 29.16
N GLU W 74 6.52 -25.49 28.10
CA GLU W 74 5.23 -24.83 27.98
C GLU W 74 4.04 -25.76 27.78
N TYR W 75 4.19 -26.83 27.00
CA TYR W 75 3.05 -27.74 26.87
C TYR W 75 2.84 -28.60 28.12
N GLN W 76 3.93 -28.97 28.78
CA GLN W 76 3.86 -29.86 29.95
C GLN W 76 3.12 -29.19 31.12
N ALA W 77 3.29 -27.88 31.23
CA ALA W 77 2.67 -27.10 32.31
C ALA W 77 1.17 -27.01 32.08
N LEU W 78 0.74 -27.35 30.87
CA LEU W 78 -0.69 -27.31 30.55
C LEU W 78 -1.36 -28.62 30.92
N ILE W 79 -0.57 -29.68 31.10
CA ILE W 79 -1.14 -31.02 31.27
C ILE W 79 -2.02 -31.14 32.50
N SER W 80 -1.43 -30.85 33.65
CA SER W 80 -2.15 -30.78 34.92
C SER W 80 -3.58 -30.33 34.68
N THR W 81 -3.73 -29.23 33.94
CA THR W 81 -5.05 -28.66 33.71
C THR W 81 -5.77 -29.27 32.51
N ARG W 82 -5.03 -30.00 31.67
CA ARG W 82 -5.64 -30.75 30.57
C ARG W 82 -6.33 -32.01 31.10
N ASP W 83 -5.68 -32.68 32.02
CA ASP W 83 -6.19 -33.93 32.55
C ASP W 83 -7.52 -33.74 33.26
N LEU W 84 -7.73 -32.54 33.82
CA LEU W 84 -8.97 -32.22 34.51
C LEU W 84 -10.07 -31.91 33.51
N GLY W 85 -9.67 -31.40 32.36
CA GLY W 85 -10.62 -31.04 31.31
C GLY W 85 -11.08 -32.17 30.40
N ASP W 87 -10.37 -36.76 29.55
CA ASP W 87 -9.62 -38.02 29.49
C ASP W 87 -9.24 -38.24 28.04
N SER W 88 -7.98 -38.54 27.80
CA SER W 88 -7.54 -38.64 26.41
C SER W 88 -6.51 -39.73 26.19
N GLN W 89 -6.04 -39.81 24.95
CA GLN W 89 -4.97 -40.71 24.59
C GLN W 89 -4.17 -40.01 23.50
N PHE W 90 -2.85 -40.00 23.63
CA PHE W 90 -2.01 -39.34 22.64
C PHE W 90 -1.06 -40.33 21.95
N GLN W 91 -1.29 -40.57 20.68
CA GLN W 91 -0.40 -41.43 19.89
C GLN W 91 0.46 -40.64 18.94
N LEU W 92 1.76 -40.88 19.01
CA LEU W 92 2.75 -40.29 18.10
C LEU W 92 3.06 -41.17 16.86
N ILE W 93 2.86 -40.60 15.68
CA ILE W 93 3.11 -41.32 14.45
C ILE W 93 4.15 -40.70 13.53
N GLY W 94 5.18 -41.48 13.21
CA GLY W 94 6.28 -41.02 12.41
C GLY W 94 7.52 -41.64 13.03
N SER X 1 -11.72 -22.67 0.67
CA SER X 1 -11.40 -23.93 1.35
C SER X 1 -12.61 -24.85 1.39
N ASN X 2 -12.38 -26.16 1.30
CA ASN X 2 -13.46 -27.11 1.46
C ASN X 2 -13.39 -27.81 2.82
N ALA X 3 -14.45 -28.53 3.16
CA ALA X 3 -14.47 -29.28 4.40
C ALA X 3 -13.90 -30.71 4.20
N THR X 4 -12.60 -30.77 4.00
CA THR X 4 -11.87 -32.02 4.02
C THR X 4 -12.41 -32.89 5.15
N ALA X 5 -12.58 -34.19 4.89
CA ALA X 5 -13.04 -35.13 5.91
C ALA X 5 -12.01 -36.23 6.10
N TYR X 6 -11.94 -36.83 7.28
CA TYR X 6 -10.92 -37.83 7.55
C TYR X 6 -11.49 -39.10 8.14
N ILE X 7 -10.76 -40.20 7.92
CA ILE X 7 -11.06 -41.47 8.56
C ILE X 7 -9.82 -41.93 9.33
N ILE X 8 -9.95 -42.07 10.63
CA ILE X 8 -8.84 -42.56 11.42
C ILE X 8 -8.95 -44.06 11.67
N VAL X 9 -7.82 -44.74 11.48
CA VAL X 9 -7.72 -46.19 11.62
C VAL X 9 -6.74 -46.52 12.74
N GLY X 10 -7.19 -47.36 13.65
CA GLY X 10 -6.30 -47.93 14.65
C GLY X 10 -6.32 -49.40 14.33
N LEU X 11 -5.15 -50.02 14.23
CA LEU X 11 -5.12 -51.40 13.77
C LEU X 11 -4.09 -52.18 14.53
N THR X 12 -4.39 -53.48 14.64
CA THR X 12 -3.46 -54.44 15.20
C THR X 12 -3.42 -55.68 14.27
N PRO X 13 -2.25 -55.97 13.71
CA PRO X 13 -2.01 -57.12 12.83
C PRO X 13 -2.34 -58.48 13.46
N LYS X 14 -3.05 -59.28 12.70
CA LYS X 14 -3.28 -60.68 13.01
C LYS X 14 -2.52 -61.57 12.02
N ASP X 15 -3.19 -61.91 10.92
CA ASP X 15 -2.64 -62.79 9.92
C ASP X 15 -2.01 -62.01 8.78
N ALA X 16 -0.71 -62.21 8.54
CA ALA X 16 0.02 -61.43 7.56
C ALA X 16 -0.42 -61.68 6.10
N GLU X 17 -0.90 -62.89 5.81
CA GLU X 17 -1.35 -63.20 4.46
C GLU X 17 -2.64 -62.47 4.11
N LYS X 18 -3.61 -62.51 5.01
CA LYS X 18 -4.87 -61.85 4.72
C LYS X 18 -4.71 -60.35 4.80
N LEU X 19 -3.85 -59.92 5.71
CA LEU X 19 -3.52 -58.52 5.88
C LEU X 19 -2.88 -57.94 4.62
N GLN X 20 -1.99 -58.71 3.99
CA GLN X 20 -1.30 -58.24 2.81
C GLN X 20 -2.19 -58.16 1.58
N GLN X 21 -3.14 -59.09 1.48
CA GLN X 21 -4.09 -59.20 0.38
C GLN X 21 -5.21 -58.18 0.52
N TYR X 22 -5.56 -57.84 1.75
CA TYR X 22 -6.39 -56.68 2.03
C TYR X 22 -5.75 -55.43 1.46
N GLY X 23 -4.50 -55.19 1.87
CA GLY X 23 -3.77 -54.00 1.47
C GLY X 23 -3.68 -53.87 -0.04
N ALA X 24 -3.33 -54.96 -0.71
CA ALA X 24 -3.26 -54.98 -2.16
C ALA X 24 -4.46 -54.36 -2.86
N ARG X 25 -5.66 -54.64 -2.36
CA ARG X 25 -6.88 -54.24 -3.07
C ARG X 25 -7.47 -52.88 -2.68
N VAL X 26 -6.97 -52.29 -1.59
CA VAL X 26 -7.60 -51.10 -1.02
C VAL X 26 -7.47 -49.85 -1.90
N ALA X 27 -6.25 -49.54 -2.31
CA ALA X 27 -5.95 -48.30 -3.01
C ALA X 27 -6.96 -48.03 -4.12
N SER X 28 -7.38 -49.07 -4.82
CA SER X 28 -8.33 -48.91 -5.91
C SER X 28 -9.72 -48.50 -5.43
N THR X 29 -10.08 -48.84 -4.19
CA THR X 29 -11.37 -48.43 -3.65
C THR X 29 -11.39 -46.94 -3.26
N LEU X 30 -10.24 -46.39 -2.90
CA LEU X 30 -10.16 -44.96 -2.59
C LEU X 30 -10.39 -44.05 -3.80
N ALA X 31 -9.80 -44.41 -4.94
CA ALA X 31 -9.81 -43.56 -6.14
C ALA X 31 -11.16 -42.98 -6.52
N LYS X 32 -12.17 -43.83 -6.63
CA LYS X 32 -13.51 -43.40 -6.96
C LYS X 32 -13.90 -42.20 -6.10
N TYR X 33 -13.73 -42.35 -4.80
CA TYR X 33 -14.16 -41.36 -3.84
C TYR X 33 -13.07 -40.35 -3.54
N SER X 34 -12.02 -40.38 -4.36
CA SER X 34 -10.89 -39.46 -4.18
C SER X 34 -10.35 -39.48 -2.76
N GLY X 35 -10.16 -40.67 -2.20
CA GLY X 35 -9.54 -40.82 -0.91
C GLY X 35 -8.02 -40.91 -1.06
N GLU X 36 -7.30 -40.55 -0.01
CA GLU X 36 -5.85 -40.48 -0.08
C GLU X 36 -5.23 -40.82 1.28
N VAL X 37 -4.34 -41.81 1.31
CA VAL X 37 -3.61 -42.09 2.54
C VAL X 37 -2.66 -40.96 2.83
N LEU X 38 -2.83 -40.37 4.02
CA LEU X 38 -2.03 -39.21 4.44
C LEU X 38 -0.85 -39.69 5.27
N VAL X 39 -1.10 -40.68 6.13
CA VAL X 39 -0.01 -41.30 6.86
C VAL X 39 -0.35 -42.66 7.44
N LYS X 40 0.69 -43.46 7.64
CA LYS X 40 0.60 -44.75 8.33
C LYS X 40 1.85 -44.95 9.15
N GLY X 41 1.72 -45.62 10.28
CA GLY X 41 2.87 -45.80 11.13
C GLY X 41 2.55 -46.50 12.42
N SER X 42 3.59 -47.06 13.02
CA SER X 42 3.46 -47.61 14.34
C SER X 42 3.34 -46.48 15.36
N VAL X 43 2.57 -46.76 16.40
CA VAL X 43 2.30 -45.83 17.47
C VAL X 43 3.41 -45.88 18.50
N GLU X 44 3.93 -44.72 18.89
CA GLU X 44 4.60 -44.58 20.19
C GLU X 44 3.63 -43.84 21.08
N GLN X 45 3.35 -44.37 22.28
CA GLN X 45 2.39 -43.73 23.18
C GLN X 45 2.96 -42.49 23.87
N LEU X 46 2.21 -41.39 23.82
CA LEU X 46 2.64 -40.15 24.48
C LEU X 46 1.91 -39.95 25.79
N HIS X 47 0.68 -40.45 25.84
CA HIS X 47 -0.19 -40.28 26.99
C HIS X 47 -1.31 -41.31 26.98
N GLY X 48 -1.64 -41.83 28.15
CA GLY X 48 -2.79 -42.68 28.26
C GLY X 48 -2.52 -44.04 27.66
N LYS X 49 -3.60 -44.68 27.26
CA LYS X 49 -3.54 -46.03 26.77
C LYS X 49 -4.24 -46.13 25.41
N PHE X 50 -3.71 -47.00 24.57
CA PHE X 50 -4.25 -47.17 23.23
C PHE X 50 -4.04 -48.64 22.85
N GLU X 51 -5.12 -49.30 22.45
CA GLU X 51 -5.10 -50.74 22.26
C GLU X 51 -4.38 -51.22 21.00
N HIS X 52 -4.06 -50.31 20.08
CA HIS X 52 -3.55 -50.74 18.78
C HIS X 52 -2.09 -50.45 18.53
N LYS X 53 -1.59 -51.07 17.48
CA LYS X 53 -0.16 -51.03 17.21
C LYS X 53 0.15 -49.94 16.22
N ALA X 54 -0.82 -49.61 15.39
CA ALA X 54 -0.56 -48.64 14.33
C ALA X 54 -1.79 -47.86 13.95
N GLN X 55 -1.55 -46.77 13.23
CA GLN X 55 -2.64 -45.93 12.75
C GLN X 55 -2.47 -45.59 11.27
N VAL X 56 -3.59 -45.42 10.60
CA VAL X 56 -3.61 -44.90 9.26
C VAL X 56 -4.56 -43.73 9.26
N ILE X 57 -4.26 -42.68 8.50
CA ILE X 57 -5.17 -41.56 8.33
C ILE X 57 -5.57 -41.41 6.86
N LEU X 58 -6.87 -41.54 6.60
CA LEU X 58 -7.42 -41.31 5.28
C LEU X 58 -8.09 -39.93 5.15
N GLU X 59 -7.72 -39.18 4.11
CA GLU X 59 -8.27 -37.88 3.82
C GLU X 59 -9.18 -37.95 2.58
N PHE X 60 -10.33 -37.28 2.62
CA PHE X 60 -11.27 -37.24 1.51
C PHE X 60 -11.72 -35.78 1.34
N PRO X 61 -12.22 -35.42 0.15
CA PRO X 61 -12.66 -34.04 -0.11
C PRO X 61 -13.95 -33.67 0.62
N SER X 62 -14.61 -34.65 1.25
CA SER X 62 -15.88 -34.36 1.90
C SER X 62 -16.28 -35.51 2.82
N ARG X 63 -17.17 -35.24 3.75
CA ARG X 63 -17.58 -36.30 4.64
C ARG X 63 -18.36 -37.33 3.84
N GLU X 64 -19.24 -36.87 2.96
CA GLU X 64 -20.02 -37.78 2.11
C GLU X 64 -19.13 -38.78 1.39
N ASP X 65 -18.03 -38.30 0.85
CA ASP X 65 -17.12 -39.15 0.11
C ASP X 65 -16.46 -40.20 1.01
N ALA X 66 -16.06 -39.78 2.20
CA ALA X 66 -15.50 -40.69 3.18
C ALA X 66 -16.51 -41.76 3.58
N TYR X 67 -17.73 -41.34 3.89
CA TYR X 67 -18.78 -42.27 4.26
C TYR X 67 -19.15 -43.22 3.13
N ASN X 68 -19.49 -42.66 1.97
CA ASN X 68 -19.81 -43.46 0.79
C ASN X 68 -18.69 -44.42 0.43
N TRP X 69 -17.46 -44.01 0.70
CA TRP X 69 -16.34 -44.87 0.43
C TRP X 69 -16.43 -46.12 1.28
N TYR X 70 -16.57 -45.91 2.58
CA TYR X 70 -16.63 -47.02 3.50
C TYR X 70 -17.85 -47.91 3.21
N HIS X 71 -18.83 -47.39 2.48
CA HIS X 71 -20.04 -48.15 2.21
C HIS X 71 -20.18 -48.51 0.75
N SER X 72 -19.16 -48.24 -0.05
CA SER X 72 -19.15 -48.63 -1.45
C SER X 72 -19.07 -50.14 -1.58
N GLU X 73 -19.69 -50.71 -2.62
CA GLU X 73 -19.65 -52.16 -2.79
C GLU X 73 -18.21 -52.65 -2.90
N GLU X 74 -17.41 -51.91 -3.66
CA GLU X 74 -15.98 -52.24 -3.81
C GLU X 74 -15.27 -52.41 -2.47
N TYR X 75 -15.36 -51.43 -1.58
CA TYR X 75 -14.65 -51.58 -0.32
C TYR X 75 -15.30 -52.62 0.61
N GLN X 76 -16.62 -52.66 0.62
CA GLN X 76 -17.32 -53.63 1.49
C GLN X 76 -16.98 -55.10 1.19
N ALA X 77 -16.69 -55.40 -0.06
CA ALA X 77 -16.28 -56.75 -0.47
C ALA X 77 -14.97 -57.16 0.21
N LEU X 78 -14.25 -56.18 0.76
CA LEU X 78 -12.91 -56.41 1.29
C LEU X 78 -12.86 -56.65 2.77
N ILE X 79 -13.99 -56.56 3.46
CA ILE X 79 -13.98 -56.53 4.92
C ILE X 79 -13.77 -57.89 5.62
N SER X 80 -14.43 -58.93 5.13
CA SER X 80 -14.16 -60.28 5.62
C SER X 80 -12.66 -60.49 5.70
N THR X 81 -12.00 -60.18 4.60
CA THR X 81 -10.56 -60.36 4.49
C THR X 81 -9.81 -59.51 5.53
N ARG X 82 -10.19 -58.24 5.59
CA ARG X 82 -9.62 -57.29 6.55
C ARG X 82 -9.73 -57.75 7.99
N ASP X 83 -10.92 -58.20 8.36
CA ASP X 83 -11.18 -58.53 9.75
C ASP X 83 -10.46 -59.81 10.15
N LEU X 84 -9.87 -60.50 9.18
CA LEU X 84 -9.02 -61.65 9.49
C LEU X 84 -7.57 -61.19 9.57
N GLY X 85 -7.25 -60.17 8.77
CA GLY X 85 -5.92 -59.61 8.72
C GLY X 85 -5.56 -58.77 9.92
N ASP X 87 -7.30 -56.65 13.63
CA ASP X 87 -8.29 -56.02 14.49
C ASP X 87 -8.14 -54.51 14.34
N SER X 88 -9.25 -53.79 14.25
CA SER X 88 -9.18 -52.36 13.98
C SER X 88 -10.36 -51.57 14.48
N GLN X 89 -10.16 -50.25 14.58
CA GLN X 89 -11.21 -49.25 14.77
C GLN X 89 -11.14 -48.25 13.62
N PHE X 90 -12.29 -47.88 13.07
CA PHE X 90 -12.36 -46.79 12.10
C PHE X 90 -13.26 -45.67 12.62
N GLN X 91 -12.73 -44.46 12.77
CA GLN X 91 -13.58 -43.30 13.10
C GLN X 91 -13.71 -42.36 11.91
N LEU X 92 -14.93 -41.87 11.66
CA LEU X 92 -15.14 -40.85 10.63
C LEU X 92 -15.25 -39.47 11.29
N ILE X 93 -14.61 -38.48 10.69
CA ILE X 93 -14.55 -37.14 11.27
C ILE X 93 -14.71 -36.08 10.21
N GLY X 94 -15.53 -35.06 10.50
CA GLY X 94 -15.64 -33.91 9.64
C GLY X 94 -16.99 -33.72 9.00
N SER Y 1 2.10 -55.40 -16.46
CA SER Y 1 2.79 -54.70 -15.38
C SER Y 1 3.43 -53.42 -15.89
N ASN Y 2 3.73 -52.52 -14.96
CA ASN Y 2 4.30 -51.22 -15.31
C ASN Y 2 5.72 -51.07 -14.77
N ALA Y 3 6.49 -50.15 -15.33
CA ALA Y 3 7.84 -49.90 -14.83
C ALA Y 3 7.89 -48.70 -13.89
N THR Y 4 7.29 -48.84 -12.72
CA THR Y 4 7.26 -47.74 -11.79
C THR Y 4 8.65 -47.38 -11.29
N ALA Y 5 8.95 -46.08 -11.29
CA ALA Y 5 10.23 -45.61 -10.76
C ALA Y 5 10.06 -45.09 -9.34
N TYR Y 6 11.15 -44.69 -8.71
CA TYR Y 6 11.11 -44.38 -7.31
C TYR Y 6 12.19 -43.39 -6.97
N ILE Y 7 11.82 -42.34 -6.25
CA ILE Y 7 12.82 -41.49 -5.60
C ILE Y 7 12.87 -41.73 -4.10
N ILE Y 8 14.06 -42.05 -3.61
CA ILE Y 8 14.26 -42.30 -2.20
C ILE Y 8 14.91 -41.09 -1.51
N VAL Y 9 14.36 -40.71 -0.36
CA VAL Y 9 14.89 -39.59 0.37
C VAL Y 9 15.37 -40.05 1.71
N GLY Y 10 16.60 -39.73 2.04
CA GLY Y 10 17.08 -39.80 3.41
C GLY Y 10 17.19 -38.37 3.87
N LEU Y 11 16.60 -38.04 5.02
CA LEU Y 11 16.67 -36.66 5.50
C LEU Y 11 16.87 -36.49 6.98
N THR Y 12 17.40 -35.32 7.32
CA THR Y 12 17.63 -34.93 8.70
C THR Y 12 17.20 -33.46 8.88
N PRO Y 13 16.18 -33.22 9.72
CA PRO Y 13 15.57 -31.88 9.82
C PRO Y 13 16.56 -30.80 10.27
N LYS Y 14 16.37 -29.59 9.77
CA LYS Y 14 17.08 -28.43 10.29
C LYS Y 14 16.09 -27.42 10.88
N ASP Y 15 15.84 -26.31 10.18
CA ASP Y 15 14.92 -25.26 10.62
C ASP Y 15 13.44 -25.65 10.46
N ALA Y 16 12.75 -25.93 11.56
CA ALA Y 16 11.42 -26.53 11.45
C ALA Y 16 10.48 -25.78 10.54
N GLU Y 17 10.60 -24.45 10.53
CA GLU Y 17 9.64 -23.59 9.87
C GLU Y 17 9.81 -23.63 8.36
N LYS Y 18 11.06 -23.58 7.92
CA LYS Y 18 11.36 -23.74 6.52
C LYS Y 18 10.97 -25.16 6.09
N LEU Y 19 11.18 -26.12 6.99
CA LEU Y 19 10.81 -27.50 6.75
C LEU Y 19 9.32 -27.59 6.47
N GLN Y 20 8.54 -26.78 7.16
CA GLN Y 20 7.09 -26.82 7.03
C GLN Y 20 6.65 -26.12 5.77
N GLN Y 21 7.40 -25.08 5.40
CA GLN Y 21 7.08 -24.31 4.22
C GLN Y 21 7.32 -25.19 3.01
N TYR Y 22 8.48 -25.83 2.98
CA TYR Y 22 8.79 -26.84 1.97
C TYR Y 22 7.74 -27.96 1.93
N GLY Y 23 7.52 -28.60 3.07
CA GLY Y 23 6.58 -29.70 3.14
C GLY Y 23 5.23 -29.40 2.56
N ALA Y 24 4.79 -28.17 2.78
CA ALA Y 24 3.44 -27.80 2.42
C ALA Y 24 3.28 -27.61 0.91
N ARG Y 25 4.38 -27.49 0.19
CA ARG Y 25 4.33 -27.08 -1.19
C ARG Y 25 4.72 -28.19 -2.16
N VAL Y 26 5.15 -29.33 -1.65
CA VAL Y 26 5.69 -30.36 -2.51
C VAL Y 26 4.57 -31.07 -3.25
N ALA Y 27 3.56 -31.49 -2.50
CA ALA Y 27 2.47 -32.26 -3.05
C ALA Y 27 2.00 -31.71 -4.39
N SER Y 28 1.78 -30.40 -4.43
CA SER Y 28 1.38 -29.74 -5.67
C SER Y 28 2.36 -30.00 -6.82
N THR Y 29 3.65 -29.97 -6.53
CA THR Y 29 4.64 -30.14 -7.58
C THR Y 29 4.66 -31.57 -8.15
N LEU Y 30 4.15 -32.52 -7.38
CA LEU Y 30 4.13 -33.93 -7.76
C LEU Y 30 3.01 -34.31 -8.70
N ALA Y 31 1.89 -33.59 -8.59
CA ALA Y 31 0.68 -33.98 -9.32
C ALA Y 31 0.81 -33.94 -10.85
N LYS Y 32 1.62 -33.03 -11.39
CA LYS Y 32 1.79 -32.95 -12.84
C LYS Y 32 2.60 -34.15 -13.37
N TYR Y 33 3.24 -34.85 -12.45
CA TYR Y 33 4.13 -35.95 -12.83
C TYR Y 33 3.62 -37.30 -12.28
N SER Y 34 2.43 -37.29 -11.69
CA SER Y 34 1.83 -38.51 -11.16
C SER Y 34 2.62 -39.07 -9.99
N GLY Y 35 3.46 -38.23 -9.39
CA GLY Y 35 4.19 -38.59 -8.20
C GLY Y 35 3.22 -38.93 -7.08
N GLU Y 36 3.62 -39.84 -6.20
CA GLU Y 36 2.84 -40.13 -5.01
C GLU Y 36 3.73 -40.72 -3.91
N VAL Y 37 3.61 -40.15 -2.72
CA VAL Y 37 4.39 -40.59 -1.57
C VAL Y 37 3.93 -41.94 -1.13
N LEU Y 38 4.86 -42.87 -1.06
CA LEU Y 38 4.54 -44.23 -0.70
C LEU Y 38 4.71 -44.45 0.82
N VAL Y 39 5.82 -43.98 1.37
CA VAL Y 39 6.03 -44.04 2.81
C VAL Y 39 6.65 -42.80 3.36
N LYS Y 40 6.45 -42.65 4.66
CA LYS Y 40 6.90 -41.48 5.36
C LYS Y 40 7.12 -41.99 6.76
N GLY Y 41 8.33 -41.89 7.26
CA GLY Y 41 8.59 -42.26 8.63
C GLY Y 41 10.01 -42.11 9.06
N SER Y 42 10.25 -42.33 10.35
CA SER Y 42 11.60 -42.21 10.85
C SER Y 42 12.23 -43.58 10.94
N VAL Y 43 13.55 -43.57 11.00
CA VAL Y 43 14.35 -44.76 10.80
C VAL Y 43 14.68 -45.54 12.06
N GLU Y 44 14.45 -46.85 12.02
CA GLU Y 44 15.06 -47.77 12.98
C GLU Y 44 16.16 -48.52 12.24
N GLN Y 45 17.37 -48.48 12.76
CA GLN Y 45 18.49 -49.13 12.09
C GLN Y 45 18.47 -50.64 12.37
N LEU Y 46 18.41 -51.45 11.31
CA LEU Y 46 18.47 -52.91 11.46
C LEU Y 46 19.87 -53.42 11.17
N HIS Y 47 20.57 -52.76 10.25
CA HIS Y 47 21.96 -53.13 9.97
C HIS Y 47 22.81 -51.98 9.40
N GLY Y 48 24.00 -51.81 9.95
CA GLY Y 48 24.94 -50.85 9.42
C GLY Y 48 24.77 -49.48 10.02
N LYS Y 49 25.23 -48.48 9.29
CA LYS Y 49 25.06 -47.11 9.72
C LYS Y 49 24.26 -46.39 8.67
N PHE Y 50 23.39 -45.50 9.11
CA PHE Y 50 22.71 -44.57 8.22
C PHE Y 50 22.82 -43.19 8.82
N GLU Y 51 23.09 -42.19 8.00
CA GLU Y 51 23.26 -40.82 8.49
C GLU Y 51 21.98 -40.11 8.93
N HIS Y 52 20.92 -40.26 8.14
CA HIS Y 52 19.70 -39.47 8.35
C HIS Y 52 18.69 -40.08 9.29
N LYS Y 53 17.77 -39.25 9.73
CA LYS Y 53 16.79 -39.68 10.72
C LYS Y 53 15.51 -40.25 10.10
N ALA Y 54 15.27 -39.94 8.83
CA ALA Y 54 14.02 -40.39 8.22
C ALA Y 54 14.11 -40.53 6.72
N GLN Y 55 13.15 -41.24 6.16
CA GLN Y 55 13.20 -41.60 4.77
C GLN Y 55 11.83 -41.38 4.22
N VAL Y 56 11.76 -41.07 2.93
CA VAL Y 56 10.51 -40.96 2.22
C VAL Y 56 10.72 -41.72 0.93
N ILE Y 57 9.64 -42.24 0.37
CA ILE Y 57 9.71 -43.01 -0.86
C ILE Y 57 8.70 -42.48 -1.88
N LEU Y 58 9.19 -41.86 -2.94
CA LEU Y 58 8.28 -41.37 -3.97
C LEU Y 58 8.17 -42.39 -5.10
N GLU Y 59 6.94 -42.64 -5.54
CA GLU Y 59 6.65 -43.57 -6.62
C GLU Y 59 6.01 -42.83 -7.80
N PHE Y 60 6.60 -42.97 -8.98
CA PHE Y 60 6.05 -42.41 -10.21
C PHE Y 60 5.87 -43.52 -11.24
N PRO Y 61 4.98 -43.33 -12.21
CA PRO Y 61 4.69 -44.31 -13.26
C PRO Y 61 5.83 -44.53 -14.27
N SER Y 62 6.92 -43.78 -14.16
CA SER Y 62 8.04 -43.99 -15.08
C SER Y 62 9.25 -43.14 -14.71
N ARG Y 63 10.43 -43.71 -14.92
CA ARG Y 63 11.68 -43.09 -14.51
C ARG Y 63 11.79 -41.65 -15.01
N GLU Y 64 11.31 -41.41 -16.22
CA GLU Y 64 11.42 -40.08 -16.79
C GLU Y 64 10.48 -39.11 -16.08
N ASP Y 65 9.29 -39.59 -15.71
CA ASP Y 65 8.34 -38.78 -14.97
C ASP Y 65 8.93 -38.33 -13.64
N ALA Y 66 9.46 -39.27 -12.86
CA ALA Y 66 10.21 -38.96 -11.65
C ALA Y 66 11.34 -37.98 -11.90
N TYR Y 67 12.09 -38.19 -12.97
CA TYR Y 67 13.24 -37.35 -13.26
C TYR Y 67 12.81 -35.93 -13.59
N ASN Y 68 11.87 -35.82 -14.51
CA ASN Y 68 11.34 -34.53 -14.91
C ASN Y 68 10.73 -33.79 -13.72
N TRP Y 69 10.17 -34.56 -12.78
CA TRP Y 69 9.60 -33.96 -11.58
C TRP Y 69 10.68 -33.20 -10.82
N TYR Y 70 11.73 -33.89 -10.45
CA TYR Y 70 12.82 -33.26 -9.70
C TYR Y 70 13.30 -31.97 -10.36
N HIS Y 71 13.45 -31.99 -11.68
CA HIS Y 71 14.05 -30.87 -12.39
C HIS Y 71 13.03 -29.87 -12.92
N SER Y 72 11.76 -30.06 -12.59
CA SER Y 72 10.69 -29.16 -13.00
C SER Y 72 10.77 -27.79 -12.29
N GLU Y 73 10.43 -26.72 -13.00
CA GLU Y 73 10.49 -25.35 -12.50
C GLU Y 73 9.86 -25.20 -11.14
N GLU Y 74 8.78 -25.94 -10.93
CA GLU Y 74 8.04 -25.88 -9.69
C GLU Y 74 8.85 -26.45 -8.54
N TYR Y 75 9.20 -27.72 -8.61
CA TYR Y 75 9.92 -28.30 -7.50
C TYR Y 75 11.23 -27.54 -7.29
N GLN Y 76 11.90 -27.15 -8.37
CA GLN Y 76 13.19 -26.50 -8.20
C GLN Y 76 13.02 -25.23 -7.36
N ALA Y 77 11.94 -24.49 -7.61
CA ALA Y 77 11.67 -23.28 -6.85
C ALA Y 77 11.62 -23.56 -5.35
N LEU Y 78 11.27 -24.78 -4.98
CA LEU Y 78 11.18 -25.14 -3.58
C LEU Y 78 12.53 -25.38 -2.95
N ILE Y 79 13.58 -25.40 -3.77
CA ILE Y 79 14.86 -25.93 -3.28
C ILE Y 79 15.60 -25.07 -2.22
N SER Y 80 15.58 -23.76 -2.36
CA SER Y 80 16.14 -22.87 -1.34
C SER Y 80 15.58 -23.17 0.05
N THR Y 81 14.27 -23.24 0.19
CA THR Y 81 13.72 -23.48 1.50
C THR Y 81 13.94 -24.91 2.00
N ARG Y 82 13.78 -25.88 1.12
CA ARG Y 82 14.03 -27.27 1.49
C ARG Y 82 15.40 -27.38 2.13
N ASP Y 83 16.39 -26.76 1.50
CA ASP Y 83 17.75 -26.91 1.99
C ASP Y 83 18.03 -26.16 3.31
N LEU Y 84 17.20 -25.18 3.65
CA LEU Y 84 17.29 -24.57 5.00
C LEU Y 84 16.57 -25.47 6.00
N GLY Y 85 15.48 -26.07 5.53
CA GLY Y 85 14.66 -26.93 6.37
C GLY Y 85 15.21 -28.29 6.70
N ASP Y 87 18.73 -31.43 5.88
CA ASP Y 87 19.85 -32.04 5.16
C ASP Y 87 19.35 -33.35 4.58
N SER Y 88 19.63 -33.60 3.30
CA SER Y 88 19.05 -34.77 2.66
C SER Y 88 19.85 -35.39 1.52
N GLN Y 89 19.31 -36.49 1.00
CA GLN Y 89 19.92 -37.26 -0.08
C GLN Y 89 18.76 -37.82 -0.89
N PHE Y 90 18.81 -37.64 -2.21
CA PHE Y 90 17.76 -38.14 -3.09
C PHE Y 90 18.40 -39.12 -4.09
N GLN Y 91 17.90 -40.36 -4.14
CA GLN Y 91 18.33 -41.35 -5.13
C GLN Y 91 17.24 -41.72 -6.13
N LEU Y 92 17.54 -41.62 -7.40
CA LEU Y 92 16.58 -42.11 -8.38
C LEU Y 92 16.85 -43.57 -8.77
N ILE Y 93 15.77 -44.34 -8.83
CA ILE Y 93 15.82 -45.77 -9.03
C ILE Y 93 14.76 -46.24 -9.99
N GLY Y 94 15.14 -47.10 -10.95
CA GLY Y 94 14.17 -47.66 -11.86
C GLY Y 94 14.63 -47.70 -13.31
N SER Z 1 -7.51 -49.58 5.37
CA SER Z 1 -6.07 -49.57 5.12
C SER Z 1 -5.29 -50.15 6.27
N ASN Z 2 -4.20 -50.83 5.94
CA ASN Z 2 -3.26 -51.30 6.95
C ASN Z 2 -1.99 -50.45 6.90
N ALA Z 3 -1.12 -50.62 7.88
CA ALA Z 3 0.11 -49.83 7.93
C ALA Z 3 1.25 -50.60 7.31
N THR Z 4 1.40 -50.47 6.00
CA THR Z 4 2.52 -51.09 5.30
C THR Z 4 3.83 -50.57 5.89
N ALA Z 5 4.76 -51.47 6.21
CA ALA Z 5 6.12 -51.10 6.61
C ALA Z 5 7.08 -51.46 5.48
N TYR Z 6 8.25 -50.82 5.48
CA TYR Z 6 9.18 -50.97 4.39
C TYR Z 6 10.59 -51.10 4.91
N ILE Z 7 11.39 -51.92 4.23
CA ILE Z 7 12.81 -51.97 4.53
C ILE Z 7 13.56 -51.44 3.33
N ILE Z 8 14.50 -50.55 3.61
CA ILE Z 8 15.27 -49.89 2.60
C ILE Z 8 16.68 -50.40 2.77
N VAL Z 9 17.32 -50.76 1.67
CA VAL Z 9 18.70 -51.17 1.77
C VAL Z 9 19.52 -50.43 0.74
N GLY Z 10 20.66 -49.92 1.19
CA GLY Z 10 21.62 -49.34 0.30
C GLY Z 10 22.73 -50.34 0.34
N LEU Z 11 23.14 -50.82 -0.81
CA LEU Z 11 24.18 -51.83 -0.85
C LEU Z 11 25.26 -51.51 -1.87
N THR Z 12 26.45 -52.01 -1.57
CA THR Z 12 27.56 -51.97 -2.48
C THR Z 12 28.14 -53.37 -2.54
N PRO Z 13 28.19 -53.98 -3.74
CA PRO Z 13 28.60 -55.38 -3.81
C PRO Z 13 30.08 -55.53 -3.52
N LYS Z 14 30.47 -56.59 -2.83
CA LYS Z 14 31.87 -56.91 -2.63
C LYS Z 14 32.26 -58.11 -3.51
N ASP Z 15 31.71 -59.26 -3.16
CA ASP Z 15 32.11 -60.51 -3.78
C ASP Z 15 30.93 -61.19 -4.46
N ALA Z 16 30.94 -61.17 -5.79
CA ALA Z 16 29.78 -61.56 -6.57
C ALA Z 16 29.25 -62.96 -6.29
N GLU Z 17 30.14 -63.91 -5.98
CA GLU Z 17 29.68 -65.29 -5.74
C GLU Z 17 28.95 -65.40 -4.41
N LYS Z 18 29.50 -64.78 -3.37
CA LYS Z 18 28.78 -64.69 -2.09
C LYS Z 18 27.45 -63.98 -2.31
N LEU Z 19 27.47 -62.92 -3.10
CA LEU Z 19 26.28 -62.13 -3.37
C LEU Z 19 25.23 -62.99 -4.07
N GLN Z 20 25.68 -63.78 -5.03
CA GLN Z 20 24.77 -64.62 -5.78
C GLN Z 20 24.18 -65.66 -4.85
N GLN Z 21 25.04 -66.27 -4.04
CA GLN Z 21 24.58 -67.20 -3.03
C GLN Z 21 23.48 -66.55 -2.19
N TYR Z 22 23.81 -65.39 -1.62
CA TYR Z 22 22.85 -64.67 -0.77
C TYR Z 22 21.54 -64.49 -1.50
N GLY Z 23 21.61 -64.02 -2.72
CA GLY Z 23 20.41 -63.67 -3.45
C GLY Z 23 19.54 -64.84 -3.83
N ALA Z 24 20.08 -66.04 -3.69
CA ALA Z 24 19.34 -67.23 -4.10
C ALA Z 24 18.48 -67.71 -2.95
N ARG Z 25 18.88 -67.32 -1.74
CA ARG Z 25 18.28 -67.88 -0.54
C ARG Z 25 17.32 -66.95 0.21
N VAL Z 26 17.27 -65.67 -0.16
CA VAL Z 26 16.42 -64.72 0.54
C VAL Z 26 14.95 -64.87 0.23
N ALA Z 27 14.62 -65.03 -1.05
CA ALA Z 27 13.22 -65.07 -1.47
C ALA Z 27 12.37 -66.02 -0.64
N SER Z 28 12.91 -67.18 -0.30
CA SER Z 28 12.13 -68.11 0.50
C SER Z 28 11.87 -67.59 1.91
N THR Z 29 12.76 -66.75 2.42
CA THR Z 29 12.69 -66.36 3.84
C THR Z 29 11.66 -65.23 4.11
N LEU Z 30 11.30 -64.52 3.05
CA LEU Z 30 10.33 -63.44 3.12
C LEU Z 30 8.89 -63.95 3.20
N ALA Z 31 8.58 -65.01 2.45
CA ALA Z 31 7.19 -65.48 2.30
C ALA Z 31 6.45 -65.84 3.58
N LYS Z 32 7.16 -66.02 4.68
CA LYS Z 32 6.51 -66.32 5.96
C LYS Z 32 5.94 -65.03 6.55
N TYR Z 33 6.52 -63.90 6.13
CA TYR Z 33 6.17 -62.58 6.61
C TYR Z 33 5.60 -61.73 5.50
N SER Z 34 5.17 -62.39 4.41
CA SER Z 34 4.59 -61.70 3.25
C SER Z 34 5.40 -60.47 2.79
N GLY Z 35 6.71 -60.54 2.94
CA GLY Z 35 7.58 -59.54 2.37
C GLY Z 35 7.56 -59.63 0.86
N GLU Z 36 8.15 -58.65 0.22
CA GLU Z 36 8.18 -58.61 -1.24
C GLU Z 36 9.16 -57.53 -1.71
N VAL Z 37 10.06 -57.89 -2.61
CA VAL Z 37 10.93 -56.87 -3.16
C VAL Z 37 10.06 -56.03 -4.03
N LEU Z 38 10.07 -54.74 -3.76
CA LEU Z 38 9.18 -53.83 -4.42
C LEU Z 38 9.97 -53.15 -5.52
N VAL Z 39 11.22 -52.81 -5.21
CA VAL Z 39 12.13 -52.31 -6.23
C VAL Z 39 13.58 -52.66 -5.94
N LYS Z 40 14.38 -52.60 -6.99
CA LYS Z 40 15.78 -52.89 -6.87
C LYS Z 40 16.41 -52.26 -8.09
N GLY Z 41 17.61 -51.74 -7.97
CA GLY Z 41 18.17 -51.02 -9.09
C GLY Z 41 19.35 -50.16 -8.74
N SER Z 42 20.14 -49.86 -9.76
CA SER Z 42 21.28 -48.99 -9.62
C SER Z 42 20.79 -47.56 -9.38
N VAL Z 43 21.64 -46.75 -8.77
CA VAL Z 43 21.18 -45.48 -8.24
C VAL Z 43 21.66 -44.30 -9.06
N GLU Z 44 20.73 -43.39 -9.38
CA GLU Z 44 21.09 -42.07 -9.90
C GLU Z 44 20.93 -41.01 -8.81
N GLN Z 45 21.99 -40.25 -8.59
CA GLN Z 45 21.98 -39.31 -7.47
C GLN Z 45 21.42 -37.95 -7.88
N LEU Z 46 20.23 -37.65 -7.37
CA LEU Z 46 19.59 -36.37 -7.63
C LEU Z 46 20.12 -35.33 -6.68
N HIS Z 47 20.32 -35.70 -5.41
CA HIS Z 47 20.84 -34.74 -4.44
C HIS Z 47 21.55 -35.34 -3.23
N GLY Z 48 22.62 -34.67 -2.81
CA GLY Z 48 23.35 -35.03 -1.61
C GLY Z 48 24.31 -36.19 -1.84
N LYS Z 49 24.75 -36.81 -0.75
CA LYS Z 49 25.69 -37.91 -0.78
C LYS Z 49 25.01 -39.25 -0.49
N PHE Z 50 25.61 -40.31 -1.05
CA PHE Z 50 25.10 -41.67 -0.89
C PHE Z 50 26.19 -42.65 -1.27
N GLU Z 51 26.72 -43.33 -0.26
CA GLU Z 51 27.97 -44.08 -0.39
C GLU Z 51 27.82 -45.40 -1.14
N HIS Z 52 26.58 -45.80 -1.39
CA HIS Z 52 26.31 -47.09 -2.02
C HIS Z 52 25.96 -46.97 -3.50
N LYS Z 53 25.66 -48.08 -4.15
CA LYS Z 53 25.55 -48.14 -5.59
C LYS Z 53 24.15 -48.46 -6.06
N ALA Z 54 23.41 -49.17 -5.22
CA ALA Z 54 22.04 -49.58 -5.53
C ALA Z 54 21.15 -49.56 -4.30
N GLN Z 55 19.84 -49.54 -4.53
CA GLN Z 55 18.88 -49.65 -3.47
C GLN Z 55 17.94 -50.82 -3.73
N VAL Z 56 17.45 -51.44 -2.65
CA VAL Z 56 16.30 -52.31 -2.71
C VAL Z 56 15.28 -51.83 -1.68
N ILE Z 57 14.02 -51.79 -2.10
CA ILE Z 57 12.94 -51.48 -1.19
C ILE Z 57 12.10 -52.74 -0.98
N LEU Z 58 11.92 -53.15 0.28
CA LEU Z 58 11.13 -54.33 0.57
C LEU Z 58 9.88 -53.96 1.31
N GLU Z 59 8.80 -54.69 1.06
CA GLU Z 59 7.50 -54.28 1.55
C GLU Z 59 6.83 -55.38 2.38
N PHE Z 60 6.33 -55.01 3.56
CA PHE Z 60 5.61 -55.96 4.43
C PHE Z 60 4.28 -55.39 4.91
N PRO Z 61 3.32 -56.26 5.22
CA PRO Z 61 1.98 -55.94 5.68
C PRO Z 61 1.92 -55.11 6.97
N SER Z 62 2.96 -55.19 7.80
CA SER Z 62 2.99 -54.47 9.07
C SER Z 62 4.43 -54.16 9.49
N ARG Z 63 4.63 -53.38 10.56
CA ARG Z 63 5.99 -53.13 11.02
C ARG Z 63 6.56 -54.42 11.59
N GLU Z 64 5.73 -55.12 12.33
CA GLU Z 64 6.19 -56.30 13.06
C GLU Z 64 6.62 -57.44 12.14
N ASP Z 65 5.89 -57.64 11.06
CA ASP Z 65 6.26 -58.69 10.11
C ASP Z 65 7.65 -58.38 9.55
N ALA Z 66 7.91 -57.12 9.23
CA ALA Z 66 9.20 -56.71 8.68
C ALA Z 66 10.31 -56.98 9.67
N TYR Z 67 10.05 -56.67 10.93
CA TYR Z 67 11.03 -56.82 12.00
C TYR Z 67 11.23 -58.27 12.40
N ASN Z 68 10.15 -59.05 12.38
CA ASN Z 68 10.25 -60.49 12.65
C ASN Z 68 11.03 -61.21 11.56
N TRP Z 69 10.81 -60.81 10.30
CA TRP Z 69 11.55 -61.34 9.16
C TRP Z 69 13.04 -61.05 9.29
N TYR Z 70 13.42 -59.79 9.48
CA TYR Z 70 14.83 -59.50 9.65
C TYR Z 70 15.42 -60.33 10.76
N HIS Z 71 14.66 -60.55 11.82
CA HIS Z 71 15.23 -61.22 12.99
C HIS Z 71 14.95 -62.74 13.05
N SER Z 72 14.39 -63.30 12.00
CA SER Z 72 14.02 -64.71 11.96
C SER Z 72 15.24 -65.58 11.79
N GLU Z 73 15.22 -66.77 12.39
CA GLU Z 73 16.36 -67.68 12.32
C GLU Z 73 16.73 -67.98 10.86
N GLU Z 74 15.72 -68.24 10.04
CA GLU Z 74 15.98 -68.46 8.62
C GLU Z 74 16.85 -67.34 8.06
N TYR Z 75 16.38 -66.11 8.16
CA TYR Z 75 17.13 -64.99 7.58
C TYR Z 75 18.48 -64.79 8.25
N GLN Z 76 18.48 -64.60 9.57
CA GLN Z 76 19.71 -64.46 10.34
C GLN Z 76 20.82 -65.38 9.84
N ALA Z 77 20.42 -66.50 9.23
CA ALA Z 77 21.35 -67.52 8.77
C ALA Z 77 22.03 -67.17 7.44
N LEU Z 78 21.59 -66.07 6.83
CA LEU Z 78 22.07 -65.71 5.51
C LEU Z 78 23.03 -64.56 5.63
N ILE Z 79 23.31 -64.17 6.87
CA ILE Z 79 23.96 -62.90 7.14
C ILE Z 79 25.48 -62.97 7.00
N SER Z 80 26.06 -64.08 7.40
CA SER Z 80 27.48 -64.29 7.20
C SER Z 80 27.76 -64.15 5.72
N THR Z 81 26.95 -64.86 4.92
CA THR Z 81 27.14 -64.86 3.48
C THR Z 81 26.92 -63.46 2.93
N ARG Z 82 25.81 -62.83 3.30
CA ARG Z 82 25.48 -61.48 2.84
C ARG Z 82 26.56 -60.44 3.07
N ASP Z 83 27.14 -60.45 4.27
CA ASP Z 83 28.14 -59.44 4.63
C ASP Z 83 29.42 -59.56 3.83
N LEU Z 84 29.70 -60.75 3.34
CA LEU Z 84 30.88 -60.99 2.49
C LEU Z 84 30.55 -60.64 1.05
N GLY Z 85 29.27 -60.74 0.70
CA GLY Z 85 28.81 -60.43 -0.63
C GLY Z 85 28.58 -58.95 -0.91
N ASP Z 87 28.50 -54.67 1.11
CA ASP Z 87 28.42 -53.75 2.23
C ASP Z 87 27.06 -53.11 2.11
N SER Z 88 26.32 -53.02 3.20
CA SER Z 88 24.97 -52.47 3.13
C SER Z 88 24.58 -51.74 4.38
N GLN Z 89 23.36 -51.20 4.33
CA GLN Z 89 22.69 -50.56 5.45
C GLN Z 89 21.19 -50.88 5.32
N PHE Z 90 20.58 -51.36 6.39
CA PHE Z 90 19.14 -51.69 6.39
C PHE Z 90 18.37 -50.74 7.31
N GLN Z 91 17.33 -50.13 6.77
CA GLN Z 91 16.51 -49.18 7.51
C GLN Z 91 15.06 -49.67 7.54
N LEU Z 92 14.46 -49.66 8.73
CA LEU Z 92 13.10 -50.10 8.87
C LEU Z 92 12.18 -48.89 8.97
N ILE Z 93 11.35 -48.69 7.95
CA ILE Z 93 10.42 -47.59 7.96
C ILE Z 93 9.04 -48.15 8.21
N GLY Z 94 8.56 -47.98 9.44
CA GLY Z 94 7.19 -48.31 9.77
C GLY Z 94 6.65 -47.19 10.62
N SER AA 1 13.55 -79.52 -10.47
CA SER AA 1 13.15 -78.19 -10.88
C SER AA 1 11.75 -78.24 -11.48
N ASN AA 2 11.18 -77.07 -11.72
CA ASN AA 2 9.89 -76.97 -12.40
C ASN AA 2 10.01 -75.97 -13.53
N ALA AA 3 9.10 -76.04 -14.48
CA ALA AA 3 9.19 -75.25 -15.72
C ALA AA 3 8.55 -73.86 -15.65
N THR AA 4 9.25 -72.92 -14.98
CA THR AA 4 8.74 -71.56 -14.83
C THR AA 4 8.47 -70.87 -16.15
N ALA AA 5 7.26 -70.35 -16.31
CA ALA AA 5 6.94 -69.55 -17.48
C ALA AA 5 7.40 -68.15 -17.18
N TYR AA 6 7.47 -67.31 -18.21
CA TYR AA 6 7.81 -65.91 -18.04
C TYR AA 6 7.11 -65.09 -19.09
N ILE AA 7 6.62 -63.92 -18.70
CA ILE AA 7 6.09 -62.98 -19.68
C ILE AA 7 6.96 -61.74 -19.71
N ILE AA 8 7.44 -61.39 -20.89
CA ILE AA 8 8.37 -60.28 -21.01
C ILE AA 8 7.69 -59.08 -21.64
N VAL AA 9 7.72 -57.95 -20.94
CA VAL AA 9 7.11 -56.76 -21.49
C VAL AA 9 8.12 -55.66 -21.72
N GLY AA 10 8.12 -55.15 -22.95
CA GLY AA 10 8.83 -53.93 -23.29
C GLY AA 10 7.78 -52.84 -23.44
N LEU AA 11 8.06 -51.65 -22.91
CA LEU AA 11 7.06 -50.56 -22.89
C LEU AA 11 7.65 -49.16 -23.01
N THR AA 12 6.76 -48.22 -23.36
CA THR AA 12 7.09 -46.80 -23.59
C THR AA 12 5.94 -45.94 -23.10
N PRO AA 13 6.10 -45.28 -21.95
CA PRO AA 13 5.03 -44.48 -21.37
C PRO AA 13 4.43 -43.46 -22.33
N LYS AA 14 3.10 -43.39 -22.35
CA LYS AA 14 2.37 -42.38 -23.10
C LYS AA 14 1.72 -41.40 -22.14
N ASP AA 15 0.64 -41.85 -21.51
CA ASP AA 15 -0.18 -41.04 -20.61
C ASP AA 15 0.06 -41.41 -19.15
N ALA AA 16 0.87 -40.60 -18.47
CA ALA AA 16 1.26 -40.86 -17.08
C ALA AA 16 0.07 -41.20 -16.17
N GLU AA 17 -1.00 -40.45 -16.32
CA GLU AA 17 -2.15 -40.58 -15.42
C GLU AA 17 -2.75 -41.98 -15.52
N LYS AA 18 -3.04 -42.41 -16.75
CA LYS AA 18 -3.64 -43.72 -16.96
C LYS AA 18 -2.66 -44.85 -16.66
N LEU AA 19 -1.38 -44.58 -16.88
CA LEU AA 19 -0.34 -45.56 -16.62
C LEU AA 19 -0.31 -45.90 -15.13
N GLN AA 20 -0.27 -44.85 -14.32
CA GLN AA 20 -0.32 -44.99 -12.88
C GLN AA 20 -1.56 -45.79 -12.49
N GLN AA 21 -2.70 -45.42 -13.07
CA GLN AA 21 -3.95 -46.16 -12.85
C GLN AA 21 -3.79 -47.64 -13.12
N TYR AA 22 -3.22 -47.98 -14.27
CA TYR AA 22 -2.99 -49.39 -14.61
C TYR AA 22 -2.04 -50.05 -13.62
N GLY AA 23 -0.90 -49.40 -13.37
CA GLY AA 23 0.11 -49.97 -12.51
C GLY AA 23 -0.39 -50.23 -11.11
N ALA AA 24 -1.50 -49.59 -10.75
CA ALA AA 24 -2.02 -49.70 -9.40
C ALA AA 24 -3.08 -50.77 -9.27
N ARG AA 25 -3.35 -51.49 -10.34
CA ARG AA 25 -4.33 -52.58 -10.24
C ARG AA 25 -3.83 -53.94 -10.74
N VAL AA 26 -2.64 -53.99 -11.33
CA VAL AA 26 -2.15 -55.26 -11.84
C VAL AA 26 -1.91 -56.24 -10.70
N ALA AA 27 -1.10 -55.82 -9.72
CA ALA AA 27 -0.78 -56.64 -8.56
C ALA AA 27 -1.90 -57.61 -8.14
N SER AA 28 -3.08 -57.08 -7.85
CA SER AA 28 -4.18 -57.91 -7.35
C SER AA 28 -4.52 -59.07 -8.28
N THR AA 29 -4.41 -58.87 -9.60
CA THR AA 29 -4.79 -59.90 -10.56
C THR AA 29 -3.84 -61.09 -10.49
N LEU AA 30 -2.58 -60.83 -10.21
CA LEU AA 30 -1.56 -61.87 -10.19
C LEU AA 30 -1.80 -62.95 -9.12
N ALA AA 31 -1.98 -62.52 -7.88
CA ALA AA 31 -2.09 -63.46 -6.75
C ALA AA 31 -2.68 -64.83 -7.12
N LYS AA 32 -3.85 -64.82 -7.73
CA LYS AA 32 -4.55 -66.05 -8.08
C LYS AA 32 -3.70 -66.93 -8.98
N TYR AA 33 -3.03 -66.31 -9.92
CA TYR AA 33 -2.22 -67.03 -10.88
C TYR AA 33 -0.77 -67.14 -10.42
N SER AA 34 -0.54 -66.73 -9.17
CA SER AA 34 0.76 -66.87 -8.54
C SER AA 34 1.85 -66.08 -9.26
N GLY AA 35 1.46 -65.27 -10.25
CA GLY AA 35 2.43 -64.49 -10.98
C GLY AA 35 3.17 -63.54 -10.06
N GLU AA 36 4.40 -63.19 -10.40
CA GLU AA 36 5.06 -62.13 -9.64
C GLU AA 36 6.12 -61.45 -10.45
N VAL AA 37 6.38 -60.18 -10.11
CA VAL AA 37 7.36 -59.38 -10.82
C VAL AA 37 8.75 -59.83 -10.48
N LEU AA 38 9.53 -60.10 -11.52
CA LEU AA 38 10.88 -60.57 -11.34
C LEU AA 38 11.79 -59.36 -11.40
N VAL AA 39 11.42 -58.39 -12.23
CA VAL AA 39 12.26 -57.22 -12.44
C VAL AA 39 11.50 -56.17 -13.24
N LYS AA 40 11.91 -54.92 -13.06
CA LYS AA 40 11.33 -53.80 -13.79
C LYS AA 40 12.29 -52.60 -13.76
N GLY AA 41 12.38 -51.88 -14.86
CA GLY AA 41 13.29 -50.76 -14.92
C GLY AA 41 13.65 -50.37 -16.33
N SER AA 42 13.95 -49.10 -16.51
CA SER AA 42 14.41 -48.62 -17.79
C SER AA 42 15.63 -49.43 -18.21
N VAL AA 43 15.92 -49.43 -19.51
CA VAL AA 43 16.98 -50.27 -20.07
C VAL AA 43 18.22 -49.47 -20.51
N GLU AA 44 19.39 -50.09 -20.38
CA GLU AA 44 20.59 -49.61 -21.05
C GLU AA 44 20.88 -50.53 -22.22
N GLN AA 45 20.82 -49.99 -23.43
CA GLN AA 45 21.07 -50.80 -24.63
C GLN AA 45 22.53 -51.20 -24.74
N LEU AA 46 22.79 -52.51 -24.64
CA LEU AA 46 24.12 -53.07 -24.82
C LEU AA 46 24.44 -53.36 -26.29
N HIS AA 47 23.49 -53.98 -27.00
CA HIS AA 47 23.64 -54.21 -28.44
C HIS AA 47 22.31 -54.19 -29.15
N GLY AA 48 22.30 -53.64 -30.35
CA GLY AA 48 21.12 -53.73 -31.21
C GLY AA 48 20.10 -52.64 -31.01
N LYS AA 49 18.85 -52.98 -31.31
CA LYS AA 49 17.80 -52.00 -31.32
C LYS AA 49 16.64 -52.45 -30.47
N PHE AA 50 16.22 -51.57 -29.58
CA PHE AA 50 15.04 -51.79 -28.77
C PHE AA 50 14.36 -50.44 -28.70
N GLU AA 51 13.18 -50.34 -29.28
CA GLU AA 51 12.47 -49.09 -29.36
C GLU AA 51 12.09 -48.59 -27.98
N HIS AA 52 11.47 -49.46 -27.20
CA HIS AA 52 10.89 -49.07 -25.92
C HIS AA 52 11.85 -48.49 -24.91
N LYS AA 53 11.31 -48.10 -23.77
CA LYS AA 53 12.10 -47.37 -22.79
C LYS AA 53 12.36 -48.18 -21.56
N ALA AA 54 11.43 -49.06 -21.18
CA ALA AA 54 11.64 -49.92 -20.02
C ALA AA 54 11.42 -51.41 -20.34
N GLN AA 55 11.59 -52.24 -19.33
CA GLN AA 55 11.23 -53.64 -19.44
C GLN AA 55 10.71 -54.12 -18.11
N VAL AA 56 9.77 -55.06 -18.17
CA VAL AA 56 9.30 -55.75 -16.99
C VAL AA 56 9.23 -57.25 -17.30
N ILE AA 57 9.69 -58.09 -16.36
CA ILE AA 57 9.56 -59.53 -16.48
C ILE AA 57 8.63 -60.11 -15.40
N LEU AA 58 7.62 -60.82 -15.85
CA LEU AA 58 6.72 -61.53 -14.96
C LEU AA 58 7.11 -62.99 -14.90
N GLU AA 59 6.67 -63.68 -13.85
CA GLU AA 59 7.08 -65.05 -13.61
C GLU AA 59 5.99 -65.86 -12.93
N PHE AA 60 5.63 -66.99 -13.52
CA PHE AA 60 4.63 -67.89 -12.94
C PHE AA 60 5.19 -69.32 -12.88
N PRO AA 61 4.61 -70.18 -12.04
CA PRO AA 61 5.05 -71.57 -11.81
C PRO AA 61 4.95 -72.45 -13.07
N SER AA 62 4.20 -72.00 -14.06
CA SER AA 62 3.98 -72.76 -15.28
C SER AA 62 3.41 -71.88 -16.37
N ARG AA 63 3.79 -72.16 -17.61
CA ARG AA 63 3.25 -71.42 -18.74
C ARG AA 63 1.71 -71.41 -18.73
N GLU AA 64 1.11 -72.44 -18.16
CA GLU AA 64 -0.35 -72.51 -18.09
C GLU AA 64 -0.85 -71.43 -17.12
N ASP AA 65 -0.07 -71.16 -16.09
CA ASP AA 65 -0.45 -70.16 -15.11
C ASP AA 65 -0.21 -68.74 -15.63
N ALA AA 66 0.65 -68.62 -16.65
CA ALA AA 66 0.93 -67.32 -17.23
C ALA AA 66 -0.23 -66.96 -18.13
N TYR AA 67 -0.40 -67.77 -19.17
CA TYR AA 67 -1.41 -67.57 -20.19
C TYR AA 67 -2.80 -67.36 -19.61
N ASN AA 68 -3.08 -68.00 -18.49
CA ASN AA 68 -4.38 -67.86 -17.84
C ASN AA 68 -4.57 -66.49 -17.20
N TRP AA 69 -3.52 -66.02 -16.53
CA TRP AA 69 -3.54 -64.71 -15.90
C TRP AA 69 -3.89 -63.60 -16.89
N TYR AA 70 -3.24 -63.62 -18.05
CA TYR AA 70 -3.46 -62.61 -19.07
C TYR AA 70 -4.90 -62.63 -19.58
N HIS AA 71 -5.40 -63.81 -19.94
CA HIS AA 71 -6.72 -63.94 -20.54
C HIS AA 71 -7.82 -64.09 -19.51
N SER AA 72 -7.53 -63.65 -18.28
CA SER AA 72 -8.49 -63.71 -17.19
C SER AA 72 -9.30 -62.43 -17.15
N GLU AA 73 -10.50 -62.56 -16.59
CA GLU AA 73 -11.43 -61.45 -16.51
C GLU AA 73 -10.79 -60.24 -15.85
N GLU AA 74 -10.37 -60.43 -14.60
CA GLU AA 74 -9.69 -59.39 -13.83
C GLU AA 74 -8.65 -58.63 -14.64
N TYR AA 75 -7.62 -59.31 -15.12
CA TYR AA 75 -6.60 -58.61 -15.88
C TYR AA 75 -7.14 -57.97 -17.16
N GLN AA 76 -8.03 -58.66 -17.86
CA GLN AA 76 -8.56 -58.14 -19.10
C GLN AA 76 -9.34 -56.84 -18.91
N ALA AA 77 -9.81 -56.61 -17.69
CA ALA AA 77 -10.52 -55.37 -17.40
C ALA AA 77 -9.55 -54.18 -17.30
N LEU AA 78 -8.26 -54.46 -17.37
CA LEU AA 78 -7.25 -53.40 -17.23
C LEU AA 78 -6.69 -52.91 -18.57
N ILE AA 79 -6.98 -53.61 -19.66
CA ILE AA 79 -6.28 -53.34 -20.92
C ILE AA 79 -6.65 -52.02 -21.59
N SER AA 80 -7.93 -51.66 -21.56
CA SER AA 80 -8.35 -50.35 -22.05
C SER AA 80 -7.36 -49.32 -21.55
N THR AA 81 -7.31 -49.18 -20.24
CA THR AA 81 -6.47 -48.14 -19.65
C THR AA 81 -5.00 -48.36 -19.94
N ARG AA 82 -4.52 -49.59 -19.72
CA ARG AA 82 -3.12 -49.93 -19.97
C ARG AA 82 -2.64 -49.42 -21.31
N ASP AA 83 -3.46 -49.61 -22.33
CA ASP AA 83 -3.09 -49.22 -23.68
C ASP AA 83 -3.04 -47.71 -23.82
N LEU AA 84 -3.87 -47.02 -23.05
CA LEU AA 84 -3.81 -45.57 -23.02
C LEU AA 84 -2.55 -45.14 -22.30
N GLY AA 85 -2.20 -45.88 -21.25
CA GLY AA 85 -1.02 -45.58 -20.46
C GLY AA 85 0.26 -45.70 -21.26
N ASP AA 87 2.51 -47.81 -24.75
CA ASP AA 87 2.58 -48.74 -25.86
C ASP AA 87 3.50 -49.88 -25.41
N SER AA 88 3.08 -51.12 -25.62
CA SER AA 88 3.84 -52.26 -25.10
C SER AA 88 3.87 -53.49 -26.00
N GLN AA 89 4.75 -54.41 -25.66
CA GLN AA 89 4.83 -55.72 -26.29
C GLN AA 89 4.88 -56.74 -25.17
N PHE AA 90 3.96 -57.70 -25.19
CA PHE AA 90 4.03 -58.82 -24.25
C PHE AA 90 4.53 -60.07 -24.97
N GLN AA 91 5.54 -60.74 -24.39
CA GLN AA 91 6.04 -62.01 -24.90
C GLN AA 91 5.90 -63.11 -23.86
N LEU AA 92 5.42 -64.27 -24.28
CA LEU AA 92 5.37 -65.43 -23.40
C LEU AA 92 6.39 -66.49 -23.83
N ILE AA 93 7.19 -66.94 -22.87
CA ILE AA 93 8.18 -67.96 -23.15
C ILE AA 93 8.13 -69.09 -22.11
N GLY AA 94 8.34 -70.32 -22.59
CA GLY AA 94 8.34 -71.47 -21.73
C GLY AA 94 7.06 -72.26 -21.92
N SER BA 1 17.93 -58.36 0.88
CA SER BA 1 17.96 -58.66 -0.53
C SER BA 1 19.00 -57.82 -1.26
N ASN BA 2 19.34 -58.23 -2.48
CA ASN BA 2 20.39 -57.56 -3.23
C ASN BA 2 19.84 -57.04 -4.55
N ALA BA 3 20.60 -56.19 -5.23
CA ALA BA 3 20.13 -55.58 -6.46
C ALA BA 3 20.49 -56.41 -7.70
N THR BA 4 19.70 -57.44 -7.94
CA THR BA 4 19.87 -58.33 -9.07
C THR BA 4 19.78 -57.58 -10.39
N ALA BA 5 20.70 -57.85 -11.30
CA ALA BA 5 20.70 -57.22 -12.61
C ALA BA 5 20.44 -58.25 -13.71
N TYR BA 6 19.98 -57.80 -14.86
CA TYR BA 6 19.56 -58.70 -15.91
C TYR BA 6 19.93 -58.15 -17.27
N ILE BA 7 20.30 -59.05 -18.17
CA ILE BA 7 20.42 -58.76 -19.59
C ILE BA 7 19.35 -59.55 -20.29
N ILE BA 8 18.46 -58.85 -20.98
CA ILE BA 8 17.41 -59.50 -21.74
C ILE BA 8 17.84 -59.58 -23.19
N VAL BA 9 17.73 -60.75 -23.79
CA VAL BA 9 18.07 -60.91 -25.20
C VAL BA 9 16.83 -61.13 -26.05
N GLY BA 10 16.85 -60.59 -27.26
CA GLY BA 10 15.83 -60.82 -28.26
C GLY BA 10 16.57 -61.20 -29.52
N LEU BA 11 16.36 -62.40 -30.02
CA LEU BA 11 17.21 -62.87 -31.12
C LEU BA 11 16.44 -63.49 -32.27
N THR BA 12 17.06 -63.48 -33.44
CA THR BA 12 16.50 -64.06 -34.66
C THR BA 12 17.65 -64.75 -35.38
N PRO BA 13 17.53 -66.08 -35.60
CA PRO BA 13 18.61 -66.91 -36.14
C PRO BA 13 18.94 -66.63 -37.60
N LYS BA 14 20.21 -66.39 -37.87
CA LYS BA 14 20.73 -66.25 -39.23
C LYS BA 14 21.32 -67.58 -39.68
N ASP BA 15 22.61 -67.75 -39.42
CA ASP BA 15 23.38 -68.94 -39.75
C ASP BA 15 23.47 -69.93 -38.57
N ALA BA 16 22.82 -71.09 -38.73
CA ALA BA 16 22.81 -72.12 -37.68
C ALA BA 16 24.20 -72.63 -37.30
N GLU BA 17 25.13 -72.63 -38.25
CA GLU BA 17 26.47 -73.11 -37.95
C GLU BA 17 27.12 -72.18 -36.91
N LYS BA 18 27.31 -70.93 -37.31
CA LYS BA 18 27.94 -69.93 -36.45
C LYS BA 18 27.16 -69.71 -35.14
N LEU BA 19 25.83 -69.79 -35.22
CA LEU BA 19 24.97 -69.70 -34.04
C LEU BA 19 25.29 -70.80 -33.03
N GLN BA 20 25.63 -71.98 -33.55
CA GLN BA 20 26.03 -73.11 -32.73
C GLN BA 20 27.41 -72.87 -32.13
N GLN BA 21 28.33 -72.32 -32.93
CA GLN BA 21 29.67 -72.01 -32.45
C GLN BA 21 29.60 -71.00 -31.31
N TYR BA 22 28.73 -70.01 -31.47
CA TYR BA 22 28.51 -68.98 -30.46
C TYR BA 22 28.05 -69.60 -29.15
N GLY BA 23 26.94 -70.33 -29.23
CA GLY BA 23 26.25 -70.85 -28.06
C GLY BA 23 27.15 -71.67 -27.17
N ALA BA 24 27.85 -72.62 -27.75
CA ALA BA 24 28.74 -73.45 -26.96
C ALA BA 24 29.94 -72.67 -26.42
N ARG BA 25 30.10 -71.43 -26.87
CA ARG BA 25 31.19 -70.60 -26.35
C ARG BA 25 30.81 -69.74 -25.12
N VAL BA 26 29.57 -69.24 -25.09
CA VAL BA 26 29.13 -68.32 -24.04
C VAL BA 26 29.10 -68.88 -22.61
N ALA BA 27 28.37 -69.97 -22.40
CA ALA BA 27 28.22 -70.51 -21.05
C ALA BA 27 29.46 -70.31 -20.16
N SER BA 28 30.60 -70.79 -20.65
CA SER BA 28 31.87 -70.70 -19.93
C SER BA 28 32.23 -69.27 -19.60
N THR BA 29 31.71 -68.36 -20.40
CA THR BA 29 32.06 -66.95 -20.32
C THR BA 29 31.31 -66.24 -19.17
N LEU BA 30 30.19 -66.85 -18.77
CA LEU BA 30 29.36 -66.33 -17.70
C LEU BA 30 30.05 -66.44 -16.34
N ALA BA 31 30.40 -67.66 -15.96
CA ALA BA 31 30.86 -67.96 -14.59
C ALA BA 31 31.73 -66.91 -13.90
N LYS BA 32 32.58 -66.22 -14.64
CA LYS BA 32 33.54 -65.31 -14.01
C LYS BA 32 32.77 -64.21 -13.34
N TYR BA 33 31.69 -63.79 -14.01
CA TYR BA 33 30.85 -62.71 -13.51
C TYR BA 33 29.57 -63.28 -12.96
N SER BA 34 29.67 -64.49 -12.40
CA SER BA 34 28.54 -65.18 -11.80
C SER BA 34 27.27 -65.01 -12.60
N GLY BA 35 27.36 -65.18 -13.91
CA GLY BA 35 26.18 -65.13 -14.76
C GLY BA 35 25.42 -66.44 -14.73
N GLU BA 36 24.15 -66.40 -15.09
CA GLU BA 36 23.31 -67.59 -15.17
C GLU BA 36 22.18 -67.31 -16.13
N VAL BA 37 21.70 -68.37 -16.79
CA VAL BA 37 20.54 -68.27 -17.65
C VAL BA 37 19.32 -68.67 -16.83
N LEU BA 38 18.32 -67.80 -16.72
CA LEU BA 38 17.13 -68.27 -16.01
C LEU BA 38 16.01 -68.64 -16.96
N VAL BA 39 16.25 -68.40 -18.25
CA VAL BA 39 15.41 -68.99 -19.29
C VAL BA 39 15.77 -68.56 -20.71
N LYS BA 40 15.56 -69.48 -21.63
CA LYS BA 40 15.61 -69.21 -23.05
C LYS BA 40 14.40 -69.91 -23.63
N GLY BA 41 13.85 -69.36 -24.70
CA GLY BA 41 12.68 -70.00 -25.28
C GLY BA 41 12.04 -69.27 -26.44
N SER BA 42 11.06 -69.94 -27.02
CA SER BA 42 10.35 -69.42 -28.15
C SER BA 42 9.25 -68.52 -27.65
N VAL BA 43 8.83 -67.60 -28.49
CA VAL BA 43 7.99 -66.51 -28.07
C VAL BA 43 6.55 -66.61 -28.56
N GLU BA 44 5.60 -66.60 -27.64
CA GLU BA 44 4.21 -66.43 -28.00
C GLU BA 44 3.82 -64.97 -27.77
N GLN BA 45 3.59 -64.24 -28.85
CA GLN BA 45 3.28 -62.81 -28.75
C GLN BA 45 1.93 -62.64 -28.08
N LEU BA 46 1.92 -62.03 -26.90
CA LEU BA 46 0.67 -61.87 -26.16
C LEU BA 46 0.01 -60.54 -26.48
N HIS BA 47 0.83 -59.58 -26.91
CA HIS BA 47 0.34 -58.27 -27.29
C HIS BA 47 1.36 -57.54 -28.15
N GLY BA 48 0.90 -56.52 -28.88
CA GLY BA 48 1.76 -55.74 -29.74
C GLY BA 48 2.57 -56.61 -30.68
N LYS BA 49 3.66 -56.07 -31.21
CA LYS BA 49 4.51 -56.85 -32.07
C LYS BA 49 5.94 -56.92 -31.52
N PHE BA 50 6.55 -58.09 -31.71
CA PHE BA 50 7.94 -58.30 -31.37
C PHE BA 50 8.72 -58.72 -32.63
N GLU BA 51 9.87 -58.08 -32.83
CA GLU BA 51 10.63 -58.21 -34.07
C GLU BA 51 11.38 -59.54 -34.15
N HIS BA 52 11.89 -60.00 -33.01
CA HIS BA 52 12.67 -61.23 -32.98
C HIS BA 52 11.79 -62.43 -32.68
N LYS BA 53 12.40 -63.61 -32.69
CA LYS BA 53 11.65 -64.86 -32.68
C LYS BA 53 11.75 -65.57 -31.33
N ALA BA 54 12.68 -65.13 -30.49
CA ALA BA 54 12.88 -65.76 -29.20
C ALA BA 54 13.61 -64.82 -28.26
N GLN BA 55 13.71 -65.22 -26.99
CA GLN BA 55 14.22 -64.36 -25.91
C GLN BA 55 15.13 -65.13 -24.98
N VAL BA 56 16.13 -64.44 -24.42
CA VAL BA 56 16.90 -65.04 -23.34
C VAL BA 56 17.06 -64.09 -22.16
N ILE BA 57 16.76 -64.57 -20.95
CA ILE BA 57 16.95 -63.75 -19.77
C ILE BA 57 18.20 -64.21 -19.03
N LEU BA 58 19.16 -63.28 -18.86
CA LEU BA 58 20.38 -63.49 -18.07
C LEU BA 58 20.29 -62.83 -16.69
N GLU BA 59 21.04 -63.35 -15.73
CA GLU BA 59 20.92 -62.89 -14.35
C GLU BA 59 22.28 -62.71 -13.72
N PHE BA 60 22.48 -61.62 -12.99
CA PHE BA 60 23.74 -61.35 -12.29
C PHE BA 60 23.50 -60.69 -10.93
N PRO BA 61 24.39 -60.96 -9.97
CA PRO BA 61 24.23 -60.40 -8.63
C PRO BA 61 24.23 -58.86 -8.60
N SER BA 62 24.79 -58.21 -9.61
CA SER BA 62 24.85 -56.76 -9.61
C SER BA 62 24.99 -56.24 -11.03
N ARG BA 63 24.61 -54.98 -11.21
CA ARG BA 63 24.69 -54.34 -12.52
C ARG BA 63 26.13 -54.28 -13.02
N GLU BA 64 27.06 -54.09 -12.10
CA GLU BA 64 28.49 -54.07 -12.42
C GLU BA 64 28.91 -55.43 -12.99
N ASP BA 65 28.33 -56.49 -12.46
CA ASP BA 65 28.68 -57.82 -12.90
C ASP BA 65 28.15 -58.04 -14.34
N ALA BA 66 26.88 -57.70 -14.58
CA ALA BA 66 26.30 -57.88 -15.91
C ALA BA 66 27.09 -57.10 -16.95
N TYR BA 67 27.30 -55.82 -16.67
CA TYR BA 67 28.00 -54.93 -17.57
C TYR BA 67 29.41 -55.45 -17.87
N ASN BA 68 30.15 -55.81 -16.84
CA ASN BA 68 31.51 -56.23 -17.05
C ASN BA 68 31.61 -57.53 -17.85
N TRP BA 69 30.60 -58.39 -17.71
CA TRP BA 69 30.56 -59.60 -18.50
C TRP BA 69 30.41 -59.30 -19.98
N TYR BA 70 29.44 -58.45 -20.31
CA TYR BA 70 29.21 -58.14 -21.71
C TYR BA 70 30.45 -57.48 -22.30
N HIS BA 71 31.13 -56.69 -21.49
CA HIS BA 71 32.31 -55.98 -21.95
C HIS BA 71 33.62 -56.74 -21.76
N SER BA 72 33.55 -57.97 -21.24
CA SER BA 72 34.74 -58.80 -21.03
C SER BA 72 35.40 -59.22 -22.34
N GLU BA 73 36.72 -59.41 -22.30
CA GLU BA 73 37.43 -59.88 -23.48
C GLU BA 73 36.90 -61.24 -23.90
N GLU BA 74 36.86 -62.17 -22.96
CA GLU BA 74 36.37 -63.50 -23.26
C GLU BA 74 35.00 -63.47 -23.96
N TYR BA 75 34.08 -62.61 -23.53
CA TYR BA 75 32.79 -62.55 -24.22
C TYR BA 75 32.85 -61.81 -25.56
N GLN BA 76 33.66 -60.77 -25.62
CA GLN BA 76 33.70 -59.93 -26.80
C GLN BA 76 34.32 -60.67 -27.98
N ALA BA 77 35.22 -61.61 -27.69
CA ALA BA 77 35.77 -62.47 -28.72
C ALA BA 77 34.65 -63.21 -29.47
N LEU BA 78 33.47 -63.28 -28.85
CA LEU BA 78 32.34 -64.01 -29.43
C LEU BA 78 31.43 -63.11 -30.27
N ILE BA 79 31.65 -61.81 -30.25
CA ILE BA 79 30.72 -60.88 -30.88
C ILE BA 79 30.54 -61.18 -32.38
N SER BA 80 31.64 -61.12 -33.13
CA SER BA 80 31.57 -61.20 -34.60
C SER BA 80 30.96 -62.50 -35.11
N THR BA 81 31.21 -63.61 -34.43
CA THR BA 81 30.51 -64.82 -34.84
C THR BA 81 29.04 -64.72 -34.45
N ARG BA 82 28.77 -64.42 -33.19
CA ARG BA 82 27.42 -64.19 -32.71
C ARG BA 82 26.56 -63.45 -33.72
N ASP BA 83 27.08 -62.33 -34.19
CA ASP BA 83 26.33 -61.45 -35.08
C ASP BA 83 26.10 -62.06 -36.46
N LEU BA 84 26.91 -63.05 -36.81
CA LEU BA 84 26.68 -63.80 -38.04
C LEU BA 84 25.66 -64.90 -37.76
N GLY BA 85 25.57 -65.30 -36.50
CA GLY BA 85 24.70 -66.40 -36.15
C GLY BA 85 23.28 -65.93 -36.02
N ASP BA 87 20.50 -62.23 -35.39
CA ASP BA 87 20.24 -60.80 -35.22
C ASP BA 87 19.73 -60.62 -33.80
N SER BA 88 20.39 -59.76 -33.03
CA SER BA 88 20.09 -59.69 -31.60
C SER BA 88 19.94 -58.28 -31.04
N GLN BA 89 19.42 -58.23 -29.82
CA GLN BA 89 19.22 -57.02 -29.07
C GLN BA 89 19.54 -57.33 -27.61
N PHE BA 90 20.44 -56.56 -27.02
CA PHE BA 90 20.77 -56.78 -25.63
C PHE BA 90 20.40 -55.59 -24.77
N GLN BA 91 19.49 -55.81 -23.82
CA GLN BA 91 19.05 -54.77 -22.91
C GLN BA 91 19.48 -55.04 -21.48
N LEU BA 92 20.12 -54.06 -20.85
CA LEU BA 92 20.69 -54.21 -19.52
C LEU BA 92 19.80 -53.50 -18.52
N ILE BA 93 19.46 -54.17 -17.42
CA ILE BA 93 18.45 -53.66 -16.50
C ILE BA 93 18.81 -53.81 -15.04
N GLY BA 94 18.75 -52.71 -14.30
CA GLY BA 94 18.89 -52.77 -12.85
C GLY BA 94 20.19 -52.20 -12.31
#